data_9DZO
#
_entry.id   9DZO
#
_cell.length_a   60.595
_cell.length_b   114.241
_cell.length_c   119.307
_cell.angle_alpha   116.403
_cell.angle_beta   97.507
_cell.angle_gamma   91.839
#
_symmetry.space_group_name_H-M   'P 1'
#
loop_
_entity.id
_entity.type
_entity.pdbx_description
1 polymer '5-aminolevulinate synthase, mitochondrial'
2 polymer '5-aminolevulinate synthase, mitochondrial'
3 non-polymer "PYRIDOXAL-5'-PHOSPHATE"
4 non-polymer 'SUCCINYL-COENZYME A'
5 non-polymer 'MAGNESIUM ION'
6 water water
#
loop_
_entity_poly.entity_id
_entity_poly.type
_entity_poly.pdbx_seq_one_letter_code
_entity_poly.pdbx_strand_id
1 'polypeptide(L)'
;AAAAANHSTQESGFDYEGLIDSELQKKRLDKSYRYFNNINRLAKEFPLAHRQREADKVTVWCSNDYLALSKHPEVLDAMH
KTIDKYGCGAGGTRNIAGHNIPTLNLEAELATLHKKEGALVFSSCYVANDAVLSLLGQKMKDLVIFSDELNHASMIVGIK
HANVKKHIFKHNDLNELEQLLQSYPKSVPKLIAFESVYSMAGSVADIEKICDLADKYGALTFLDEVHAVGLYGPHGAGVA
EHCDFESHRASGIATPKTNDKGGAKTVMDRVDMITGTLGKSFGSVGGYVAASRKLIDWFRSFAPGFIFTTTLPPSVMAGA
TAAIRYQRCHIDLRTSQQKHTMYVKKAFHELGIPVIPNPSHIVPVLIGNADLAKQASDILINKHQIYVQAINFPTVARGT
ERLRITPTPGHTNDLSDILINAVDDVFNELQLPRVRDWESQGGLLGVGESGFVEESNLWTSSQLSLTNDDLNPNVRDPIV
KQLEVSSGIKQ
;
C,D,A,E,B
2 'polypeptide(L)'
;AAAAANHSTQESGFDYEGLIDSELQKKRLDKSYRYFNNINRLAKEFPLAHRQREADKVTVWCSNDYLALSKHPEVLDAMH
KTIDKYGCGAGGTRNIAGHNIPTLNLEAELATLHKKEGALVFSSCYVANDAVLSLLGQKMKDLVIFSDELNHASMIVGIK
HANVKKHIFKHNDLNELEQLLQSYPKSVPKLIAFESVYSMAGSVADIEKICDLADKYGALTFLDEVHAVGLYGPHGAGVA
EHCDFESHRASGIATPKTNDKGGAKTVMDRVDMITGTLG(LLP)SFGSVGGYVAASRKLIDWFRSFAPGFIFTTTLPPSV
MAGATAAIRYQRCHIDLRTSQQKHTMYVKKAFHELGIPVIPNPSHIVPVLIGNADLAKQASDILINKHQIYVQAINFPTV
ARGTERLRITPTPGHTNDLSDILINAVDDVFNELQLPRVRDWESQGGLLGVGESGFVEESNLWTSSQLSLTNDDLNPNVR
DPIVKQLEVSSGIKQ
;
F
#
loop_
_chem_comp.id
_chem_comp.type
_chem_comp.name
_chem_comp.formula
MG non-polymer 'MAGNESIUM ION' 'Mg 2'
PLP non-polymer PYRIDOXAL-5'-PHOSPHATE 'C8 H10 N O6 P'
SCA non-polymer 'SUCCINYL-COENZYME A' 'C25 H40 N7 O19 P3 S'
#
# COMPACT_ATOMS: atom_id res chain seq x y z
N SER A 12 7.69 56.28 23.67
CA SER A 12 8.83 56.20 22.72
C SER A 12 8.34 56.16 21.27
N GLY A 13 7.85 55.00 20.81
CA GLY A 13 7.71 54.75 19.38
C GLY A 13 6.50 55.47 18.78
N PHE A 14 6.55 55.73 17.47
CA PHE A 14 5.46 56.35 16.72
C PHE A 14 4.17 55.55 16.91
N ASP A 15 3.04 56.27 17.04
CA ASP A 15 1.74 55.64 17.29
C ASP A 15 1.07 55.30 15.97
N TYR A 16 1.39 54.11 15.43
CA TYR A 16 0.88 53.67 14.14
C TYR A 16 -0.62 53.37 14.21
N GLU A 17 -1.06 52.80 15.34
CA GLU A 17 -2.45 52.42 15.51
C GLU A 17 -3.34 53.67 15.52
N GLY A 18 -2.89 54.72 16.22
CA GLY A 18 -3.65 55.97 16.34
C GLY A 18 -3.83 56.68 14.99
N LEU A 19 -2.80 56.62 14.13
CA LEU A 19 -2.86 57.24 12.81
C LEU A 19 -3.91 56.53 11.97
N ILE A 20 -3.94 55.19 12.06
CA ILE A 20 -4.85 54.39 11.26
C ILE A 20 -6.28 54.59 11.77
N ASP A 21 -6.45 54.60 13.10
CA ASP A 21 -7.75 54.81 13.73
C ASP A 21 -8.42 56.09 13.22
N SER A 22 -7.66 57.19 13.19
CA SER A 22 -8.21 58.49 12.88
C SER A 22 -8.37 58.67 11.37
N GLU A 23 -7.56 57.98 10.56
CA GLU A 23 -7.72 57.98 9.12
C GLU A 23 -9.01 57.26 8.73
N LEU A 24 -9.33 56.18 9.44
CA LEU A 24 -10.57 55.45 9.24
C LEU A 24 -11.74 56.30 9.72
N GLN A 25 -11.61 56.89 10.92
CA GLN A 25 -12.70 57.66 11.51
C GLN A 25 -13.06 58.86 10.62
N LYS A 26 -12.09 59.37 9.84
CA LYS A 26 -12.32 60.47 8.92
C LYS A 26 -13.28 60.03 7.80
N LYS A 27 -13.10 58.80 7.33
CA LYS A 27 -13.93 58.24 6.27
C LYS A 27 -15.36 57.99 6.77
N ARG A 28 -15.52 57.72 8.07
CA ARG A 28 -16.82 57.42 8.65
C ARG A 28 -17.65 58.68 8.82
N LEU A 29 -16.99 59.78 9.25
CA LEU A 29 -17.69 61.02 9.55
C LEU A 29 -18.15 61.69 8.25
N ASP A 30 -17.32 61.61 7.19
CA ASP A 30 -17.71 62.18 5.90
C ASP A 30 -18.55 61.17 5.10
N LYS A 31 -18.76 59.97 5.67
CA LYS A 31 -19.74 59.00 5.16
C LYS A 31 -19.35 58.47 3.79
N SER A 32 -18.03 58.34 3.55
CA SER A 32 -17.50 57.69 2.35
C SER A 32 -16.92 56.32 2.72
N TYR A 33 -17.13 55.89 3.97
CA TYR A 33 -16.79 54.55 4.42
C TYR A 33 -17.78 53.57 3.79
N ARG A 34 -17.26 52.64 2.98
CA ARG A 34 -18.08 51.78 2.14
C ARG A 34 -18.29 50.44 2.84
N TYR A 35 -19.55 49.98 2.87
CA TYR A 35 -19.92 48.62 3.22
C TYR A 35 -20.17 47.86 1.93
N PHE A 36 -19.58 46.66 1.81
CA PHE A 36 -19.74 45.88 0.59
C PHE A 36 -21.01 45.05 0.67
N ASN A 37 -21.54 44.71 -0.51
CA ASN A 37 -22.76 43.94 -0.65
C ASN A 37 -22.43 42.52 -1.12
N ASN A 38 -22.99 41.55 -0.41
CA ASN A 38 -22.80 40.16 -0.78
C ASN A 38 -23.73 39.82 -1.95
N ILE A 39 -23.15 39.74 -3.16
CA ILE A 39 -23.90 39.60 -4.39
C ILE A 39 -23.29 38.46 -5.21
N ASN A 40 -24.09 37.39 -5.36
CA ASN A 40 -23.62 36.16 -5.95
C ASN A 40 -24.38 35.93 -7.25
N ARG A 41 -23.72 36.24 -8.38
CA ARG A 41 -24.39 36.23 -9.67
C ARG A 41 -24.60 34.79 -10.12
N LEU A 42 -25.82 34.48 -10.59
CA LEU A 42 -26.20 33.15 -11.04
C LEU A 42 -26.09 33.08 -12.56
N ALA A 43 -25.23 32.19 -13.04
CA ALA A 43 -24.96 32.05 -14.46
C ALA A 43 -26.15 31.40 -15.17
N LYS A 44 -26.99 30.66 -14.43
CA LYS A 44 -28.12 29.99 -15.04
C LYS A 44 -29.37 30.87 -15.01
N GLU A 45 -29.26 32.08 -14.44
CA GLU A 45 -30.42 32.92 -14.26
C GLU A 45 -30.04 34.40 -14.40
N PHE A 46 -29.29 34.74 -15.45
CA PHE A 46 -28.91 36.12 -15.69
C PHE A 46 -30.17 36.99 -15.85
N PRO A 47 -30.25 38.21 -15.27
CA PRO A 47 -29.24 38.80 -14.41
C PRO A 47 -29.60 38.80 -12.93
N LEU A 48 -30.05 37.64 -12.44
CA LEU A 48 -30.33 37.48 -11.03
C LEU A 48 -29.03 37.14 -10.29
N ALA A 49 -29.11 37.31 -8.97
CA ALA A 49 -28.06 36.99 -8.03
C ALA A 49 -28.72 36.69 -6.68
N HIS A 50 -28.01 35.97 -5.80
CA HIS A 50 -28.48 35.80 -4.44
C HIS A 50 -27.56 36.56 -3.48
N ARG A 51 -28.12 36.91 -2.32
CA ARG A 51 -27.40 37.61 -1.27
C ARG A 51 -26.74 36.58 -0.35
N GLN A 52 -26.77 36.84 0.97
CA GLN A 52 -26.11 35.99 1.93
C GLN A 52 -26.70 34.59 1.79
N ARG A 53 -28.04 34.47 1.83
CA ARG A 53 -28.74 33.21 1.67
C ARG A 53 -29.10 33.01 0.20
N GLU A 54 -29.12 31.76 -0.28
CA GLU A 54 -29.38 31.45 -1.68
C GLU A 54 -30.84 31.74 -2.03
N ALA A 55 -31.71 31.77 -1.00
CA ALA A 55 -33.13 32.02 -1.15
C ALA A 55 -33.41 33.48 -1.50
N ASP A 56 -32.61 34.43 -0.98
CA ASP A 56 -32.83 35.86 -1.24
C ASP A 56 -32.19 36.23 -2.58
N LYS A 57 -33.02 36.31 -3.63
CA LYS A 57 -32.54 36.66 -4.95
C LYS A 57 -32.91 38.11 -5.25
N VAL A 58 -32.14 38.71 -6.17
CA VAL A 58 -32.31 40.09 -6.57
C VAL A 58 -31.92 40.18 -8.04
N THR A 59 -32.44 41.22 -8.72
CA THR A 59 -32.06 41.51 -10.09
C THR A 59 -30.95 42.54 -10.06
N VAL A 60 -29.88 42.23 -10.79
CA VAL A 60 -28.70 43.06 -10.83
C VAL A 60 -28.82 44.04 -11.98
N TRP A 61 -28.75 45.34 -11.64
CA TRP A 61 -28.94 46.40 -12.60
C TRP A 61 -27.75 47.36 -12.64
N CYS A 62 -26.61 46.97 -12.04
CA CYS A 62 -25.48 47.87 -11.97
C CYS A 62 -24.16 47.13 -12.25
N SER A 63 -24.25 45.99 -12.92
CA SER A 63 -23.07 45.21 -13.25
C SER A 63 -22.42 45.80 -14.49
N ASN A 64 -21.13 45.61 -14.67
CA ASN A 64 -20.47 46.04 -15.90
C ASN A 64 -20.24 44.86 -16.83
N ASP A 65 -20.83 43.70 -16.52
CA ASP A 65 -20.95 42.60 -17.46
C ASP A 65 -21.97 42.99 -18.51
N TYR A 66 -21.57 43.91 -19.40
CA TYR A 66 -22.45 44.72 -20.21
C TYR A 66 -23.20 43.90 -21.28
N LEU A 67 -22.59 42.80 -21.77
CA LEU A 67 -23.17 41.96 -22.80
C LEU A 67 -23.61 40.61 -22.25
N ALA A 68 -23.49 40.44 -20.93
CA ALA A 68 -23.83 39.22 -20.22
C ALA A 68 -23.01 38.03 -20.73
N LEU A 69 -21.79 38.29 -21.19
CA LEU A 69 -20.95 37.23 -21.73
C LEU A 69 -20.26 36.43 -20.62
N SER A 70 -20.28 36.91 -19.37
CA SER A 70 -19.72 36.16 -18.26
C SER A 70 -20.37 34.78 -18.12
N LYS A 71 -21.62 34.61 -18.59
CA LYS A 71 -22.33 33.36 -18.42
C LYS A 71 -22.64 32.72 -19.78
N HIS A 72 -22.01 33.22 -20.86
CA HIS A 72 -22.29 32.74 -22.20
C HIS A 72 -21.79 31.31 -22.35
N PRO A 73 -22.59 30.41 -22.96
CA PRO A 73 -22.17 29.03 -23.19
C PRO A 73 -20.78 28.88 -23.84
N GLU A 74 -20.42 29.71 -24.81
CA GLU A 74 -19.14 29.57 -25.48
C GLU A 74 -17.98 29.97 -24.55
N VAL A 75 -18.25 30.87 -23.61
CA VAL A 75 -17.28 31.30 -22.62
C VAL A 75 -17.07 30.19 -21.59
N LEU A 76 -18.19 29.68 -21.03
CA LEU A 76 -18.15 28.64 -20.02
C LEU A 76 -17.53 27.36 -20.58
N ASP A 77 -17.84 27.05 -21.85
CA ASP A 77 -17.29 25.86 -22.48
C ASP A 77 -15.78 25.99 -22.63
N ALA A 78 -15.31 27.17 -23.06
CA ALA A 78 -13.90 27.44 -23.24
C ALA A 78 -13.15 27.29 -21.92
N MET A 79 -13.75 27.79 -20.83
CA MET A 79 -13.16 27.66 -19.50
C MET A 79 -13.06 26.19 -19.11
N HIS A 80 -14.20 25.48 -19.16
CA HIS A 80 -14.24 24.09 -18.73
C HIS A 80 -13.22 23.26 -19.51
N LYS A 81 -13.15 23.43 -20.84
CA LYS A 81 -12.26 22.64 -21.67
C LYS A 81 -10.80 23.01 -21.42
N THR A 82 -10.53 24.30 -21.14
CA THR A 82 -9.16 24.76 -20.92
C THR A 82 -8.66 24.27 -19.56
N ILE A 83 -9.55 24.20 -18.56
CA ILE A 83 -9.20 23.73 -17.23
C ILE A 83 -8.80 22.25 -17.30
N ASP A 84 -9.55 21.45 -18.07
CA ASP A 84 -9.30 20.02 -18.15
C ASP A 84 -7.90 19.75 -18.69
N LYS A 85 -7.43 20.63 -19.59
CA LYS A 85 -6.15 20.44 -20.27
C LYS A 85 -5.01 21.12 -19.51
N TYR A 86 -5.23 22.35 -19.00
CA TYR A 86 -4.17 23.20 -18.47
C TYR A 86 -4.18 23.31 -16.96
N GLY A 87 -5.33 23.02 -16.32
CA GLY A 87 -5.47 23.19 -14.89
C GLY A 87 -5.93 24.60 -14.55
N CYS A 88 -5.62 25.04 -13.33
CA CYS A 88 -6.05 26.33 -12.83
C CYS A 88 -4.99 27.39 -13.17
N GLY A 89 -3.92 27.46 -12.37
CA GLY A 89 -2.87 28.46 -12.53
C GLY A 89 -1.99 28.23 -13.76
N ALA A 90 -1.40 29.30 -14.26
CA ALA A 90 -0.40 29.22 -15.33
C ALA A 90 0.90 28.66 -14.78
N GLY A 91 1.14 28.91 -13.50
CA GLY A 91 2.28 28.39 -12.77
C GLY A 91 3.59 29.05 -13.18
N GLY A 92 3.54 30.37 -13.43
CA GLY A 92 4.73 31.11 -13.78
C GLY A 92 4.39 32.45 -14.43
N THR A 93 5.45 33.19 -14.75
CA THR A 93 5.34 34.49 -15.42
C THR A 93 5.56 34.26 -16.91
N ARG A 94 5.47 35.34 -17.69
CA ARG A 94 5.63 35.18 -19.13
C ARG A 94 7.05 34.79 -19.50
N ASN A 95 8.01 35.17 -18.65
CA ASN A 95 9.41 34.85 -18.87
C ASN A 95 9.74 33.42 -18.48
N ILE A 96 9.05 32.88 -17.46
CA ILE A 96 9.37 31.56 -16.95
C ILE A 96 8.08 30.74 -16.78
N ALA A 97 7.84 29.83 -17.73
CA ALA A 97 6.85 28.76 -17.60
C ALA A 97 5.41 29.24 -17.71
N GLY A 98 5.18 30.55 -17.92
CA GLY A 98 3.84 31.13 -17.97
C GLY A 98 3.51 31.76 -19.33
N HIS A 99 4.17 31.28 -20.40
CA HIS A 99 3.86 31.67 -21.77
C HIS A 99 3.30 30.46 -22.52
N ASN A 100 2.18 30.66 -23.23
CA ASN A 100 1.32 29.55 -23.66
C ASN A 100 0.34 29.95 -24.77
N ILE A 101 -0.36 28.97 -25.33
CA ILE A 101 -1.20 29.16 -26.48
C ILE A 101 -2.44 30.01 -26.12
N PRO A 102 -3.15 29.78 -25.01
CA PRO A 102 -4.27 30.65 -24.63
C PRO A 102 -3.90 32.13 -24.57
N THR A 103 -2.67 32.42 -24.12
CA THR A 103 -2.13 33.77 -24.12
C THR A 103 -1.98 34.24 -25.57
N LEU A 104 -1.31 33.45 -26.41
CA LEU A 104 -1.09 33.85 -27.79
C LEU A 104 -2.40 34.14 -28.52
N ASN A 105 -3.44 33.34 -28.26
CA ASN A 105 -4.74 33.51 -28.91
C ASN A 105 -5.42 34.78 -28.42
N LEU A 106 -5.34 35.06 -27.11
CA LEU A 106 -6.01 36.22 -26.55
C LEU A 106 -5.39 37.51 -27.08
N GLU A 107 -4.06 37.58 -27.14
CA GLU A 107 -3.37 38.77 -27.64
C GLU A 107 -3.66 38.95 -29.13
N ALA A 108 -3.68 37.84 -29.89
CA ALA A 108 -3.97 37.94 -31.31
C ALA A 108 -5.39 38.48 -31.53
N GLU A 109 -6.36 38.03 -30.72
CA GLU A 109 -7.75 38.45 -30.84
C GLU A 109 -7.88 39.95 -30.61
N LEU A 110 -7.16 40.46 -29.61
CA LEU A 110 -7.28 41.84 -29.19
C LEU A 110 -6.66 42.75 -30.26
N ALA A 111 -5.55 42.29 -30.84
CA ALA A 111 -4.91 42.99 -31.94
C ALA A 111 -5.83 43.02 -33.18
N THR A 112 -6.47 41.89 -33.47
CA THR A 112 -7.40 41.80 -34.59
C THR A 112 -8.58 42.75 -34.39
N LEU A 113 -9.10 42.83 -33.16
CA LEU A 113 -10.28 43.63 -32.86
C LEU A 113 -10.03 45.10 -33.12
N HIS A 114 -8.88 45.64 -32.69
CA HIS A 114 -8.54 47.04 -32.88
C HIS A 114 -7.69 47.22 -34.15
N LYS A 115 -7.56 46.16 -34.95
CA LYS A 115 -6.80 46.17 -36.20
C LYS A 115 -5.44 46.81 -36.01
N LYS A 116 -4.77 46.43 -34.92
CA LYS A 116 -3.42 46.87 -34.64
C LYS A 116 -2.43 45.73 -34.88
N GLU A 117 -1.14 46.10 -34.91
CA GLU A 117 -0.05 45.19 -35.18
C GLU A 117 0.12 44.22 -34.02
N GLY A 118 -0.23 44.65 -32.79
CA GLY A 118 -0.03 43.82 -31.62
C GLY A 118 -0.87 44.25 -30.42
N ALA A 119 -0.91 43.38 -29.41
CA ALA A 119 -1.58 43.64 -28.16
C ALA A 119 -0.87 42.89 -27.03
N LEU A 120 -0.95 43.45 -25.82
CA LEU A 120 -0.21 42.94 -24.69
C LEU A 120 -1.18 42.84 -23.51
N VAL A 121 -1.22 41.67 -22.85
CA VAL A 121 -2.18 41.43 -21.80
C VAL A 121 -1.48 41.60 -20.46
N PHE A 122 -2.19 42.26 -19.54
CA PHE A 122 -1.74 42.48 -18.17
C PHE A 122 -2.79 41.90 -17.22
N SER A 123 -2.49 41.88 -15.92
CA SER A 123 -3.39 41.38 -14.87
C SER A 123 -4.76 42.04 -14.96
N SER A 124 -4.76 43.33 -15.33
CA SER A 124 -5.96 44.16 -15.27
C SER A 124 -5.71 45.39 -16.14
N CYS A 125 -6.77 46.13 -16.50
CA CYS A 125 -6.58 47.39 -17.18
C CYS A 125 -5.96 48.41 -16.23
N TYR A 126 -6.29 48.34 -14.92
CA TYR A 126 -5.67 49.21 -13.94
C TYR A 126 -4.15 49.11 -14.05
N VAL A 127 -3.64 47.88 -14.06
CA VAL A 127 -2.23 47.60 -14.22
C VAL A 127 -1.73 48.04 -15.60
N ALA A 128 -2.51 47.77 -16.65
CA ALA A 128 -2.11 48.16 -17.99
C ALA A 128 -1.88 49.67 -18.08
N ASN A 129 -2.83 50.45 -17.55
CA ASN A 129 -2.78 51.89 -17.60
C ASN A 129 -1.56 52.38 -16.81
N ASP A 130 -1.37 51.84 -15.60
CA ASP A 130 -0.28 52.24 -14.72
C ASP A 130 1.07 51.93 -15.37
N ALA A 131 1.13 50.80 -16.08
CA ALA A 131 2.39 50.32 -16.65
C ALA A 131 2.80 51.19 -17.82
N VAL A 132 1.85 51.45 -18.72
CA VAL A 132 2.12 52.18 -19.95
C VAL A 132 2.42 53.65 -19.63
N LEU A 133 1.61 54.28 -18.78
CA LEU A 133 1.80 55.68 -18.43
C LEU A 133 3.09 55.85 -17.62
N SER A 134 3.35 54.92 -16.69
CA SER A 134 4.60 54.93 -15.93
C SER A 134 5.81 54.93 -16.85
N LEU A 135 5.80 54.05 -17.85
CA LEU A 135 6.96 53.80 -18.67
C LEU A 135 7.23 55.00 -19.57
N LEU A 136 6.16 55.54 -20.16
CA LEU A 136 6.27 56.70 -21.05
C LEU A 136 6.98 57.85 -20.33
N GLY A 137 6.60 58.12 -19.07
CA GLY A 137 7.14 59.23 -18.31
C GLY A 137 8.54 58.93 -17.78
N GLN A 138 8.86 57.65 -17.60
CA GLN A 138 10.14 57.29 -17.01
C GLN A 138 11.21 57.30 -18.09
N LYS A 139 10.82 57.08 -19.34
CA LYS A 139 11.79 57.01 -20.43
C LYS A 139 11.82 58.29 -21.26
N MET A 140 10.85 59.18 -21.03
CA MET A 140 10.88 60.53 -21.58
C MET A 140 10.60 61.51 -20.44
N LYS A 141 11.67 61.98 -19.78
CA LYS A 141 11.55 62.84 -18.62
C LYS A 141 11.02 64.21 -19.02
N ASP A 142 11.15 64.55 -20.32
CA ASP A 142 10.73 65.84 -20.85
C ASP A 142 9.24 65.84 -21.24
N LEU A 143 8.58 64.68 -21.12
CA LEU A 143 7.21 64.50 -21.59
C LEU A 143 6.27 65.42 -20.83
N VAL A 144 5.29 65.96 -21.56
CA VAL A 144 4.18 66.67 -20.94
C VAL A 144 2.91 65.88 -21.22
N ILE A 145 2.18 65.55 -20.14
CA ILE A 145 0.95 64.79 -20.25
C ILE A 145 -0.24 65.73 -20.10
N PHE A 146 -1.17 65.61 -21.06
CA PHE A 146 -2.42 66.33 -21.03
C PHE A 146 -3.53 65.33 -20.74
N SER A 147 -4.17 65.50 -19.58
CA SER A 147 -5.09 64.52 -19.03
C SER A 147 -6.46 65.16 -18.85
N ASP A 148 -7.51 64.46 -19.29
CA ASP A 148 -8.88 64.90 -19.08
C ASP A 148 -9.21 64.86 -17.59
N GLU A 149 -9.89 65.91 -17.14
CA GLU A 149 -10.34 66.07 -15.75
C GLU A 149 -10.91 64.79 -15.18
N LEU A 150 -11.74 64.09 -15.94
CA LEU A 150 -12.54 63.01 -15.38
C LEU A 150 -11.92 61.64 -15.64
N ASN A 151 -10.61 61.58 -15.94
CA ASN A 151 -9.95 60.31 -16.14
C ASN A 151 -10.06 59.43 -14.89
N HIS A 152 -10.02 58.11 -15.14
CA HIS A 152 -10.16 57.07 -14.12
C HIS A 152 -8.95 57.08 -13.17
N ALA A 153 -9.16 56.53 -11.97
CA ALA A 153 -8.13 56.49 -10.94
C ALA A 153 -6.84 55.90 -11.48
N SER A 154 -6.96 54.84 -12.28
CA SER A 154 -5.81 54.13 -12.79
C SER A 154 -4.94 55.03 -13.65
N MET A 155 -5.57 55.89 -14.45
CA MET A 155 -4.82 56.80 -15.31
C MET A 155 -4.16 57.90 -14.47
N ILE A 156 -4.86 58.35 -13.42
CA ILE A 156 -4.33 59.37 -12.51
C ILE A 156 -3.07 58.85 -11.84
N VAL A 157 -3.14 57.60 -11.37
CA VAL A 157 -2.02 56.98 -10.67
C VAL A 157 -0.86 56.79 -11.64
N GLY A 158 -1.17 56.33 -12.87
CA GLY A 158 -0.16 56.11 -13.90
C GLY A 158 0.55 57.41 -14.28
N ILE A 159 -0.21 58.50 -14.34
CA ILE A 159 0.33 59.81 -14.65
C ILE A 159 1.19 60.32 -13.47
N LYS A 160 0.77 60.07 -12.24
CA LYS A 160 1.57 60.47 -11.08
C LYS A 160 2.91 59.72 -11.14
N HIS A 161 2.84 58.40 -11.37
CA HIS A 161 3.99 57.51 -11.45
C HIS A 161 4.88 57.86 -12.64
N ALA A 162 4.30 58.38 -13.72
CA ALA A 162 5.08 58.85 -14.86
C ALA A 162 6.13 59.85 -14.40
N ASN A 163 5.73 60.66 -13.42
CA ASN A 163 6.63 61.59 -12.77
C ASN A 163 7.18 62.59 -13.79
N VAL A 164 6.28 63.31 -14.46
CA VAL A 164 6.62 64.32 -15.45
C VAL A 164 5.65 65.50 -15.29
N LYS A 165 5.76 66.49 -16.18
CA LYS A 165 4.83 67.59 -16.15
C LYS A 165 3.48 67.11 -16.66
N LYS A 166 2.39 67.62 -16.06
CA LYS A 166 1.03 67.27 -16.46
C LYS A 166 0.14 68.52 -16.43
N HIS A 167 -0.82 68.56 -17.37
CA HIS A 167 -1.88 69.55 -17.38
C HIS A 167 -3.22 68.81 -17.42
N ILE A 168 -4.15 69.25 -16.57
CA ILE A 168 -5.49 68.70 -16.52
C ILE A 168 -6.42 69.66 -17.26
N PHE A 169 -6.98 69.26 -18.41
CA PHE A 169 -7.95 70.09 -19.12
C PHE A 169 -9.36 69.78 -18.63
N LYS A 170 -10.21 70.82 -18.56
CA LYS A 170 -11.62 70.66 -18.20
C LYS A 170 -12.27 69.61 -19.11
N HIS A 171 -13.26 68.89 -18.57
CA HIS A 171 -13.84 67.71 -19.20
C HIS A 171 -14.27 68.01 -20.63
N ASN A 172 -13.65 67.30 -21.59
CA ASN A 172 -13.96 67.37 -23.01
C ASN A 172 -13.78 68.77 -23.60
N ASP A 173 -13.06 69.67 -22.94
CA ASP A 173 -12.90 71.01 -23.46
C ASP A 173 -11.66 71.04 -24.34
N LEU A 174 -11.85 70.88 -25.66
CA LEU A 174 -10.72 70.74 -26.58
C LEU A 174 -10.17 72.10 -26.99
N ASN A 175 -10.87 73.19 -26.63
CA ASN A 175 -10.31 74.52 -26.68
C ASN A 175 -9.17 74.63 -25.68
N GLU A 176 -9.47 74.31 -24.41
CA GLU A 176 -8.48 74.35 -23.36
C GLU A 176 -7.31 73.43 -23.70
N LEU A 177 -7.61 72.26 -24.26
CA LEU A 177 -6.57 71.32 -24.66
C LEU A 177 -5.67 72.00 -25.70
N GLU A 178 -6.25 72.62 -26.72
CA GLU A 178 -5.45 73.21 -27.78
C GLU A 178 -4.59 74.35 -27.21
N GLN A 179 -5.13 75.11 -26.25
CA GLN A 179 -4.41 76.22 -25.64
C GLN A 179 -3.18 75.72 -24.87
N LEU A 180 -3.33 74.56 -24.20
CA LEU A 180 -2.22 73.99 -23.46
C LEU A 180 -1.20 73.44 -24.46
N LEU A 181 -1.67 72.72 -25.49
CA LEU A 181 -0.79 72.12 -26.47
C LEU A 181 0.04 73.16 -27.19
N GLN A 182 -0.60 74.28 -27.51
CA GLN A 182 0.04 75.33 -28.29
C GLN A 182 1.21 75.96 -27.56
N SER A 183 1.16 75.99 -26.22
CA SER A 183 2.11 76.77 -25.44
C SER A 183 3.47 76.07 -25.32
N TYR A 184 3.58 74.86 -25.88
CA TYR A 184 4.86 74.16 -25.98
C TYR A 184 5.31 74.14 -27.44
N PRO A 185 6.63 74.18 -27.71
CA PRO A 185 7.13 73.91 -29.05
C PRO A 185 6.66 72.54 -29.53
N LYS A 186 6.73 72.32 -30.85
CA LYS A 186 6.25 71.07 -31.41
C LYS A 186 7.17 69.92 -30.99
N SER A 187 8.48 70.21 -30.83
CA SER A 187 9.49 69.17 -30.64
C SER A 187 9.40 68.53 -29.24
N VAL A 188 8.73 69.21 -28.29
CA VAL A 188 8.54 68.68 -26.95
C VAL A 188 7.69 67.42 -27.06
N PRO A 189 8.09 66.29 -26.44
CA PRO A 189 7.25 65.11 -26.44
C PRO A 189 6.02 65.33 -25.57
N LYS A 190 4.87 64.80 -26.03
CA LYS A 190 3.61 65.06 -25.37
C LYS A 190 2.73 63.81 -25.44
N LEU A 191 1.87 63.67 -24.44
CA LEU A 191 0.90 62.59 -24.42
C LEU A 191 -0.47 63.17 -24.09
N ILE A 192 -1.47 62.80 -24.91
CA ILE A 192 -2.84 63.13 -24.56
C ILE A 192 -3.53 61.85 -24.12
N ALA A 193 -4.01 61.87 -22.87
CA ALA A 193 -4.58 60.73 -22.20
C ALA A 193 -6.04 61.02 -21.85
N PHE A 194 -6.95 60.18 -22.35
CA PHE A 194 -8.38 60.37 -22.22
C PHE A 194 -9.11 59.03 -22.37
N GLU A 195 -10.41 59.03 -22.02
CA GLU A 195 -11.28 57.88 -22.19
C GLU A 195 -12.21 58.14 -23.36
N SER A 196 -12.71 57.07 -23.98
CA SER A 196 -13.72 57.18 -25.01
C SER A 196 -15.08 57.43 -24.36
N VAL A 197 -15.45 56.57 -23.42
CA VAL A 197 -16.72 56.73 -22.71
C VAL A 197 -16.44 56.83 -21.22
N TYR A 198 -16.98 57.89 -20.60
CA TYR A 198 -16.78 58.12 -19.19
C TYR A 198 -18.00 57.55 -18.46
N SER A 199 -17.77 56.80 -17.38
CA SER A 199 -18.77 55.85 -16.94
C SER A 199 -19.79 56.50 -16.01
N MET A 200 -19.52 57.69 -15.46
CA MET A 200 -20.31 58.15 -14.32
C MET A 200 -21.53 58.94 -14.78
N ALA A 201 -21.46 59.48 -16.01
CA ALA A 201 -22.66 60.01 -16.64
C ALA A 201 -22.69 59.67 -18.12
N GLY A 202 -21.71 58.97 -18.64
CA GLY A 202 -21.83 58.42 -19.98
C GLY A 202 -21.50 59.41 -21.09
N SER A 203 -20.71 60.45 -20.78
CA SER A 203 -20.22 61.35 -21.81
C SER A 203 -19.20 60.64 -22.71
N VAL A 204 -18.93 61.26 -23.87
CA VAL A 204 -18.08 60.66 -24.90
C VAL A 204 -17.08 61.67 -25.44
N ALA A 205 -15.87 61.20 -25.78
CA ALA A 205 -14.84 62.06 -26.28
C ALA A 205 -14.92 62.18 -27.79
N ASP A 206 -14.52 63.35 -28.29
CA ASP A 206 -14.34 63.56 -29.71
C ASP A 206 -12.94 63.09 -30.09
N ILE A 207 -12.81 61.79 -30.32
CA ILE A 207 -11.54 61.14 -30.58
C ILE A 207 -10.91 61.69 -31.85
N GLU A 208 -11.73 61.94 -32.86
CA GLU A 208 -11.23 62.39 -34.15
C GLU A 208 -10.51 63.73 -33.99
N LYS A 209 -11.14 64.66 -33.25
CA LYS A 209 -10.58 65.99 -33.09
C LYS A 209 -9.33 65.96 -32.22
N ILE A 210 -9.26 65.01 -31.28
CA ILE A 210 -8.11 64.89 -30.42
C ILE A 210 -6.91 64.37 -31.22
N CYS A 211 -7.16 63.41 -32.13
CA CYS A 211 -6.12 62.92 -33.02
C CYS A 211 -5.62 64.03 -33.94
N ASP A 212 -6.52 64.93 -34.38
CA ASP A 212 -6.15 66.06 -35.20
C ASP A 212 -5.18 66.97 -34.42
N LEU A 213 -5.54 67.26 -33.15
CA LEU A 213 -4.71 68.08 -32.27
C LEU A 213 -3.34 67.42 -32.09
N ALA A 214 -3.36 66.10 -31.90
CA ALA A 214 -2.14 65.34 -31.68
C ALA A 214 -1.23 65.42 -32.91
N ASP A 215 -1.81 65.33 -34.13
CA ASP A 215 -1.03 65.49 -35.35
C ASP A 215 -0.38 66.88 -35.37
N LYS A 216 -1.13 67.91 -34.97
CA LYS A 216 -0.70 69.28 -35.14
C LYS A 216 0.43 69.62 -34.17
N TYR A 217 0.32 69.17 -32.91
CA TYR A 217 1.26 69.54 -31.85
C TYR A 217 2.23 68.42 -31.52
N GLY A 218 2.22 67.33 -32.30
CA GLY A 218 3.25 66.30 -32.24
C GLY A 218 3.17 65.47 -30.97
N ALA A 219 1.95 64.99 -30.63
CA ALA A 219 1.71 64.26 -29.40
C ALA A 219 1.34 62.80 -29.71
N LEU A 220 1.58 61.93 -28.74
CA LEU A 220 1.05 60.58 -28.73
C LEU A 220 -0.34 60.62 -28.12
N THR A 221 -1.20 59.68 -28.56
CA THR A 221 -2.53 59.56 -27.99
C THR A 221 -2.63 58.26 -27.22
N PHE A 222 -3.29 58.35 -26.06
CA PHE A 222 -3.56 57.23 -25.17
C PHE A 222 -5.04 57.24 -24.85
N LEU A 223 -5.73 56.19 -25.29
CA LEU A 223 -7.18 56.11 -25.27
C LEU A 223 -7.62 54.88 -24.49
N ASP A 224 -8.32 55.11 -23.38
CA ASP A 224 -8.93 54.08 -22.55
C ASP A 224 -10.36 53.86 -23.03
N GLU A 225 -10.61 52.68 -23.62
CA GLU A 225 -11.90 52.34 -24.21
C GLU A 225 -12.61 51.33 -23.32
N VAL A 226 -12.38 51.39 -22.01
CA VAL A 226 -12.84 50.38 -21.08
C VAL A 226 -14.37 50.25 -21.14
N HIS A 227 -15.07 51.37 -21.26
CA HIS A 227 -16.52 51.37 -21.21
C HIS A 227 -17.10 51.37 -22.61
N ALA A 228 -16.28 51.03 -23.62
CA ALA A 228 -16.70 51.08 -25.01
C ALA A 228 -16.51 49.75 -25.72
N VAL A 229 -15.45 49.00 -25.38
CA VAL A 229 -15.20 47.75 -26.07
C VAL A 229 -16.33 46.78 -25.77
N GLY A 230 -16.82 46.15 -26.86
CA GLY A 230 -18.01 45.33 -26.80
C GLY A 230 -19.27 46.07 -27.28
N LEU A 231 -19.25 47.39 -27.14
CA LEU A 231 -20.47 48.19 -27.12
C LEU A 231 -20.58 49.11 -28.33
N TYR A 232 -19.45 49.59 -28.87
CA TYR A 232 -19.50 50.57 -29.95
C TYR A 232 -18.70 50.04 -31.14
N GLY A 233 -19.09 50.49 -32.34
CA GLY A 233 -18.54 49.95 -33.57
C GLY A 233 -19.29 48.70 -33.99
N PRO A 234 -19.26 48.34 -35.29
CA PRO A 234 -19.94 47.14 -35.76
C PRO A 234 -19.43 45.86 -35.10
N HIS A 235 -18.18 45.84 -34.63
CA HIS A 235 -17.60 44.63 -34.09
C HIS A 235 -17.29 44.78 -32.61
N GLY A 236 -17.72 45.90 -31.99
CA GLY A 236 -17.48 46.13 -30.56
C GLY A 236 -16.02 46.51 -30.26
N ALA A 237 -15.35 47.12 -31.24
CA ALA A 237 -13.96 47.51 -31.08
C ALA A 237 -13.86 48.84 -30.36
N GLY A 238 -14.98 49.56 -30.22
CA GLY A 238 -15.04 50.75 -29.39
C GLY A 238 -15.50 51.97 -30.19
N VAL A 239 -15.42 53.14 -29.54
CA VAL A 239 -15.89 54.38 -30.14
C VAL A 239 -14.95 54.76 -31.28
N ALA A 240 -13.67 54.39 -31.18
CA ALA A 240 -12.73 54.67 -32.25
C ALA A 240 -13.18 53.95 -33.54
N GLU A 241 -13.74 52.74 -33.39
CA GLU A 241 -14.23 51.99 -34.52
C GLU A 241 -15.52 52.65 -35.03
N HIS A 242 -16.36 53.10 -34.08
CA HIS A 242 -17.65 53.67 -34.40
C HIS A 242 -17.47 54.94 -35.24
N CYS A 243 -16.37 55.68 -34.99
CA CYS A 243 -16.04 56.89 -35.73
C CYS A 243 -15.92 56.62 -37.23
N ASP A 244 -15.60 55.39 -37.62
CA ASP A 244 -15.61 55.04 -39.03
C ASP A 244 -16.46 53.79 -39.23
N PHE A 245 -17.67 53.84 -38.69
CA PHE A 245 -18.55 52.69 -38.58
C PHE A 245 -18.67 51.97 -39.91
N GLU A 246 -18.97 52.74 -40.98
CA GLU A 246 -19.29 52.14 -42.26
C GLU A 246 -18.05 51.53 -42.92
N SER A 247 -16.93 52.24 -42.82
CA SER A 247 -15.68 51.74 -43.37
C SER A 247 -15.30 50.41 -42.72
N HIS A 248 -15.47 50.29 -41.40
CA HIS A 248 -15.09 49.09 -40.67
C HIS A 248 -16.08 47.96 -40.95
N ARG A 249 -17.36 48.31 -41.00
CA ARG A 249 -18.39 47.31 -41.28
C ARG A 249 -18.17 46.73 -42.67
N ALA A 250 -17.83 47.57 -43.66
CA ALA A 250 -17.63 47.10 -45.02
C ALA A 250 -16.44 46.16 -45.09
N SER A 251 -15.32 46.52 -44.44
CA SER A 251 -14.10 45.73 -44.53
C SER A 251 -14.09 44.57 -43.54
N GLY A 252 -14.84 44.67 -42.45
CA GLY A 252 -14.91 43.61 -41.45
C GLY A 252 -13.60 43.47 -40.68
N ILE A 253 -12.96 42.30 -40.81
CA ILE A 253 -11.71 41.98 -40.14
C ILE A 253 -10.59 42.85 -40.70
N ALA A 254 -10.63 43.15 -42.00
CA ALA A 254 -9.52 43.78 -42.70
C ALA A 254 -9.44 45.27 -42.40
N THR A 255 -8.28 45.87 -42.69
CA THR A 255 -8.11 47.31 -42.62
C THR A 255 -8.89 47.95 -43.77
N PRO A 256 -9.72 48.99 -43.51
CA PRO A 256 -10.46 49.64 -44.58
C PRO A 256 -9.53 50.32 -45.59
N LYS A 257 -9.95 50.38 -46.87
CA LYS A 257 -9.16 51.05 -47.89
C LYS A 257 -9.20 52.56 -47.66
N THR A 258 -10.31 53.06 -47.08
CA THR A 258 -10.43 54.45 -46.70
C THR A 258 -11.27 54.56 -45.42
N ASN A 259 -11.20 55.74 -44.79
CA ASN A 259 -12.04 56.05 -43.64
C ASN A 259 -13.38 56.55 -44.17
N ASP A 260 -14.26 56.99 -43.24
CA ASP A 260 -15.63 57.37 -43.58
C ASP A 260 -15.70 58.69 -44.33
N LYS A 261 -14.58 59.41 -44.44
CA LYS A 261 -14.53 60.65 -45.19
C LYS A 261 -13.68 60.50 -46.47
N GLY A 262 -13.30 59.27 -46.81
CA GLY A 262 -12.54 59.02 -48.02
C GLY A 262 -11.04 59.21 -47.82
N GLY A 263 -10.62 59.51 -46.58
CA GLY A 263 -9.21 59.70 -46.25
C GLY A 263 -8.48 58.36 -46.12
N ALA A 264 -7.16 58.41 -45.93
CA ALA A 264 -6.31 57.22 -45.97
C ALA A 264 -6.42 56.40 -44.66
N LYS A 265 -6.51 57.05 -43.49
CA LYS A 265 -6.40 56.35 -42.22
C LYS A 265 -7.63 56.53 -41.33
N THR A 266 -8.03 55.45 -40.66
CA THR A 266 -9.17 55.48 -39.75
C THR A 266 -8.75 56.14 -38.44
N VAL A 267 -9.74 56.51 -37.63
CA VAL A 267 -9.49 57.06 -36.30
C VAL A 267 -8.83 56.01 -35.43
N MET A 268 -9.28 54.75 -35.56
CA MET A 268 -8.74 53.67 -34.75
C MET A 268 -7.26 53.43 -35.12
N ASP A 269 -6.91 53.55 -36.41
CA ASP A 269 -5.54 53.37 -36.85
C ASP A 269 -4.64 54.47 -36.27
N ARG A 270 -5.16 55.70 -36.16
CA ARG A 270 -4.36 56.87 -35.82
C ARG A 270 -4.07 56.94 -34.33
N VAL A 271 -4.92 56.35 -33.48
CA VAL A 271 -4.68 56.34 -32.05
C VAL A 271 -3.46 55.44 -31.78
N ASP A 272 -2.48 55.97 -31.02
CA ASP A 272 -1.23 55.26 -30.81
C ASP A 272 -1.42 54.07 -29.88
N MET A 273 -2.16 54.29 -28.78
CA MET A 273 -2.32 53.29 -27.73
C MET A 273 -3.77 53.23 -27.27
N ILE A 274 -4.39 52.05 -27.38
CA ILE A 274 -5.74 51.80 -26.88
C ILE A 274 -5.68 50.75 -25.77
N THR A 275 -6.23 51.09 -24.59
CA THR A 275 -6.32 50.15 -23.48
C THR A 275 -7.78 49.77 -23.31
N GLY A 276 -7.97 48.53 -22.83
CA GLY A 276 -9.28 47.98 -22.53
C GLY A 276 -9.17 46.98 -21.37
N THR A 277 -10.34 46.53 -20.91
CA THR A 277 -10.43 45.51 -19.88
C THR A 277 -11.01 44.25 -20.50
N LEU A 278 -10.67 43.10 -19.92
CA LEU A 278 -11.34 41.85 -20.18
C LEU A 278 -12.43 41.61 -19.12
N GLY A 279 -12.61 42.54 -18.17
CA GLY A 279 -13.40 42.30 -16.96
C GLY A 279 -14.80 42.93 -16.99
N LYS A 280 -15.20 43.47 -18.14
CA LYS A 280 -16.53 44.07 -18.28
C LYS A 280 -17.29 43.36 -19.40
N SER A 281 -17.34 43.95 -20.59
CA SER A 281 -18.08 43.38 -21.71
C SER A 281 -17.58 41.95 -22.02
N PHE A 282 -16.29 41.69 -21.81
CA PHE A 282 -15.69 40.42 -22.21
C PHE A 282 -15.76 39.36 -21.10
N GLY A 283 -16.41 39.70 -19.97
CA GLY A 283 -16.91 38.73 -19.02
C GLY A 283 -15.83 37.85 -18.36
N SER A 284 -14.67 38.42 -18.07
CA SER A 284 -13.60 37.66 -17.45
C SER A 284 -12.82 38.56 -16.48
N VAL A 285 -11.51 38.66 -16.67
CA VAL A 285 -10.64 39.53 -15.91
C VAL A 285 -9.37 39.70 -16.73
N GLY A 286 -8.73 40.86 -16.56
CA GLY A 286 -7.52 41.18 -17.28
C GLY A 286 -7.60 42.54 -17.93
N GLY A 287 -6.46 42.96 -18.48
CA GLY A 287 -6.38 44.23 -19.21
C GLY A 287 -5.38 44.10 -20.34
N TYR A 288 -5.39 45.11 -21.22
CA TYR A 288 -4.55 45.03 -22.39
C TYR A 288 -4.30 46.43 -22.92
N VAL A 289 -3.26 46.53 -23.76
CA VAL A 289 -3.08 47.64 -24.66
C VAL A 289 -2.87 47.09 -26.06
N ALA A 290 -3.44 47.77 -27.05
CA ALA A 290 -3.20 47.45 -28.44
C ALA A 290 -2.47 48.63 -29.08
N ALA A 291 -1.46 48.32 -29.91
CA ALA A 291 -0.60 49.34 -30.48
C ALA A 291 0.29 48.73 -31.56
N SER A 292 1.22 49.53 -32.06
CA SER A 292 2.25 49.08 -33.00
C SER A 292 3.13 47.99 -32.38
N ARG A 293 3.72 47.18 -33.27
CA ARG A 293 4.67 46.15 -32.90
C ARG A 293 5.73 46.73 -31.97
N LYS A 294 6.25 47.90 -32.31
CA LYS A 294 7.34 48.52 -31.58
C LYS A 294 6.90 48.88 -30.17
N LEU A 295 5.77 49.56 -30.04
CA LEU A 295 5.28 49.95 -28.72
C LEU A 295 5.03 48.72 -27.84
N ILE A 296 4.47 47.67 -28.43
CA ILE A 296 4.11 46.48 -27.68
C ILE A 296 5.37 45.80 -27.16
N ASP A 297 6.36 45.67 -28.03
CA ASP A 297 7.62 45.03 -27.70
C ASP A 297 8.34 45.82 -26.60
N TRP A 298 8.18 47.15 -26.66
CA TRP A 298 8.76 48.07 -25.69
C TRP A 298 8.17 47.79 -24.31
N PHE A 299 6.83 47.84 -24.20
CA PHE A 299 6.16 47.60 -22.92
C PHE A 299 6.55 46.23 -22.37
N ARG A 300 6.49 45.23 -23.25
CA ARG A 300 6.80 43.85 -22.89
C ARG A 300 8.20 43.73 -22.31
N SER A 301 9.16 44.45 -22.86
CA SER A 301 10.56 44.31 -22.51
C SER A 301 10.96 45.14 -21.28
N PHE A 302 10.17 46.16 -20.90
CA PHE A 302 10.58 47.10 -19.86
C PHE A 302 9.57 47.30 -18.73
N ALA A 303 8.30 46.93 -18.91
CA ALA A 303 7.29 47.27 -17.93
C ALA A 303 7.33 46.30 -16.74
N PRO A 304 7.73 46.74 -15.53
CA PRO A 304 7.88 45.81 -14.39
C PRO A 304 6.56 45.15 -13.98
N GLY A 305 5.45 45.88 -14.16
CA GLY A 305 4.12 45.38 -13.83
C GLY A 305 3.62 44.31 -14.81
N PHE A 306 4.32 44.16 -15.94
CA PHE A 306 4.10 43.10 -16.90
C PHE A 306 5.00 41.90 -16.60
N ILE A 307 6.28 42.17 -16.35
CA ILE A 307 7.34 41.16 -16.32
C ILE A 307 7.24 40.27 -15.07
N PHE A 308 7.08 40.92 -13.91
CA PHE A 308 7.37 40.30 -12.62
C PHE A 308 6.09 39.91 -11.89
N THR A 309 5.13 39.30 -12.59
CA THR A 309 3.88 38.86 -11.98
C THR A 309 3.39 37.60 -12.71
N THR A 310 2.71 36.73 -11.97
CA THR A 310 2.15 35.50 -12.50
C THR A 310 1.22 35.83 -13.67
N THR A 311 1.33 35.09 -14.77
CA THR A 311 0.42 35.18 -15.90
C THR A 311 -0.99 34.78 -15.47
N LEU A 312 -2.02 35.33 -16.12
CA LEU A 312 -3.38 34.99 -15.76
C LEU A 312 -3.63 33.51 -16.04
N PRO A 313 -4.54 32.86 -15.31
CA PRO A 313 -4.96 31.50 -15.62
C PRO A 313 -5.30 31.28 -17.10
N PRO A 314 -4.81 30.20 -17.75
CA PRO A 314 -5.21 29.89 -19.11
C PRO A 314 -6.72 29.90 -19.36
N SER A 315 -7.49 29.39 -18.38
CA SER A 315 -8.93 29.27 -18.54
C SER A 315 -9.60 30.65 -18.62
N VAL A 316 -9.03 31.62 -17.90
CA VAL A 316 -9.61 32.95 -17.84
C VAL A 316 -9.35 33.66 -19.17
N MET A 317 -8.20 33.36 -19.79
CA MET A 317 -7.86 33.91 -21.09
C MET A 317 -8.72 33.28 -22.17
N ALA A 318 -8.90 31.96 -22.10
CA ALA A 318 -9.75 31.25 -23.05
C ALA A 318 -11.16 31.81 -23.00
N GLY A 319 -11.63 32.11 -21.78
CA GLY A 319 -12.98 32.65 -21.59
C GLY A 319 -13.13 33.99 -22.31
N ALA A 320 -12.17 34.89 -22.04
CA ALA A 320 -12.13 36.21 -22.66
C ALA A 320 -12.09 36.09 -24.18
N THR A 321 -11.20 35.20 -24.68
CA THR A 321 -11.00 35.02 -26.11
C THR A 321 -12.32 34.62 -26.78
N ALA A 322 -13.06 33.70 -26.17
CA ALA A 322 -14.36 33.26 -26.69
C ALA A 322 -15.37 34.40 -26.65
N ALA A 323 -15.35 35.20 -25.59
CA ALA A 323 -16.25 36.33 -25.47
C ALA A 323 -15.97 37.32 -26.60
N ILE A 324 -14.68 37.59 -26.87
CA ILE A 324 -14.29 38.53 -27.90
C ILE A 324 -14.66 37.99 -29.29
N ARG A 325 -14.40 36.71 -29.58
CA ARG A 325 -14.69 36.14 -30.89
C ARG A 325 -16.19 36.21 -31.18
N TYR A 326 -16.98 35.93 -30.13
CA TYR A 326 -18.42 35.81 -30.27
C TYR A 326 -19.05 37.17 -30.54
N GLN A 327 -18.73 38.16 -29.70
CA GLN A 327 -19.31 39.48 -29.83
C GLN A 327 -18.86 40.14 -31.13
N ARG A 328 -17.68 39.80 -31.64
CA ARG A 328 -17.17 40.42 -32.86
C ARG A 328 -18.19 40.30 -33.99
N CYS A 329 -18.83 39.12 -34.09
CA CYS A 329 -19.70 38.82 -35.21
C CYS A 329 -21.16 38.71 -34.76
N HIS A 330 -21.49 39.29 -33.60
CA HIS A 330 -22.84 39.28 -33.07
C HIS A 330 -23.24 40.71 -32.70
N ILE A 331 -23.49 41.53 -33.72
CA ILE A 331 -23.91 42.92 -33.54
C ILE A 331 -25.28 42.98 -32.86
N ASP A 332 -26.00 41.87 -32.85
CA ASP A 332 -27.28 41.81 -32.14
C ASP A 332 -27.07 42.12 -30.66
N LEU A 333 -25.89 41.82 -30.11
CA LEU A 333 -25.61 42.13 -28.71
C LEU A 333 -25.71 43.63 -28.49
N ARG A 334 -25.17 44.43 -29.42
CA ARG A 334 -25.11 45.87 -29.26
C ARG A 334 -26.46 46.52 -29.52
N THR A 335 -27.14 46.12 -30.59
CA THR A 335 -28.42 46.71 -30.94
C THR A 335 -29.39 46.40 -29.80
N SER A 336 -29.31 45.16 -29.31
CA SER A 336 -30.15 44.69 -28.23
C SER A 336 -29.95 45.57 -27.00
N GLN A 337 -28.70 45.78 -26.59
CA GLN A 337 -28.39 46.55 -25.41
C GLN A 337 -28.81 48.01 -25.58
N GLN A 338 -28.51 48.59 -26.74
CA GLN A 338 -28.89 49.95 -27.03
C GLN A 338 -30.40 50.11 -26.91
N LYS A 339 -31.17 49.14 -27.44
CA LYS A 339 -32.63 49.18 -27.40
C LYS A 339 -33.14 49.06 -25.98
N HIS A 340 -32.51 48.20 -25.19
CA HIS A 340 -32.94 48.02 -23.81
C HIS A 340 -32.67 49.31 -23.03
N THR A 341 -31.56 49.97 -23.32
CA THR A 341 -31.22 51.22 -22.65
C THR A 341 -32.23 52.29 -23.03
N MET A 342 -32.46 52.47 -24.34
CA MET A 342 -33.37 53.50 -24.82
C MET A 342 -34.77 53.27 -24.22
N TYR A 343 -35.15 52.00 -24.08
CA TYR A 343 -36.44 51.66 -23.52
C TYR A 343 -36.54 52.17 -22.08
N VAL A 344 -35.50 51.96 -21.27
CA VAL A 344 -35.55 52.39 -19.88
C VAL A 344 -35.52 53.91 -19.81
N LYS A 345 -34.64 54.52 -20.60
CA LYS A 345 -34.51 55.96 -20.64
C LYS A 345 -35.85 56.61 -20.99
N LYS A 346 -36.53 56.07 -21.99
CA LYS A 346 -37.77 56.67 -22.47
C LYS A 346 -38.86 56.51 -21.42
N ALA A 347 -38.88 55.39 -20.72
CA ALA A 347 -39.88 55.13 -19.70
C ALA A 347 -39.69 56.06 -18.51
N PHE A 348 -38.43 56.29 -18.14
CA PHE A 348 -38.10 57.21 -17.06
C PHE A 348 -38.52 58.61 -17.46
N HIS A 349 -38.30 58.95 -18.73
CA HIS A 349 -38.60 60.29 -19.18
C HIS A 349 -40.10 60.54 -19.04
N GLU A 350 -40.93 59.54 -19.36
CA GLU A 350 -42.37 59.69 -19.27
C GLU A 350 -42.86 59.75 -17.82
N LEU A 351 -42.11 59.15 -16.89
CA LEU A 351 -42.52 59.17 -15.48
C LEU A 351 -41.85 60.34 -14.77
N GLY A 352 -41.05 61.12 -15.49
CA GLY A 352 -40.36 62.26 -14.90
C GLY A 352 -39.28 61.83 -13.91
N ILE A 353 -38.72 60.64 -14.12
CA ILE A 353 -37.58 60.19 -13.33
C ILE A 353 -36.30 60.73 -14.00
N PRO A 354 -35.53 61.58 -13.29
CA PRO A 354 -34.49 62.39 -13.91
C PRO A 354 -33.25 61.60 -14.30
N VAL A 355 -33.06 61.40 -15.59
CA VAL A 355 -31.89 60.72 -16.11
C VAL A 355 -30.91 61.74 -16.67
N ILE A 356 -29.65 61.63 -16.29
CA ILE A 356 -28.63 62.51 -16.85
C ILE A 356 -28.46 62.17 -18.33
N PRO A 357 -28.81 63.09 -19.25
CA PRO A 357 -28.72 62.81 -20.67
C PRO A 357 -27.32 62.45 -21.12
N ASN A 358 -27.20 61.52 -22.04
CA ASN A 358 -25.92 61.07 -22.54
C ASN A 358 -26.15 60.26 -23.80
N PRO A 359 -25.18 60.17 -24.73
CA PRO A 359 -25.35 59.42 -25.96
C PRO A 359 -24.93 57.96 -25.90
N SER A 360 -24.83 57.37 -24.69
CA SER A 360 -24.22 56.05 -24.51
C SER A 360 -25.20 55.05 -23.88
N HIS A 361 -24.68 54.01 -23.24
CA HIS A 361 -25.50 52.88 -22.78
C HIS A 361 -25.84 52.98 -21.29
N ILE A 362 -25.37 54.03 -20.62
CA ILE A 362 -25.49 54.17 -19.18
C ILE A 362 -26.76 54.96 -18.89
N VAL A 363 -27.36 54.69 -17.73
CA VAL A 363 -28.59 55.34 -17.30
C VAL A 363 -28.37 55.89 -15.89
N PRO A 364 -27.76 57.08 -15.75
CA PRO A 364 -27.53 57.68 -14.44
C PRO A 364 -28.74 58.44 -13.94
N VAL A 365 -29.33 58.00 -12.82
CA VAL A 365 -30.55 58.60 -12.31
C VAL A 365 -30.15 59.60 -11.23
N LEU A 366 -30.45 60.88 -11.47
CA LEU A 366 -30.04 61.95 -10.56
C LEU A 366 -30.91 61.95 -9.29
N ILE A 367 -30.26 62.06 -8.14
CA ILE A 367 -30.92 62.15 -6.85
C ILE A 367 -30.57 63.49 -6.20
N GLY A 368 -29.27 63.79 -6.13
CA GLY A 368 -28.79 65.10 -5.73
C GLY A 368 -28.50 65.18 -4.24
N ASN A 369 -28.58 64.05 -3.54
CA ASN A 369 -28.32 64.00 -2.11
C ASN A 369 -27.74 62.63 -1.78
N ALA A 370 -26.63 62.62 -1.03
CA ALA A 370 -25.89 61.39 -0.75
C ALA A 370 -26.77 60.40 0.03
N ASP A 371 -27.39 60.88 1.12
CA ASP A 371 -28.23 60.09 2.00
C ASP A 371 -29.42 59.50 1.26
N LEU A 372 -30.13 60.34 0.49
CA LEU A 372 -31.32 59.92 -0.22
C LEU A 372 -30.97 58.89 -1.30
N ALA A 373 -29.81 59.03 -1.95
CA ALA A 373 -29.39 58.08 -2.95
C ALA A 373 -29.09 56.72 -2.32
N LYS A 374 -28.38 56.73 -1.17
CA LYS A 374 -28.11 55.51 -0.43
C LYS A 374 -29.41 54.89 0.04
N GLN A 375 -30.33 55.72 0.53
CA GLN A 375 -31.61 55.28 1.04
C GLN A 375 -32.43 54.66 -0.09
N ALA A 376 -32.38 55.27 -1.27
CA ALA A 376 -33.05 54.72 -2.45
C ALA A 376 -32.47 53.35 -2.80
N SER A 377 -31.13 53.28 -2.89
CA SER A 377 -30.41 52.05 -3.17
C SER A 377 -30.91 50.93 -2.25
N ASP A 378 -31.08 51.25 -0.96
CA ASP A 378 -31.45 50.27 0.06
C ASP A 378 -32.89 49.79 -0.11
N ILE A 379 -33.82 50.72 -0.31
CA ILE A 379 -35.21 50.36 -0.48
C ILE A 379 -35.35 49.53 -1.75
N LEU A 380 -34.57 49.82 -2.78
CA LEU A 380 -34.64 49.09 -4.03
C LEU A 380 -34.26 47.63 -3.81
N ILE A 381 -33.23 47.36 -3.03
CA ILE A 381 -32.76 45.99 -2.89
C ILE A 381 -33.59 45.24 -1.83
N ASN A 382 -34.00 45.91 -0.74
CA ASN A 382 -34.70 45.26 0.35
C ASN A 382 -36.20 45.11 0.06
N LYS A 383 -36.83 46.18 -0.43
CA LYS A 383 -38.25 46.13 -0.75
C LYS A 383 -38.49 45.49 -2.13
N HIS A 384 -37.66 45.81 -3.13
CA HIS A 384 -37.99 45.48 -4.51
C HIS A 384 -37.05 44.48 -5.16
N GLN A 385 -36.01 44.03 -4.46
CA GLN A 385 -35.06 43.07 -5.01
C GLN A 385 -34.40 43.57 -6.30
N ILE A 386 -34.08 44.87 -6.31
CA ILE A 386 -33.35 45.51 -7.38
C ILE A 386 -32.02 45.99 -6.79
N TYR A 387 -30.91 45.54 -7.39
CA TYR A 387 -29.58 45.96 -6.97
C TYR A 387 -29.10 47.04 -7.93
N VAL A 388 -29.11 48.26 -7.43
CA VAL A 388 -28.57 49.43 -8.10
C VAL A 388 -27.61 50.11 -7.11
N GLN A 389 -26.47 50.62 -7.59
CA GLN A 389 -25.51 51.22 -6.67
C GLN A 389 -25.65 52.74 -6.68
N ALA A 390 -25.61 53.34 -5.47
CA ALA A 390 -25.56 54.79 -5.33
C ALA A 390 -24.12 55.28 -5.53
N ILE A 391 -23.96 56.34 -6.33
CA ILE A 391 -22.66 56.94 -6.61
C ILE A 391 -22.58 58.28 -5.87
N ASN A 392 -21.54 58.42 -5.02
CA ASN A 392 -21.39 59.55 -4.11
C ASN A 392 -20.01 60.18 -4.30
N PHE A 393 -19.77 61.29 -3.58
CA PHE A 393 -18.45 61.86 -3.45
C PHE A 393 -17.53 60.81 -2.84
N PRO A 394 -16.29 60.60 -3.34
CA PRO A 394 -15.65 61.48 -4.32
C PRO A 394 -15.70 61.04 -5.77
N THR A 395 -16.48 60.00 -6.10
CA THR A 395 -16.58 59.55 -7.48
C THR A 395 -17.21 60.66 -8.33
N VAL A 396 -18.19 61.37 -7.73
CA VAL A 396 -18.89 62.45 -8.39
C VAL A 396 -18.99 63.65 -7.47
N ALA A 397 -19.19 64.83 -8.04
CA ALA A 397 -19.32 66.08 -7.29
C ALA A 397 -20.49 65.99 -6.30
N ARG A 398 -20.25 66.50 -5.08
CA ARG A 398 -21.28 66.60 -4.06
C ARG A 398 -22.45 67.41 -4.57
N GLY A 399 -23.68 66.88 -4.40
CA GLY A 399 -24.87 67.51 -4.92
C GLY A 399 -25.33 66.88 -6.24
N THR A 400 -24.53 65.97 -6.82
CA THR A 400 -24.89 65.32 -8.07
C THR A 400 -24.93 63.80 -7.90
N GLU A 401 -25.28 63.35 -6.69
CA GLU A 401 -25.26 61.93 -6.40
C GLU A 401 -26.36 61.26 -7.22
N ARG A 402 -26.19 59.98 -7.50
CA ARG A 402 -27.01 59.32 -8.52
C ARG A 402 -26.99 57.80 -8.36
N LEU A 403 -28.00 57.16 -8.97
CA LEU A 403 -28.05 55.71 -9.12
C LEU A 403 -27.55 55.36 -10.51
N ARG A 404 -26.57 54.45 -10.59
CA ARG A 404 -26.08 53.98 -11.87
C ARG A 404 -26.83 52.72 -12.28
N ILE A 405 -27.45 52.76 -13.47
CA ILE A 405 -28.16 51.64 -14.06
C ILE A 405 -27.55 51.33 -15.43
N THR A 406 -27.18 50.07 -15.63
CA THR A 406 -26.47 49.60 -16.83
C THR A 406 -27.21 48.40 -17.40
N PRO A 407 -28.19 48.62 -18.30
CA PRO A 407 -28.84 47.52 -19.00
C PRO A 407 -27.92 46.73 -19.93
N THR A 408 -28.32 45.48 -20.19
CA THR A 408 -27.57 44.55 -21.01
C THR A 408 -28.54 43.87 -21.98
N PRO A 409 -28.05 43.04 -22.92
CA PRO A 409 -28.95 42.27 -23.78
C PRO A 409 -29.90 41.37 -22.99
N GLY A 410 -29.56 41.08 -21.74
CA GLY A 410 -30.34 40.17 -20.92
C GLY A 410 -31.45 40.88 -20.17
N HIS A 411 -31.41 42.21 -20.11
CA HIS A 411 -32.48 42.96 -19.46
C HIS A 411 -33.60 43.20 -20.47
N THR A 412 -34.41 42.16 -20.69
CA THR A 412 -35.57 42.23 -21.56
C THR A 412 -36.61 43.15 -20.93
N ASN A 413 -37.64 43.50 -21.71
CA ASN A 413 -38.58 44.56 -21.35
C ASN A 413 -39.36 44.18 -20.09
N ASP A 414 -39.59 42.89 -19.84
CA ASP A 414 -40.28 42.46 -18.63
C ASP A 414 -39.49 42.89 -17.39
N LEU A 415 -38.16 42.67 -17.42
CA LEU A 415 -37.32 43.05 -16.30
C LEU A 415 -37.26 44.58 -16.18
N SER A 416 -37.14 45.25 -17.34
CA SER A 416 -37.14 46.71 -17.41
C SER A 416 -38.40 47.28 -16.77
N ASP A 417 -39.56 46.68 -17.06
CA ASP A 417 -40.82 47.17 -16.53
C ASP A 417 -40.81 47.12 -15.00
N ILE A 418 -40.26 46.04 -14.43
CA ILE A 418 -40.24 45.86 -12.99
C ILE A 418 -39.37 46.95 -12.35
N LEU A 419 -38.22 47.23 -12.98
CA LEU A 419 -37.29 48.27 -12.55
C LEU A 419 -37.97 49.64 -12.58
N ILE A 420 -38.61 49.95 -13.72
CA ILE A 420 -39.22 51.25 -13.93
C ILE A 420 -40.22 51.48 -12.80
N ASN A 421 -41.06 50.47 -12.56
CA ASN A 421 -42.12 50.54 -11.56
C ASN A 421 -41.52 50.69 -10.18
N ALA A 422 -40.43 49.96 -9.93
CA ALA A 422 -39.77 50.01 -8.63
C ALA A 422 -39.20 51.40 -8.40
N VAL A 423 -38.46 51.93 -9.38
CA VAL A 423 -37.83 53.23 -9.23
C VAL A 423 -38.91 54.30 -9.02
N ASP A 424 -40.01 54.19 -9.76
CA ASP A 424 -41.12 55.13 -9.61
C ASP A 424 -41.63 55.08 -8.18
N ASP A 425 -41.79 53.86 -7.64
CA ASP A 425 -42.34 53.68 -6.31
C ASP A 425 -41.46 54.36 -5.27
N VAL A 426 -40.14 54.21 -5.45
CA VAL A 426 -39.16 54.71 -4.49
C VAL A 426 -39.10 56.23 -4.54
N PHE A 427 -39.13 56.79 -5.75
CA PHE A 427 -39.20 58.22 -5.93
C PHE A 427 -40.40 58.78 -5.15
N ASN A 428 -41.55 58.09 -5.22
CA ASN A 428 -42.74 58.48 -4.48
C ASN A 428 -42.50 58.34 -2.98
N GLU A 429 -41.95 57.20 -2.55
CA GLU A 429 -41.83 56.88 -1.14
C GLU A 429 -40.98 57.93 -0.41
N LEU A 430 -39.89 58.36 -1.07
CA LEU A 430 -38.91 59.26 -0.47
C LEU A 430 -39.14 60.68 -0.96
N GLN A 431 -40.16 60.91 -1.79
CA GLN A 431 -40.47 62.23 -2.30
C GLN A 431 -39.25 62.84 -2.96
N LEU A 432 -38.61 62.06 -3.82
CA LEU A 432 -37.42 62.50 -4.54
C LEU A 432 -37.85 63.47 -5.63
N PRO A 433 -36.99 64.44 -6.02
CA PRO A 433 -37.33 65.35 -7.10
C PRO A 433 -37.48 64.64 -8.44
N ARG A 434 -38.53 65.03 -9.19
CA ARG A 434 -38.74 64.61 -10.56
C ARG A 434 -38.13 65.65 -11.50
N VAL A 435 -38.15 65.35 -12.80
CA VAL A 435 -37.54 66.23 -13.79
C VAL A 435 -38.06 67.66 -13.61
N ARG A 436 -39.37 67.81 -13.39
CA ARG A 436 -39.94 69.14 -13.42
C ARG A 436 -39.51 69.92 -12.17
N ASP A 437 -39.16 69.23 -11.08
CA ASP A 437 -38.64 69.87 -9.88
C ASP A 437 -37.23 70.41 -10.12
N TRP A 438 -36.46 69.72 -10.99
CA TRP A 438 -35.13 70.16 -11.38
C TRP A 438 -35.20 71.35 -12.34
N GLU A 439 -36.17 71.29 -13.27
CA GLU A 439 -36.41 72.37 -14.21
C GLU A 439 -36.61 73.67 -13.44
N SER A 440 -37.39 73.61 -12.34
CA SER A 440 -37.76 74.80 -11.59
C SER A 440 -36.59 75.38 -10.80
N GLN A 441 -35.51 74.60 -10.61
CA GLN A 441 -34.32 75.09 -9.93
C GLN A 441 -33.24 75.43 -10.95
N GLY A 442 -33.59 75.47 -12.23
CA GLY A 442 -32.68 75.94 -13.26
C GLY A 442 -31.92 74.80 -13.95
N GLY A 443 -32.17 73.57 -13.50
CA GLY A 443 -31.59 72.39 -14.13
C GLY A 443 -30.25 71.99 -13.50
N LEU A 444 -29.81 70.76 -13.78
CA LEU A 444 -28.52 70.27 -13.33
C LEU A 444 -28.03 69.15 -14.25
N LEU A 445 -26.86 69.37 -14.86
CA LEU A 445 -26.15 68.38 -15.68
C LEU A 445 -27.00 67.90 -16.85
N GLY A 446 -27.88 68.78 -17.36
CA GLY A 446 -28.72 68.49 -18.50
C GLY A 446 -30.17 68.25 -18.10
N VAL A 447 -30.39 67.79 -16.86
CA VAL A 447 -31.72 67.46 -16.37
C VAL A 447 -32.49 68.74 -16.09
N GLY A 448 -33.68 68.84 -16.69
CA GLY A 448 -34.52 70.03 -16.55
C GLY A 448 -33.93 71.27 -17.24
N GLU A 449 -33.33 71.07 -18.42
CA GLU A 449 -32.32 71.95 -18.96
C GLU A 449 -31.08 71.84 -18.02
N SER A 456 -27.06 63.32 -28.73
CA SER A 456 -27.34 62.61 -29.99
C SER A 456 -26.57 61.28 -29.96
N ASN A 457 -27.32 60.17 -29.84
CA ASN A 457 -26.76 58.88 -29.51
C ASN A 457 -25.67 58.49 -30.49
N LEU A 458 -24.65 57.80 -30.00
CA LEU A 458 -23.61 57.27 -30.87
C LEU A 458 -24.24 56.29 -31.84
N TRP A 459 -25.18 55.46 -31.35
CA TRP A 459 -25.92 54.53 -32.21
C TRP A 459 -27.10 55.25 -32.87
N THR A 460 -27.03 55.38 -34.19
CA THR A 460 -28.10 55.97 -35.00
C THR A 460 -29.17 54.91 -35.26
N SER A 461 -30.32 55.37 -35.78
CA SER A 461 -31.41 54.48 -36.13
C SER A 461 -30.97 53.51 -37.22
N SER A 462 -30.25 54.05 -38.22
CA SER A 462 -29.75 53.25 -39.32
C SER A 462 -28.83 52.12 -38.81
N GLN A 463 -27.91 52.46 -37.89
CA GLN A 463 -27.01 51.48 -37.32
C GLN A 463 -27.75 50.44 -36.48
N LEU A 464 -28.75 50.89 -35.69
CA LEU A 464 -29.50 50.04 -34.78
C LEU A 464 -30.36 49.00 -35.52
N SER A 465 -30.59 49.19 -36.82
CA SER A 465 -31.45 48.27 -37.56
C SER A 465 -30.61 47.25 -38.35
N LEU A 466 -29.29 47.25 -38.14
CA LEU A 466 -28.42 46.24 -38.73
C LEU A 466 -28.62 44.92 -37.98
N THR A 467 -28.42 43.80 -38.70
CA THR A 467 -28.42 42.47 -38.10
C THR A 467 -27.06 41.83 -38.40
N ASN A 468 -26.86 40.62 -37.87
CA ASN A 468 -25.61 39.89 -38.09
C ASN A 468 -25.38 39.62 -39.58
N ASP A 469 -26.46 39.64 -40.37
CA ASP A 469 -26.38 39.38 -41.80
C ASP A 469 -25.74 40.57 -42.53
N ASP A 470 -25.67 41.73 -41.86
CA ASP A 470 -25.11 42.93 -42.45
C ASP A 470 -23.62 43.08 -42.14
N LEU A 471 -23.01 42.06 -41.49
CA LEU A 471 -21.58 42.07 -41.24
C LEU A 471 -20.85 41.34 -42.37
N ASN A 472 -19.55 41.62 -42.51
CA ASN A 472 -18.70 40.96 -43.49
C ASN A 472 -18.55 39.49 -43.07
N PRO A 473 -18.71 38.52 -43.99
CA PRO A 473 -18.49 37.12 -43.68
C PRO A 473 -17.16 36.80 -43.01
N ASN A 474 -16.15 37.65 -43.21
CA ASN A 474 -14.81 37.33 -42.75
C ASN A 474 -14.65 37.54 -41.23
N VAL A 475 -15.69 38.00 -40.52
CA VAL A 475 -15.63 38.18 -39.07
C VAL A 475 -16.16 36.94 -38.35
N ARG A 476 -16.74 36.00 -39.08
CA ARG A 476 -17.09 34.70 -38.55
C ARG A 476 -15.88 33.76 -38.66
N ASP A 477 -15.59 33.01 -37.57
CA ASP A 477 -14.41 32.17 -37.44
C ASP A 477 -13.17 32.85 -38.05
N GLU A 484 4.11 37.54 -33.24
CA GLU A 484 5.56 37.29 -32.99
C GLU A 484 6.02 38.12 -31.79
N VAL A 485 5.43 39.32 -31.61
CA VAL A 485 5.81 40.25 -30.54
C VAL A 485 5.33 39.76 -29.16
N SER A 486 4.32 38.89 -29.13
CA SER A 486 3.88 38.24 -27.90
C SER A 486 4.98 37.38 -27.29
N SER A 487 5.92 36.90 -28.12
CA SER A 487 7.01 36.00 -27.73
C SER A 487 8.37 36.68 -27.80
N GLY A 488 8.48 37.81 -28.52
CA GLY A 488 9.76 38.42 -28.85
C GLY A 488 10.14 38.20 -30.31
N ILE A 489 11.00 39.08 -30.83
CA ILE A 489 11.38 39.09 -32.24
C ILE A 489 12.90 38.86 -32.36
N LYS A 490 13.31 37.94 -33.25
CA LYS A 490 14.68 37.44 -33.31
C LYS A 490 15.60 38.41 -34.04
N GLN A 491 16.81 38.64 -33.48
CA GLN A 491 17.85 39.49 -34.05
C GLN A 491 19.20 39.17 -33.34
N SER B 12 8.79 69.10 -37.61
CA SER B 12 9.66 68.05 -36.99
C SER B 12 9.37 67.95 -35.49
N GLY B 13 8.34 67.18 -35.14
CA GLY B 13 8.10 66.79 -33.75
C GLY B 13 9.09 65.73 -33.26
N PHE B 14 9.00 65.40 -31.97
CA PHE B 14 9.84 64.41 -31.32
C PHE B 14 9.74 63.07 -32.04
N ASP B 15 10.89 62.40 -32.19
CA ASP B 15 10.99 61.13 -32.90
C ASP B 15 10.72 59.99 -31.91
N TYR B 16 9.45 59.61 -31.75
CA TYR B 16 9.03 58.59 -30.80
C TYR B 16 9.50 57.21 -31.24
N GLU B 17 9.46 56.95 -32.56
CA GLU B 17 9.84 55.65 -33.10
C GLU B 17 11.33 55.40 -32.87
N GLY B 18 12.17 56.44 -33.11
CA GLY B 18 13.61 56.32 -32.94
C GLY B 18 14.03 56.07 -31.50
N LEU B 19 13.30 56.64 -30.53
CA LEU B 19 13.61 56.43 -29.12
C LEU B 19 13.33 54.97 -28.76
N ILE B 20 12.22 54.43 -29.28
CA ILE B 20 11.82 53.06 -28.99
C ILE B 20 12.80 52.10 -29.67
N ASP B 21 13.17 52.39 -30.93
CA ASP B 21 14.09 51.59 -31.72
C ASP B 21 15.40 51.37 -30.97
N SER B 22 15.97 52.47 -30.44
CA SER B 22 17.30 52.41 -29.85
C SER B 22 17.24 51.86 -28.43
N GLU B 23 16.11 52.03 -27.73
CA GLU B 23 15.93 51.43 -26.41
C GLU B 23 15.86 49.90 -26.55
N LEU B 24 15.19 49.42 -27.61
CA LEU B 24 15.11 48.00 -27.89
C LEU B 24 16.48 47.49 -28.31
N GLN B 25 17.15 48.22 -29.21
CA GLN B 25 18.44 47.78 -29.74
C GLN B 25 19.48 47.67 -28.63
N LYS B 26 19.33 48.46 -27.57
CA LYS B 26 20.22 48.43 -26.41
C LYS B 26 20.07 47.09 -25.69
N LYS B 27 18.83 46.60 -25.57
CA LYS B 27 18.54 45.36 -24.89
C LYS B 27 19.07 44.17 -25.69
N ARG B 28 19.16 44.30 -27.03
CA ARG B 28 19.61 43.22 -27.88
C ARG B 28 21.13 43.06 -27.81
N LEU B 29 21.85 44.20 -27.78
CA LEU B 29 23.31 44.18 -27.81
C LEU B 29 23.85 43.68 -26.47
N ASP B 30 23.20 44.05 -25.35
CA ASP B 30 23.62 43.57 -24.05
C ASP B 30 22.99 42.21 -23.74
N LYS B 31 22.16 41.70 -24.66
CA LYS B 31 21.68 40.32 -24.67
C LYS B 31 20.78 40.04 -23.46
N SER B 32 20.02 41.06 -23.03
CA SER B 32 19.00 40.91 -22.01
C SER B 32 17.60 40.94 -22.64
N TYR B 33 17.54 40.97 -23.97
CA TYR B 33 16.27 40.89 -24.69
C TYR B 33 15.75 39.46 -24.58
N ARG B 34 14.55 39.30 -24.01
CA ARG B 34 14.03 37.98 -23.65
C ARG B 34 13.06 37.51 -24.74
N TYR B 35 13.26 36.25 -25.17
CA TYR B 35 12.34 35.53 -26.03
C TYR B 35 11.53 34.57 -25.17
N PHE B 36 10.21 34.56 -25.35
CA PHE B 36 9.37 33.67 -24.56
C PHE B 36 9.30 32.30 -25.24
N ASN B 37 9.04 31.29 -24.40
CA ASN B 37 8.88 29.91 -24.81
C ASN B 37 7.41 29.53 -24.70
N ASN B 38 6.90 28.90 -25.77
CA ASN B 38 5.54 28.39 -25.78
C ASN B 38 5.50 27.08 -24.99
N ILE B 39 4.93 27.16 -23.78
CA ILE B 39 4.93 26.07 -22.82
C ILE B 39 3.52 25.87 -22.29
N ASN B 40 2.94 24.70 -22.63
CA ASN B 40 1.54 24.41 -22.36
C ASN B 40 1.50 23.26 -21.37
N ARG B 41 1.26 23.59 -20.10
CA ARG B 41 1.33 22.59 -19.04
C ARG B 41 0.11 21.69 -19.12
N LEU B 42 0.34 20.37 -18.99
CA LEU B 42 -0.71 19.37 -19.06
C LEU B 42 -1.11 18.99 -17.64
N ALA B 43 -2.38 19.21 -17.29
CA ALA B 43 -2.88 18.90 -15.97
C ALA B 43 -3.01 17.39 -15.78
N LYS B 44 -3.10 16.64 -16.90
CA LYS B 44 -3.28 15.20 -16.83
C LYS B 44 -1.93 14.50 -16.87
N GLU B 45 -0.83 15.25 -16.94
CA GLU B 45 0.48 14.66 -17.01
C GLU B 45 1.52 15.55 -16.35
N PHE B 46 1.25 15.98 -15.12
CA PHE B 46 2.21 16.79 -14.38
C PHE B 46 3.52 16.01 -14.20
N PRO B 47 4.73 16.61 -14.37
CA PRO B 47 4.92 18.01 -14.78
C PRO B 47 5.38 18.16 -16.23
N LEU B 48 4.69 17.47 -17.14
CA LEU B 48 4.96 17.60 -18.55
C LEU B 48 4.21 18.80 -19.10
N ALA B 49 4.64 19.22 -20.31
CA ALA B 49 4.02 20.28 -21.07
C ALA B 49 4.32 20.03 -22.53
N HIS B 50 3.51 20.61 -23.43
CA HIS B 50 3.82 20.59 -24.85
C HIS B 50 4.19 21.99 -25.33
N ARG B 51 4.96 22.03 -26.43
CA ARG B 51 5.40 23.26 -27.05
C ARG B 51 4.35 23.69 -28.08
N GLN B 52 4.79 24.19 -29.23
CA GLN B 52 3.87 24.71 -30.24
C GLN B 52 2.92 23.58 -30.64
N ARG B 53 3.47 22.41 -30.99
CA ARG B 53 2.69 21.23 -31.36
C ARG B 53 2.48 20.37 -30.11
N GLU B 54 1.32 19.69 -30.04
CA GLU B 54 0.97 18.89 -28.88
C GLU B 54 1.86 17.65 -28.77
N ALA B 55 2.47 17.25 -29.90
CA ALA B 55 3.36 16.10 -29.94
C ALA B 55 4.69 16.36 -29.24
N ASP B 56 5.21 17.60 -29.30
CA ASP B 56 6.49 17.95 -28.68
C ASP B 56 6.30 18.21 -27.19
N LYS B 57 6.60 17.21 -26.36
CA LYS B 57 6.45 17.32 -24.92
C LYS B 57 7.82 17.52 -24.26
N VAL B 58 7.81 18.10 -23.07
CA VAL B 58 9.00 18.40 -22.30
C VAL B 58 8.62 18.30 -20.83
N THR B 59 9.63 18.06 -19.99
CA THR B 59 9.46 18.05 -18.56
C THR B 59 9.80 19.43 -18.01
N VAL B 60 8.87 19.96 -17.22
CA VAL B 60 8.99 21.31 -16.71
C VAL B 60 9.66 21.25 -15.35
N TRP B 61 10.79 21.97 -15.24
CA TRP B 61 11.60 21.94 -14.04
C TRP B 61 11.82 23.34 -13.48
N CYS B 62 11.05 24.33 -13.92
CA CYS B 62 11.26 25.69 -13.47
C CYS B 62 9.95 26.38 -13.16
N SER B 63 8.90 25.62 -12.91
CA SER B 63 7.59 26.20 -12.62
C SER B 63 7.55 26.60 -11.15
N ASN B 64 6.73 27.59 -10.81
CA ASN B 64 6.56 27.95 -9.42
C ASN B 64 5.28 27.32 -8.85
N ASP B 65 4.63 26.44 -9.62
CA ASP B 65 3.59 25.58 -9.13
C ASP B 65 4.23 24.53 -8.24
N TYR B 66 4.65 24.96 -7.05
CA TYR B 66 5.64 24.25 -6.22
C TYR B 66 5.08 22.94 -5.66
N LEU B 67 3.77 22.88 -5.42
CA LEU B 67 3.12 21.72 -4.82
C LEU B 67 2.24 20.97 -5.85
N ALA B 68 2.29 21.42 -7.11
CA ALA B 68 1.49 20.88 -8.19
C ALA B 68 0.00 20.96 -7.90
N LEU B 69 -0.42 21.99 -7.16
CA LEU B 69 -1.82 22.15 -6.81
C LEU B 69 -2.64 22.78 -7.96
N SER B 70 -1.97 23.29 -9.00
CA SER B 70 -2.65 23.83 -10.17
C SER B 70 -3.52 22.75 -10.83
N LYS B 71 -3.17 21.47 -10.67
CA LYS B 71 -3.90 20.39 -11.33
C LYS B 71 -4.59 19.50 -10.28
N HIS B 72 -4.66 19.94 -9.03
CA HIS B 72 -5.19 19.11 -7.97
C HIS B 72 -6.70 18.92 -8.15
N PRO B 73 -7.22 17.69 -7.99
CA PRO B 73 -8.65 17.44 -8.12
C PRO B 73 -9.54 18.40 -7.34
N GLU B 74 -9.17 18.75 -6.10
CA GLU B 74 -10.02 19.60 -5.29
C GLU B 74 -10.05 21.03 -5.84
N VAL B 75 -8.95 21.45 -6.48
CA VAL B 75 -8.86 22.77 -7.08
C VAL B 75 -9.70 22.81 -8.37
N LEU B 76 -9.51 21.81 -9.26
CA LEU B 76 -10.23 21.73 -10.52
C LEU B 76 -11.74 21.58 -10.29
N ASP B 77 -12.10 20.80 -9.27
CA ASP B 77 -13.50 20.57 -8.97
C ASP B 77 -14.15 21.87 -8.50
N ALA B 78 -13.45 22.61 -7.63
CA ALA B 78 -13.93 23.88 -7.10
C ALA B 78 -14.15 24.87 -8.23
N MET B 79 -13.22 24.91 -9.20
CA MET B 79 -13.36 25.78 -10.35
C MET B 79 -14.59 25.38 -11.18
N HIS B 80 -14.67 24.11 -11.57
CA HIS B 80 -15.75 23.64 -12.41
C HIS B 80 -17.11 23.94 -11.76
N LYS B 81 -17.25 23.66 -10.47
CA LYS B 81 -18.53 23.84 -9.77
C LYS B 81 -18.85 25.32 -9.59
N THR B 82 -17.81 26.15 -9.39
CA THR B 82 -18.01 27.57 -9.17
C THR B 82 -18.40 28.24 -10.51
N ILE B 83 -17.84 27.77 -11.62
CA ILE B 83 -18.16 28.30 -12.94
C ILE B 83 -19.64 28.02 -13.26
N ASP B 84 -20.11 26.82 -12.95
CA ASP B 84 -21.48 26.43 -13.28
C ASP B 84 -22.48 27.35 -12.59
N LYS B 85 -22.14 27.82 -11.38
CA LYS B 85 -23.01 28.65 -10.58
C LYS B 85 -22.82 30.14 -10.86
N TYR B 86 -21.57 30.60 -10.97
CA TYR B 86 -21.24 32.02 -11.00
C TYR B 86 -20.86 32.53 -12.40
N GLY B 87 -20.42 31.63 -13.28
CA GLY B 87 -19.91 32.03 -14.56
C GLY B 87 -18.41 32.29 -14.48
N CYS B 88 -17.93 33.13 -15.40
CA CYS B 88 -16.51 33.41 -15.54
C CYS B 88 -16.15 34.63 -14.69
N GLY B 89 -16.42 35.84 -15.19
CA GLY B 89 -16.08 37.07 -14.51
C GLY B 89 -16.94 37.35 -13.27
N ALA B 90 -16.40 38.14 -12.34
CA ALA B 90 -17.13 38.59 -11.17
C ALA B 90 -18.12 39.67 -11.59
N GLY B 91 -17.79 40.39 -12.67
CA GLY B 91 -18.67 41.37 -13.27
C GLY B 91 -18.78 42.63 -12.43
N GLY B 92 -17.69 43.05 -11.79
CA GLY B 92 -17.71 44.25 -10.97
C GLY B 92 -16.48 44.33 -10.07
N THR B 93 -16.41 45.44 -9.31
CA THR B 93 -15.36 45.64 -8.32
C THR B 93 -15.94 45.27 -6.95
N ARG B 94 -15.11 45.34 -5.91
CA ARG B 94 -15.56 44.97 -4.59
C ARG B 94 -16.63 45.93 -4.08
N ASN B 95 -16.63 47.18 -4.57
CA ASN B 95 -17.62 48.18 -4.16
C ASN B 95 -18.95 47.96 -4.89
N ILE B 96 -18.91 47.49 -6.14
CA ILE B 96 -20.09 47.42 -6.99
C ILE B 96 -20.14 46.05 -7.68
N ALA B 97 -21.00 45.17 -7.14
CA ALA B 97 -21.42 43.92 -7.78
C ALA B 97 -20.33 42.84 -7.80
N GLY B 98 -19.14 43.13 -7.25
CA GLY B 98 -18.01 42.20 -7.30
C GLY B 98 -17.53 41.74 -5.91
N HIS B 99 -18.45 41.80 -4.93
CA HIS B 99 -18.25 41.24 -3.61
C HIS B 99 -19.20 40.06 -3.43
N ASN B 100 -18.66 38.93 -2.94
CA ASN B 100 -19.29 37.63 -3.06
C ASN B 100 -18.69 36.63 -2.08
N ILE B 101 -19.33 35.45 -2.00
CA ILE B 101 -18.98 34.45 -1.02
C ILE B 101 -17.60 33.84 -1.32
N PRO B 102 -17.25 33.47 -2.58
CA PRO B 102 -15.90 32.97 -2.86
C PRO B 102 -14.79 33.90 -2.37
N THR B 103 -15.02 35.22 -2.47
CA THR B 103 -14.11 36.22 -1.94
C THR B 103 -14.05 36.09 -0.42
N LEU B 104 -15.22 36.09 0.25
CA LEU B 104 -15.26 36.03 1.70
C LEU B 104 -14.52 34.80 2.24
N ASN B 105 -14.68 33.66 1.56
CA ASN B 105 -14.07 32.41 1.97
C ASN B 105 -12.57 32.45 1.76
N LEU B 106 -12.11 33.03 0.65
CA LEU B 106 -10.68 33.08 0.35
C LEU B 106 -9.95 33.95 1.37
N GLU B 107 -10.51 35.11 1.70
CA GLU B 107 -9.90 36.01 2.67
C GLU B 107 -9.89 35.36 4.06
N ALA B 108 -10.98 34.68 4.43
CA ALA B 108 -11.03 34.03 5.73
C ALA B 108 -9.94 32.95 5.82
N GLU B 109 -9.74 32.18 4.74
CA GLU B 109 -8.74 31.11 4.73
C GLU B 109 -7.34 31.66 4.92
N LEU B 110 -7.06 32.79 4.29
CA LEU B 110 -5.73 33.37 4.30
C LEU B 110 -5.41 33.92 5.68
N ALA B 111 -6.43 34.53 6.32
CA ALA B 111 -6.30 35.00 7.69
C ALA B 111 -6.09 33.83 8.67
N THR B 112 -6.83 32.74 8.47
CA THR B 112 -6.68 31.54 9.30
C THR B 112 -5.27 30.97 9.16
N LEU B 113 -4.73 30.94 7.93
CA LEU B 113 -3.43 30.35 7.64
C LEU B 113 -2.32 31.05 8.41
N HIS B 114 -2.32 32.39 8.38
CA HIS B 114 -1.31 33.18 9.06
C HIS B 114 -1.75 33.57 10.48
N LYS B 115 -2.90 33.01 10.92
CA LYS B 115 -3.45 33.26 12.24
C LYS B 115 -3.49 34.76 12.54
N LYS B 116 -3.93 35.53 11.55
CA LYS B 116 -4.11 36.97 11.70
C LYS B 116 -5.61 37.30 11.76
N GLU B 117 -5.88 38.54 12.19
CA GLU B 117 -7.24 39.03 12.37
C GLU B 117 -7.94 39.19 11.02
N GLY B 118 -7.18 39.44 9.94
CA GLY B 118 -7.77 39.65 8.64
C GLY B 118 -6.78 39.44 7.50
N ALA B 119 -7.35 39.40 6.28
CA ALA B 119 -6.57 39.31 5.05
C ALA B 119 -7.36 39.97 3.93
N LEU B 120 -6.62 40.52 2.96
CA LEU B 120 -7.20 41.28 1.88
C LEU B 120 -6.62 40.78 0.56
N VAL B 121 -7.50 40.50 -0.41
CA VAL B 121 -7.08 39.91 -1.66
C VAL B 121 -7.01 40.99 -2.72
N PHE B 122 -5.92 40.94 -3.51
CA PHE B 122 -5.68 41.85 -4.62
C PHE B 122 -5.50 41.01 -5.89
N SER B 123 -5.44 41.69 -7.05
CA SER B 123 -5.24 41.06 -8.35
C SER B 123 -4.02 40.14 -8.34
N SER B 124 -2.99 40.55 -7.60
CA SER B 124 -1.69 39.88 -7.61
C SER B 124 -0.92 40.30 -6.38
N CYS B 125 0.14 39.56 -6.05
CA CYS B 125 1.01 40.00 -4.96
C CYS B 125 1.78 41.25 -5.40
N TYR B 126 2.12 41.36 -6.69
CA TYR B 126 2.77 42.56 -7.20
C TYR B 126 1.96 43.79 -6.82
N VAL B 127 0.65 43.72 -7.09
CA VAL B 127 -0.28 44.79 -6.75
C VAL B 127 -0.38 44.94 -5.23
N ALA B 128 -0.45 43.82 -4.49
CA ALA B 128 -0.57 43.88 -3.04
C ALA B 128 0.61 44.65 -2.44
N ASN B 129 1.82 44.31 -2.88
CA ASN B 129 3.05 44.92 -2.39
C ASN B 129 3.04 46.42 -2.70
N ASP B 130 2.71 46.77 -3.96
CA ASP B 130 2.72 48.14 -4.43
C ASP B 130 1.71 48.96 -3.64
N ALA B 131 0.56 48.34 -3.33
CA ALA B 131 -0.54 49.05 -2.68
C ALA B 131 -0.20 49.36 -1.23
N VAL B 132 0.29 48.36 -0.51
CA VAL B 132 0.58 48.50 0.91
C VAL B 132 1.77 49.44 1.13
N LEU B 133 2.85 49.25 0.37
CA LEU B 133 4.03 50.10 0.49
C LEU B 133 3.73 51.54 0.08
N SER B 134 2.96 51.70 -1.02
CA SER B 134 2.53 53.01 -1.47
C SER B 134 1.80 53.77 -0.37
N LEU B 135 0.86 53.07 0.28
CA LEU B 135 -0.06 53.71 1.22
C LEU B 135 0.69 54.12 2.48
N LEU B 136 1.57 53.24 2.97
CA LEU B 136 2.33 53.52 4.17
C LEU B 136 3.13 54.81 3.99
N GLY B 137 3.76 55.00 2.82
CA GLY B 137 4.60 56.16 2.58
C GLY B 137 3.78 57.43 2.28
N GLN B 138 2.56 57.24 1.80
CA GLN B 138 1.72 58.36 1.41
C GLN B 138 1.05 58.94 2.65
N LYS B 139 0.83 58.11 3.69
CA LYS B 139 0.13 58.53 4.88
C LYS B 139 1.10 58.81 6.04
N MET B 140 2.36 58.42 5.87
CA MET B 140 3.43 58.80 6.80
C MET B 140 4.60 59.34 5.97
N LYS B 141 4.62 60.65 5.76
CA LYS B 141 5.60 61.27 4.88
C LYS B 141 6.98 61.24 5.54
N ASP B 142 6.99 61.07 6.87
CA ASP B 142 8.21 61.05 7.66
C ASP B 142 8.82 59.67 7.74
N LEU B 143 8.18 58.68 7.14
CA LEU B 143 8.58 57.28 7.24
C LEU B 143 9.97 57.08 6.64
N VAL B 144 10.76 56.23 7.29
CA VAL B 144 12.01 55.77 6.71
C VAL B 144 11.87 54.27 6.46
N ILE B 145 12.12 53.85 5.20
CA ILE B 145 12.01 52.45 4.83
C ILE B 145 13.41 51.86 4.74
N PHE B 146 13.57 50.70 5.39
CA PHE B 146 14.79 49.92 5.33
C PHE B 146 14.47 48.66 4.52
N SER B 147 15.15 48.57 3.37
CA SER B 147 14.81 47.59 2.35
C SER B 147 16.03 46.71 2.10
N ASP B 148 15.83 45.38 2.08
CA ASP B 148 16.89 44.46 1.74
C ASP B 148 17.28 44.65 0.27
N GLU B 149 18.60 44.63 0.02
CA GLU B 149 19.20 44.76 -1.29
C GLU B 149 18.47 43.93 -2.35
N LEU B 150 18.11 42.68 -2.03
CA LEU B 150 17.68 41.75 -3.06
C LEU B 150 16.15 41.65 -3.13
N ASN B 151 15.43 42.64 -2.57
CA ASN B 151 13.97 42.64 -2.63
C ASN B 151 13.50 42.60 -4.09
N HIS B 152 12.30 42.03 -4.26
CA HIS B 152 11.66 41.82 -5.55
C HIS B 152 11.26 43.16 -6.17
N ALA B 153 11.11 43.16 -7.51
CA ALA B 153 10.80 44.36 -8.26
C ALA B 153 9.57 45.06 -7.68
N SER B 154 8.56 44.27 -7.29
CA SER B 154 7.30 44.81 -6.80
C SER B 154 7.52 45.64 -5.54
N MET B 155 8.42 45.19 -4.66
CA MET B 155 8.70 45.93 -3.43
C MET B 155 9.50 47.19 -3.73
N ILE B 156 10.41 47.12 -4.72
CA ILE B 156 11.20 48.26 -5.14
C ILE B 156 10.27 49.35 -5.66
N VAL B 157 9.31 48.95 -6.50
CA VAL B 157 8.37 49.88 -7.11
C VAL B 157 7.50 50.48 -6.02
N GLY B 158 7.01 49.64 -5.09
CA GLY B 158 6.15 50.09 -4.00
C GLY B 158 6.87 51.09 -3.08
N ILE B 159 8.16 50.85 -2.84
CA ILE B 159 8.96 51.74 -2.03
C ILE B 159 9.22 53.04 -2.79
N LYS B 160 9.43 52.98 -4.10
CA LYS B 160 9.62 54.20 -4.88
C LYS B 160 8.34 55.05 -4.79
N HIS B 161 7.19 54.39 -5.01
CA HIS B 161 5.88 55.00 -4.97
C HIS B 161 5.54 55.53 -3.58
N ALA B 162 6.04 54.87 -2.52
CA ALA B 162 5.87 55.35 -1.16
C ALA B 162 6.35 56.80 -1.05
N ASN B 163 7.42 57.11 -1.78
CA ASN B 163 7.92 58.46 -1.91
C ASN B 163 8.31 59.02 -0.54
N VAL B 164 9.25 58.32 0.12
CA VAL B 164 9.79 58.71 1.42
C VAL B 164 11.28 58.38 1.42
N LYS B 165 11.94 58.58 2.55
CA LYS B 165 13.35 58.22 2.67
C LYS B 165 13.48 56.70 2.69
N LYS B 166 14.53 56.17 2.06
CA LYS B 166 14.81 54.73 2.07
C LYS B 166 16.31 54.47 2.25
N HIS B 167 16.63 53.37 2.94
CA HIS B 167 17.99 52.86 3.02
C HIS B 167 17.97 51.40 2.59
N ILE B 168 18.93 51.04 1.74
CA ILE B 168 19.08 49.68 1.24
C ILE B 168 20.22 49.01 2.00
N PHE B 169 19.92 48.01 2.84
CA PHE B 169 20.95 47.29 3.57
C PHE B 169 21.42 46.10 2.74
N LYS B 170 22.72 45.79 2.81
CA LYS B 170 23.29 44.64 2.12
C LYS B 170 22.53 43.38 2.51
N HIS B 171 22.45 42.42 1.58
CA HIS B 171 21.61 41.23 1.71
C HIS B 171 21.82 40.54 3.04
N ASN B 172 20.75 40.49 3.84
CA ASN B 172 20.71 39.81 5.14
C ASN B 172 21.74 40.32 6.14
N ASP B 173 22.32 41.50 5.91
CA ASP B 173 23.32 42.04 6.82
C ASP B 173 22.62 42.82 7.92
N LEU B 174 22.33 42.17 9.06
CA LEU B 174 21.52 42.78 10.11
C LEU B 174 22.39 43.65 11.03
N ASN B 175 23.71 43.61 10.86
CA ASN B 175 24.60 44.61 11.43
C ASN B 175 24.33 45.95 10.76
N GLU B 176 24.42 45.97 9.43
CA GLU B 176 24.18 47.19 8.66
C GLU B 176 22.76 47.71 8.95
N LEU B 177 21.79 46.80 9.07
CA LEU B 177 20.42 47.18 9.37
C LEU B 177 20.40 47.90 10.72
N GLU B 178 21.05 47.31 11.74
CA GLU B 178 21.00 47.89 13.07
C GLU B 178 21.66 49.26 13.06
N GLN B 179 22.75 49.41 12.29
CA GLN B 179 23.50 50.67 12.23
C GLN B 179 22.63 51.77 11.60
N LEU B 180 21.81 51.40 10.61
CA LEU B 180 20.94 52.35 9.96
C LEU B 180 19.80 52.70 10.92
N LEU B 181 19.22 51.69 11.57
CA LEU B 181 18.10 51.89 12.49
C LEU B 181 18.51 52.80 13.64
N GLN B 182 19.73 52.59 14.14
CA GLN B 182 20.25 53.31 15.30
C GLN B 182 20.33 54.81 15.06
N SER B 183 20.61 55.20 13.81
CA SER B 183 20.99 56.58 13.51
C SER B 183 19.77 57.50 13.47
N TYR B 184 18.55 56.94 13.64
CA TYR B 184 17.34 57.72 13.80
C TYR B 184 16.84 57.63 15.23
N PRO B 185 16.21 58.69 15.77
CA PRO B 185 15.47 58.57 17.02
C PRO B 185 14.43 57.46 16.94
N LYS B 186 13.97 57.00 18.11
CA LYS B 186 13.02 55.90 18.14
C LYS B 186 11.66 56.35 17.60
N SER B 187 11.32 57.64 17.82
CA SER B 187 9.98 58.14 17.54
C SER B 187 9.71 58.27 16.05
N VAL B 188 10.77 58.28 15.23
CA VAL B 188 10.62 58.37 13.79
C VAL B 188 9.93 57.11 13.31
N PRO B 189 8.86 57.21 12.50
CA PRO B 189 8.21 56.01 11.95
C PRO B 189 9.14 55.31 10.96
N LYS B 190 9.13 53.98 10.99
CA LYS B 190 10.07 53.21 10.20
C LYS B 190 9.38 51.94 9.69
N LEU B 191 9.84 51.46 8.53
CA LEU B 191 9.39 50.18 8.00
C LEU B 191 10.59 49.34 7.60
N ILE B 192 10.59 48.06 8.04
CA ILE B 192 11.58 47.13 7.54
C ILE B 192 10.87 46.17 6.60
N ALA B 193 11.34 46.17 5.34
CA ALA B 193 10.73 45.44 4.25
C ALA B 193 11.71 44.43 3.69
N PHE B 194 11.31 43.17 3.72
CA PHE B 194 12.18 42.04 3.35
C PHE B 194 11.33 40.85 2.93
N GLU B 195 12.00 39.84 2.34
CA GLU B 195 11.39 38.58 1.96
C GLU B 195 11.81 37.50 2.95
N SER B 196 10.99 36.47 3.09
CA SER B 196 11.34 35.31 3.91
C SER B 196 12.30 34.41 3.13
N VAL B 197 11.91 34.06 1.90
CA VAL B 197 12.77 33.29 1.02
C VAL B 197 13.00 34.09 -0.24
N TYR B 198 14.26 34.25 -0.63
CA TYR B 198 14.61 34.95 -1.85
C TYR B 198 14.79 33.92 -2.95
N SER B 199 14.20 34.19 -4.12
CA SER B 199 13.96 33.12 -5.05
C SER B 199 15.17 32.82 -5.93
N MET B 200 16.15 33.73 -6.01
CA MET B 200 17.13 33.62 -7.08
C MET B 200 18.31 32.78 -6.63
N ALA B 201 18.52 32.65 -5.32
CA ALA B 201 19.47 31.68 -4.81
C ALA B 201 18.96 30.99 -3.56
N GLY B 202 17.74 31.30 -3.13
CA GLY B 202 17.08 30.52 -2.10
C GLY B 202 17.56 30.85 -0.68
N SER B 203 18.14 32.05 -0.48
CA SER B 203 18.54 32.47 0.85
C SER B 203 17.30 32.75 1.70
N VAL B 204 17.50 32.80 3.02
CA VAL B 204 16.41 32.95 3.96
C VAL B 204 16.73 34.05 4.97
N ALA B 205 15.70 34.77 5.40
CA ALA B 205 15.89 35.87 6.34
C ALA B 205 15.78 35.35 7.76
N ASP B 206 16.54 35.99 8.66
CA ASP B 206 16.39 35.75 10.08
C ASP B 206 15.25 36.63 10.58
N ILE B 207 14.02 36.14 10.43
CA ILE B 207 12.83 36.92 10.69
C ILE B 207 12.78 37.28 12.18
N GLU B 208 13.17 36.33 13.04
CA GLU B 208 13.12 36.54 14.47
C GLU B 208 13.98 37.73 14.88
N LYS B 209 15.22 37.80 14.35
CA LYS B 209 16.15 38.85 14.71
C LYS B 209 15.70 40.19 14.14
N ILE B 210 15.02 40.17 13.00
CA ILE B 210 14.53 41.40 12.39
C ILE B 210 13.39 41.95 13.23
N CYS B 211 12.51 41.08 13.73
CA CYS B 211 11.42 41.49 14.61
C CYS B 211 11.98 42.06 15.91
N ASP B 212 13.09 41.50 16.39
CA ASP B 212 13.74 42.02 17.59
C ASP B 212 14.24 43.44 17.32
N LEU B 213 14.89 43.66 16.18
CA LEU B 213 15.39 44.98 15.78
C LEU B 213 14.22 45.95 15.68
N ALA B 214 13.12 45.49 15.10
CA ALA B 214 11.94 46.32 14.92
C ALA B 214 11.37 46.73 16.27
N ASP B 215 11.34 45.81 17.25
CA ASP B 215 10.89 46.14 18.60
C ASP B 215 11.78 47.24 19.17
N LYS B 216 13.09 47.11 18.97
CA LYS B 216 14.05 47.97 19.64
C LYS B 216 14.00 49.39 19.09
N TYR B 217 13.90 49.53 17.75
CA TYR B 217 13.99 50.83 17.09
C TYR B 217 12.63 51.33 16.61
N GLY B 218 11.56 50.65 17.03
CA GLY B 218 10.19 51.15 16.87
C GLY B 218 9.71 51.17 15.43
N ALA B 219 9.91 50.05 14.71
CA ALA B 219 9.58 49.96 13.29
C ALA B 219 8.46 48.96 13.06
N LEU B 220 7.74 49.13 11.95
CA LEU B 220 6.81 48.13 11.43
C LEU B 220 7.58 47.14 10.57
N THR B 221 7.09 45.90 10.51
CA THR B 221 7.70 44.89 9.67
C THR B 221 6.76 44.54 8.52
N PHE B 222 7.37 44.41 7.34
CA PHE B 222 6.68 44.01 6.12
C PHE B 222 7.44 42.83 5.54
N LEU B 223 6.76 41.67 5.49
CA LEU B 223 7.36 40.41 5.12
C LEU B 223 6.63 39.82 3.91
N ASP B 224 7.37 39.66 2.81
CA ASP B 224 6.91 38.97 1.61
C ASP B 224 7.28 37.50 1.72
N GLU B 225 6.27 36.63 1.85
CA GLU B 225 6.46 35.20 2.03
C GLU B 225 6.08 34.45 0.76
N VAL B 226 6.27 35.09 -0.40
CA VAL B 226 5.75 34.58 -1.65
C VAL B 226 6.35 33.20 -1.96
N HIS B 227 7.63 33.02 -1.65
CA HIS B 227 8.32 31.80 -1.99
C HIS B 227 8.36 30.85 -0.81
N ALA B 228 7.49 31.08 0.17
CA ALA B 228 7.49 30.28 1.40
C ALA B 228 6.11 29.67 1.67
N VAL B 229 5.03 30.40 1.32
CA VAL B 229 3.71 29.90 1.63
C VAL B 229 3.45 28.62 0.82
N GLY B 230 2.94 27.60 1.52
CA GLY B 230 2.80 26.27 0.98
C GLY B 230 3.94 25.33 1.39
N LEU B 231 5.11 25.92 1.69
CA LEU B 231 6.36 25.19 1.67
C LEU B 231 7.00 25.08 3.05
N TYR B 232 6.77 26.06 3.93
CA TYR B 232 7.44 26.07 5.22
C TYR B 232 6.41 26.16 6.34
N GLY B 233 6.76 25.61 7.49
CA GLY B 233 5.81 25.48 8.58
C GLY B 233 5.00 24.19 8.43
N PRO B 234 4.43 23.66 9.54
CA PRO B 234 3.62 22.45 9.46
C PRO B 234 2.41 22.58 8.54
N HIS B 235 1.90 23.82 8.38
CA HIS B 235 0.68 24.01 7.62
C HIS B 235 0.94 24.81 6.35
N GLY B 236 2.22 25.09 6.03
CA GLY B 236 2.56 25.85 4.83
C GLY B 236 2.26 27.33 4.97
N ALA B 237 2.28 27.85 6.21
CA ALA B 237 1.96 29.24 6.47
C ALA B 237 3.21 30.11 6.25
N GLY B 238 4.39 29.48 6.10
CA GLY B 238 5.60 30.16 5.68
C GLY B 238 6.73 29.99 6.69
N VAL B 239 7.82 30.73 6.47
CA VAL B 239 9.01 30.63 7.30
C VAL B 239 8.69 31.20 8.68
N ALA B 240 7.80 32.20 8.74
CA ALA B 240 7.42 32.76 10.03
C ALA B 240 6.77 31.67 10.89
N GLU B 241 6.00 30.77 10.25
CA GLU B 241 5.37 29.67 10.97
C GLU B 241 6.44 28.66 11.37
N HIS B 242 7.40 28.43 10.46
CA HIS B 242 8.45 27.43 10.66
C HIS B 242 9.30 27.81 11.88
N CYS B 243 9.47 29.11 12.09
CA CYS B 243 10.24 29.63 13.22
C CYS B 243 9.68 29.12 14.53
N ASP B 244 8.37 28.80 14.59
CA ASP B 244 7.80 28.22 15.79
C ASP B 244 7.07 26.94 15.41
N PHE B 245 7.77 26.08 14.66
CA PHE B 245 7.19 24.91 14.03
C PHE B 245 6.39 24.08 15.03
N GLU B 246 6.98 23.78 16.19
CA GLU B 246 6.39 22.85 17.13
C GLU B 246 5.19 23.47 17.83
N SER B 247 5.29 24.76 18.16
CA SER B 247 4.19 25.48 18.79
C SER B 247 2.96 25.47 17.87
N HIS B 248 3.18 25.71 16.58
CA HIS B 248 2.10 25.80 15.61
C HIS B 248 1.53 24.41 15.33
N ARG B 249 2.42 23.42 15.21
CA ARG B 249 1.99 22.05 14.95
C ARG B 249 1.13 21.56 16.11
N ALA B 250 1.52 21.86 17.35
CA ALA B 250 0.76 21.42 18.50
C ALA B 250 -0.64 22.03 18.51
N SER B 251 -0.74 23.34 18.26
CA SER B 251 -2.00 24.05 18.36
C SER B 251 -2.83 23.93 17.07
N GLY B 252 -2.17 23.67 15.93
CA GLY B 252 -2.85 23.53 14.66
C GLY B 252 -3.44 24.85 14.16
N ILE B 253 -4.77 24.89 14.04
CA ILE B 253 -5.51 26.04 13.55
C ILE B 253 -5.41 27.19 14.56
N ALA B 254 -5.36 26.85 15.86
CA ALA B 254 -5.48 27.85 16.93
C ALA B 254 -4.17 28.59 17.14
N THR B 255 -4.25 29.75 17.81
CA THR B 255 -3.05 30.47 18.20
C THR B 255 -2.34 29.72 19.32
N PRO B 256 -1.02 29.48 19.23
CA PRO B 256 -0.29 28.78 20.29
C PRO B 256 -0.31 29.55 21.60
N LYS B 257 -0.28 28.83 22.73
CA LYS B 257 -0.23 29.47 24.04
C LYS B 257 1.15 30.09 24.24
N THR B 258 2.20 29.50 23.63
CA THR B 258 3.56 30.03 23.71
C THR B 258 4.29 29.75 22.41
N ASN B 259 5.43 30.44 22.22
CA ASN B 259 6.30 30.19 21.10
C ASN B 259 7.22 29.02 21.46
N ASP B 260 8.18 28.73 20.57
CA ASP B 260 9.04 27.56 20.69
C ASP B 260 10.09 27.74 21.78
N LYS B 261 10.22 28.94 22.35
CA LYS B 261 11.12 29.18 23.47
C LYS B 261 10.36 29.43 24.77
N GLY B 262 9.05 29.19 24.77
CA GLY B 262 8.24 29.36 25.96
C GLY B 262 7.78 30.81 26.15
N GLY B 263 8.10 31.69 25.19
CA GLY B 263 7.74 33.09 25.27
C GLY B 263 6.28 33.33 24.88
N ALA B 264 5.85 34.59 24.97
CA ALA B 264 4.44 34.94 24.85
C ALA B 264 3.93 34.90 23.39
N LYS B 265 4.73 35.39 22.43
CA LYS B 265 4.25 35.62 21.07
C LYS B 265 5.11 34.88 20.04
N THR B 266 4.45 34.35 19.00
CA THR B 266 5.15 33.68 17.91
C THR B 266 5.75 34.73 16.97
N VAL B 267 6.67 34.28 16.12
CA VAL B 267 7.27 35.18 15.12
C VAL B 267 6.20 35.62 14.12
N MET B 268 5.29 34.70 13.77
CA MET B 268 4.24 35.02 12.82
C MET B 268 3.29 36.07 13.42
N ASP B 269 3.03 35.99 14.73
CA ASP B 269 2.16 36.96 15.39
C ASP B 269 2.80 38.35 15.37
N ARG B 270 4.13 38.42 15.52
CA ARG B 270 4.85 39.67 15.72
C ARG B 270 5.01 40.45 14.41
N VAL B 271 5.02 39.77 13.25
CA VAL B 271 5.15 40.44 11.98
C VAL B 271 3.86 41.23 11.71
N ASP B 272 4.00 42.52 11.37
CA ASP B 272 2.86 43.40 11.23
C ASP B 272 2.07 43.09 9.96
N MET B 273 2.79 42.89 8.85
CA MET B 273 2.19 42.71 7.54
C MET B 273 2.91 41.59 6.77
N ILE B 274 2.15 40.57 6.35
CA ILE B 274 2.66 39.47 5.56
C ILE B 274 1.93 39.47 4.21
N THR B 275 2.69 39.49 3.11
CA THR B 275 2.11 39.35 1.78
C THR B 275 2.48 37.99 1.21
N GLY B 276 1.58 37.47 0.38
CA GLY B 276 1.78 36.23 -0.35
C GLY B 276 1.10 36.26 -1.71
N THR B 277 1.32 35.22 -2.51
CA THR B 277 0.70 35.06 -3.81
C THR B 277 -0.22 33.86 -3.75
N LEU B 278 -1.27 33.89 -4.60
CA LEU B 278 -2.08 32.73 -4.88
C LEU B 278 -1.57 32.02 -6.14
N GLY B 279 -0.51 32.56 -6.78
CA GLY B 279 -0.10 32.17 -8.12
C GLY B 279 1.10 31.22 -8.18
N LYS B 280 1.52 30.69 -7.04
CA LYS B 280 2.62 29.75 -6.98
C LYS B 280 2.15 28.45 -6.32
N SER B 281 2.47 28.27 -5.05
CA SER B 281 2.10 27.06 -4.33
C SER B 281 0.59 26.83 -4.36
N PHE B 282 -0.21 27.91 -4.39
CA PHE B 282 -1.66 27.75 -4.29
C PHE B 282 -2.33 27.62 -5.66
N GLY B 283 -1.53 27.55 -6.72
CA GLY B 283 -1.95 26.99 -8.01
C GLY B 283 -3.07 27.79 -8.69
N SER B 284 -3.07 29.12 -8.54
CA SER B 284 -4.10 29.92 -9.17
C SER B 284 -3.51 31.25 -9.60
N VAL B 285 -4.10 32.37 -9.13
CA VAL B 285 -3.59 33.71 -9.41
C VAL B 285 -4.16 34.64 -8.36
N GLY B 286 -3.43 35.72 -8.04
CA GLY B 286 -3.88 36.67 -7.04
C GLY B 286 -2.80 36.94 -6.01
N GLY B 287 -3.08 37.91 -5.13
CA GLY B 287 -2.18 38.24 -4.04
C GLY B 287 -2.97 38.68 -2.83
N TYR B 288 -2.28 38.78 -1.70
CA TYR B 288 -2.95 39.12 -0.46
C TYR B 288 -1.94 39.72 0.52
N VAL B 289 -2.52 40.39 1.53
CA VAL B 289 -1.79 40.74 2.73
C VAL B 289 -2.62 40.26 3.91
N ALA B 290 -1.93 39.72 4.92
CA ALA B 290 -2.56 39.36 6.17
C ALA B 290 -2.00 40.26 7.27
N ALA B 291 -2.89 40.72 8.15
CA ALA B 291 -2.52 41.69 9.18
C ALA B 291 -3.68 41.89 10.16
N SER B 292 -3.53 42.90 11.04
CA SER B 292 -4.56 43.25 11.99
C SER B 292 -5.82 43.74 11.26
N ARG B 293 -6.96 43.63 11.95
CA ARG B 293 -8.24 44.12 11.46
C ARG B 293 -8.08 45.56 11.00
N LYS B 294 -7.39 46.38 11.80
CA LYS B 294 -7.29 47.81 11.54
C LYS B 294 -6.49 48.04 10.26
N LEU B 295 -5.32 47.40 10.12
CA LEU B 295 -4.50 47.56 8.94
C LEU B 295 -5.28 47.13 7.69
N ILE B 296 -6.03 46.03 7.78
CA ILE B 296 -6.72 45.47 6.63
C ILE B 296 -7.82 46.43 6.19
N ASP B 297 -8.57 46.96 7.15
CA ASP B 297 -9.66 47.88 6.89
C ASP B 297 -9.12 49.17 6.26
N TRP B 298 -7.90 49.55 6.69
CA TRP B 298 -7.20 50.71 6.19
C TRP B 298 -6.88 50.54 4.70
N PHE B 299 -6.20 49.44 4.36
CA PHE B 299 -5.84 49.17 2.97
C PHE B 299 -7.10 49.12 2.11
N ARG B 300 -8.11 48.40 2.60
CA ARG B 300 -9.36 48.22 1.88
C ARG B 300 -10.03 49.56 1.57
N SER B 301 -9.94 50.51 2.51
CA SER B 301 -10.66 51.77 2.42
C SER B 301 -9.90 52.82 1.60
N PHE B 302 -8.59 52.66 1.40
CA PHE B 302 -7.76 53.73 0.83
C PHE B 302 -6.88 53.28 -0.34
N ALA B 303 -6.66 51.98 -0.55
CA ALA B 303 -5.71 51.55 -1.57
C ALA B 303 -6.33 51.58 -2.96
N PRO B 304 -5.92 52.50 -3.86
CA PRO B 304 -6.56 52.61 -5.17
C PRO B 304 -6.44 51.36 -6.03
N GLY B 305 -5.35 50.61 -5.86
CA GLY B 305 -5.11 49.39 -6.62
C GLY B 305 -5.98 48.22 -6.14
N PHE B 306 -6.65 48.42 -5.00
CA PHE B 306 -7.64 47.49 -4.49
C PHE B 306 -9.04 47.90 -4.96
N ILE B 307 -9.35 49.21 -4.86
CA ILE B 307 -10.69 49.74 -5.00
C ILE B 307 -11.16 49.72 -6.46
N PHE B 308 -10.29 50.18 -7.37
CA PHE B 308 -10.69 50.59 -8.71
C PHE B 308 -10.27 49.55 -9.74
N THR B 309 -10.53 48.26 -9.47
CA THR B 309 -10.22 47.20 -10.42
C THR B 309 -11.23 46.07 -10.24
N THR B 310 -11.54 45.38 -11.34
CA THR B 310 -12.46 44.26 -11.33
C THR B 310 -11.94 43.20 -10.37
N THR B 311 -12.85 42.63 -9.58
CA THR B 311 -12.55 41.52 -8.68
C THR B 311 -12.15 40.29 -9.48
N LEU B 312 -11.30 39.44 -8.89
CA LEU B 312 -10.87 38.22 -9.56
C LEU B 312 -12.07 37.32 -9.79
N PRO B 313 -12.06 36.49 -10.87
CA PRO B 313 -13.12 35.51 -11.09
C PRO B 313 -13.44 34.67 -9.85
N PRO B 314 -14.72 34.47 -9.49
CA PRO B 314 -15.08 33.58 -8.39
C PRO B 314 -14.41 32.21 -8.44
N SER B 315 -14.28 31.63 -9.65
CA SER B 315 -13.76 30.30 -9.83
C SER B 315 -12.27 30.24 -9.47
N VAL B 316 -11.56 31.33 -9.72
CA VAL B 316 -10.12 31.38 -9.46
C VAL B 316 -9.90 31.47 -7.95
N MET B 317 -10.82 32.16 -7.25
CA MET B 317 -10.77 32.27 -5.81
C MET B 317 -11.12 30.94 -5.16
N ALA B 318 -12.14 30.29 -5.68
CA ALA B 318 -12.56 28.99 -5.17
C ALA B 318 -11.41 28.00 -5.30
N GLY B 319 -10.71 28.07 -6.44
CA GLY B 319 -9.57 27.21 -6.70
C GLY B 319 -8.47 27.38 -5.65
N ALA B 320 -8.08 28.64 -5.43
CA ALA B 320 -7.07 29.00 -4.45
C ALA B 320 -7.49 28.52 -3.06
N THR B 321 -8.77 28.78 -2.70
CA THR B 321 -9.28 28.42 -1.38
C THR B 321 -9.13 26.91 -1.14
N ALA B 322 -9.46 26.10 -2.15
CA ALA B 322 -9.33 24.65 -2.05
C ALA B 322 -7.86 24.24 -1.93
N ALA B 323 -6.98 24.92 -2.68
CA ALA B 323 -5.55 24.65 -2.62
C ALA B 323 -5.04 24.92 -1.19
N ILE B 324 -5.48 26.03 -0.61
CA ILE B 324 -5.04 26.43 0.73
C ILE B 324 -5.56 25.43 1.78
N ARG B 325 -6.85 25.06 1.70
CA ARG B 325 -7.44 24.15 2.67
C ARG B 325 -6.75 22.80 2.66
N TYR B 326 -6.42 22.34 1.46
CA TYR B 326 -5.87 21.01 1.26
C TYR B 326 -4.45 20.92 1.79
N GLN B 327 -3.60 21.87 1.37
CA GLN B 327 -2.19 21.84 1.75
C GLN B 327 -2.05 22.09 3.26
N ARG B 328 -3.01 22.79 3.88
CA ARG B 328 -2.91 23.08 5.30
C ARG B 328 -2.75 21.79 6.09
N CYS B 329 -3.48 20.73 5.70
CA CYS B 329 -3.48 19.49 6.45
C CYS B 329 -2.81 18.36 5.69
N HIS B 330 -1.94 18.70 4.73
CA HIS B 330 -1.22 17.72 3.93
C HIS B 330 0.26 18.07 3.91
N ILE B 331 0.91 17.83 5.06
CA ILE B 331 2.34 18.09 5.23
C ILE B 331 3.16 17.16 4.33
N ASP B 332 2.55 16.10 3.81
CA ASP B 332 3.20 15.21 2.86
C ASP B 332 3.67 16.00 1.64
N LEU B 333 2.96 17.08 1.29
CA LEU B 333 3.35 17.87 0.14
C LEU B 333 4.75 18.45 0.37
N ARG B 334 5.00 18.93 1.60
CA ARG B 334 6.24 19.62 1.94
C ARG B 334 7.40 18.63 2.10
N THR B 335 7.15 17.53 2.82
CA THR B 335 8.21 16.57 3.07
C THR B 335 8.63 15.97 1.74
N SER B 336 7.63 15.70 0.90
CA SER B 336 7.83 15.13 -0.41
C SER B 336 8.75 16.04 -1.23
N GLN B 337 8.38 17.32 -1.30
CA GLN B 337 9.12 18.28 -2.10
C GLN B 337 10.55 18.47 -1.57
N GLN B 338 10.67 18.59 -0.24
CA GLN B 338 11.97 18.72 0.39
C GLN B 338 12.87 17.53 0.02
N LYS B 339 12.31 16.31 0.04
CA LYS B 339 13.07 15.12 -0.26
C LYS B 339 13.51 15.11 -1.73
N HIS B 340 12.61 15.54 -2.61
CA HIS B 340 12.91 15.56 -4.03
C HIS B 340 14.03 16.56 -4.29
N THR B 341 13.99 17.70 -3.58
CA THR B 341 14.99 18.73 -3.73
C THR B 341 16.35 18.21 -3.27
N MET B 342 16.36 17.67 -2.04
CA MET B 342 17.61 17.18 -1.46
C MET B 342 18.23 16.13 -2.39
N TYR B 343 17.38 15.30 -3.01
CA TYR B 343 17.84 14.25 -3.90
C TYR B 343 18.59 14.87 -5.09
N VAL B 344 18.03 15.91 -5.69
CA VAL B 344 18.66 16.50 -6.86
C VAL B 344 19.96 17.20 -6.44
N LYS B 345 19.88 17.96 -5.35
CA LYS B 345 21.04 18.66 -4.82
C LYS B 345 22.20 17.70 -4.55
N LYS B 346 21.90 16.56 -3.93
CA LYS B 346 22.94 15.62 -3.54
C LYS B 346 23.56 14.97 -4.77
N ALA B 347 22.74 14.72 -5.79
CA ALA B 347 23.23 14.12 -7.02
C ALA B 347 24.15 15.08 -7.76
N PHE B 348 23.76 16.37 -7.78
CA PHE B 348 24.57 17.40 -8.41
C PHE B 348 25.88 17.54 -7.66
N HIS B 349 25.83 17.42 -6.33
CA HIS B 349 27.03 17.58 -5.52
C HIS B 349 28.03 16.50 -5.91
N GLU B 350 27.54 15.27 -6.13
CA GLU B 350 28.42 14.16 -6.45
C GLU B 350 29.00 14.30 -7.86
N LEU B 351 28.29 14.97 -8.76
CA LEU B 351 28.74 15.10 -10.15
C LEU B 351 29.53 16.40 -10.30
N GLY B 352 29.66 17.17 -9.21
CA GLY B 352 30.37 18.43 -9.26
C GLY B 352 29.65 19.47 -10.12
N ILE B 353 28.32 19.35 -10.17
CA ILE B 353 27.49 20.36 -10.82
C ILE B 353 27.21 21.45 -9.78
N PRO B 354 27.66 22.70 -10.04
CA PRO B 354 27.68 23.74 -9.03
C PRO B 354 26.29 24.27 -8.69
N VAL B 355 25.81 23.91 -7.51
CA VAL B 355 24.55 24.39 -6.98
C VAL B 355 24.84 25.44 -5.94
N ILE B 356 24.19 26.61 -6.04
CA ILE B 356 24.36 27.62 -5.03
C ILE B 356 23.73 27.12 -3.73
N PRO B 357 24.52 26.86 -2.67
CA PRO B 357 23.98 26.32 -1.44
C PRO B 357 22.94 27.22 -0.82
N ASN B 358 21.92 26.61 -0.23
CA ASN B 358 20.81 27.34 0.36
C ASN B 358 20.02 26.36 1.21
N PRO B 359 19.29 26.81 2.25
CA PRO B 359 18.52 25.91 3.09
C PRO B 359 17.07 25.70 2.66
N SER B 360 16.75 25.97 1.39
CA SER B 360 15.38 26.01 0.92
C SER B 360 15.13 24.99 -0.19
N HIS B 361 14.09 25.22 -1.00
CA HIS B 361 13.60 24.22 -1.95
C HIS B 361 14.11 24.47 -3.36
N ILE B 362 14.90 25.54 -3.54
CA ILE B 362 15.34 25.97 -4.86
C ILE B 362 16.69 25.34 -5.15
N VAL B 363 16.94 25.07 -6.44
CA VAL B 363 18.19 24.47 -6.88
C VAL B 363 18.80 25.35 -7.97
N PRO B 364 19.53 26.41 -7.60
CA PRO B 364 20.12 27.30 -8.59
C PRO B 364 21.46 26.79 -9.09
N VAL B 365 21.55 26.47 -10.38
CA VAL B 365 22.76 25.89 -10.94
C VAL B 365 23.58 27.02 -11.56
N LEU B 366 24.77 27.22 -11.01
CA LEU B 366 25.61 28.35 -11.39
C LEU B 366 26.31 28.06 -12.72
N ILE B 367 26.26 29.06 -13.62
CA ILE B 367 26.88 28.94 -14.95
C ILE B 367 27.96 30.01 -15.06
N GLY B 368 27.59 31.26 -14.78
CA GLY B 368 28.53 32.36 -14.64
C GLY B 368 28.73 33.12 -15.95
N ASN B 369 27.94 32.80 -16.97
CA ASN B 369 28.04 33.47 -18.25
C ASN B 369 26.65 33.50 -18.87
N ALA B 370 26.24 34.68 -19.36
CA ALA B 370 24.88 34.88 -19.86
C ALA B 370 24.61 33.98 -21.07
N ASP B 371 25.54 34.01 -22.05
CA ASP B 371 25.42 33.23 -23.28
C ASP B 371 25.36 31.73 -23.00
N LEU B 372 26.27 31.24 -22.16
CA LEU B 372 26.37 29.82 -21.87
C LEU B 372 25.13 29.34 -21.12
N ALA B 373 24.56 30.18 -20.24
CA ALA B 373 23.34 29.81 -19.53
C ALA B 373 22.16 29.69 -20.49
N LYS B 374 22.03 30.66 -21.41
CA LYS B 374 21.00 30.61 -22.42
C LYS B 374 21.19 29.39 -23.33
N GLN B 375 22.45 29.13 -23.69
CA GLN B 375 22.82 28.03 -24.55
C GLN B 375 22.48 26.71 -23.87
N ALA B 376 22.76 26.62 -22.57
CA ALA B 376 22.42 25.44 -21.79
C ALA B 376 20.92 25.23 -21.77
N SER B 377 20.17 26.29 -21.45
CA SER B 377 18.71 26.28 -21.43
C SER B 377 18.17 25.66 -22.71
N ASP B 378 18.74 26.07 -23.86
CA ASP B 378 18.28 25.69 -25.18
C ASP B 378 18.57 24.21 -25.46
N ILE B 379 19.80 23.77 -25.18
CA ILE B 379 20.15 22.38 -25.43
C ILE B 379 19.30 21.48 -24.54
N LEU B 380 18.99 21.94 -23.33
CA LEU B 380 18.21 21.13 -22.41
C LEU B 380 16.80 20.89 -22.96
N ILE B 381 16.19 21.91 -23.56
CA ILE B 381 14.81 21.77 -24.01
C ILE B 381 14.75 21.11 -25.38
N ASN B 382 15.71 21.39 -26.27
CA ASN B 382 15.68 20.88 -27.63
C ASN B 382 16.23 19.45 -27.70
N LYS B 383 17.39 19.21 -27.08
CA LYS B 383 18.02 17.90 -27.10
C LYS B 383 17.41 16.98 -26.06
N HIS B 384 17.09 17.47 -24.85
CA HIS B 384 16.75 16.58 -23.74
C HIS B 384 15.31 16.74 -23.26
N GLN B 385 14.54 17.66 -23.83
CA GLN B 385 13.15 17.86 -23.41
C GLN B 385 13.04 18.18 -21.91
N ILE B 386 13.97 19.02 -21.45
CA ILE B 386 13.97 19.56 -20.11
C ILE B 386 13.79 21.08 -20.22
N TYR B 387 12.76 21.61 -19.58
CA TYR B 387 12.51 23.04 -19.56
C TYR B 387 13.03 23.60 -18.23
N VAL B 388 14.17 24.27 -18.34
CA VAL B 388 14.75 25.04 -17.25
C VAL B 388 15.02 26.44 -17.79
N GLN B 389 14.78 27.48 -17.00
CA GLN B 389 14.98 28.83 -17.50
C GLN B 389 16.32 29.37 -16.99
N ALA B 390 17.04 30.03 -17.91
CA ALA B 390 18.23 30.79 -17.59
C ALA B 390 17.87 32.13 -16.95
N ILE B 391 18.57 32.47 -15.86
CA ILE B 391 18.39 33.74 -15.17
C ILE B 391 19.62 34.61 -15.47
N ASN B 392 19.37 35.83 -16.00
CA ASN B 392 20.43 36.75 -16.41
C ASN B 392 20.22 38.11 -15.76
N PHE B 393 21.19 39.00 -16.01
CA PHE B 393 21.05 40.41 -15.67
C PHE B 393 19.81 40.97 -16.36
N PRO B 394 18.95 41.77 -15.68
CA PRO B 394 19.23 42.33 -14.35
C PRO B 394 18.60 41.59 -13.16
N THR B 395 18.04 40.40 -13.37
CA THR B 395 17.44 39.67 -12.26
C THR B 395 18.54 39.25 -11.28
N VAL B 396 19.72 38.93 -11.83
CA VAL B 396 20.88 38.57 -11.03
C VAL B 396 22.10 39.32 -11.52
N ALA B 397 23.08 39.50 -10.62
CA ALA B 397 24.33 40.20 -10.92
C ALA B 397 25.06 39.53 -12.08
N ARG B 398 25.59 40.35 -12.99
CA ARG B 398 26.31 39.87 -14.17
C ARG B 398 27.52 39.07 -13.70
N GLY B 399 27.72 37.88 -14.27
CA GLY B 399 28.77 36.98 -13.85
C GLY B 399 28.26 35.87 -12.92
N THR B 400 26.98 35.96 -12.50
CA THR B 400 26.40 34.96 -11.62
C THR B 400 25.16 34.33 -12.27
N GLU B 401 25.14 34.25 -13.60
CA GLU B 401 23.97 33.76 -14.30
C GLU B 401 23.79 32.28 -13.97
N ARG B 402 22.55 31.78 -14.07
CA ARG B 402 22.24 30.47 -13.52
C ARG B 402 20.98 29.88 -14.13
N LEU B 403 20.85 28.56 -13.99
CA LEU B 403 19.63 27.83 -14.30
C LEU B 403 18.85 27.62 -13.01
N ARG B 404 17.57 28.01 -13.01
CA ARG B 404 16.71 27.83 -11.85
C ARG B 404 15.96 26.51 -11.98
N ILE B 405 16.10 25.62 -10.98
CA ILE B 405 15.40 24.34 -10.94
C ILE B 405 14.61 24.25 -9.64
N THR B 406 13.30 23.98 -9.75
CA THR B 406 12.38 24.01 -8.65
C THR B 406 11.58 22.69 -8.62
N PRO B 407 12.10 21.64 -7.96
CA PRO B 407 11.37 20.39 -7.79
C PRO B 407 10.09 20.52 -6.98
N THR B 408 9.16 19.58 -7.21
CA THR B 408 7.84 19.56 -6.57
C THR B 408 7.55 18.15 -6.11
N PRO B 409 6.42 17.91 -5.40
CA PRO B 409 6.05 16.55 -5.04
C PRO B 409 5.90 15.62 -6.24
N GLY B 410 5.73 16.19 -7.43
CA GLY B 410 5.51 15.42 -8.64
C GLY B 410 6.80 14.99 -9.32
N HIS B 411 7.93 15.60 -8.94
CA HIS B 411 9.21 15.24 -9.53
C HIS B 411 9.80 14.05 -8.77
N THR B 412 9.28 12.86 -9.10
CA THR B 412 9.77 11.62 -8.52
C THR B 412 11.18 11.35 -9.04
N ASN B 413 11.84 10.38 -8.41
CA ASN B 413 13.27 10.17 -8.59
C ASN B 413 13.60 9.74 -10.02
N ASP B 414 12.66 9.07 -10.70
CA ASP B 414 12.85 8.69 -12.10
C ASP B 414 13.07 9.94 -12.95
N LEU B 415 12.21 10.95 -12.74
CA LEU B 415 12.31 12.20 -13.48
C LEU B 415 13.59 12.92 -13.11
N SER B 416 13.90 12.94 -11.81
CA SER B 416 15.12 13.54 -11.28
C SER B 416 16.35 12.93 -11.95
N ASP B 417 16.37 11.60 -12.10
CA ASP B 417 17.52 10.92 -12.67
C ASP B 417 17.77 11.41 -14.09
N ILE B 418 16.69 11.59 -14.87
CA ILE B 418 16.81 12.00 -16.26
C ILE B 418 17.37 13.41 -16.34
N LEU B 419 16.89 14.29 -15.43
CA LEU B 419 17.37 15.67 -15.31
C LEU B 419 18.87 15.70 -14.98
N ILE B 420 19.24 14.92 -13.96
CA ILE B 420 20.61 14.91 -13.48
C ILE B 420 21.53 14.57 -14.64
N ASN B 421 21.16 13.49 -15.35
CA ASN B 421 21.95 12.99 -16.47
C ASN B 421 22.00 14.03 -17.59
N ALA B 422 20.88 14.69 -17.83
CA ALA B 422 20.79 15.67 -18.88
C ALA B 422 21.69 16.86 -18.56
N VAL B 423 21.59 17.39 -17.33
CA VAL B 423 22.39 18.54 -16.93
C VAL B 423 23.87 18.18 -17.02
N ASP B 424 24.23 16.97 -16.57
CA ASP B 424 25.61 16.51 -16.65
C ASP B 424 26.07 16.52 -18.10
N ASP B 425 25.23 16.03 -19.01
CA ASP B 425 25.59 15.91 -20.42
C ASP B 425 25.86 17.29 -21.01
N VAL B 426 25.05 18.27 -20.61
CA VAL B 426 25.12 19.61 -21.16
C VAL B 426 26.36 20.32 -20.63
N PHE B 427 26.65 20.14 -19.34
CA PHE B 427 27.88 20.63 -18.74
C PHE B 427 29.06 20.13 -19.56
N ASN B 428 29.05 18.86 -19.93
CA ASN B 428 30.11 18.28 -20.76
C ASN B 428 30.11 18.91 -22.15
N GLU B 429 28.94 19.03 -22.78
CA GLU B 429 28.84 19.49 -24.15
C GLU B 429 29.42 20.89 -24.32
N LEU B 430 29.16 21.76 -23.34
CA LEU B 430 29.56 23.17 -23.41
C LEU B 430 30.80 23.43 -22.57
N GLN B 431 31.36 22.38 -21.95
CA GLN B 431 32.57 22.47 -21.15
C GLN B 431 32.37 23.53 -20.06
N LEU B 432 31.21 23.48 -19.38
CA LEU B 432 30.85 24.41 -18.33
C LEU B 432 31.70 24.14 -17.09
N PRO B 433 31.98 25.17 -16.27
CA PRO B 433 32.72 24.96 -15.02
C PRO B 433 31.98 24.05 -14.03
N ARG B 434 32.72 23.11 -13.44
CA ARG B 434 32.26 22.28 -12.33
C ARG B 434 32.67 22.93 -11.01
N VAL B 435 32.28 22.32 -9.90
CA VAL B 435 32.57 22.88 -8.58
C VAL B 435 34.07 23.14 -8.43
N ARG B 436 34.91 22.22 -8.90
CA ARG B 436 36.36 22.32 -8.71
C ARG B 436 36.92 23.52 -9.47
N ASP B 437 36.28 23.87 -10.58
CA ASP B 437 36.71 24.99 -11.40
C ASP B 437 36.34 26.31 -10.70
N TRP B 438 35.27 26.30 -9.90
CA TRP B 438 34.88 27.45 -9.10
C TRP B 438 35.76 27.60 -7.87
N GLU B 439 36.16 26.48 -7.28
CA GLU B 439 37.09 26.45 -6.17
C GLU B 439 38.36 27.22 -6.58
N SER B 440 38.84 26.98 -7.81
CA SER B 440 40.07 27.57 -8.30
C SER B 440 39.94 29.07 -8.58
N GLN B 441 38.71 29.59 -8.69
CA GLN B 441 38.46 31.00 -8.89
C GLN B 441 38.01 31.65 -7.59
N GLY B 442 38.18 30.94 -6.47
CA GLY B 442 38.01 31.54 -5.15
C GLY B 442 36.65 31.23 -4.54
N GLY B 443 35.78 30.61 -5.34
CA GLY B 443 34.41 30.35 -4.96
C GLY B 443 33.47 31.51 -5.34
N LEU B 444 32.18 31.19 -5.49
CA LEU B 444 31.15 32.20 -5.73
C LEU B 444 29.83 31.78 -5.10
N LEU B 445 29.35 32.61 -4.18
CA LEU B 445 28.08 32.42 -3.48
C LEU B 445 28.04 31.09 -2.73
N GLY B 446 29.18 30.58 -2.28
CA GLY B 446 29.23 29.34 -1.52
C GLY B 446 29.78 28.18 -2.35
N VAL B 447 29.68 28.28 -3.68
CA VAL B 447 30.15 27.23 -4.57
C VAL B 447 31.68 27.25 -4.62
N GLY B 448 32.32 26.20 -4.12
CA GLY B 448 33.78 26.08 -4.17
C GLY B 448 34.48 27.12 -3.29
N GLU B 449 33.95 27.29 -2.08
CA GLU B 449 34.43 28.25 -1.11
C GLU B 449 34.76 27.46 0.14
N SER B 450 36.03 27.06 0.33
CA SER B 450 36.43 26.27 1.49
C SER B 450 36.20 27.13 2.73
N GLY B 451 35.63 26.52 3.76
CA GLY B 451 35.41 27.22 5.01
C GLY B 451 34.20 28.15 4.96
N PHE B 452 33.42 28.11 3.86
CA PHE B 452 31.99 28.47 3.90
C PHE B 452 31.26 27.40 4.71
N VAL B 453 30.46 27.87 5.69
CA VAL B 453 29.68 26.98 6.53
C VAL B 453 28.22 27.20 6.15
N GLU B 454 27.65 26.21 5.47
CA GLU B 454 26.30 26.29 4.94
C GLU B 454 25.33 26.41 6.11
N GLU B 455 24.23 27.15 5.89
CA GLU B 455 23.09 27.13 6.79
C GLU B 455 22.38 25.79 6.60
N SER B 456 22.12 25.08 7.72
CA SER B 456 21.32 23.88 7.71
C SER B 456 19.94 24.17 7.09
N ASN B 457 19.39 23.17 6.41
CA ASN B 457 18.06 23.24 5.83
C ASN B 457 17.05 23.65 6.88
N LEU B 458 16.06 24.45 6.46
CA LEU B 458 14.97 24.83 7.34
C LEU B 458 14.28 23.57 7.83
N TRP B 459 14.06 22.61 6.93
CA TRP B 459 13.45 21.34 7.25
C TRP B 459 14.48 20.38 7.83
N THR B 460 14.32 20.06 9.12
CA THR B 460 15.19 19.12 9.83
C THR B 460 14.76 17.69 9.53
N SER B 461 15.58 16.72 9.95
CA SER B 461 15.27 15.31 9.78
C SER B 461 14.00 14.97 10.55
N SER B 462 13.92 15.48 11.78
CA SER B 462 12.78 15.22 12.65
C SER B 462 11.49 15.74 11.99
N GLN B 463 11.54 16.94 11.43
CA GLN B 463 10.38 17.53 10.77
C GLN B 463 10.00 16.75 9.50
N LEU B 464 11.01 16.33 8.72
CA LEU B 464 10.80 15.63 7.46
C LEU B 464 10.18 14.25 7.63
N SER B 465 10.18 13.70 8.85
CA SER B 465 9.65 12.36 9.07
C SER B 465 8.25 12.42 9.67
N LEU B 466 7.67 13.62 9.75
CA LEU B 466 6.29 13.79 10.17
C LEU B 466 5.38 13.35 9.03
N THR B 467 4.19 12.85 9.39
CA THR B 467 3.14 12.52 8.44
C THR B 467 1.92 13.36 8.79
N ASN B 468 0.87 13.23 7.97
CA ASN B 468 -0.35 13.97 8.20
C ASN B 468 -1.00 13.57 9.53
N ASP B 469 -0.64 12.41 10.07
CA ASP B 469 -1.17 11.94 11.34
C ASP B 469 -0.55 12.69 12.51
N ASP B 470 0.53 13.42 12.26
CA ASP B 470 1.22 14.20 13.27
C ASP B 470 0.69 15.64 13.34
N LEU B 471 -0.33 15.96 12.53
CA LEU B 471 -0.96 17.27 12.57
C LEU B 471 -2.16 17.21 13.49
N ASN B 472 -2.55 18.39 14.00
CA ASN B 472 -3.71 18.52 14.86
C ASN B 472 -4.95 18.24 14.01
N PRO B 473 -5.89 17.39 14.49
CA PRO B 473 -7.11 17.12 13.75
C PRO B 473 -7.90 18.35 13.34
N ASN B 474 -7.71 19.49 14.03
CA ASN B 474 -8.52 20.66 13.79
C ASN B 474 -8.12 21.40 12.51
N VAL B 475 -7.07 20.94 11.80
CA VAL B 475 -6.66 21.57 10.54
C VAL B 475 -7.30 20.87 9.35
N ARG B 476 -7.93 19.72 9.57
CA ARG B 476 -8.63 18.99 8.53
C ARG B 476 -10.07 19.47 8.50
N ASP B 477 -10.59 19.75 7.31
CA ASP B 477 -11.95 20.24 7.08
C ASP B 477 -12.44 21.17 8.19
N PRO B 478 -11.70 22.25 8.55
CA PRO B 478 -12.16 23.18 9.56
C PRO B 478 -13.27 24.09 9.05
N ILE B 479 -14.23 24.40 9.92
CA ILE B 479 -15.23 25.40 9.63
C ILE B 479 -14.59 26.77 9.81
N VAL B 480 -14.39 27.50 8.71
CA VAL B 480 -13.69 28.78 8.72
C VAL B 480 -14.71 29.89 8.52
N LYS B 481 -15.09 30.56 9.62
CA LYS B 481 -16.07 31.63 9.61
C LYS B 481 -15.56 32.82 8.79
N GLN B 482 -16.48 33.49 8.08
CA GLN B 482 -16.16 34.65 7.27
C GLN B 482 -15.89 35.87 8.13
N LEU B 483 -15.24 36.89 7.55
CA LEU B 483 -14.71 38.03 8.30
C LEU B 483 -15.52 39.29 8.03
N GLU B 484 -15.85 40.00 9.10
CA GLU B 484 -16.63 41.22 9.02
C GLU B 484 -15.86 42.30 8.26
N VAL B 485 -14.52 42.28 8.36
CA VAL B 485 -13.64 43.30 7.80
C VAL B 485 -13.54 43.21 6.28
N SER B 486 -13.82 42.03 5.72
CA SER B 486 -13.89 41.83 4.27
C SER B 486 -15.02 42.66 3.65
N SER B 487 -16.05 43.00 4.46
CA SER B 487 -17.24 43.73 4.03
C SER B 487 -17.30 45.14 4.62
N GLY B 488 -16.52 45.42 5.67
CA GLY B 488 -16.61 46.67 6.41
C GLY B 488 -17.27 46.45 7.78
N ILE B 489 -17.00 47.35 8.72
CA ILE B 489 -17.29 47.11 10.13
C ILE B 489 -18.30 48.13 10.65
N LYS B 490 -19.31 47.63 11.38
CA LYS B 490 -20.48 48.41 11.75
C LYS B 490 -20.16 49.30 12.93
N GLN B 491 -19.94 48.72 14.13
CA GLN B 491 -19.82 49.47 15.37
C GLN B 491 -21.19 50.10 15.71
N GLU C 11 -46.39 -40.59 6.74
CA GLU C 11 -45.01 -40.11 6.44
C GLU C 11 -45.11 -39.02 5.35
N SER C 12 -44.00 -38.30 5.12
CA SER C 12 -44.02 -37.17 4.20
C SER C 12 -42.67 -37.00 3.51
N GLY C 13 -42.63 -36.04 2.57
CA GLY C 13 -41.45 -35.80 1.74
C GLY C 13 -40.33 -35.13 2.53
N PHE C 14 -39.09 -35.24 2.04
CA PHE C 14 -37.96 -34.48 2.58
C PHE C 14 -38.26 -32.99 2.48
N ASP C 15 -37.84 -32.20 3.49
CA ASP C 15 -38.06 -30.75 3.51
C ASP C 15 -36.94 -30.02 2.75
N TYR C 16 -37.10 -29.90 1.42
CA TYR C 16 -36.10 -29.32 0.55
C TYR C 16 -36.00 -27.82 0.78
N GLU C 17 -37.15 -27.17 1.03
CA GLU C 17 -37.21 -25.73 1.22
C GLU C 17 -36.47 -25.35 2.49
N GLY C 18 -36.65 -26.12 3.57
CA GLY C 18 -36.03 -25.85 4.86
C GLY C 18 -34.50 -25.96 4.81
N LEU C 19 -33.98 -26.89 4.02
CA LEU C 19 -32.55 -27.07 3.87
C LEU C 19 -31.97 -25.86 3.15
N ILE C 20 -32.66 -25.37 2.13
CA ILE C 20 -32.20 -24.24 1.34
C ILE C 20 -32.29 -22.97 2.18
N ASP C 21 -33.39 -22.80 2.93
CA ASP C 21 -33.60 -21.65 3.81
C ASP C 21 -32.42 -21.47 4.77
N SER C 22 -32.00 -22.56 5.42
CA SER C 22 -31.00 -22.49 6.47
C SER C 22 -29.59 -22.42 5.88
N GLU C 23 -29.39 -22.95 4.67
CA GLU C 23 -28.12 -22.82 3.97
C GLU C 23 -27.90 -21.35 3.57
N LEU C 24 -28.97 -20.68 3.14
CA LEU C 24 -28.92 -19.26 2.82
C LEU C 24 -28.71 -18.46 4.09
N GLN C 25 -29.46 -18.78 5.14
CA GLN C 25 -29.38 -18.01 6.39
C GLN C 25 -27.99 -18.11 7.00
N LYS C 26 -27.25 -19.19 6.72
CA LYS C 26 -25.88 -19.36 7.18
C LYS C 26 -24.97 -18.33 6.52
N LYS C 27 -25.20 -18.07 5.24
CA LYS C 27 -24.42 -17.11 4.47
C LYS C 27 -24.72 -15.67 4.93
N ARG C 28 -25.91 -15.42 5.46
CA ARG C 28 -26.31 -14.10 5.91
C ARG C 28 -25.67 -13.76 7.26
N LEU C 29 -25.61 -14.75 8.16
CA LEU C 29 -25.11 -14.54 9.51
C LEU C 29 -23.59 -14.35 9.48
N ASP C 30 -22.89 -15.08 8.61
CA ASP C 30 -21.45 -14.92 8.47
C ASP C 30 -21.12 -13.78 7.49
N LYS C 31 -22.16 -13.16 6.92
CA LYS C 31 -22.05 -11.91 6.18
C LYS C 31 -21.24 -12.09 4.89
N SER C 32 -21.34 -13.27 4.28
CA SER C 32 -20.75 -13.54 2.97
C SER C 32 -21.84 -13.61 1.90
N TYR C 33 -23.09 -13.26 2.28
CA TYR C 33 -24.19 -13.15 1.34
C TYR C 33 -23.98 -11.88 0.52
N ARG C 34 -23.85 -12.06 -0.82
CA ARG C 34 -23.41 -10.98 -1.70
C ARG C 34 -24.63 -10.32 -2.34
N TYR C 35 -24.66 -8.98 -2.30
CA TYR C 35 -25.56 -8.15 -3.08
C TYR C 35 -24.77 -7.59 -4.26
N PHE C 36 -25.34 -7.68 -5.47
CA PHE C 36 -24.65 -7.22 -6.66
C PHE C 36 -24.94 -5.73 -6.87
N ASN C 37 -24.05 -5.08 -7.62
CA ASN C 37 -24.15 -3.68 -7.96
C ASN C 37 -24.51 -3.51 -9.44
N ASN C 38 -25.50 -2.63 -9.70
CA ASN C 38 -25.90 -2.33 -11.06
C ASN C 38 -24.90 -1.35 -11.68
N ILE C 39 -24.03 -1.87 -12.56
CA ILE C 39 -22.92 -1.13 -13.11
C ILE C 39 -22.90 -1.30 -14.63
N ASN C 40 -23.17 -0.19 -15.32
CA ASN C 40 -23.36 -0.19 -16.75
C ASN C 40 -22.23 0.59 -17.40
N ARG C 41 -21.25 -0.13 -17.95
CA ARG C 41 -20.03 0.48 -18.43
C ARG C 41 -20.32 1.22 -19.75
N LEU C 42 -19.85 2.45 -19.88
CA LEU C 42 -20.06 3.28 -21.05
C LEU C 42 -18.85 3.21 -21.98
N ALA C 43 -19.07 2.72 -23.20
CA ALA C 43 -18.00 2.52 -24.16
C ALA C 43 -17.48 3.84 -24.69
N LYS C 44 -18.32 4.89 -24.64
CA LYS C 44 -17.92 6.19 -25.17
C LYS C 44 -17.30 7.05 -24.07
N GLU C 45 -17.19 6.51 -22.86
CA GLU C 45 -16.68 7.31 -21.74
C GLU C 45 -15.91 6.43 -20.76
N PHE C 46 -14.99 5.60 -21.29
CA PHE C 46 -14.18 4.73 -20.44
C PHE C 46 -13.37 5.61 -19.48
N PRO C 47 -13.22 5.25 -18.17
CA PRO C 47 -13.86 4.09 -17.55
C PRO C 47 -15.03 4.45 -16.63
N LEU C 48 -15.93 5.29 -17.14
CA LEU C 48 -17.15 5.60 -16.42
C LEU C 48 -18.19 4.51 -16.66
N ALA C 49 -19.20 4.53 -15.78
CA ALA C 49 -20.35 3.66 -15.86
C ALA C 49 -21.51 4.36 -15.15
N HIS C 50 -22.75 3.95 -15.47
CA HIS C 50 -23.90 4.47 -14.74
C HIS C 50 -24.53 3.35 -13.92
N ARG C 51 -25.25 3.76 -12.87
CA ARG C 51 -25.94 2.85 -11.97
C ARG C 51 -27.34 2.59 -12.52
N GLN C 52 -28.34 2.56 -11.63
CA GLN C 52 -29.71 2.24 -12.00
C GLN C 52 -30.15 3.27 -13.05
N ARG C 53 -29.99 4.56 -12.73
CA ARG C 53 -30.33 5.67 -13.61
C ARG C 53 -29.08 6.08 -14.40
N GLU C 54 -29.28 6.54 -15.64
CA GLU C 54 -28.18 6.90 -16.54
C GLU C 54 -27.45 8.15 -16.03
N ALA C 55 -28.15 8.95 -15.22
CA ALA C 55 -27.60 10.18 -14.69
C ALA C 55 -26.54 9.91 -13.61
N ASP C 56 -26.70 8.84 -12.80
CA ASP C 56 -25.76 8.53 -11.72
C ASP C 56 -24.56 7.78 -12.29
N LYS C 57 -23.46 8.51 -12.50
CA LYS C 57 -22.24 7.93 -13.06
C LYS C 57 -21.23 7.72 -11.95
N VAL C 58 -20.30 6.80 -12.22
CA VAL C 58 -19.19 6.50 -11.31
C VAL C 58 -17.99 6.12 -12.17
N THR C 59 -16.80 6.25 -11.58
CA THR C 59 -15.58 5.79 -12.21
C THR C 59 -15.29 4.38 -11.72
N VAL C 60 -15.04 3.50 -12.69
CA VAL C 60 -14.84 2.09 -12.40
C VAL C 60 -13.35 1.84 -12.23
N TRP C 61 -13.00 1.30 -11.05
CA TRP C 61 -11.61 1.09 -10.69
C TRP C 61 -11.33 -0.38 -10.32
N CYS C 62 -12.26 -1.29 -10.63
CA CYS C 62 -12.08 -2.67 -10.21
C CYS C 62 -12.46 -3.63 -11.33
N SER C 63 -12.49 -3.16 -12.56
CA SER C 63 -12.83 -3.99 -13.71
C SER C 63 -11.59 -4.76 -14.12
N ASN C 64 -11.79 -5.92 -14.76
CA ASN C 64 -10.66 -6.68 -15.28
C ASN C 64 -10.49 -6.46 -16.78
N ASP C 65 -11.21 -5.48 -17.33
CA ASP C 65 -10.97 -5.00 -18.70
C ASP C 65 -9.68 -4.20 -18.68
N TYR C 66 -8.56 -4.91 -18.55
CA TYR C 66 -7.29 -4.36 -18.10
C TYR C 66 -6.66 -3.39 -19.10
N LEU C 67 -6.92 -3.57 -20.40
CA LEU C 67 -6.36 -2.73 -21.46
C LEU C 67 -7.43 -1.84 -22.10
N ALA C 68 -8.64 -1.88 -21.54
CA ALA C 68 -9.79 -1.14 -22.03
C ALA C 68 -10.11 -1.50 -23.47
N LEU C 69 -9.84 -2.75 -23.86
CA LEU C 69 -10.08 -3.18 -25.23
C LEU C 69 -11.54 -3.52 -25.48
N SER C 70 -12.36 -3.63 -24.42
CA SER C 70 -13.78 -3.91 -24.57
C SER C 70 -14.46 -2.82 -25.40
N LYS C 71 -13.90 -1.59 -25.40
CA LYS C 71 -14.54 -0.48 -26.13
C LYS C 71 -13.66 0.01 -27.28
N HIS C 72 -12.61 -0.75 -27.63
CA HIS C 72 -11.68 -0.32 -28.65
C HIS C 72 -12.35 -0.31 -30.02
N PRO C 73 -12.14 0.74 -30.83
CA PRO C 73 -12.69 0.82 -32.17
C PRO C 73 -12.48 -0.43 -33.03
N GLU C 74 -11.30 -1.05 -32.98
CA GLU C 74 -11.06 -2.21 -33.83
C GLU C 74 -11.88 -3.43 -33.37
N VAL C 75 -12.17 -3.49 -32.06
CA VAL C 75 -12.96 -4.55 -31.47
C VAL C 75 -14.43 -4.36 -31.87
N LEU C 76 -14.94 -3.13 -31.65
CA LEU C 76 -16.33 -2.81 -31.95
C LEU C 76 -16.59 -2.94 -33.44
N ASP C 77 -15.64 -2.55 -34.28
CA ASP C 77 -15.81 -2.64 -35.72
C ASP C 77 -15.90 -4.10 -36.15
N ALA C 78 -15.05 -4.95 -35.57
CA ALA C 78 -15.02 -6.37 -35.89
C ALA C 78 -16.35 -7.01 -35.50
N MET C 79 -16.91 -6.61 -34.34
CA MET C 79 -18.21 -7.11 -33.91
C MET C 79 -19.30 -6.69 -34.89
N HIS C 80 -19.37 -5.38 -35.17
CA HIS C 80 -20.42 -4.85 -36.03
C HIS C 80 -20.37 -5.54 -37.39
N LYS C 81 -19.17 -5.68 -37.98
CA LYS C 81 -19.04 -6.26 -39.31
C LYS C 81 -19.36 -7.75 -39.30
N THR C 82 -19.01 -8.44 -38.22
CA THR C 82 -19.23 -9.88 -38.11
C THR C 82 -20.73 -10.15 -37.92
N ILE C 83 -21.42 -9.27 -37.17
CA ILE C 83 -22.85 -9.42 -36.92
C ILE C 83 -23.61 -9.27 -38.24
N ASP C 84 -23.21 -8.30 -39.07
CA ASP C 84 -23.92 -8.04 -40.32
C ASP C 84 -23.90 -9.28 -41.21
N LYS C 85 -22.79 -10.04 -41.16
CA LYS C 85 -22.58 -11.19 -42.02
C LYS C 85 -23.12 -12.48 -41.40
N TYR C 86 -22.88 -12.68 -40.11
CA TYR C 86 -23.13 -13.96 -39.46
C TYR C 86 -24.36 -13.95 -38.56
N GLY C 87 -24.78 -12.77 -38.11
CA GLY C 87 -25.87 -12.69 -37.16
C GLY C 87 -25.36 -12.75 -35.73
N CYS C 88 -26.21 -13.20 -34.80
CA CYS C 88 -25.86 -13.27 -33.39
C CYS C 88 -25.23 -14.63 -33.08
N GLY C 89 -26.06 -15.67 -32.89
CA GLY C 89 -25.58 -16.98 -32.46
C GLY C 89 -24.87 -17.74 -33.58
N ALA C 90 -23.99 -18.67 -33.16
CA ALA C 90 -23.33 -19.57 -34.10
C ALA C 90 -24.32 -20.61 -34.60
N GLY C 91 -25.32 -20.91 -33.76
CA GLY C 91 -26.44 -21.76 -34.13
C GLY C 91 -26.06 -23.23 -34.21
N GLY C 92 -25.17 -23.67 -33.31
CA GLY C 92 -24.67 -25.04 -33.34
C GLY C 92 -23.43 -25.20 -32.48
N THR C 93 -22.99 -26.46 -32.35
CA THR C 93 -21.77 -26.81 -31.66
C THR C 93 -20.67 -26.96 -32.68
N ARG C 94 -19.45 -27.22 -32.22
CA ARG C 94 -18.32 -27.34 -33.13
C ARG C 94 -18.48 -28.54 -34.06
N ASN C 95 -19.20 -29.58 -33.60
CA ASN C 95 -19.41 -30.78 -34.39
C ASN C 95 -20.51 -30.57 -35.43
N ILE C 96 -21.52 -29.75 -35.12
CA ILE C 96 -22.69 -29.59 -35.97
C ILE C 96 -23.01 -28.10 -36.14
N ALA C 97 -22.65 -27.56 -37.30
CA ALA C 97 -23.10 -26.25 -37.78
C ALA C 97 -22.45 -25.08 -37.05
N GLY C 98 -21.57 -25.34 -36.08
CA GLY C 98 -20.98 -24.29 -35.26
C GLY C 98 -19.45 -24.22 -35.38
N HIS C 99 -18.92 -24.68 -36.53
CA HIS C 99 -17.51 -24.53 -36.86
C HIS C 99 -17.38 -23.62 -38.08
N ASN C 100 -16.48 -22.63 -38.02
CA ASN C 100 -16.53 -21.44 -38.87
C ASN C 100 -15.20 -20.67 -38.87
N ILE C 101 -15.11 -19.68 -39.74
CA ILE C 101 -13.87 -18.95 -39.97
C ILE C 101 -13.50 -18.11 -38.74
N PRO C 102 -14.42 -17.34 -38.11
CA PRO C 102 -14.08 -16.60 -36.89
C PRO C 102 -13.44 -17.47 -35.82
N THR C 103 -13.92 -18.72 -35.70
CA THR C 103 -13.33 -19.68 -34.78
C THR C 103 -11.90 -20.00 -35.23
N LEU C 104 -11.73 -20.36 -36.51
CA LEU C 104 -10.41 -20.74 -37.00
C LEU C 104 -9.39 -19.64 -36.76
N ASN C 105 -9.79 -18.39 -36.98
CA ASN C 105 -8.90 -17.24 -36.84
C ASN C 105 -8.58 -16.98 -35.38
N LEU C 106 -9.55 -17.13 -34.47
CA LEU C 106 -9.32 -16.88 -33.06
C LEU C 106 -8.33 -17.89 -32.49
N GLU C 107 -8.50 -19.18 -32.82
CA GLU C 107 -7.62 -20.22 -32.33
C GLU C 107 -6.20 -20.01 -32.91
N ALA C 108 -6.11 -19.64 -34.18
CA ALA C 108 -4.81 -19.41 -34.78
C ALA C 108 -4.09 -18.26 -34.08
N GLU C 109 -4.81 -17.19 -33.75
CA GLU C 109 -4.23 -16.02 -33.11
C GLU C 109 -3.67 -16.39 -31.75
N LEU C 110 -4.39 -17.24 -31.01
CA LEU C 110 -4.03 -17.58 -29.65
C LEU C 110 -2.79 -18.47 -29.66
N ALA C 111 -2.72 -19.37 -30.63
CA ALA C 111 -1.56 -20.22 -30.82
C ALA C 111 -0.34 -19.39 -31.22
N THR C 112 -0.53 -18.40 -32.10
CA THR C 112 0.53 -17.50 -32.52
C THR C 112 1.06 -16.71 -31.32
N LEU C 113 0.16 -16.24 -30.45
CA LEU C 113 0.52 -15.40 -29.33
C LEU C 113 1.46 -16.14 -28.37
N HIS C 114 1.12 -17.39 -28.03
CA HIS C 114 1.91 -18.21 -27.11
C HIS C 114 2.91 -19.08 -27.88
N LYS C 115 3.05 -18.84 -29.19
CA LYS C 115 3.98 -19.55 -30.06
C LYS C 115 3.88 -21.07 -29.82
N LYS C 116 2.64 -21.56 -29.73
CA LYS C 116 2.38 -22.98 -29.60
C LYS C 116 1.85 -23.53 -30.91
N GLU C 117 1.83 -24.87 -31.00
CA GLU C 117 1.38 -25.58 -32.18
C GLU C 117 -0.13 -25.39 -32.39
N GLY C 118 -0.87 -25.21 -31.30
CA GLY C 118 -2.32 -25.12 -31.38
C GLY C 118 -2.95 -24.46 -30.16
N ALA C 119 -4.25 -24.14 -30.31
CA ALA C 119 -5.05 -23.59 -29.24
C ALA C 119 -6.50 -24.01 -29.43
N LEU C 120 -7.22 -24.09 -28.32
CA LEU C 120 -8.59 -24.60 -28.33
C LEU C 120 -9.46 -23.66 -27.51
N VAL C 121 -10.59 -23.23 -28.09
CA VAL C 121 -11.41 -22.23 -27.46
C VAL C 121 -12.61 -22.89 -26.80
N PHE C 122 -12.92 -22.44 -25.58
CA PHE C 122 -14.04 -22.91 -24.80
C PHE C 122 -14.94 -21.71 -24.45
N SER C 123 -16.12 -22.00 -23.86
CA SER C 123 -17.08 -20.98 -23.43
C SER C 123 -16.41 -19.93 -22.55
N SER C 124 -15.47 -20.38 -21.71
CA SER C 124 -14.85 -19.57 -20.69
C SER C 124 -13.57 -20.22 -20.24
N CYS C 125 -12.70 -19.48 -19.54
CA CYS C 125 -11.51 -20.08 -18.95
C CYS C 125 -11.92 -21.01 -17.82
N TYR C 126 -13.00 -20.67 -17.09
CA TYR C 126 -13.50 -21.56 -16.04
C TYR C 126 -13.74 -22.95 -16.63
N VAL C 127 -14.44 -23.00 -17.76
CA VAL C 127 -14.71 -24.23 -18.46
C VAL C 127 -13.40 -24.85 -18.99
N ALA C 128 -12.51 -24.03 -19.54
CA ALA C 128 -11.26 -24.53 -20.09
C ALA C 128 -10.46 -25.26 -19.01
N ASN C 129 -10.34 -24.64 -17.83
CA ASN C 129 -9.58 -25.19 -16.72
C ASN C 129 -10.22 -26.50 -16.27
N ASP C 130 -11.56 -26.48 -16.11
CA ASP C 130 -12.29 -27.64 -15.62
C ASP C 130 -12.15 -28.80 -16.61
N ALA C 131 -12.14 -28.48 -17.91
CA ALA C 131 -12.12 -29.49 -18.96
C ALA C 131 -10.77 -30.17 -19.01
N VAL C 132 -9.70 -29.38 -19.02
CA VAL C 132 -8.35 -29.90 -19.16
C VAL C 132 -7.94 -30.69 -17.90
N LEU C 133 -8.19 -30.12 -16.71
CA LEU C 133 -7.86 -30.78 -15.46
C LEU C 133 -8.70 -32.05 -15.29
N SER C 134 -9.99 -31.98 -15.60
CA SER C 134 -10.89 -33.14 -15.56
C SER C 134 -10.33 -34.28 -16.40
N LEU C 135 -9.91 -33.98 -17.63
CA LEU C 135 -9.54 -34.98 -18.59
C LEU C 135 -8.24 -35.66 -18.19
N LEU C 136 -7.28 -34.86 -17.74
CA LEU C 136 -5.98 -35.37 -17.32
C LEU C 136 -6.18 -36.42 -16.23
N GLY C 137 -7.04 -36.13 -15.24
CA GLY C 137 -7.25 -37.01 -14.12
C GLY C 137 -8.12 -38.23 -14.46
N GLN C 138 -8.96 -38.09 -15.48
CA GLN C 138 -9.88 -39.15 -15.84
C GLN C 138 -9.17 -40.17 -16.70
N LYS C 139 -8.11 -39.77 -17.42
CA LYS C 139 -7.38 -40.66 -18.30
C LYS C 139 -6.08 -41.15 -17.68
N MET C 140 -5.65 -40.51 -16.57
CA MET C 140 -4.53 -40.99 -15.78
C MET C 140 -4.96 -41.02 -14.31
N LYS C 141 -5.49 -42.15 -13.85
CA LYS C 141 -6.09 -42.22 -12.51
C LYS C 141 -4.98 -42.15 -11.45
N ASP C 142 -3.75 -42.49 -11.87
CA ASP C 142 -2.59 -42.58 -11.00
C ASP C 142 -1.87 -41.23 -10.92
N LEU C 143 -2.37 -40.22 -11.65
CA LEU C 143 -1.78 -38.90 -11.65
C LEU C 143 -1.79 -38.30 -10.25
N VAL C 144 -0.72 -37.58 -9.92
CA VAL C 144 -0.69 -36.79 -8.71
C VAL C 144 -0.59 -35.33 -9.12
N ILE C 145 -1.52 -34.52 -8.61
CA ILE C 145 -1.56 -33.09 -8.92
C ILE C 145 -0.98 -32.32 -7.74
N PHE C 146 -0.04 -31.42 -8.07
CA PHE C 146 0.54 -30.50 -7.11
C PHE C 146 -0.01 -29.11 -7.43
N SER C 147 -0.78 -28.56 -6.49
CA SER C 147 -1.58 -27.38 -6.72
C SER C 147 -1.15 -26.30 -5.73
N ASP C 148 -0.93 -25.08 -6.23
CA ASP C 148 -0.64 -23.94 -5.38
C ASP C 148 -1.85 -23.63 -4.50
N GLU C 149 -1.60 -23.34 -3.23
CA GLU C 149 -2.58 -22.97 -2.23
C GLU C 149 -3.62 -21.99 -2.79
N LEU C 150 -3.15 -20.96 -3.53
CA LEU C 150 -4.02 -19.84 -3.85
C LEU C 150 -4.62 -19.95 -5.24
N ASN C 151 -4.64 -21.16 -5.83
CA ASN C 151 -5.22 -21.35 -7.14
C ASN C 151 -6.70 -20.95 -7.14
N HIS C 152 -7.17 -20.54 -8.31
CA HIS C 152 -8.52 -20.05 -8.57
C HIS C 152 -9.56 -21.16 -8.38
N ALA C 153 -10.81 -20.77 -8.12
CA ALA C 153 -11.89 -21.71 -7.88
C ALA C 153 -12.00 -22.72 -9.03
N SER C 154 -11.83 -22.25 -10.27
CA SER C 154 -11.97 -23.09 -11.45
C SER C 154 -10.94 -24.21 -11.44
N MET C 155 -9.70 -23.92 -10.99
CA MET C 155 -8.68 -24.93 -10.94
C MET C 155 -8.96 -25.94 -9.82
N ILE C 156 -9.50 -25.44 -8.71
CA ILE C 156 -9.87 -26.29 -7.57
C ILE C 156 -10.95 -27.27 -8.00
N VAL C 157 -11.96 -26.78 -8.71
CA VAL C 157 -13.07 -27.60 -9.17
C VAL C 157 -12.55 -28.62 -10.20
N GLY C 158 -11.69 -28.18 -11.11
CA GLY C 158 -11.11 -29.04 -12.13
C GLY C 158 -10.27 -30.16 -11.52
N ILE C 159 -9.53 -29.83 -10.45
CA ILE C 159 -8.72 -30.82 -9.75
C ILE C 159 -9.64 -31.77 -8.98
N LYS C 160 -10.74 -31.29 -8.40
CA LYS C 160 -11.68 -32.16 -7.71
C LYS C 160 -12.27 -33.15 -8.71
N HIS C 161 -12.69 -32.64 -9.86
CA HIS C 161 -13.30 -33.42 -10.93
C HIS C 161 -12.28 -34.39 -11.56
N ALA C 162 -11.00 -34.01 -11.55
CA ALA C 162 -9.95 -34.90 -12.01
C ALA C 162 -10.03 -36.23 -11.25
N ASN C 163 -10.38 -36.13 -9.97
CA ASN C 163 -10.62 -37.27 -9.11
C ASN C 163 -9.35 -38.10 -8.99
N VAL C 164 -8.26 -37.46 -8.52
CA VAL C 164 -6.97 -38.11 -8.36
C VAL C 164 -6.34 -37.62 -7.06
N LYS C 165 -5.13 -38.11 -6.77
CA LYS C 165 -4.41 -37.64 -5.60
C LYS C 165 -3.93 -36.21 -5.87
N LYS C 166 -3.95 -35.38 -4.81
CA LYS C 166 -3.51 -34.00 -4.90
C LYS C 166 -2.71 -33.63 -3.66
N HIS C 167 -1.70 -32.75 -3.85
CA HIS C 167 -1.00 -32.08 -2.76
C HIS C 167 -1.10 -30.58 -2.97
N ILE C 168 -1.44 -29.85 -1.90
CA ILE C 168 -1.52 -28.40 -1.92
C ILE C 168 -0.26 -27.83 -1.29
N PHE C 169 0.61 -27.19 -2.07
CA PHE C 169 1.83 -26.59 -1.52
C PHE C 169 1.55 -25.14 -1.12
N LYS C 170 2.17 -24.70 -0.02
CA LYS C 170 2.06 -23.33 0.44
C LYS C 170 2.40 -22.36 -0.70
N HIS C 171 1.76 -21.18 -0.69
CA HIS C 171 1.82 -20.24 -1.80
C HIS C 171 3.26 -19.94 -2.20
N ASN C 172 3.60 -20.28 -3.46
CA ASN C 172 4.89 -20.02 -4.06
C ASN C 172 6.06 -20.64 -3.31
N ASP C 173 5.81 -21.64 -2.45
CA ASP C 173 6.88 -22.26 -1.70
C ASP C 173 7.40 -23.44 -2.51
N LEU C 174 8.46 -23.19 -3.31
CA LEU C 174 8.99 -24.20 -4.23
C LEU C 174 9.92 -25.18 -3.52
N ASN C 175 10.27 -24.89 -2.26
CA ASN C 175 10.90 -25.88 -1.39
C ASN C 175 9.89 -26.98 -1.10
N GLU C 176 8.71 -26.60 -0.59
CA GLU C 176 7.67 -27.55 -0.28
C GLU C 176 7.28 -28.33 -1.54
N LEU C 177 7.23 -27.64 -2.69
CA LEU C 177 6.91 -28.30 -3.94
C LEU C 177 7.95 -29.37 -4.23
N GLU C 178 9.24 -29.03 -4.10
CA GLU C 178 10.29 -29.98 -4.42
C GLU C 178 10.21 -31.18 -3.48
N GLN C 179 9.87 -30.94 -2.19
CA GLN C 179 9.79 -32.00 -1.19
C GLN C 179 8.66 -32.97 -1.53
N LEU C 180 7.54 -32.44 -2.05
CA LEU C 180 6.42 -33.28 -2.44
C LEU C 180 6.79 -34.05 -3.69
N LEU C 181 7.39 -33.37 -4.67
CA LEU C 181 7.76 -34.00 -5.94
C LEU C 181 8.75 -35.14 -5.71
N GLN C 182 9.71 -34.91 -4.80
CA GLN C 182 10.77 -35.85 -4.53
C GLN C 182 10.25 -37.18 -4.00
N SER C 183 9.13 -37.13 -3.25
CA SER C 183 8.68 -38.28 -2.48
C SER C 183 7.99 -39.32 -3.37
N TYR C 184 7.83 -39.03 -4.66
CA TYR C 184 7.37 -40.00 -5.63
C TYR C 184 8.52 -40.37 -6.56
N PRO C 185 8.60 -41.64 -7.04
CA PRO C 185 9.51 -41.95 -8.14
C PRO C 185 9.22 -41.08 -9.35
N LYS C 186 10.21 -41.02 -10.26
CA LYS C 186 10.09 -40.15 -11.42
C LYS C 186 8.97 -40.64 -12.36
N SER C 187 8.77 -41.96 -12.43
CA SER C 187 7.89 -42.55 -13.43
C SER C 187 6.41 -42.31 -13.12
N VAL C 188 6.08 -41.92 -11.87
CA VAL C 188 4.71 -41.60 -11.52
C VAL C 188 4.27 -40.38 -12.32
N PRO C 189 3.12 -40.40 -13.02
CA PRO C 189 2.64 -39.22 -13.71
C PRO C 189 2.24 -38.12 -12.73
N LYS C 190 2.57 -36.87 -13.09
CA LYS C 190 2.40 -35.75 -12.18
C LYS C 190 2.00 -34.51 -12.96
N LEU C 191 1.26 -33.64 -12.29
CA LEU C 191 0.91 -32.35 -12.85
C LEU C 191 1.20 -31.27 -11.81
N ILE C 192 1.89 -30.21 -12.24
CA ILE C 192 2.00 -29.03 -11.41
C ILE C 192 1.10 -27.95 -12.00
N ALA C 193 0.14 -27.51 -11.18
CA ALA C 193 -0.91 -26.57 -11.58
C ALA C 193 -0.79 -25.30 -10.76
N PHE C 194 -0.61 -24.17 -11.46
CA PHE C 194 -0.36 -22.89 -10.82
C PHE C 194 -0.78 -21.76 -11.75
N GLU C 195 -0.82 -20.54 -11.19
CA GLU C 195 -1.11 -19.31 -11.93
C GLU C 195 0.20 -18.55 -12.11
N SER C 196 0.27 -17.74 -13.16
CA SER C 196 1.39 -16.82 -13.36
C SER C 196 1.24 -15.62 -12.44
N VAL C 197 0.08 -14.96 -12.49
CA VAL C 197 -0.21 -13.84 -11.61
C VAL C 197 -1.45 -14.14 -10.80
N TYR C 198 -1.36 -14.00 -9.48
CA TYR C 198 -2.49 -14.26 -8.60
C TYR C 198 -3.15 -12.91 -8.32
N SER C 199 -4.47 -12.88 -8.39
CA SER C 199 -5.16 -11.61 -8.56
C SER C 199 -5.39 -10.89 -7.23
N MET C 200 -5.27 -11.57 -6.10
CA MET C 200 -5.83 -11.02 -4.87
C MET C 200 -4.79 -10.17 -4.14
N ALA C 201 -3.51 -10.41 -4.41
CA ALA C 201 -2.47 -9.50 -3.96
C ALA C 201 -1.39 -9.31 -5.03
N GLY C 202 -1.56 -9.94 -6.20
CA GLY C 202 -0.70 -9.61 -7.33
C GLY C 202 0.67 -10.30 -7.26
N SER C 203 0.77 -11.40 -6.50
CA SER C 203 2.00 -12.18 -6.46
C SER C 203 2.20 -12.87 -7.79
N VAL C 204 3.43 -13.32 -8.02
CA VAL C 204 3.83 -13.91 -9.29
C VAL C 204 4.61 -15.20 -9.05
N ALA C 205 4.43 -16.18 -9.95
CA ALA C 205 5.12 -17.44 -9.82
C ALA C 205 6.48 -17.36 -10.51
N ASP C 206 7.43 -18.10 -9.95
CA ASP C 206 8.69 -18.35 -10.62
C ASP C 206 8.51 -19.52 -11.58
N ILE C 207 8.01 -19.20 -12.77
CA ILE C 207 7.64 -20.20 -13.76
C ILE C 207 8.87 -20.97 -14.20
N GLU C 208 10.02 -20.27 -14.33
CA GLU C 208 11.24 -20.92 -14.80
C GLU C 208 11.66 -22.03 -13.83
N LYS C 209 11.61 -21.75 -12.52
CA LYS C 209 12.05 -22.70 -11.51
C LYS C 209 11.07 -23.88 -11.43
N ILE C 210 9.79 -23.63 -11.72
CA ILE C 210 8.77 -24.67 -11.67
C ILE C 210 8.99 -25.61 -12.86
N CYS C 211 9.31 -25.06 -14.03
CA CYS C 211 9.62 -25.87 -15.20
C CYS C 211 10.87 -26.71 -14.96
N ASP C 212 11.85 -26.17 -14.22
CA ASP C 212 13.05 -26.92 -13.87
C ASP C 212 12.66 -28.12 -13.01
N LEU C 213 11.81 -27.88 -11.99
CA LEU C 213 11.34 -28.92 -11.10
C LEU C 213 10.59 -29.99 -11.89
N ALA C 214 9.75 -29.53 -12.82
CA ALA C 214 8.96 -30.42 -13.65
C ALA C 214 9.86 -31.29 -14.52
N ASP C 215 10.94 -30.73 -15.08
CA ASP C 215 11.91 -31.51 -15.85
C ASP C 215 12.52 -32.59 -14.97
N LYS C 216 12.85 -32.23 -13.72
CA LYS C 216 13.63 -33.10 -12.85
C LYS C 216 12.79 -34.27 -12.37
N TYR C 217 11.52 -34.03 -11.99
CA TYR C 217 10.66 -35.03 -11.39
C TYR C 217 9.60 -35.53 -12.36
N GLY C 218 9.72 -35.17 -13.64
CA GLY C 218 8.97 -35.79 -14.73
C GLY C 218 7.47 -35.46 -14.71
N ALA C 219 7.14 -34.17 -14.57
CA ALA C 219 5.78 -33.71 -14.42
C ALA C 219 5.38 -32.87 -15.63
N LEU C 220 4.07 -32.80 -15.89
CA LEU C 220 3.51 -31.82 -16.80
C LEU C 220 3.27 -30.50 -16.03
N THR C 221 3.34 -29.39 -16.75
CA THR C 221 2.99 -28.10 -16.18
C THR C 221 1.68 -27.61 -16.79
N PHE C 222 0.84 -27.07 -15.89
CA PHE C 222 -0.39 -26.40 -16.24
C PHE C 222 -0.37 -25.00 -15.66
N LEU C 223 -0.40 -24.00 -16.54
CA LEU C 223 -0.19 -22.61 -16.19
C LEU C 223 -1.39 -21.77 -16.62
N ASP C 224 -2.09 -21.19 -15.63
CA ASP C 224 -3.17 -20.26 -15.84
C ASP C 224 -2.59 -18.84 -15.89
N GLU C 225 -2.65 -18.21 -17.06
CA GLU C 225 -2.08 -16.88 -17.29
C GLU C 225 -3.20 -15.85 -17.40
N VAL C 226 -4.32 -16.10 -16.73
CA VAL C 226 -5.51 -15.28 -16.89
C VAL C 226 -5.24 -13.82 -16.55
N HIS C 227 -4.43 -13.58 -15.51
CA HIS C 227 -4.20 -12.21 -15.05
C HIS C 227 -2.91 -11.67 -15.63
N ALA C 228 -2.40 -12.30 -16.71
CA ALA C 228 -1.13 -11.91 -17.28
C ALA C 228 -1.23 -11.64 -18.78
N VAL C 229 -2.09 -12.37 -19.49
CA VAL C 229 -2.16 -12.20 -20.94
C VAL C 229 -2.69 -10.79 -21.23
N GLY C 230 -2.01 -10.12 -22.17
CA GLY C 230 -2.26 -8.72 -22.45
C GLY C 230 -1.26 -7.80 -21.76
N LEU C 231 -0.70 -8.27 -20.64
CA LEU C 231 -0.10 -7.38 -19.65
C LEU C 231 1.40 -7.58 -19.53
N TYR C 232 1.90 -8.80 -19.78
CA TYR C 232 3.31 -9.11 -19.57
C TYR C 232 3.90 -9.68 -20.86
N GLY C 233 5.20 -9.46 -21.02
CA GLY C 233 5.87 -9.80 -22.26
C GLY C 233 5.74 -8.67 -23.26
N PRO C 234 6.66 -8.58 -24.25
CA PRO C 234 6.58 -7.52 -25.26
C PRO C 234 5.27 -7.55 -26.05
N HIS C 235 4.65 -8.72 -26.17
CA HIS C 235 3.48 -8.85 -27.03
C HIS C 235 2.24 -9.19 -26.21
N GLY C 236 2.34 -9.19 -24.88
CA GLY C 236 1.21 -9.49 -24.00
C GLY C 236 0.88 -10.99 -23.97
N ALA C 237 1.89 -11.84 -24.21
CA ALA C 237 1.70 -13.27 -24.23
C ALA C 237 1.74 -13.84 -22.81
N GLY C 238 2.17 -13.02 -21.84
CA GLY C 238 2.08 -13.37 -20.43
C GLY C 238 3.45 -13.35 -19.74
N VAL C 239 3.47 -13.84 -18.49
CA VAL C 239 4.68 -13.81 -17.68
C VAL C 239 5.66 -14.82 -18.27
N ALA C 240 5.16 -15.91 -18.86
CA ALA C 240 6.04 -16.88 -19.49
C ALA C 240 6.83 -16.21 -20.61
N GLU C 241 6.20 -15.28 -21.34
CA GLU C 241 6.88 -14.54 -22.39
C GLU C 241 7.87 -13.56 -21.76
N HIS C 242 7.45 -12.93 -20.66
CA HIS C 242 8.25 -11.91 -20.00
C HIS C 242 9.57 -12.51 -19.50
N CYS C 243 9.52 -13.79 -19.08
CA CYS C 243 10.68 -14.52 -18.62
C CYS C 243 11.78 -14.55 -19.67
N ASP C 244 11.45 -14.43 -20.96
CA ASP C 244 12.46 -14.32 -21.99
C ASP C 244 12.16 -13.10 -22.85
N PHE C 245 11.94 -11.96 -22.17
CA PHE C 245 11.44 -10.74 -22.78
C PHE C 245 12.24 -10.39 -24.03
N GLU C 246 13.59 -10.38 -23.91
CA GLU C 246 14.43 -9.87 -24.98
C GLU C 246 14.46 -10.84 -26.16
N SER C 247 14.51 -12.14 -25.86
CA SER C 247 14.47 -13.16 -26.90
C SER C 247 13.19 -13.03 -27.74
N HIS C 248 12.05 -12.83 -27.07
CA HIS C 248 10.76 -12.76 -27.75
C HIS C 248 10.63 -11.45 -28.50
N ARG C 249 11.08 -10.36 -27.89
CA ARG C 249 11.02 -9.05 -28.53
C ARG C 249 11.85 -9.06 -29.80
N ALA C 250 13.04 -9.67 -29.76
CA ALA C 250 13.91 -9.72 -30.93
C ALA C 250 13.25 -10.50 -32.06
N SER C 251 12.68 -11.67 -31.75
CA SER C 251 12.13 -12.55 -32.78
C SER C 251 10.71 -12.16 -33.17
N GLY C 252 9.98 -11.47 -32.27
CA GLY C 252 8.63 -11.03 -32.56
C GLY C 252 7.65 -12.21 -32.61
N ILE C 253 7.04 -12.40 -33.80
CA ILE C 253 6.08 -13.46 -34.04
C ILE C 253 6.76 -14.83 -33.98
N ALA C 254 8.01 -14.92 -34.43
CA ALA C 254 8.70 -16.18 -34.63
C ALA C 254 9.19 -16.77 -33.30
N THR C 255 9.52 -18.06 -33.32
CA THR C 255 10.16 -18.72 -32.20
C THR C 255 11.60 -18.21 -32.08
N PRO C 256 12.07 -17.79 -30.88
CA PRO C 256 13.45 -17.32 -30.75
C PRO C 256 14.47 -18.43 -31.01
N LYS C 257 15.65 -18.07 -31.51
CA LYS C 257 16.71 -19.04 -31.72
C LYS C 257 17.27 -19.50 -30.38
N THR C 258 17.24 -18.64 -29.35
CA THR C 258 17.65 -19.00 -28.00
C THR C 258 16.78 -18.27 -26.96
N ASN C 259 16.82 -18.73 -25.71
CA ASN C 259 16.18 -18.04 -24.61
C ASN C 259 17.13 -16.93 -24.12
N ASP C 260 16.75 -16.26 -23.03
CA ASP C 260 17.46 -15.08 -22.52
C ASP C 260 18.78 -15.47 -21.87
N LYS C 261 19.04 -16.77 -21.67
CA LYS C 261 20.29 -17.24 -21.09
C LYS C 261 21.12 -17.99 -22.13
N GLY C 262 20.73 -17.92 -23.40
CA GLY C 262 21.48 -18.58 -24.47
C GLY C 262 21.13 -20.06 -24.63
N GLY C 263 20.15 -20.55 -23.84
CA GLY C 263 19.71 -21.93 -23.90
C GLY C 263 18.78 -22.18 -25.09
N ALA C 264 18.39 -23.45 -25.28
CA ALA C 264 17.69 -23.87 -26.49
C ALA C 264 16.22 -23.47 -26.50
N LYS C 265 15.54 -23.54 -25.34
CA LYS C 265 14.08 -23.40 -25.29
C LYS C 265 13.65 -22.30 -24.33
N THR C 266 12.61 -21.55 -24.71
CA THR C 266 12.06 -20.50 -23.87
C THR C 266 11.20 -21.11 -22.77
N VAL C 267 10.87 -20.31 -21.76
CA VAL C 267 10.00 -20.75 -20.68
C VAL C 267 8.60 -20.99 -21.24
N MET C 268 8.16 -20.15 -22.19
CA MET C 268 6.84 -20.30 -22.77
C MET C 268 6.78 -21.59 -23.59
N ASP C 269 7.86 -21.97 -24.27
CA ASP C 269 7.91 -23.21 -25.04
C ASP C 269 7.80 -24.42 -24.10
N ARG C 270 8.40 -24.33 -22.92
CA ARG C 270 8.57 -25.46 -22.01
C ARG C 270 7.28 -25.76 -21.24
N VAL C 271 6.41 -24.78 -21.06
CA VAL C 271 5.15 -25.00 -20.35
C VAL C 271 4.26 -25.85 -21.25
N ASP C 272 3.71 -26.93 -20.70
CA ASP C 272 2.97 -27.90 -21.49
C ASP C 272 1.60 -27.35 -21.90
N MET C 273 0.92 -26.72 -20.93
CA MET C 273 -0.44 -26.23 -21.13
C MET C 273 -0.59 -24.84 -20.51
N ILE C 274 -0.97 -23.85 -21.32
CA ILE C 274 -1.26 -22.51 -20.87
C ILE C 274 -2.75 -22.20 -21.13
N THR C 275 -3.47 -21.80 -20.07
CA THR C 275 -4.85 -21.36 -20.22
C THR C 275 -4.90 -19.84 -20.03
N GLY C 276 -5.88 -19.24 -20.72
CA GLY C 276 -6.18 -17.82 -20.59
C GLY C 276 -7.67 -17.55 -20.79
N THR C 277 -8.05 -16.28 -20.58
CA THR C 277 -9.41 -15.85 -20.78
C THR C 277 -9.42 -14.85 -21.93
N LEU C 278 -10.56 -14.80 -22.62
CA LEU C 278 -10.85 -13.74 -23.56
C LEU C 278 -11.68 -12.65 -22.87
N GLY C 279 -11.99 -12.79 -21.57
CA GLY C 279 -12.98 -11.97 -20.89
C GLY C 279 -12.39 -10.85 -20.01
N LYS C 280 -11.06 -10.67 -20.07
CA LYS C 280 -10.39 -9.65 -19.28
C LYS C 280 -9.63 -8.71 -20.21
N SER C 281 -8.31 -8.90 -20.36
CA SER C 281 -7.51 -8.04 -21.22
C SER C 281 -8.05 -8.00 -22.65
N PHE C 282 -8.61 -9.12 -23.12
CA PHE C 282 -9.01 -9.23 -24.52
C PHE C 282 -10.45 -8.78 -24.76
N GLY C 283 -11.13 -8.28 -23.70
CA GLY C 283 -12.29 -7.43 -23.83
C GLY C 283 -13.49 -8.12 -24.48
N SER C 284 -13.68 -9.40 -24.20
CA SER C 284 -14.79 -10.13 -24.78
C SER C 284 -15.32 -11.15 -23.78
N VAL C 285 -15.37 -12.43 -24.19
CA VAL C 285 -15.74 -13.54 -23.33
C VAL C 285 -15.18 -14.79 -23.96
N GLY C 286 -14.86 -15.79 -23.12
CA GLY C 286 -14.35 -17.05 -23.62
C GLY C 286 -13.09 -17.47 -22.89
N GLY C 287 -12.63 -18.69 -23.18
CA GLY C 287 -11.41 -19.21 -22.62
C GLY C 287 -10.70 -20.10 -23.62
N TYR C 288 -9.44 -20.42 -23.31
CA TYR C 288 -8.64 -21.20 -24.23
C TYR C 288 -7.54 -21.92 -23.48
N VAL C 289 -7.00 -22.95 -24.13
CA VAL C 289 -5.72 -23.52 -23.76
C VAL C 289 -4.85 -23.56 -25.01
N ALA C 290 -3.57 -23.26 -24.82
CA ALA C 290 -2.59 -23.37 -25.89
C ALA C 290 -1.60 -24.47 -25.52
N ALA C 291 -1.25 -25.32 -26.49
CA ALA C 291 -0.43 -26.47 -26.24
C ALA C 291 -0.01 -27.12 -27.56
N SER C 292 0.62 -28.32 -27.46
CA SER C 292 1.02 -29.08 -28.62
C SER C 292 -0.20 -29.53 -29.41
N ARG C 293 0.02 -29.80 -30.71
CA ARG C 293 -0.98 -30.35 -31.61
C ARG C 293 -1.67 -31.54 -30.94
N LYS C 294 -0.87 -32.44 -30.34
CA LYS C 294 -1.39 -33.67 -29.80
C LYS C 294 -2.32 -33.39 -28.61
N LEU C 295 -1.87 -32.55 -27.67
CA LEU C 295 -2.69 -32.21 -26.52
C LEU C 295 -4.00 -31.56 -26.96
N ILE C 296 -3.94 -30.68 -27.95
CA ILE C 296 -5.09 -29.92 -28.38
C ILE C 296 -6.11 -30.87 -29.00
N ASP C 297 -5.63 -31.77 -29.86
CA ASP C 297 -6.47 -32.74 -30.55
C ASP C 297 -7.14 -33.67 -29.53
N TRP C 298 -6.39 -33.97 -28.47
CA TRP C 298 -6.87 -34.80 -27.37
C TRP C 298 -8.06 -34.14 -26.69
N PHE C 299 -7.88 -32.90 -26.21
CA PHE C 299 -8.94 -32.18 -25.53
C PHE C 299 -10.16 -32.06 -26.44
N ARG C 300 -9.92 -31.68 -27.69
CA ARG C 300 -10.97 -31.49 -28.66
C ARG C 300 -11.79 -32.74 -28.87
N SER C 301 -11.14 -33.91 -28.85
CA SER C 301 -11.77 -35.17 -29.19
C SER C 301 -12.48 -35.81 -27.99
N PHE C 302 -12.14 -35.41 -26.76
CA PHE C 302 -12.61 -36.12 -25.58
C PHE C 302 -13.28 -35.22 -24.53
N ALA C 303 -13.09 -33.89 -24.57
CA ALA C 303 -13.54 -33.06 -23.46
C ALA C 303 -15.02 -32.76 -23.60
N PRO C 304 -15.92 -33.29 -22.72
CA PRO C 304 -17.36 -33.09 -22.89
C PRO C 304 -17.79 -31.62 -22.82
N GLY C 305 -17.06 -30.82 -22.03
CA GLY C 305 -17.36 -29.40 -21.86
C GLY C 305 -16.96 -28.58 -23.08
N PHE C 306 -16.22 -29.18 -24.00
CA PHE C 306 -15.90 -28.61 -25.29
C PHE C 306 -16.91 -29.05 -26.35
N ILE C 307 -17.24 -30.34 -26.36
CA ILE C 307 -17.97 -30.98 -27.44
C ILE C 307 -19.46 -30.57 -27.43
N PHE C 308 -20.09 -30.63 -26.25
CA PHE C 308 -21.53 -30.67 -26.13
C PHE C 308 -22.10 -29.34 -25.66
N THR C 309 -21.64 -28.23 -26.24
CA THR C 309 -22.14 -26.90 -25.92
C THR C 309 -22.06 -26.02 -27.16
N THR C 310 -23.00 -25.08 -27.26
CA THR C 310 -23.07 -24.17 -28.40
C THR C 310 -21.76 -23.39 -28.48
N THR C 311 -21.24 -23.23 -29.70
CA THR C 311 -20.06 -22.41 -29.97
C THR C 311 -20.35 -20.95 -29.64
N LEU C 312 -19.32 -20.19 -29.26
CA LEU C 312 -19.51 -18.78 -28.93
C LEU C 312 -19.96 -18.03 -30.18
N PRO C 313 -20.74 -16.93 -30.04
CA PRO C 313 -21.10 -16.09 -31.17
C PRO C 313 -19.90 -15.70 -32.04
N PRO C 314 -19.99 -15.78 -33.39
CA PRO C 314 -18.93 -15.32 -34.26
C PRO C 314 -18.42 -13.92 -33.93
N SER C 315 -19.34 -13.01 -33.57
CA SER C 315 -18.98 -11.62 -33.34
C SER C 315 -18.11 -11.48 -32.10
N VAL C 316 -18.33 -12.34 -31.11
CA VAL C 316 -17.59 -12.28 -29.87
C VAL C 316 -16.16 -12.78 -30.10
N MET C 317 -16.02 -13.74 -31.00
CA MET C 317 -14.72 -14.28 -31.38
C MET C 317 -13.97 -13.25 -32.20
N ALA C 318 -14.67 -12.62 -33.15
CA ALA C 318 -14.06 -11.59 -33.99
C ALA C 318 -13.55 -10.46 -33.11
N GLY C 319 -14.31 -10.11 -32.07
CA GLY C 319 -13.95 -9.05 -31.14
C GLY C 319 -12.65 -9.37 -30.43
N ALA C 320 -12.59 -10.58 -29.87
CA ALA C 320 -11.42 -11.07 -29.17
C ALA C 320 -10.21 -11.09 -30.11
N THR C 321 -10.41 -11.60 -31.33
CA THR C 321 -9.33 -11.74 -32.31
C THR C 321 -8.72 -10.37 -32.59
N ALA C 322 -9.56 -9.35 -32.76
CA ALA C 322 -9.10 -7.99 -33.02
C ALA C 322 -8.36 -7.44 -31.81
N ALA C 323 -8.87 -7.73 -30.60
CA ALA C 323 -8.23 -7.28 -29.38
C ALA C 323 -6.82 -7.89 -29.29
N ILE C 324 -6.71 -9.18 -29.60
CA ILE C 324 -5.44 -9.88 -29.52
C ILE C 324 -4.46 -9.34 -30.57
N ARG C 325 -4.91 -9.14 -31.82
CA ARG C 325 -4.03 -8.68 -32.88
C ARG C 325 -3.49 -7.30 -32.55
N TYR C 326 -4.36 -6.45 -31.99
CA TYR C 326 -4.05 -5.05 -31.75
C TYR C 326 -3.02 -4.92 -30.63
N GLN C 327 -3.29 -5.58 -29.49
CA GLN C 327 -2.42 -5.48 -28.34
C GLN C 327 -1.05 -6.13 -28.63
N ARG C 328 -1.02 -7.11 -29.53
CA ARG C 328 0.24 -7.80 -29.83
C ARG C 328 1.31 -6.78 -30.24
N CYS C 329 0.91 -5.79 -31.03
CA CYS C 329 1.87 -4.86 -31.62
C CYS C 329 1.69 -3.45 -31.05
N HIS C 330 1.07 -3.35 -29.86
CA HIS C 330 0.87 -2.08 -29.19
C HIS C 330 1.35 -2.20 -27.75
N ILE C 331 2.67 -2.23 -27.57
CA ILE C 331 3.30 -2.33 -26.26
C ILE C 331 3.02 -1.07 -25.44
N ASP C 332 2.58 0.02 -26.10
CA ASP C 332 2.19 1.23 -25.40
C ASP C 332 1.05 0.92 -24.43
N LEU C 333 0.21 -0.07 -24.73
CA LEU C 333 -0.86 -0.45 -23.81
C LEU C 333 -0.27 -0.88 -22.47
N ARG C 334 0.80 -1.67 -22.49
CA ARG C 334 1.39 -2.23 -21.29
C ARG C 334 2.19 -1.18 -20.53
N THR C 335 3.01 -0.39 -21.23
CA THR C 335 3.85 0.60 -20.55
C THR C 335 2.91 1.62 -19.90
N SER C 336 1.87 1.97 -20.63
CA SER C 336 0.87 2.92 -20.16
C SER C 336 0.25 2.42 -18.86
N GLN C 337 -0.24 1.18 -18.85
CA GLN C 337 -0.91 0.60 -17.70
C GLN C 337 0.05 0.49 -16.51
N GLN C 338 1.27 0.01 -16.78
CA GLN C 338 2.28 -0.12 -15.74
C GLN C 338 2.54 1.24 -15.11
N LYS C 339 2.65 2.29 -15.93
CA LYS C 339 2.94 3.63 -15.43
C LYS C 339 1.76 4.15 -14.61
N HIS C 340 0.53 3.88 -15.04
CA HIS C 340 -0.64 4.34 -14.32
C HIS C 340 -0.68 3.66 -12.95
N THR C 341 -0.33 2.37 -12.93
CA THR C 341 -0.32 1.62 -11.68
C THR C 341 0.74 2.20 -10.75
N MET C 342 1.97 2.33 -11.25
CA MET C 342 3.07 2.81 -10.43
C MET C 342 2.75 4.20 -9.88
N TYR C 343 2.05 5.01 -10.68
CA TYR C 343 1.65 6.34 -10.26
C TYR C 343 0.73 6.26 -9.04
N VAL C 344 -0.25 5.36 -9.06
CA VAL C 344 -1.17 5.24 -7.95
C VAL C 344 -0.45 4.68 -6.73
N LYS C 345 0.36 3.64 -6.96
CA LYS C 345 1.12 3.02 -5.89
C LYS C 345 2.00 4.05 -5.18
N LYS C 346 2.69 4.88 -5.96
CA LYS C 346 3.64 5.83 -5.40
C LYS C 346 2.90 6.91 -4.61
N ALA C 347 1.72 7.31 -5.09
CA ALA C 347 0.93 8.31 -4.42
C ALA C 347 0.39 7.78 -3.09
N PHE C 348 -0.04 6.53 -3.08
CA PHE C 348 -0.53 5.88 -1.87
C PHE C 348 0.62 5.77 -0.88
N HIS C 349 1.81 5.45 -1.38
CA HIS C 349 2.96 5.29 -0.50
C HIS C 349 3.22 6.60 0.23
N GLU C 350 3.11 7.73 -0.47
CA GLU C 350 3.40 9.03 0.13
C GLU C 350 2.31 9.42 1.12
N LEU C 351 1.08 8.93 0.93
CA LEU C 351 -0.02 9.29 1.83
C LEU C 351 -0.14 8.27 2.94
N GLY C 352 0.72 7.25 2.93
CA GLY C 352 0.67 6.21 3.94
C GLY C 352 -0.60 5.36 3.81
N ILE C 353 -1.12 5.24 2.59
CA ILE C 353 -2.22 4.33 2.32
C ILE C 353 -1.64 2.96 2.02
N PRO C 354 -1.94 1.94 2.86
CA PRO C 354 -1.22 0.67 2.84
C PRO C 354 -1.56 -0.18 1.63
N VAL C 355 -0.59 -0.31 0.71
CA VAL C 355 -0.73 -1.14 -0.45
C VAL C 355 0.05 -2.42 -0.22
N ILE C 356 -0.57 -3.57 -0.46
CA ILE C 356 0.14 -4.82 -0.35
C ILE C 356 1.16 -4.89 -1.48
N PRO C 357 2.47 -4.89 -1.16
CA PRO C 357 3.50 -4.86 -2.20
C PRO C 357 3.40 -6.04 -3.15
N ASN C 358 3.70 -5.79 -4.42
CA ASN C 358 3.63 -6.80 -5.45
C ASN C 358 4.32 -6.26 -6.68
N PRO C 359 4.86 -7.13 -7.58
CA PRO C 359 5.54 -6.68 -8.77
C PRO C 359 4.67 -6.53 -10.00
N SER C 360 3.35 -6.42 -9.83
CA SER C 360 2.41 -6.56 -10.95
C SER C 360 1.54 -5.30 -11.12
N HIS C 361 0.38 -5.46 -11.75
CA HIS C 361 -0.43 -4.31 -12.13
C HIS C 361 -1.57 -4.04 -11.14
N ILE C 362 -1.67 -4.87 -10.09
CA ILE C 362 -2.78 -4.81 -9.14
C ILE C 362 -2.39 -3.89 -7.99
N VAL C 363 -3.38 -3.22 -7.41
CA VAL C 363 -3.19 -2.32 -6.29
C VAL C 363 -4.12 -2.74 -5.16
N PRO C 364 -3.74 -3.72 -4.33
CA PRO C 364 -4.57 -4.13 -3.20
C PRO C 364 -4.36 -3.26 -1.98
N VAL C 365 -5.42 -2.58 -1.53
CA VAL C 365 -5.30 -1.66 -0.41
C VAL C 365 -5.75 -2.39 0.85
N LEU C 366 -4.84 -2.55 1.81
CA LEU C 366 -5.10 -3.31 3.02
C LEU C 366 -5.99 -2.50 3.98
N ILE C 367 -7.02 -3.17 4.50
CA ILE C 367 -7.94 -2.58 5.48
C ILE C 367 -7.84 -3.39 6.77
N GLY C 368 -8.00 -4.71 6.66
CA GLY C 368 -7.78 -5.63 7.76
C GLY C 368 -9.05 -5.93 8.55
N ASN C 369 -10.19 -5.43 8.07
CA ASN C 369 -11.47 -5.65 8.74
C ASN C 369 -12.56 -5.74 7.69
N ALA C 370 -13.41 -6.77 7.78
CA ALA C 370 -14.43 -7.03 6.76
C ALA C 370 -15.42 -5.88 6.67
N ASP C 371 -15.95 -5.45 7.83
CA ASP C 371 -16.92 -4.36 7.93
C ASP C 371 -16.37 -3.05 7.37
N LEU C 372 -15.15 -2.68 7.81
CA LEU C 372 -14.55 -1.41 7.42
C LEU C 372 -14.23 -1.40 5.93
N ALA C 373 -13.84 -2.55 5.37
CA ALA C 373 -13.58 -2.62 3.93
C ALA C 373 -14.87 -2.43 3.13
N LYS C 374 -15.95 -3.09 3.56
CA LYS C 374 -17.26 -2.92 2.92
C LYS C 374 -17.71 -1.48 3.07
N GLN C 375 -17.52 -0.90 4.26
CA GLN C 375 -17.92 0.45 4.56
C GLN C 375 -17.14 1.43 3.70
N ALA C 376 -15.85 1.18 3.52
CA ALA C 376 -15.02 1.99 2.63
C ALA C 376 -15.55 1.93 1.20
N SER C 377 -15.76 0.70 0.70
CA SER C 377 -16.31 0.45 -0.63
C SER C 377 -17.55 1.31 -0.86
N ASP C 378 -18.44 1.36 0.15
CA ASP C 378 -19.73 2.05 0.05
C ASP C 378 -19.57 3.57 0.01
N ILE C 379 -18.74 4.11 0.90
CA ILE C 379 -18.53 5.55 0.94
C ILE C 379 -17.88 5.97 -0.37
N LEU C 380 -17.01 5.13 -0.93
CA LEU C 380 -16.32 5.48 -2.16
C LEU C 380 -17.31 5.63 -3.32
N ILE C 381 -18.29 4.74 -3.41
CA ILE C 381 -19.20 4.78 -4.55
C ILE C 381 -20.31 5.81 -4.33
N ASN C 382 -20.80 5.96 -3.09
CA ASN C 382 -21.94 6.81 -2.83
C ASN C 382 -21.50 8.27 -2.65
N LYS C 383 -20.44 8.50 -1.87
CA LYS C 383 -19.92 9.85 -1.66
C LYS C 383 -19.05 10.31 -2.82
N HIS C 384 -18.18 9.45 -3.36
CA HIS C 384 -17.13 9.90 -4.26
C HIS C 384 -17.25 9.36 -5.69
N GLN C 385 -18.27 8.56 -5.98
CA GLN C 385 -18.47 8.03 -7.32
C GLN C 385 -17.25 7.24 -7.80
N ILE C 386 -16.66 6.46 -6.90
CA ILE C 386 -15.57 5.55 -7.18
C ILE C 386 -16.07 4.14 -6.91
N TYR C 387 -16.00 3.27 -7.92
CA TYR C 387 -16.41 1.88 -7.76
C TYR C 387 -15.16 1.03 -7.58
N VAL C 388 -14.96 0.60 -6.33
CA VAL C 388 -13.92 -0.33 -5.96
C VAL C 388 -14.57 -1.47 -5.17
N GLN C 389 -14.13 -2.71 -5.36
CA GLN C 389 -14.76 -3.81 -4.66
C GLN C 389 -13.92 -4.22 -3.44
N ALA C 390 -14.61 -4.47 -2.32
CA ALA C 390 -14.00 -5.01 -1.13
C ALA C 390 -13.86 -6.52 -1.27
N ILE C 391 -12.68 -7.04 -0.90
CA ILE C 391 -12.38 -8.47 -0.95
C ILE C 391 -12.33 -8.99 0.48
N ASN C 392 -13.15 -10.01 0.77
CA ASN C 392 -13.34 -10.56 2.10
C ASN C 392 -13.12 -12.07 2.06
N PHE C 393 -13.21 -12.69 3.24
CA PHE C 393 -13.32 -14.13 3.34
C PHE C 393 -14.56 -14.59 2.57
N PRO C 394 -14.50 -15.68 1.76
CA PRO C 394 -13.37 -16.61 1.74
C PRO C 394 -12.36 -16.42 0.61
N THR C 395 -12.42 -15.31 -0.14
CA THR C 395 -11.45 -15.10 -1.20
C THR C 395 -10.06 -14.93 -0.58
N VAL C 396 -10.01 -14.27 0.58
CA VAL C 396 -8.77 -13.95 1.26
C VAL C 396 -8.93 -14.28 2.75
N ALA C 397 -7.79 -14.50 3.42
CA ALA C 397 -7.76 -14.83 4.83
C ALA C 397 -8.41 -13.72 5.65
N ARG C 398 -9.23 -14.13 6.64
CA ARG C 398 -9.90 -13.20 7.53
C ARG C 398 -8.84 -12.39 8.29
N GLY C 399 -9.01 -11.07 8.32
CA GLY C 399 -8.02 -10.18 8.91
C GLY C 399 -7.15 -9.51 7.85
N THR C 400 -7.26 -9.93 6.58
CA THR C 400 -6.47 -9.35 5.51
C THR C 400 -7.38 -8.77 4.42
N GLU C 401 -8.56 -8.28 4.82
CA GLU C 401 -9.53 -7.78 3.86
C GLU C 401 -8.96 -6.52 3.21
N ARG C 402 -9.42 -6.22 1.99
CA ARG C 402 -8.77 -5.22 1.18
C ARG C 402 -9.69 -4.69 0.07
N LEU C 403 -9.32 -3.52 -0.47
CA LEU C 403 -9.92 -2.97 -1.67
C LEU C 403 -9.04 -3.31 -2.86
N ARG C 404 -9.62 -3.91 -3.91
CA ARG C 404 -8.90 -4.21 -5.13
C ARG C 404 -9.07 -3.07 -6.12
N ILE C 405 -7.93 -2.51 -6.57
CA ILE C 405 -7.89 -1.45 -7.57
C ILE C 405 -7.00 -1.90 -8.74
N THR C 406 -7.55 -1.81 -9.97
CA THR C 406 -6.92 -2.31 -11.17
C THR C 406 -6.89 -1.20 -12.22
N PRO C 407 -5.83 -0.35 -12.24
CA PRO C 407 -5.66 0.64 -13.30
C PRO C 407 -5.45 0.04 -14.69
N THR C 408 -5.80 0.84 -15.71
CA THR C 408 -5.72 0.45 -17.12
C THR C 408 -5.09 1.60 -17.90
N PRO C 409 -4.81 1.45 -19.21
CA PRO C 409 -4.33 2.56 -20.01
C PRO C 409 -5.28 3.76 -20.01
N GLY C 410 -6.56 3.52 -19.67
CA GLY C 410 -7.57 4.55 -19.72
C GLY C 410 -7.64 5.35 -18.42
N HIS C 411 -7.02 4.84 -17.35
CA HIS C 411 -6.98 5.58 -16.10
C HIS C 411 -5.80 6.55 -16.12
N THR C 412 -6.00 7.67 -16.82
CA THR C 412 -5.03 8.74 -16.90
C THR C 412 -4.89 9.39 -15.52
N ASN C 413 -3.86 10.22 -15.39
CA ASN C 413 -3.44 10.74 -14.09
C ASN C 413 -4.53 11.60 -13.45
N ASP C 414 -5.36 12.27 -14.26
CA ASP C 414 -6.46 13.06 -13.74
C ASP C 414 -7.42 12.17 -12.94
N LEU C 415 -7.77 11.00 -13.51
CA LEU C 415 -8.66 10.07 -12.85
C LEU C 415 -7.98 9.49 -11.60
N SER C 416 -6.69 9.15 -11.74
CA SER C 416 -5.88 8.65 -10.63
C SER C 416 -5.88 9.64 -9.47
N ASP C 417 -5.74 10.94 -9.77
CA ASP C 417 -5.70 11.96 -8.74
C ASP C 417 -7.00 11.95 -7.94
N ILE C 418 -8.14 11.81 -8.62
CA ILE C 418 -9.44 11.86 -7.98
C ILE C 418 -9.57 10.66 -7.02
N LEU C 419 -9.11 9.49 -7.49
CA LEU C 419 -9.11 8.26 -6.70
C LEU C 419 -8.24 8.42 -5.44
N ILE C 420 -7.02 8.93 -5.65
CA ILE C 420 -6.05 9.06 -4.57
C ILE C 420 -6.68 9.92 -3.48
N ASN C 421 -7.24 11.05 -3.89
CA ASN C 421 -7.84 12.01 -2.98
C ASN C 421 -9.03 11.37 -2.25
N ALA C 422 -9.83 10.61 -3.00
CA ALA C 422 -11.01 9.99 -2.45
C ALA C 422 -10.60 8.95 -1.40
N VAL C 423 -9.66 8.08 -1.75
CA VAL C 423 -9.23 7.03 -0.84
C VAL C 423 -8.65 7.66 0.42
N ASP C 424 -7.85 8.72 0.26
CA ASP C 424 -7.27 9.41 1.41
C ASP C 424 -8.39 9.93 2.31
N ASP C 425 -9.45 10.50 1.69
CA ASP C 425 -10.53 11.11 2.46
C ASP C 425 -11.24 10.04 3.29
N VAL C 426 -11.42 8.85 2.69
CA VAL C 426 -12.17 7.77 3.31
C VAL C 426 -11.36 7.17 4.46
N PHE C 427 -10.05 7.00 4.23
CA PHE C 427 -9.14 6.55 5.29
C PHE C 427 -9.29 7.49 6.49
N ASN C 428 -9.35 8.80 6.24
CA ASN C 428 -9.54 9.76 7.31
C ASN C 428 -10.91 9.61 7.95
N GLU C 429 -11.97 9.50 7.14
CA GLU C 429 -13.34 9.47 7.63
C GLU C 429 -13.56 8.31 8.59
N LEU C 430 -12.99 7.15 8.27
CA LEU C 430 -13.21 5.93 9.03
C LEU C 430 -12.04 5.64 9.97
N GLN C 431 -11.03 6.54 9.99
CA GLN C 431 -9.85 6.36 10.81
C GLN C 431 -9.21 5.00 10.56
N LEU C 432 -9.04 4.67 9.28
CA LEU C 432 -8.46 3.39 8.88
C LEU C 432 -6.96 3.43 9.14
N PRO C 433 -6.33 2.28 9.44
CA PRO C 433 -4.89 2.24 9.65
C PRO C 433 -4.10 2.61 8.41
N ARG C 434 -3.08 3.46 8.61
CA ARG C 434 -2.11 3.84 7.61
C ARG C 434 -0.89 2.92 7.75
N VAL C 435 0.09 3.07 6.85
CA VAL C 435 1.26 2.21 6.83
C VAL C 435 1.93 2.21 8.20
N ARG C 436 2.04 3.38 8.82
CA ARG C 436 2.79 3.51 10.07
C ARG C 436 2.07 2.77 11.20
N ASP C 437 0.75 2.65 11.10
CA ASP C 437 -0.03 1.93 12.10
C ASP C 437 0.20 0.42 11.98
N TRP C 438 0.47 -0.04 10.75
CA TRP C 438 0.78 -1.44 10.50
C TRP C 438 2.20 -1.77 10.94
N GLU C 439 3.12 -0.83 10.70
CA GLU C 439 4.50 -0.96 11.17
C GLU C 439 4.51 -1.25 12.67
N SER C 440 3.67 -0.53 13.44
CA SER C 440 3.65 -0.63 14.88
C SER C 440 3.08 -1.95 15.37
N GLN C 441 2.34 -2.69 14.52
CA GLN C 441 1.80 -3.98 14.88
C GLN C 441 2.63 -5.10 14.27
N GLY C 442 3.82 -4.77 13.76
CA GLY C 442 4.78 -5.75 13.33
C GLY C 442 4.71 -6.03 11.83
N GLY C 443 3.76 -5.38 11.16
CA GLY C 443 3.58 -5.54 9.72
C GLY C 443 2.59 -6.63 9.38
N LEU C 444 2.10 -6.61 8.14
CA LEU C 444 1.20 -7.65 7.63
C LEU C 444 1.33 -7.69 6.11
N LEU C 445 1.71 -8.86 5.58
CA LEU C 445 1.75 -9.14 4.16
C LEU C 445 2.67 -8.18 3.41
N GLY C 446 3.71 -7.68 4.11
CA GLY C 446 4.66 -6.78 3.48
C GLY C 446 4.49 -5.33 3.91
N VAL C 447 3.27 -4.96 4.30
CA VAL C 447 2.96 -3.61 4.72
C VAL C 447 3.53 -3.39 6.12
N GLY C 448 4.51 -2.49 6.23
CA GLY C 448 5.10 -2.10 7.51
C GLY C 448 5.88 -3.23 8.17
N GLU C 449 6.64 -4.02 7.41
CA GLU C 449 7.24 -5.24 7.91
C GLU C 449 8.76 -5.14 7.80
N SER C 450 9.44 -5.04 8.95
CA SER C 450 10.87 -4.84 8.97
C SER C 450 11.54 -6.06 8.35
N GLY C 451 12.51 -5.79 7.49
CA GLY C 451 13.29 -6.86 6.88
C GLY C 451 12.58 -7.53 5.71
N PHE C 452 11.39 -7.01 5.33
CA PHE C 452 10.74 -7.47 4.11
C PHE C 452 11.45 -6.87 2.91
N VAL C 453 11.83 -7.72 1.94
CA VAL C 453 12.45 -7.27 0.70
C VAL C 453 11.43 -7.44 -0.44
N GLU C 454 10.91 -6.30 -0.92
CA GLU C 454 9.86 -6.30 -1.93
C GLU C 454 10.44 -6.86 -3.23
N GLU C 455 9.60 -7.59 -3.98
CA GLU C 455 10.01 -8.18 -5.24
C GLU C 455 10.01 -7.07 -6.29
N SER C 456 11.12 -6.95 -7.05
CA SER C 456 11.22 -6.01 -8.16
C SER C 456 10.07 -6.19 -9.14
N ASN C 457 9.55 -5.08 -9.69
CA ASN C 457 8.49 -5.12 -10.68
C ASN C 457 8.92 -5.97 -11.86
N LEU C 458 7.96 -6.71 -12.44
CA LEU C 458 8.25 -7.49 -13.63
C LEU C 458 8.71 -6.55 -14.72
N TRP C 459 8.05 -5.39 -14.85
CA TRP C 459 8.41 -4.38 -15.83
C TRP C 459 9.53 -3.50 -15.28
N THR C 460 10.71 -3.60 -15.91
CA THR C 460 11.88 -2.81 -15.55
C THR C 460 11.78 -1.43 -16.18
N SER C 461 12.66 -0.52 -15.75
CA SER C 461 12.75 0.82 -16.32
C SER C 461 13.06 0.74 -17.81
N SER C 462 14.04 -0.11 -18.13
CA SER C 462 14.47 -0.31 -19.51
C SER C 462 13.30 -0.79 -20.38
N GLN C 463 12.53 -1.77 -19.89
CA GLN C 463 11.37 -2.29 -20.62
C GLN C 463 10.28 -1.23 -20.76
N LEU C 464 10.03 -0.45 -19.70
CA LEU C 464 8.95 0.55 -19.68
C LEU C 464 9.21 1.70 -20.64
N SER C 465 10.45 1.87 -21.12
CA SER C 465 10.76 2.98 -22.01
C SER C 465 10.79 2.53 -23.47
N LEU C 466 10.36 1.29 -23.74
CA LEU C 466 10.18 0.79 -25.10
C LEU C 466 8.93 1.44 -25.69
N THR C 467 8.93 1.60 -27.02
CA THR C 467 7.77 2.04 -27.78
C THR C 467 7.44 0.99 -28.82
N ASN C 468 6.37 1.20 -29.58
CA ASN C 468 5.96 0.27 -30.62
C ASN C 468 7.03 0.17 -31.71
N ASP C 469 7.92 1.17 -31.80
CA ASP C 469 8.99 1.16 -32.79
C ASP C 469 10.07 0.15 -32.41
N ASP C 470 10.06 -0.31 -31.15
CA ASP C 470 11.05 -1.25 -30.67
C ASP C 470 10.56 -2.70 -30.84
N LEU C 471 9.39 -2.90 -31.46
CA LEU C 471 8.89 -4.23 -31.74
C LEU C 471 9.34 -4.66 -33.14
N ASN C 472 9.37 -5.97 -33.34
CA ASN C 472 9.69 -6.54 -34.64
C ASN C 472 8.57 -6.18 -35.62
N PRO C 473 8.88 -5.69 -36.85
CA PRO C 473 7.87 -5.40 -37.84
C PRO C 473 6.89 -6.55 -38.11
N ASN C 474 7.30 -7.79 -37.84
CA ASN C 474 6.50 -8.94 -38.24
C ASN C 474 5.29 -9.15 -37.31
N VAL C 475 5.14 -8.34 -36.25
CA VAL C 475 4.01 -8.46 -35.33
C VAL C 475 2.85 -7.56 -35.77
N ARG C 476 3.11 -6.67 -36.73
CA ARG C 476 2.08 -5.81 -37.29
C ARG C 476 1.43 -6.53 -38.47
N ASP C 477 0.09 -6.49 -38.54
CA ASP C 477 -0.71 -7.12 -39.59
C ASP C 477 -0.11 -8.43 -40.08
N PRO C 478 0.20 -9.41 -39.19
CA PRO C 478 0.71 -10.69 -39.64
C PRO C 478 -0.38 -11.55 -40.29
N ILE C 479 -0.01 -12.27 -41.35
CA ILE C 479 -0.91 -13.23 -41.98
C ILE C 479 -0.87 -14.48 -41.12
N VAL C 480 -1.97 -14.78 -40.42
CA VAL C 480 -1.99 -15.86 -39.44
C VAL C 480 -2.80 -17.03 -40.01
N LYS C 481 -2.09 -18.04 -40.53
CA LYS C 481 -2.68 -19.20 -41.18
C LYS C 481 -3.49 -20.00 -40.16
N GLN C 482 -4.62 -20.56 -40.62
CA GLN C 482 -5.53 -21.33 -39.80
C GLN C 482 -4.95 -22.72 -39.57
N LEU C 483 -5.46 -23.42 -38.55
CA LEU C 483 -4.80 -24.61 -37.98
C LEU C 483 -5.61 -25.86 -38.30
N GLU C 484 -4.89 -26.90 -38.74
CA GLU C 484 -5.53 -28.15 -39.16
C GLU C 484 -6.23 -28.82 -37.99
N VAL C 485 -5.65 -28.66 -36.79
CA VAL C 485 -6.08 -29.35 -35.57
C VAL C 485 -7.38 -28.76 -35.01
N SER C 486 -7.70 -27.51 -35.37
CA SER C 486 -8.97 -26.89 -35.02
C SER C 486 -10.15 -27.64 -35.67
N SER C 487 -9.88 -28.34 -36.79
CA SER C 487 -10.88 -29.06 -37.58
C SER C 487 -10.72 -30.59 -37.49
N GLY C 488 -9.55 -31.06 -37.04
CA GLY C 488 -9.20 -32.48 -37.04
C GLY C 488 -8.17 -32.79 -38.12
N ILE C 489 -7.47 -33.91 -37.91
CA ILE C 489 -6.41 -34.37 -38.79
C ILE C 489 -6.75 -35.81 -39.22
N SER D 12 2.33 -42.53 6.28
CA SER D 12 1.60 -42.40 7.56
C SER D 12 2.19 -41.28 8.41
N GLY D 13 3.34 -41.52 9.07
CA GLY D 13 3.83 -40.63 10.12
C GLY D 13 4.40 -39.32 9.58
N PHE D 14 4.34 -38.26 10.39
CA PHE D 14 4.77 -36.93 9.97
C PHE D 14 6.24 -36.96 9.59
N ASP D 15 6.61 -36.20 8.54
CA ASP D 15 7.97 -36.18 8.03
C ASP D 15 8.79 -35.12 8.79
N TYR D 16 9.38 -35.50 9.92
CA TYR D 16 10.11 -34.58 10.79
C TYR D 16 11.43 -34.17 10.13
N GLU D 17 12.08 -35.10 9.40
CA GLU D 17 13.35 -34.83 8.76
C GLU D 17 13.17 -33.77 7.66
N GLY D 18 12.09 -33.90 6.87
CA GLY D 18 11.80 -32.98 5.79
C GLY D 18 11.56 -31.54 6.27
N LEU D 19 10.90 -31.40 7.42
CA LEU D 19 10.61 -30.09 7.98
C LEU D 19 11.92 -29.42 8.39
N ILE D 20 12.82 -30.20 8.99
CA ILE D 20 14.09 -29.68 9.47
C ILE D 20 14.98 -29.34 8.28
N ASP D 21 15.01 -30.21 7.26
CA ASP D 21 15.79 -30.01 6.04
C ASP D 21 15.48 -28.66 5.41
N SER D 22 14.18 -28.34 5.28
CA SER D 22 13.76 -27.17 4.54
C SER D 22 13.87 -25.92 5.41
N GLU D 23 13.77 -26.07 6.74
CA GLU D 23 13.98 -24.95 7.65
C GLU D 23 15.46 -24.52 7.61
N LEU D 24 16.37 -25.51 7.53
CA LEU D 24 17.79 -25.25 7.40
C LEU D 24 18.07 -24.63 6.04
N GLN D 25 17.51 -25.22 4.98
CA GLN D 25 17.78 -24.78 3.62
C GLN D 25 17.33 -23.33 3.41
N LYS D 26 16.31 -22.89 4.17
CA LYS D 26 15.83 -21.52 4.11
C LYS D 26 16.90 -20.55 4.61
N LYS D 27 17.59 -20.95 5.68
CA LYS D 27 18.64 -20.12 6.27
C LYS D 27 19.87 -20.04 5.36
N ARG D 28 20.09 -21.07 4.53
CA ARG D 28 21.24 -21.12 3.64
C ARG D 28 21.02 -20.21 2.42
N LEU D 29 19.79 -20.20 1.88
CA LEU D 29 19.48 -19.46 0.67
C LEU D 29 19.46 -17.96 0.96
N ASP D 30 18.96 -17.57 2.15
CA ASP D 30 18.96 -16.16 2.54
C ASP D 30 20.29 -15.79 3.18
N LYS D 31 21.21 -16.75 3.32
CA LYS D 31 22.60 -16.52 3.67
C LYS D 31 22.75 -15.96 5.09
N SER D 32 21.86 -16.40 5.99
CA SER D 32 21.95 -16.09 7.41
C SER D 32 22.40 -17.32 8.20
N TYR D 33 22.78 -18.39 7.47
CA TYR D 33 23.36 -19.57 8.09
C TYR D 33 24.79 -19.23 8.54
N ARG D 34 25.06 -19.36 9.84
CA ARG D 34 26.30 -18.86 10.44
C ARG D 34 27.33 -19.99 10.59
N TYR D 35 28.57 -19.73 10.13
CA TYR D 35 29.71 -20.63 10.34
C TYR D 35 30.60 -20.07 11.45
N PHE D 36 30.95 -20.88 12.45
CA PHE D 36 31.70 -20.37 13.59
C PHE D 36 33.20 -20.48 13.29
N ASN D 37 33.99 -19.64 13.96
CA ASN D 37 35.45 -19.64 13.87
C ASN D 37 36.09 -20.19 15.14
N ASN D 38 37.09 -21.05 14.93
CA ASN D 38 37.89 -21.59 16.02
C ASN D 38 38.88 -20.51 16.49
N ILE D 39 38.60 -19.92 17.65
CA ILE D 39 39.36 -18.79 18.17
C ILE D 39 39.73 -19.07 19.62
N ASN D 40 41.04 -19.21 19.86
CA ASN D 40 41.56 -19.64 21.15
C ASN D 40 42.36 -18.50 21.75
N ARG D 41 41.75 -17.79 22.69
CA ARG D 41 42.35 -16.58 23.23
C ARG D 41 43.48 -16.97 24.16
N LEU D 42 44.64 -16.29 24.04
CA LEU D 42 45.82 -16.56 24.84
C LEU D 42 45.87 -15.56 25.99
N ALA D 43 45.84 -16.07 27.22
CA ALA D 43 45.87 -15.24 28.41
C ALA D 43 47.26 -14.64 28.62
N LYS D 44 48.29 -15.26 28.02
CA LYS D 44 49.65 -14.78 28.19
C LYS D 44 50.03 -13.83 27.06
N GLU D 45 49.10 -13.57 26.13
CA GLU D 45 49.41 -12.73 25.00
C GLU D 45 48.16 -11.95 24.57
N PHE D 46 47.48 -11.30 25.50
CA PHE D 46 46.32 -10.50 25.17
C PHE D 46 46.73 -9.37 24.21
N PRO D 47 45.97 -9.04 23.13
CA PRO D 47 44.74 -9.72 22.74
C PRO D 47 44.89 -10.64 21.54
N LEU D 48 45.92 -11.48 21.56
CA LEU D 48 46.12 -12.46 20.51
C LEU D 48 45.29 -13.72 20.80
N ALA D 49 45.11 -14.53 19.76
CA ALA D 49 44.49 -15.83 19.82
C ALA D 49 45.05 -16.70 18.71
N HIS D 50 44.94 -18.04 18.84
CA HIS D 50 45.30 -18.93 17.76
C HIS D 50 44.04 -19.60 17.20
N ARG D 51 44.13 -20.03 15.94
CA ARG D 51 43.05 -20.70 15.24
C ARG D 51 43.15 -22.21 15.50
N GLN D 52 42.91 -23.02 14.46
CA GLN D 52 42.91 -24.47 14.58
C GLN D 52 44.28 -24.89 15.11
N ARG D 53 45.36 -24.43 14.45
CA ARG D 53 46.73 -24.74 14.86
C ARG D 53 47.25 -23.60 15.74
N GLU D 54 48.12 -23.93 16.70
CA GLU D 54 48.63 -22.96 17.67
C GLU D 54 49.55 -21.94 16.99
N ALA D 55 50.11 -22.33 15.83
CA ALA D 55 51.02 -21.48 15.08
C ALA D 55 50.29 -20.32 14.41
N ASP D 56 49.03 -20.51 13.97
CA ASP D 56 48.26 -19.48 13.30
C ASP D 56 47.63 -18.54 14.33
N LYS D 57 48.27 -17.38 14.56
CA LYS D 57 47.80 -16.43 15.53
C LYS D 57 47.14 -15.25 14.81
N VAL D 58 46.28 -14.55 15.55
CA VAL D 58 45.57 -13.39 15.04
C VAL D 58 45.36 -12.44 16.21
N THR D 59 45.15 -11.17 15.89
CA THR D 59 44.79 -10.16 16.87
C THR D 59 43.27 -10.06 16.92
N VAL D 60 42.74 -10.14 18.14
CA VAL D 60 41.31 -10.14 18.35
C VAL D 60 40.84 -8.72 18.59
N TRP D 61 39.91 -8.28 17.74
CA TRP D 61 39.42 -6.92 17.77
C TRP D 61 37.90 -6.87 17.94
N CYS D 62 37.25 -7.98 18.29
CA CYS D 62 35.82 -8.01 18.38
C CYS D 62 35.34 -8.76 19.63
N SER D 63 36.21 -8.87 20.62
CA SER D 63 35.88 -9.57 21.85
C SER D 63 35.11 -8.61 22.74
N ASN D 64 34.26 -9.15 23.63
CA ASN D 64 33.58 -8.30 24.60
C ASN D 64 34.25 -8.38 25.96
N ASP D 65 35.43 -9.01 26.02
CA ASP D 65 36.31 -8.91 27.18
C ASP D 65 36.90 -7.51 27.19
N TYR D 66 36.07 -6.53 27.54
CA TYR D 66 36.28 -5.12 27.21
C TYR D 66 37.47 -4.52 27.97
N LEU D 67 37.73 -5.01 29.19
CA LEU D 67 38.79 -4.50 30.06
C LEU D 67 39.96 -5.48 30.15
N ALA D 68 39.87 -6.59 29.41
CA ALA D 68 40.85 -7.66 29.39
C ALA D 68 41.03 -8.27 30.77
N LEU D 69 39.95 -8.30 31.55
CA LEU D 69 40.00 -8.85 32.90
C LEU D 69 39.91 -10.38 32.90
N SER D 70 39.57 -11.00 31.77
CA SER D 70 39.53 -12.46 31.68
C SER D 70 40.90 -13.06 31.99
N LYS D 71 41.99 -12.30 31.75
CA LYS D 71 43.33 -12.81 31.95
C LYS D 71 44.05 -12.05 33.07
N HIS D 72 43.31 -11.28 33.87
CA HIS D 72 43.91 -10.47 34.92
C HIS D 72 44.47 -11.36 36.01
N PRO D 73 45.69 -11.09 36.52
CA PRO D 73 46.26 -11.86 37.60
C PRO D 73 45.35 -12.07 38.82
N GLU D 74 44.60 -11.05 39.24
CA GLU D 74 43.75 -11.21 40.41
C GLU D 74 42.57 -12.15 40.13
N VAL D 75 42.13 -12.21 38.86
CA VAL D 75 41.05 -13.08 38.45
C VAL D 75 41.55 -14.52 38.40
N LEU D 76 42.69 -14.74 37.72
CA LEU D 76 43.28 -16.06 37.59
C LEU D 76 43.67 -16.61 38.95
N ASP D 77 44.19 -15.75 39.84
CA ASP D 77 44.60 -16.19 41.16
C ASP D 77 43.40 -16.63 41.97
N ALA D 78 42.31 -15.87 41.91
CA ALA D 78 41.08 -16.18 42.61
C ALA D 78 40.51 -17.52 42.14
N MET D 79 40.57 -17.78 40.83
CA MET D 79 40.13 -19.05 40.28
C MET D 79 41.00 -20.20 40.82
N HIS D 80 42.32 -20.07 40.65
CA HIS D 80 43.23 -21.13 41.06
C HIS D 80 43.04 -21.45 42.53
N LYS D 81 42.94 -20.43 43.40
CA LYS D 81 42.85 -20.65 44.83
C LYS D 81 41.48 -21.21 45.22
N THR D 82 40.43 -20.81 44.50
CA THR D 82 39.09 -21.27 44.80
C THR D 82 38.93 -22.73 44.36
N ILE D 83 39.58 -23.12 43.25
CA ILE D 83 39.53 -24.48 42.76
C ILE D 83 40.20 -25.42 43.77
N ASP D 84 41.34 -25.00 44.32
CA ASP D 84 42.08 -25.83 45.25
C ASP D 84 41.23 -26.18 46.47
N LYS D 85 40.36 -25.24 46.87
CA LYS D 85 39.55 -25.39 48.08
C LYS D 85 38.21 -26.07 47.77
N TYR D 86 37.55 -25.64 46.68
CA TYR D 86 36.17 -26.02 46.43
C TYR D 86 36.02 -27.07 45.32
N GLY D 87 37.02 -27.17 44.44
CA GLY D 87 36.91 -28.03 43.28
C GLY D 87 36.30 -27.27 42.10
N CYS D 88 35.67 -28.02 41.20
CA CYS D 88 35.15 -27.48 39.96
C CYS D 88 33.69 -27.08 40.17
N GLY D 89 32.76 -28.05 40.10
CA GLY D 89 31.34 -27.79 40.25
C GLY D 89 30.92 -27.39 41.65
N ALA D 90 29.81 -26.67 41.76
CA ALA D 90 29.23 -26.31 43.04
C ALA D 90 28.57 -27.53 43.67
N GLY D 91 28.12 -28.44 42.79
CA GLY D 91 27.52 -29.69 43.22
C GLY D 91 26.14 -29.53 43.83
N GLY D 92 25.34 -28.58 43.33
CA GLY D 92 23.95 -28.44 43.74
C GLY D 92 23.35 -27.13 43.25
N THR D 93 22.09 -26.89 43.62
CA THR D 93 21.40 -25.63 43.36
C THR D 93 21.47 -24.78 44.61
N ARG D 94 20.95 -23.56 44.57
CA ARG D 94 21.02 -22.69 45.72
C ARG D 94 20.17 -23.23 46.87
N ASN D 95 19.13 -24.01 46.57
CA ASN D 95 18.28 -24.60 47.59
C ASN D 95 18.91 -25.83 48.22
N ILE D 96 19.71 -26.59 47.46
CA ILE D 96 20.30 -27.83 47.96
C ILE D 96 21.78 -27.88 47.61
N ALA D 97 22.64 -27.60 48.61
CA ALA D 97 24.06 -27.90 48.59
C ALA D 97 24.87 -26.99 47.66
N GLY D 98 24.23 -26.00 47.04
CA GLY D 98 24.88 -25.11 46.08
C GLY D 98 24.83 -23.64 46.50
N HIS D 99 24.70 -23.40 47.81
CA HIS D 99 24.77 -22.08 48.40
C HIS D 99 26.03 -22.01 49.27
N ASN D 100 26.80 -20.93 49.08
CA ASN D 100 28.20 -20.90 49.51
C ASN D 100 28.74 -19.46 49.58
N ILE D 101 29.95 -19.33 50.12
CA ILE D 101 30.55 -18.04 50.40
C ILE D 101 30.88 -17.31 49.09
N PRO D 102 31.51 -17.95 48.06
CA PRO D 102 31.75 -17.27 46.79
C PRO D 102 30.50 -16.63 46.18
N THR D 103 29.36 -17.30 46.34
CA THR D 103 28.08 -16.77 45.92
C THR D 103 27.75 -15.53 46.76
N LEU D 104 27.82 -15.64 48.08
CA LEU D 104 27.47 -14.53 48.96
C LEU D 104 28.29 -13.28 48.64
N ASN D 105 29.59 -13.48 48.37
CA ASN D 105 30.50 -12.39 48.10
C ASN D 105 30.19 -11.77 46.75
N LEU D 106 29.87 -12.57 45.73
CA LEU D 106 29.62 -12.05 44.39
C LEU D 106 28.37 -11.19 44.39
N GLU D 107 27.29 -11.66 45.05
CA GLU D 107 26.05 -10.90 45.10
C GLU D 107 26.26 -9.60 45.89
N ALA D 108 27.01 -9.66 46.99
CA ALA D 108 27.26 -8.47 47.77
C ALA D 108 28.02 -7.43 46.94
N GLU D 109 29.01 -7.88 46.15
CA GLU D 109 29.81 -6.99 45.34
C GLU D 109 28.96 -6.27 44.29
N LEU D 110 28.02 -7.01 43.69
CA LEU D 110 27.21 -6.49 42.62
C LEU D 110 26.22 -5.45 43.15
N ALA D 111 25.67 -5.72 44.35
CA ALA D 111 24.81 -4.77 45.03
C ALA D 111 25.58 -3.51 45.42
N THR D 112 26.83 -3.66 45.92
CA THR D 112 27.67 -2.54 46.27
C THR D 112 27.96 -1.68 45.03
N LEU D 113 28.23 -2.32 43.89
CA LEU D 113 28.59 -1.63 42.66
C LEU D 113 27.48 -0.70 42.20
N HIS D 114 26.24 -1.19 42.19
CA HIS D 114 25.09 -0.42 41.75
C HIS D 114 24.42 0.28 42.94
N LYS D 115 25.05 0.22 44.11
CA LYS D 115 24.54 0.85 45.33
C LYS D 115 23.08 0.52 45.53
N LYS D 116 22.73 -0.76 45.33
CA LYS D 116 21.39 -1.26 45.58
C LYS D 116 21.37 -2.10 46.84
N GLU D 117 20.15 -2.37 47.31
CA GLU D 117 19.91 -3.13 48.53
C GLU D 117 20.32 -4.59 48.35
N GLY D 118 20.22 -5.09 47.10
CA GLY D 118 20.51 -6.50 46.84
C GLY D 118 20.82 -6.78 45.38
N ALA D 119 21.33 -8.00 45.14
CA ALA D 119 21.60 -8.49 43.79
C ALA D 119 21.47 -10.01 43.76
N LEU D 120 21.10 -10.55 42.60
CA LEU D 120 20.80 -11.96 42.47
C LEU D 120 21.51 -12.48 41.24
N VAL D 121 22.23 -13.59 41.39
CA VAL D 121 23.05 -14.10 40.31
C VAL D 121 22.33 -15.27 39.64
N PHE D 122 22.38 -15.27 38.30
CA PHE D 122 21.81 -16.31 37.47
C PHE D 122 22.93 -16.89 36.59
N SER D 123 22.63 -17.98 35.87
CA SER D 123 23.56 -18.63 34.95
C SER D 123 24.15 -17.65 33.96
N SER D 124 23.35 -16.68 33.53
CA SER D 124 23.71 -15.75 32.46
C SER D 124 22.78 -14.55 32.54
N CYS D 125 23.13 -13.46 31.86
CA CYS D 125 22.23 -12.33 31.77
C CYS D 125 21.03 -12.69 30.89
N TYR D 126 21.23 -13.53 29.87
CA TYR D 126 20.12 -14.01 29.05
C TYR D 126 19.04 -14.59 29.97
N VAL D 127 19.45 -15.47 30.89
CA VAL D 127 18.54 -16.09 31.83
C VAL D 127 17.99 -15.05 32.79
N ALA D 128 18.84 -14.13 33.26
CA ALA D 128 18.40 -13.09 34.21
C ALA D 128 17.24 -12.28 33.60
N ASN D 129 17.43 -11.85 32.35
CA ASN D 129 16.47 -11.02 31.65
C ASN D 129 15.16 -11.81 31.48
N ASP D 130 15.27 -13.07 31.02
CA ASP D 130 14.12 -13.90 30.75
C ASP D 130 13.34 -14.16 32.04
N ALA D 131 14.07 -14.32 33.15
CA ALA D 131 13.45 -14.66 34.43
C ALA D 131 12.67 -13.48 34.99
N VAL D 132 13.30 -12.30 35.00
CA VAL D 132 12.71 -11.12 35.58
C VAL D 132 11.51 -10.65 34.74
N LEU D 133 11.68 -10.58 33.41
CA LEU D 133 10.61 -10.13 32.53
C LEU D 133 9.45 -11.13 32.56
N SER D 134 9.77 -12.43 32.54
CA SER D 134 8.76 -13.47 32.63
C SER D 134 7.90 -13.29 33.88
N LEU D 135 8.55 -13.06 35.01
CA LEU D 135 7.87 -13.06 36.30
C LEU D 135 6.97 -11.83 36.41
N LEU D 136 7.47 -10.67 35.98
CA LEU D 136 6.71 -9.44 36.05
C LEU D 136 5.38 -9.58 35.29
N GLY D 137 5.42 -10.21 34.10
CA GLY D 137 4.24 -10.36 33.27
C GLY D 137 3.32 -11.47 33.75
N GLN D 138 3.87 -12.45 34.47
CA GLN D 138 3.09 -13.58 34.91
C GLN D 138 2.33 -13.21 36.18
N LYS D 139 2.86 -12.25 36.95
CA LYS D 139 2.26 -11.86 38.22
C LYS D 139 1.47 -10.58 38.09
N MET D 140 1.62 -9.87 36.97
CA MET D 140 0.77 -8.73 36.62
C MET D 140 0.27 -8.90 35.19
N LYS D 141 -0.89 -9.54 35.02
CA LYS D 141 -1.41 -9.86 33.70
C LYS D 141 -1.83 -8.59 32.97
N ASP D 142 -2.09 -7.54 33.74
CA ASP D 142 -2.58 -6.26 33.23
C ASP D 142 -1.43 -5.35 32.78
N LEU D 143 -0.18 -5.80 32.98
CA LEU D 143 1.00 -5.00 32.70
C LEU D 143 1.08 -4.68 31.21
N VAL D 144 1.53 -3.46 30.92
CA VAL D 144 1.89 -3.08 29.57
C VAL D 144 3.39 -2.81 29.54
N ILE D 145 4.09 -3.49 28.63
CA ILE D 145 5.52 -3.34 28.49
C ILE D 145 5.82 -2.44 27.30
N PHE D 146 6.68 -1.44 27.54
CA PHE D 146 7.17 -0.56 26.51
C PHE D 146 8.64 -0.90 26.29
N SER D 147 8.94 -1.40 25.08
CA SER D 147 10.22 -1.99 24.76
C SER D 147 10.84 -1.22 23.61
N ASP D 148 12.12 -0.88 23.75
CA ASP D 148 12.87 -0.24 22.68
C ASP D 148 13.03 -1.22 21.51
N GLU D 149 12.85 -0.70 20.30
CA GLU D 149 13.00 -1.42 19.05
C GLU D 149 14.22 -2.32 19.05
N LEU D 150 15.36 -1.82 19.53
CA LEU D 150 16.63 -2.51 19.31
C LEU D 150 17.05 -3.34 20.52
N ASN D 151 16.11 -3.67 21.41
CA ASN D 151 16.43 -4.49 22.57
C ASN D 151 17.00 -5.85 22.13
N HIS D 152 17.81 -6.41 23.02
CA HIS D 152 18.50 -7.68 22.85
C HIS D 152 17.52 -8.86 22.77
N ALA D 153 17.97 -9.95 22.14
CA ALA D 153 17.13 -11.13 21.94
C ALA D 153 16.53 -11.61 23.27
N SER D 154 17.35 -11.57 24.32
CA SER D 154 16.96 -12.06 25.63
C SER D 154 15.79 -11.26 26.16
N MET D 155 15.77 -9.95 25.94
CA MET D 155 14.68 -9.12 26.42
C MET D 155 13.41 -9.37 25.60
N ILE D 156 13.57 -9.62 24.30
CA ILE D 156 12.46 -9.92 23.40
C ILE D 156 11.79 -11.22 23.87
N VAL D 157 12.62 -12.24 24.18
CA VAL D 157 12.11 -13.52 24.61
C VAL D 157 11.41 -13.37 25.95
N GLY D 158 12.02 -12.61 26.87
CA GLY D 158 11.47 -12.39 28.19
C GLY D 158 10.13 -11.66 28.15
N ILE D 159 10.02 -10.69 27.22
CA ILE D 159 8.78 -9.96 27.04
C ILE D 159 7.73 -10.86 26.39
N LYS D 160 8.12 -11.75 25.46
CA LYS D 160 7.17 -12.68 24.88
C LYS D 160 6.62 -13.59 25.98
N HIS D 161 7.53 -14.13 26.79
CA HIS D 161 7.20 -15.03 27.88
C HIS D 161 6.39 -14.33 28.97
N ALA D 162 6.59 -13.02 29.15
CA ALA D 162 5.79 -12.24 30.08
C ALA D 162 4.30 -12.40 29.76
N ASN D 163 4.01 -12.51 28.46
CA ASN D 163 2.68 -12.82 27.97
C ASN D 163 1.68 -11.74 28.41
N VAL D 164 1.95 -10.49 28.02
CA VAL D 164 1.12 -9.34 28.34
C VAL D 164 1.09 -8.42 27.12
N LYS D 165 0.44 -7.26 27.24
CA LYS D 165 0.45 -6.28 26.16
C LYS D 165 1.84 -5.66 26.07
N LYS D 166 2.30 -5.39 24.82
CA LYS D 166 3.57 -4.71 24.61
C LYS D 166 3.45 -3.63 23.51
N HIS D 167 4.24 -2.56 23.66
CA HIS D 167 4.45 -1.60 22.59
C HIS D 167 5.95 -1.47 22.33
N ILE D 168 6.33 -1.50 21.06
CA ILE D 168 7.71 -1.30 20.65
C ILE D 168 7.87 0.13 20.15
N PHE D 169 8.63 0.97 20.86
CA PHE D 169 8.87 2.34 20.45
C PHE D 169 10.13 2.40 19.58
N LYS D 170 10.11 3.26 18.55
CA LYS D 170 11.26 3.47 17.69
C LYS D 170 12.49 3.81 18.53
N HIS D 171 13.66 3.38 18.03
CA HIS D 171 14.91 3.43 18.79
C HIS D 171 15.15 4.81 19.40
N ASN D 172 15.20 4.86 20.73
CA ASN D 172 15.49 6.05 21.52
C ASN D 172 14.51 7.19 21.28
N ASP D 173 13.32 6.91 20.72
CA ASP D 173 12.38 7.98 20.45
C ASP D 173 11.48 8.16 21.67
N LEU D 174 11.85 9.10 22.56
CA LEU D 174 11.15 9.28 23.83
C LEU D 174 9.89 10.14 23.67
N ASN D 175 9.72 10.75 22.49
CA ASN D 175 8.45 11.34 22.09
C ASN D 175 7.42 10.23 21.93
N GLU D 176 7.75 9.25 21.08
CA GLU D 176 6.87 8.11 20.84
C GLU D 176 6.59 7.38 22.15
N LEU D 177 7.61 7.26 23.00
CA LEU D 177 7.44 6.61 24.30
C LEU D 177 6.40 7.37 25.11
N GLU D 178 6.53 8.71 25.17
CA GLU D 178 5.62 9.51 25.97
C GLU D 178 4.20 9.37 25.44
N GLN D 179 4.05 9.31 24.10
CA GLN D 179 2.75 9.21 23.46
C GLN D 179 2.08 7.89 23.80
N LEU D 180 2.88 6.81 23.88
CA LEU D 180 2.35 5.51 24.23
C LEU D 180 1.98 5.50 25.72
N LEU D 181 2.86 6.03 26.56
CA LEU D 181 2.63 6.06 28.00
C LEU D 181 1.36 6.84 28.33
N GLN D 182 1.17 7.96 27.64
CA GLN D 182 0.07 8.87 27.90
C GLN D 182 -1.29 8.22 27.67
N SER D 183 -1.35 7.27 26.72
CA SER D 183 -2.61 6.77 26.23
C SER D 183 -3.22 5.75 27.20
N TYR D 184 -2.51 5.43 28.29
CA TYR D 184 -3.05 4.62 29.37
C TYR D 184 -3.29 5.50 30.60
N PRO D 185 -4.33 5.21 31.43
CA PRO D 185 -4.40 5.82 32.74
C PRO D 185 -3.14 5.55 33.55
N LYS D 186 -2.93 6.34 34.60
CA LYS D 186 -1.73 6.20 35.42
C LYS D 186 -1.76 4.88 36.18
N SER D 187 -2.96 4.42 36.57
CA SER D 187 -3.10 3.28 37.47
C SER D 187 -2.77 1.96 36.79
N VAL D 188 -2.73 1.91 35.45
CA VAL D 188 -2.36 0.72 34.73
C VAL D 188 -0.90 0.40 35.04
N PRO D 189 -0.54 -0.84 35.44
CA PRO D 189 0.86 -1.18 35.66
C PRO D 189 1.63 -1.19 34.35
N LYS D 190 2.88 -0.70 34.38
CA LYS D 190 3.66 -0.53 33.17
C LYS D 190 5.13 -0.84 33.44
N LEU D 191 5.82 -1.29 32.39
CA LEU D 191 7.25 -1.51 32.46
C LEU D 191 7.91 -0.86 31.26
N ILE D 192 8.96 -0.08 31.50
CA ILE D 192 9.80 0.39 30.41
C ILE D 192 11.10 -0.40 30.45
N ALA D 193 11.36 -1.11 29.33
CA ALA D 193 12.48 -2.02 29.21
C ALA D 193 13.37 -1.53 28.08
N PHE D 194 14.65 -1.27 28.42
CA PHE D 194 15.60 -0.68 27.50
C PHE D 194 17.03 -1.03 27.94
N GLU D 195 17.99 -0.76 27.06
CA GLU D 195 19.41 -0.92 27.33
C GLU D 195 20.02 0.45 27.56
N SER D 196 21.13 0.49 28.31
CA SER D 196 21.90 1.71 28.48
C SER D 196 22.75 1.97 27.24
N VAL D 197 23.53 0.96 26.85
CA VAL D 197 24.33 1.04 25.64
C VAL D 197 23.92 -0.10 24.73
N TYR D 198 23.62 0.25 23.47
CA TYR D 198 23.24 -0.75 22.48
C TYR D 198 24.49 -1.10 21.71
N SER D 199 24.72 -2.40 21.50
CA SER D 199 26.03 -2.86 21.13
C SER D 199 26.28 -2.74 19.63
N MET D 200 25.24 -2.58 18.81
CA MET D 200 25.43 -2.82 17.39
C MET D 200 25.83 -1.52 16.67
N ALA D 201 25.53 -0.37 17.28
CA ALA D 201 26.10 0.87 16.80
C ALA D 201 26.49 1.80 17.94
N GLY D 202 26.34 1.34 19.18
CA GLY D 202 26.92 2.05 20.31
C GLY D 202 26.09 3.25 20.76
N SER D 203 24.79 3.29 20.41
CA SER D 203 23.91 4.35 20.85
C SER D 203 23.66 4.21 22.34
N VAL D 204 23.17 5.29 22.95
CA VAL D 204 23.01 5.36 24.39
C VAL D 204 21.64 5.91 24.72
N ALA D 205 21.04 5.40 25.79
CA ALA D 205 19.71 5.83 26.20
C ALA D 205 19.84 7.02 27.14
N ASP D 206 18.85 7.91 27.07
CA ASP D 206 18.74 8.99 28.03
C ASP D 206 17.99 8.45 29.23
N ILE D 207 18.73 7.82 30.13
CA ILE D 207 18.15 7.11 31.26
C ILE D 207 17.42 8.10 32.17
N GLU D 208 17.97 9.30 32.34
CA GLU D 208 17.37 10.28 33.23
C GLU D 208 15.96 10.65 32.76
N LYS D 209 15.81 10.89 31.45
CA LYS D 209 14.52 11.29 30.89
C LYS D 209 13.53 10.13 30.93
N ILE D 210 14.02 8.89 30.83
CA ILE D 210 13.15 7.73 30.87
C ILE D 210 12.62 7.55 32.29
N CYS D 211 13.48 7.77 33.30
CA CYS D 211 13.06 7.70 34.69
C CYS D 211 12.04 8.79 34.99
N ASP D 212 12.19 9.96 34.36
CA ASP D 212 11.22 11.05 34.53
C ASP D 212 9.86 10.59 33.96
N LEU D 213 9.86 9.99 32.76
CA LEU D 213 8.65 9.49 32.13
C LEU D 213 8.00 8.45 33.03
N ALA D 214 8.83 7.57 33.59
CA ALA D 214 8.36 6.51 34.45
C ALA D 214 7.69 7.09 35.71
N ASP D 215 8.28 8.14 36.31
CA ASP D 215 7.68 8.81 37.44
C ASP D 215 6.30 9.35 37.06
N LYS D 216 6.20 9.95 35.86
CA LYS D 216 5.01 10.68 35.47
C LYS D 216 3.86 9.74 35.18
N TYR D 217 4.12 8.62 34.50
CA TYR D 217 3.07 7.71 34.03
C TYR D 217 3.02 6.42 34.87
N GLY D 218 3.77 6.38 35.97
CA GLY D 218 3.63 5.32 36.96
C GLY D 218 4.14 3.95 36.48
N ALA D 219 5.35 3.94 35.92
CA ALA D 219 5.93 2.72 35.36
C ALA D 219 7.15 2.28 36.16
N LEU D 220 7.46 0.98 36.09
CA LEU D 220 8.73 0.45 36.55
C LEU D 220 9.74 0.57 35.42
N THR D 221 11.03 0.72 35.79
CA THR D 221 12.09 0.74 34.80
C THR D 221 12.92 -0.52 34.91
N PHE D 222 13.26 -1.06 33.74
CA PHE D 222 14.13 -2.23 33.60
C PHE D 222 15.24 -1.86 32.64
N LEU D 223 16.48 -1.86 33.16
CA LEU D 223 17.63 -1.35 32.46
C LEU D 223 18.70 -2.44 32.34
N ASP D 224 18.99 -2.83 31.10
CA ASP D 224 20.07 -3.75 30.78
C ASP D 224 21.35 -2.94 30.53
N GLU D 225 22.33 -3.08 31.43
CA GLU D 225 23.58 -2.32 31.38
C GLU D 225 24.72 -3.24 30.95
N VAL D 226 24.41 -4.26 30.15
CA VAL D 226 25.36 -5.30 29.81
C VAL D 226 26.60 -4.70 29.14
N HIS D 227 26.41 -3.70 28.28
CA HIS D 227 27.51 -3.16 27.50
C HIS D 227 28.06 -1.91 28.16
N ALA D 228 27.75 -1.70 29.44
CA ALA D 228 28.13 -0.48 30.15
C ALA D 228 28.89 -0.79 31.44
N VAL D 229 28.55 -1.88 32.12
CA VAL D 229 29.19 -2.19 33.39
C VAL D 229 30.68 -2.48 33.12
N GLY D 230 31.54 -1.86 33.93
CA GLY D 230 32.97 -1.87 33.72
C GLY D 230 33.47 -0.60 33.01
N LEU D 231 32.58 0.04 32.25
CA LEU D 231 33.00 0.96 31.20
C LEU D 231 32.59 2.40 31.47
N TYR D 232 31.47 2.60 32.19
CA TYR D 232 30.95 3.95 32.40
C TYR D 232 30.78 4.19 33.90
N GLY D 233 30.89 5.45 34.28
CA GLY D 233 30.90 5.82 35.69
C GLY D 233 32.31 5.72 36.25
N PRO D 234 32.62 6.45 37.35
CA PRO D 234 33.95 6.39 37.94
C PRO D 234 34.35 4.99 38.39
N HIS D 235 33.36 4.14 38.73
CA HIS D 235 33.66 2.84 39.28
C HIS D 235 33.21 1.72 38.35
N GLY D 236 32.78 2.06 37.13
CA GLY D 236 32.33 1.07 36.15
C GLY D 236 30.96 0.48 36.50
N ALA D 237 30.13 1.25 37.19
CA ALA D 237 28.81 0.79 37.59
C ALA D 237 27.80 0.96 36.45
N GLY D 238 28.19 1.71 35.41
CA GLY D 238 27.41 1.81 34.19
C GLY D 238 27.03 3.25 33.87
N VAL D 239 26.16 3.40 32.86
CA VAL D 239 25.76 4.71 32.38
C VAL D 239 24.90 5.39 33.45
N ALA D 240 24.15 4.60 34.21
CA ALA D 240 23.34 5.17 35.28
C ALA D 240 24.24 5.85 36.31
N GLU D 241 25.43 5.28 36.56
CA GLU D 241 26.40 5.88 37.47
C GLU D 241 26.98 7.13 36.82
N HIS D 242 27.25 7.04 35.51
CA HIS D 242 27.90 8.12 34.77
C HIS D 242 27.02 9.38 34.80
N CYS D 243 25.70 9.16 34.80
CA CYS D 243 24.73 10.24 34.84
C CYS D 243 24.94 11.13 36.06
N ASP D 244 25.51 10.58 37.14
CA ASP D 244 25.83 11.39 38.30
C ASP D 244 27.29 11.18 38.66
N PHE D 245 28.16 11.30 37.64
CA PHE D 245 29.56 10.93 37.74
C PHE D 245 30.22 11.56 38.97
N GLU D 246 30.02 12.86 39.15
CA GLU D 246 30.78 13.60 40.17
C GLU D 246 30.24 13.24 41.56
N SER D 247 28.92 13.09 41.70
CA SER D 247 28.33 12.69 42.96
C SER D 247 28.88 11.34 43.41
N HIS D 248 28.97 10.38 42.48
CA HIS D 248 29.41 9.04 42.79
C HIS D 248 30.91 9.02 43.07
N ARG D 249 31.68 9.78 42.27
CA ARG D 249 33.12 9.84 42.47
C ARG D 249 33.44 10.44 43.84
N ALA D 250 32.70 11.47 44.25
CA ALA D 250 32.94 12.09 45.54
C ALA D 250 32.66 11.11 46.68
N SER D 251 31.54 10.39 46.62
CA SER D 251 31.13 9.51 47.70
C SER D 251 31.80 8.14 47.63
N GLY D 252 32.23 7.73 46.42
CA GLY D 252 32.89 6.45 46.23
C GLY D 252 31.91 5.28 46.42
N ILE D 253 32.20 4.44 47.44
CA ILE D 253 31.43 3.25 47.73
C ILE D 253 30.04 3.64 48.24
N ALA D 254 29.95 4.77 48.97
CA ALA D 254 28.74 5.14 49.69
C ALA D 254 27.69 5.74 48.74
N THR D 255 26.44 5.79 49.22
CA THR D 255 25.39 6.51 48.51
C THR D 255 25.65 8.01 48.59
N PRO D 256 25.61 8.77 47.47
CA PRO D 256 25.81 10.21 47.53
C PRO D 256 24.71 10.92 48.31
N LYS D 257 25.04 12.03 48.99
CA LYS D 257 24.02 12.79 49.71
C LYS D 257 23.10 13.51 48.72
N THR D 258 23.62 13.84 47.53
CA THR D 258 22.80 14.42 46.47
C THR D 258 23.28 13.94 45.11
N ASN D 259 22.42 14.12 44.09
CA ASN D 259 22.80 13.84 42.71
C ASN D 259 23.55 15.05 42.15
N ASP D 260 23.87 15.00 40.84
CA ASP D 260 24.72 15.99 40.20
C ASP D 260 24.00 17.33 40.04
N LYS D 261 22.68 17.36 40.27
CA LYS D 261 21.92 18.60 40.18
C LYS D 261 21.44 19.06 41.56
N GLY D 262 21.94 18.45 42.64
CA GLY D 262 21.59 18.85 43.98
C GLY D 262 20.30 18.20 44.48
N GLY D 263 19.70 17.32 43.66
CA GLY D 263 18.48 16.61 44.03
C GLY D 263 18.76 15.46 44.99
N ALA D 264 17.69 14.82 45.47
CA ALA D 264 17.76 13.83 46.54
C ALA D 264 18.30 12.48 46.06
N LYS D 265 17.92 12.04 44.84
CA LYS D 265 18.17 10.68 44.39
C LYS D 265 18.98 10.67 43.09
N THR D 266 19.92 9.71 42.99
CA THR D 266 20.71 9.54 41.77
C THR D 266 19.86 8.81 40.72
N VAL D 267 20.31 8.83 39.47
CA VAL D 267 19.63 8.09 38.41
C VAL D 267 19.73 6.59 38.67
N MET D 268 20.88 6.15 39.19
CA MET D 268 21.08 4.74 39.48
C MET D 268 20.14 4.28 40.61
N ASP D 269 19.90 5.15 41.60
CA ASP D 269 18.97 4.84 42.69
C ASP D 269 17.55 4.67 42.15
N ARG D 270 17.16 5.50 41.16
CA ARG D 270 15.80 5.62 40.69
C ARG D 270 15.40 4.46 39.77
N VAL D 271 16.37 3.82 39.09
CA VAL D 271 16.07 2.69 38.23
C VAL D 271 15.68 1.51 39.13
N ASP D 272 14.55 0.87 38.83
CA ASP D 272 14.00 -0.17 39.68
C ASP D 272 14.84 -1.44 39.58
N MET D 273 15.21 -1.83 38.35
CA MET D 273 15.89 -3.09 38.09
C MET D 273 17.00 -2.89 37.05
N ILE D 274 18.25 -3.24 37.43
CA ILE D 274 19.39 -3.20 36.53
C ILE D 274 19.92 -4.61 36.36
N THR D 275 20.05 -5.06 35.10
CA THR D 275 20.66 -6.34 34.79
C THR D 275 22.02 -6.09 34.15
N GLY D 276 22.94 -7.03 34.40
CA GLY D 276 24.26 -7.04 33.80
C GLY D 276 24.76 -8.47 33.57
N THR D 277 25.92 -8.57 32.91
CA THR D 277 26.57 -9.84 32.67
C THR D 277 27.88 -9.85 33.46
N LEU D 278 28.30 -11.06 33.82
CA LEU D 278 29.64 -11.29 34.31
C LEU D 278 30.56 -11.74 33.17
N GLY D 279 30.02 -11.85 31.93
CA GLY D 279 30.71 -12.53 30.84
C GLY D 279 31.40 -11.60 29.83
N LYS D 280 31.44 -10.29 30.13
CA LYS D 280 32.04 -9.31 29.24
C LYS D 280 33.14 -8.57 30.00
N SER D 281 32.85 -7.36 30.49
CA SER D 281 33.85 -6.57 31.20
C SER D 281 34.41 -7.33 32.39
N PHE D 282 33.59 -8.17 33.04
CA PHE D 282 33.99 -8.83 34.28
C PHE D 282 34.65 -10.18 34.03
N GLY D 283 34.86 -10.55 32.77
CA GLY D 283 35.83 -11.57 32.37
C GLY D 283 35.52 -12.97 32.92
N SER D 284 34.24 -13.33 33.02
CA SER D 284 33.89 -14.64 33.53
C SER D 284 32.65 -15.16 32.78
N VAL D 285 31.59 -15.52 33.53
CA VAL D 285 30.32 -15.95 32.98
C VAL D 285 29.28 -15.77 34.07
N GLY D 286 28.04 -15.52 33.67
CA GLY D 286 26.96 -15.32 34.62
C GLY D 286 26.18 -14.05 34.30
N GLY D 287 25.07 -13.88 35.02
CA GLY D 287 24.25 -12.71 34.91
C GLY D 287 23.65 -12.36 36.27
N TYR D 288 23.10 -11.16 36.36
CA TYR D 288 22.58 -10.69 37.62
C TYR D 288 21.52 -9.62 37.38
N VAL D 289 20.72 -9.39 38.42
CA VAL D 289 19.91 -8.21 38.54
C VAL D 289 20.20 -7.57 39.89
N ALA D 290 20.27 -6.24 39.91
CA ALA D 290 20.41 -5.49 41.14
C ALA D 290 19.16 -4.65 41.34
N ALA D 291 18.64 -4.62 42.57
CA ALA D 291 17.38 -3.96 42.87
C ALA D 291 17.14 -3.92 44.37
N SER D 292 15.92 -3.52 44.77
CA SER D 292 15.53 -3.48 46.17
C SER D 292 15.53 -4.89 46.77
N ARG D 293 15.68 -4.95 48.10
CA ARG D 293 15.60 -6.17 48.88
C ARG D 293 14.36 -6.95 48.46
N LYS D 294 13.22 -6.25 48.36
CA LYS D 294 11.94 -6.89 48.10
C LYS D 294 11.93 -7.53 46.71
N LEU D 295 12.34 -6.78 45.69
CA LEU D 295 12.38 -7.29 44.33
C LEU D 295 13.28 -8.52 44.24
N ILE D 296 14.44 -8.46 44.91
CA ILE D 296 15.44 -9.52 44.82
C ILE D 296 14.89 -10.79 45.45
N ASP D 297 14.27 -10.63 46.63
CA ASP D 297 13.71 -11.75 47.37
C ASP D 297 12.57 -12.39 46.57
N TRP D 298 11.85 -11.54 45.82
CA TRP D 298 10.75 -11.96 44.97
C TRP D 298 11.27 -12.87 43.87
N PHE D 299 12.25 -12.39 43.10
CA PHE D 299 12.83 -13.17 41.99
C PHE D 299 13.39 -14.48 42.54
N ARG D 300 14.13 -14.39 43.64
CA ARG D 300 14.76 -15.54 44.25
C ARG D 300 13.74 -16.61 44.65
N SER D 301 12.57 -16.18 45.12
CA SER D 301 11.58 -17.08 45.68
C SER D 301 10.65 -17.68 44.62
N PHE D 302 10.58 -17.06 43.42
CA PHE D 302 9.58 -17.44 42.43
C PHE D 302 10.16 -17.73 41.03
N ALA D 303 11.37 -17.31 40.72
CA ALA D 303 11.88 -17.43 39.36
C ALA D 303 12.37 -18.84 39.08
N PRO D 304 11.69 -19.64 38.23
CA PRO D 304 12.11 -21.02 37.99
C PRO D 304 13.51 -21.16 37.40
N GLY D 305 13.92 -20.16 36.59
CA GLY D 305 15.23 -20.16 35.95
C GLY D 305 16.37 -19.86 36.93
N PHE D 306 16.00 -19.40 38.13
CA PHE D 306 16.93 -19.24 39.24
C PHE D 306 16.98 -20.49 40.12
N ILE D 307 15.79 -21.04 40.44
CA ILE D 307 15.62 -22.05 41.47
C ILE D 307 16.17 -23.41 41.01
N PHE D 308 15.82 -23.80 39.78
CA PHE D 308 15.91 -25.18 39.34
C PHE D 308 17.09 -25.39 38.41
N THR D 309 18.25 -24.84 38.75
CA THR D 309 19.46 -25.04 37.95
C THR D 309 20.69 -25.04 38.86
N THR D 310 21.72 -25.80 38.46
CA THR D 310 22.97 -25.90 39.21
C THR D 310 23.56 -24.50 39.35
N THR D 311 24.04 -24.19 40.55
CA THR D 311 24.76 -22.94 40.83
C THR D 311 26.05 -22.89 40.03
N LEU D 312 26.50 -21.68 39.68
CA LEU D 312 27.72 -21.54 38.90
C LEU D 312 28.90 -22.04 39.73
N PRO D 313 29.97 -22.56 39.08
CA PRO D 313 31.18 -22.97 39.79
C PRO D 313 31.69 -21.91 40.76
N PRO D 314 32.07 -22.27 42.00
CA PRO D 314 32.64 -21.29 42.94
C PRO D 314 33.79 -20.47 42.34
N SER D 315 34.64 -21.11 41.54
CA SER D 315 35.84 -20.49 40.98
C SER D 315 35.46 -19.39 39.99
N VAL D 316 34.35 -19.59 39.27
CA VAL D 316 33.93 -18.64 38.26
C VAL D 316 33.37 -17.40 38.94
N MET D 317 32.72 -17.61 40.10
CA MET D 317 32.18 -16.52 40.89
C MET D 317 33.31 -15.73 41.54
N ALA D 318 34.30 -16.45 42.07
CA ALA D 318 35.46 -15.82 42.67
C ALA D 318 36.17 -14.95 41.64
N GLY D 319 36.27 -15.46 40.41
CA GLY D 319 36.92 -14.75 39.33
C GLY D 319 36.22 -13.43 39.04
N ALA D 320 34.89 -13.49 38.88
CA ALA D 320 34.06 -12.32 38.63
C ALA D 320 34.19 -11.32 39.78
N THR D 321 34.14 -11.82 41.02
CA THR D 321 34.21 -10.97 42.20
C THR D 321 35.51 -10.18 42.21
N ALA D 322 36.62 -10.84 41.87
CA ALA D 322 37.93 -10.18 41.80
C ALA D 322 37.96 -9.15 40.67
N ALA D 323 37.35 -9.49 39.54
CA ALA D 323 37.28 -8.58 38.41
C ALA D 323 36.54 -7.31 38.83
N ILE D 324 35.40 -7.49 39.54
CA ILE D 324 34.58 -6.37 39.95
C ILE D 324 35.32 -5.51 40.97
N ARG D 325 35.97 -6.12 41.97
CA ARG D 325 36.65 -5.37 43.01
C ARG D 325 37.77 -4.54 42.42
N TYR D 326 38.49 -5.13 41.46
CA TYR D 326 39.68 -4.50 40.88
C TYR D 326 39.29 -3.29 40.04
N GLN D 327 38.34 -3.47 39.10
CA GLN D 327 37.96 -2.42 38.18
C GLN D 327 37.28 -1.29 38.94
N ARG D 328 36.65 -1.59 40.09
CA ARG D 328 35.95 -0.57 40.85
C ARG D 328 36.90 0.59 41.16
N CYS D 329 38.15 0.28 41.51
CA CYS D 329 39.10 1.28 41.96
C CYS D 329 40.23 1.48 40.94
N HIS D 330 40.00 1.09 39.68
CA HIS D 330 40.98 1.23 38.62
C HIS D 330 40.34 1.91 37.42
N ILE D 331 40.10 3.21 37.56
CA ILE D 331 39.49 4.03 36.52
C ILE D 331 40.42 4.13 35.31
N ASP D 332 41.70 3.80 35.49
CA ASP D 332 42.65 3.75 34.39
C ASP D 332 42.16 2.78 33.31
N LEU D 333 41.40 1.74 33.70
CA LEU D 333 40.89 0.79 32.72
C LEU D 333 39.97 1.52 31.73
N ARG D 334 39.14 2.42 32.24
CA ARG D 334 38.14 3.11 31.43
C ARG D 334 38.77 4.21 30.59
N THR D 335 39.64 5.02 31.20
CA THR D 335 40.26 6.12 30.47
C THR D 335 41.09 5.54 29.35
N SER D 336 41.79 4.45 29.67
CA SER D 336 42.65 3.76 28.74
C SER D 336 41.84 3.31 27.53
N GLN D 337 40.74 2.61 27.78
CA GLN D 337 39.89 2.08 26.72
C GLN D 337 39.27 3.20 25.88
N GLN D 338 38.77 4.23 26.55
CA GLN D 338 38.21 5.38 25.87
C GLN D 338 39.24 6.00 24.92
N LYS D 339 40.49 6.14 25.38
CA LYS D 339 41.55 6.74 24.59
C LYS D 339 41.89 5.86 23.39
N HIS D 340 41.91 4.55 23.60
CA HIS D 340 42.24 3.63 22.52
C HIS D 340 41.14 3.71 21.45
N THR D 341 39.89 3.82 21.90
CA THR D 341 38.76 3.90 20.99
C THR D 341 38.86 5.21 20.18
N MET D 342 39.01 6.33 20.88
CA MET D 342 39.06 7.64 20.23
C MET D 342 40.20 7.64 19.19
N TYR D 343 41.31 7.00 19.53
CA TYR D 343 42.45 6.93 18.64
C TYR D 343 42.06 6.23 17.32
N VAL D 344 41.37 5.11 17.42
CA VAL D 344 40.99 4.37 16.21
C VAL D 344 39.95 5.18 15.41
N LYS D 345 38.97 5.71 16.13
CA LYS D 345 37.91 6.51 15.52
C LYS D 345 38.51 7.69 14.73
N LYS D 346 39.46 8.38 15.35
CA LYS D 346 40.01 9.58 14.74
C LYS D 346 40.83 9.22 13.50
N ALA D 347 41.53 8.08 13.55
CA ALA D 347 42.33 7.63 12.43
C ALA D 347 41.44 7.24 11.25
N PHE D 348 40.33 6.56 11.56
CA PHE D 348 39.38 6.17 10.53
C PHE D 348 38.75 7.42 9.91
N HIS D 349 38.49 8.42 10.75
CA HIS D 349 37.86 9.63 10.25
C HIS D 349 38.76 10.28 9.22
N GLU D 350 40.07 10.29 9.47
CA GLU D 350 41.01 10.93 8.55
C GLU D 350 41.18 10.12 7.27
N LEU D 351 40.97 8.80 7.33
CA LEU D 351 41.14 7.97 6.14
C LEU D 351 39.80 7.81 5.41
N GLY D 352 38.75 8.44 5.94
CA GLY D 352 37.43 8.36 5.34
C GLY D 352 36.86 6.94 5.42
N ILE D 353 37.26 6.20 6.46
CA ILE D 353 36.67 4.91 6.76
C ILE D 353 35.42 5.15 7.60
N PRO D 354 34.23 4.75 7.08
CA PRO D 354 32.96 5.18 7.66
C PRO D 354 32.65 4.48 8.96
N VAL D 355 32.73 5.24 10.05
CA VAL D 355 32.37 4.76 11.37
C VAL D 355 31.01 5.33 11.73
N ILE D 356 30.10 4.46 12.18
CA ILE D 356 28.82 4.95 12.64
C ILE D 356 29.03 5.76 13.92
N PRO D 357 28.78 7.08 13.91
CA PRO D 357 29.05 7.91 15.07
C PRO D 357 28.28 7.45 16.30
N ASN D 358 28.91 7.55 17.46
CA ASN D 358 28.33 7.11 18.70
C ASN D 358 29.17 7.67 19.83
N PRO D 359 28.59 7.88 21.04
CA PRO D 359 29.35 8.45 22.14
C PRO D 359 30.00 7.42 23.06
N SER D 360 30.20 6.18 22.58
CA SER D 360 30.57 5.06 23.45
C SER D 360 31.90 4.44 23.01
N HIS D 361 32.14 3.17 23.40
CA HIS D 361 33.44 2.54 23.21
C HIS D 361 33.49 1.66 21.96
N ILE D 362 32.37 1.57 21.23
CA ILE D 362 32.25 0.69 20.09
C ILE D 362 32.65 1.44 18.83
N VAL D 363 33.19 0.70 17.86
CA VAL D 363 33.63 1.26 16.59
C VAL D 363 32.99 0.45 15.46
N PRO D 364 31.73 0.77 15.08
CA PRO D 364 31.07 0.06 14.00
C PRO D 364 31.42 0.62 12.63
N VAL D 365 32.05 -0.21 11.79
CA VAL D 365 32.51 0.24 10.50
C VAL D 365 31.47 -0.16 9.47
N LEU D 366 30.87 0.84 8.81
CA LEU D 366 29.77 0.61 7.90
C LEU D 366 30.28 0.07 6.56
N ILE D 367 29.62 -0.98 6.06
CA ILE D 367 29.97 -1.60 4.79
C ILE D 367 28.78 -1.48 3.84
N GLY D 368 27.61 -1.91 4.32
CA GLY D 368 26.35 -1.68 3.62
C GLY D 368 25.97 -2.84 2.70
N ASN D 369 26.73 -3.93 2.74
CA ASN D 369 26.45 -5.10 1.93
C ASN D 369 26.89 -6.33 2.71
N ALA D 370 26.00 -7.34 2.78
CA ALA D 370 26.25 -8.52 3.59
C ALA D 370 27.48 -9.28 3.09
N ASP D 371 27.54 -9.54 1.79
CA ASP D 371 28.63 -10.28 1.14
C ASP D 371 29.96 -9.57 1.32
N LEU D 372 30.00 -8.26 1.05
CA LEU D 372 31.23 -7.49 1.14
C LEU D 372 31.72 -7.42 2.59
N ALA D 373 30.82 -7.35 3.57
CA ALA D 373 31.21 -7.33 4.97
C ALA D 373 31.83 -8.68 5.37
N LYS D 374 31.21 -9.79 4.95
CA LYS D 374 31.75 -11.11 5.20
C LYS D 374 33.10 -11.27 4.52
N GLN D 375 33.19 -10.77 3.28
CA GLN D 375 34.40 -10.84 2.49
C GLN D 375 35.51 -10.02 3.15
N ALA D 376 35.16 -8.86 3.68
CA ALA D 376 36.11 -8.04 4.42
C ALA D 376 36.61 -8.78 5.66
N SER D 377 35.68 -9.32 6.45
CA SER D 377 35.96 -10.11 7.63
C SER D 377 37.02 -11.18 7.32
N ASP D 378 36.84 -11.86 6.19
CA ASP D 378 37.70 -12.97 5.78
C ASP D 378 39.09 -12.50 5.39
N ILE D 379 39.18 -11.46 4.57
CA ILE D 379 40.47 -10.95 4.13
C ILE D 379 41.23 -10.44 5.37
N LEU D 380 40.51 -9.86 6.34
CA LEU D 380 41.17 -9.32 7.51
C LEU D 380 41.85 -10.43 8.32
N ILE D 381 41.19 -11.57 8.47
CA ILE D 381 41.73 -12.63 9.31
C ILE D 381 42.77 -13.46 8.55
N ASN D 382 42.55 -13.70 7.25
CA ASN D 382 43.41 -14.60 6.49
C ASN D 382 44.64 -13.84 5.97
N LYS D 383 44.44 -12.63 5.42
CA LYS D 383 45.55 -11.84 4.91
C LYS D 383 46.26 -11.09 6.03
N HIS D 384 45.53 -10.53 6.98
CA HIS D 384 46.12 -9.56 7.90
C HIS D 384 46.13 -10.03 9.37
N GLN D 385 45.59 -11.22 9.66
CA GLN D 385 45.56 -11.74 11.03
C GLN D 385 44.85 -10.78 11.99
N ILE D 386 43.75 -10.19 11.51
CA ILE D 386 42.85 -9.37 12.29
C ILE D 386 41.52 -10.08 12.37
N TYR D 387 41.05 -10.34 13.59
CA TYR D 387 39.75 -10.97 13.80
C TYR D 387 38.75 -9.89 14.16
N VAL D 388 37.90 -9.57 13.20
CA VAL D 388 36.78 -8.67 13.34
C VAL D 388 35.56 -9.40 12.79
N GLN D 389 34.40 -9.26 13.45
CA GLN D 389 33.23 -10.00 12.99
C GLN D 389 32.32 -9.08 12.18
N ALA D 390 31.79 -9.62 11.07
CA ALA D 390 30.78 -8.97 10.26
C ALA D 390 29.40 -9.16 10.91
N ILE D 391 28.63 -8.07 10.99
CA ILE D 391 27.28 -8.09 11.55
C ILE D 391 26.29 -7.93 10.40
N ASN D 392 25.35 -8.89 10.28
CA ASN D 392 24.41 -8.94 9.17
C ASN D 392 22.97 -9.03 9.68
N PHE D 393 22.00 -9.00 8.75
CA PHE D 393 20.62 -9.31 9.06
C PHE D 393 20.55 -10.74 9.62
N PRO D 394 19.80 -11.01 10.72
CA PRO D 394 18.83 -10.08 11.30
C PRO D 394 19.31 -9.27 12.52
N THR D 395 20.60 -9.31 12.86
CA THR D 395 21.09 -8.55 14.00
C THR D 395 20.92 -7.05 13.72
N VAL D 396 21.13 -6.68 12.45
CA VAL D 396 21.02 -5.29 12.02
C VAL D 396 20.22 -5.24 10.72
N ALA D 397 19.63 -4.06 10.45
CA ALA D 397 18.82 -3.85 9.26
C ALA D 397 19.62 -4.11 7.99
N ARG D 398 19.00 -4.79 7.02
CA ARG D 398 19.64 -5.13 5.76
C ARG D 398 20.01 -3.84 5.04
N GLY D 399 21.25 -3.77 4.54
CA GLY D 399 21.77 -2.56 3.93
C GLY D 399 22.65 -1.76 4.89
N THR D 400 22.69 -2.16 6.17
CA THR D 400 23.50 -1.46 7.17
C THR D 400 24.51 -2.42 7.79
N GLU D 401 24.98 -3.40 7.01
CA GLU D 401 25.90 -4.40 7.53
C GLU D 401 27.21 -3.71 7.88
N ARG D 402 27.97 -4.30 8.81
CA ARG D 402 29.10 -3.60 9.39
C ARG D 402 30.09 -4.54 10.07
N LEU D 403 31.31 -4.03 10.26
CA LEU D 403 32.33 -4.69 11.06
C LEU D 403 32.32 -4.09 12.46
N ARG D 404 32.22 -4.94 13.50
CA ARG D 404 32.24 -4.49 14.87
C ARG D 404 33.66 -4.56 15.40
N ILE D 405 34.17 -3.42 15.88
CA ILE D 405 35.49 -3.32 16.48
C ILE D 405 35.35 -2.74 17.89
N THR D 406 35.91 -3.46 18.89
CA THR D 406 35.77 -3.13 20.29
C THR D 406 37.16 -3.08 20.94
N PRO D 407 37.84 -1.92 20.92
CA PRO D 407 39.11 -1.77 21.61
C PRO D 407 39.03 -1.91 23.13
N THR D 408 40.16 -2.27 23.75
CA THR D 408 40.28 -2.52 25.18
C THR D 408 41.54 -1.82 25.68
N PRO D 409 41.79 -1.84 27.02
CA PRO D 409 43.04 -1.30 27.54
C PRO D 409 44.28 -1.96 26.96
N GLY D 410 44.12 -3.16 26.38
CA GLY D 410 45.25 -3.90 25.85
C GLY D 410 45.57 -3.52 24.40
N HIS D 411 44.66 -2.83 23.72
CA HIS D 411 44.90 -2.43 22.35
C HIS D 411 45.67 -1.12 22.31
N THR D 412 46.98 -1.23 22.52
CA THR D 412 47.88 -0.08 22.47
C THR D 412 47.97 0.43 21.04
N ASN D 413 48.55 1.61 20.88
CA ASN D 413 48.51 2.34 19.62
C ASN D 413 49.24 1.59 18.49
N ASP D 414 50.26 0.80 18.84
CA ASP D 414 50.94 -0.02 17.86
C ASP D 414 49.97 -1.01 17.22
N LEU D 415 49.17 -1.67 18.05
CA LEU D 415 48.17 -2.62 17.55
C LEU D 415 47.10 -1.89 16.72
N SER D 416 46.66 -0.73 17.24
CA SER D 416 45.70 0.12 16.55
C SER D 416 46.21 0.50 15.16
N ASP D 417 47.49 0.85 15.05
CA ASP D 417 48.05 1.26 13.78
C ASP D 417 47.94 0.13 12.76
N ILE D 418 48.21 -1.10 13.19
CA ILE D 418 48.19 -2.26 12.30
C ILE D 418 46.76 -2.48 11.79
N LEU D 419 45.78 -2.35 12.70
CA LEU D 419 44.37 -2.48 12.36
C LEU D 419 43.96 -1.41 11.34
N ILE D 420 44.32 -0.15 11.63
CA ILE D 420 43.93 0.97 10.80
C ILE D 420 44.41 0.69 9.37
N ASN D 421 45.68 0.32 9.27
CA ASN D 421 46.32 0.07 7.98
C ASN D 421 45.65 -1.10 7.28
N ALA D 422 45.31 -2.13 8.05
CA ALA D 422 44.71 -3.31 7.48
C ALA D 422 43.32 -2.97 6.93
N VAL D 423 42.50 -2.29 7.73
CA VAL D 423 41.15 -1.93 7.31
C VAL D 423 41.21 -1.06 6.06
N ASP D 424 42.14 -0.10 6.05
CA ASP D 424 42.32 0.77 4.90
C ASP D 424 42.65 -0.07 3.66
N ASP D 425 43.53 -1.07 3.82
CA ASP D 425 43.97 -1.89 2.70
C ASP D 425 42.77 -2.64 2.10
N VAL D 426 41.90 -3.14 3.00
CA VAL D 426 40.78 -3.97 2.60
C VAL D 426 39.72 -3.13 1.90
N PHE D 427 39.47 -1.93 2.43
CA PHE D 427 38.59 -0.96 1.79
C PHE D 427 39.05 -0.75 0.35
N ASN D 428 40.36 -0.59 0.15
CA ASN D 428 40.92 -0.43 -1.18
C ASN D 428 40.73 -1.70 -2.01
N GLU D 429 41.04 -2.86 -1.44
CA GLU D 429 41.03 -4.11 -2.18
C GLU D 429 39.65 -4.41 -2.75
N LEU D 430 38.60 -4.14 -1.96
CA LEU D 430 37.22 -4.46 -2.32
C LEU D 430 36.48 -3.23 -2.83
N GLN D 431 37.17 -2.09 -2.91
CA GLN D 431 36.60 -0.85 -3.41
C GLN D 431 35.35 -0.50 -2.61
N LEU D 432 35.44 -0.61 -1.27
CA LEU D 432 34.33 -0.33 -0.38
C LEU D 432 34.07 1.16 -0.33
N PRO D 433 32.82 1.61 -0.11
CA PRO D 433 32.53 3.03 0.03
C PRO D 433 33.21 3.69 1.23
N ARG D 434 33.77 4.87 1.00
CA ARG D 434 34.33 5.75 2.01
C ARG D 434 33.25 6.75 2.44
N VAL D 435 33.57 7.60 3.43
CA VAL D 435 32.61 8.52 3.98
C VAL D 435 32.00 9.39 2.86
N ARG D 436 32.83 9.84 1.93
CA ARG D 436 32.38 10.77 0.90
C ARG D 436 31.40 10.09 -0.05
N ASP D 437 31.55 8.76 -0.20
CA ASP D 437 30.66 7.99 -1.06
C ASP D 437 29.29 7.83 -0.39
N TRP D 438 29.26 7.83 0.94
CA TRP D 438 28.01 7.78 1.71
C TRP D 438 27.31 9.14 1.70
N GLU D 439 28.11 10.21 1.79
CA GLU D 439 27.60 11.57 1.68
C GLU D 439 26.77 11.71 0.40
N SER D 440 27.29 11.15 -0.71
CA SER D 440 26.67 11.29 -2.02
C SER D 440 25.39 10.47 -2.15
N GLN D 441 25.16 9.50 -1.25
CA GLN D 441 23.93 8.70 -1.24
C GLN D 441 22.99 9.19 -0.15
N GLY D 442 23.28 10.37 0.43
CA GLY D 442 22.35 11.03 1.33
C GLY D 442 22.67 10.76 2.79
N GLY D 443 23.68 9.92 3.02
CA GLY D 443 24.10 9.53 4.36
C GLY D 443 23.36 8.29 4.85
N LEU D 444 23.92 7.65 5.88
CA LEU D 444 23.26 6.53 6.55
C LEU D 444 23.74 6.47 8.00
N LEU D 445 22.77 6.62 8.92
CA LEU D 445 22.96 6.46 10.35
C LEU D 445 24.02 7.43 10.89
N GLY D 446 24.14 8.61 10.26
CA GLY D 446 25.10 9.61 10.74
C GLY D 446 26.29 9.74 9.80
N VAL D 447 26.63 8.66 9.09
CA VAL D 447 27.76 8.66 8.19
C VAL D 447 27.40 9.44 6.93
N GLY D 448 28.07 10.59 6.71
CA GLY D 448 27.90 11.41 5.53
C GLY D 448 26.50 12.03 5.44
N GLU D 449 26.03 12.55 6.57
CA GLU D 449 24.69 13.09 6.69
C GLU D 449 24.83 14.56 7.10
N SER D 450 24.49 15.47 6.17
CA SER D 450 24.95 16.86 6.31
C SER D 450 24.36 17.55 7.55
N GLY D 451 23.09 17.33 7.90
CA GLY D 451 22.49 18.05 9.01
C GLY D 451 22.87 17.47 10.39
N PHE D 452 23.69 16.41 10.43
CA PHE D 452 23.78 15.55 11.60
C PHE D 452 24.72 16.18 12.62
N VAL D 453 24.24 16.33 13.86
CA VAL D 453 25.05 16.85 14.95
C VAL D 453 25.31 15.70 15.92
N GLU D 454 26.57 15.21 15.93
CA GLU D 454 26.96 14.06 16.72
C GLU D 454 26.75 14.31 18.20
N GLU D 455 26.36 13.24 18.91
CA GLU D 455 26.19 13.27 20.36
C GLU D 455 27.58 13.22 20.99
N SER D 456 27.86 14.15 21.91
CA SER D 456 29.12 14.20 22.65
C SER D 456 29.38 12.87 23.35
N ASN D 457 30.67 12.46 23.39
CA ASN D 457 31.08 11.26 24.12
C ASN D 457 30.62 11.32 25.57
N LEU D 458 30.22 10.17 26.11
CA LEU D 458 29.85 10.09 27.51
C LEU D 458 31.04 10.53 28.37
N TRP D 459 32.24 10.08 27.98
CA TRP D 459 33.47 10.46 28.68
C TRP D 459 33.97 11.80 28.16
N THR D 460 33.93 12.81 29.03
CA THR D 460 34.42 14.16 28.74
C THR D 460 35.93 14.19 28.90
N SER D 461 36.54 15.29 28.45
CA SER D 461 37.96 15.52 28.59
C SER D 461 38.35 15.52 30.06
N SER D 462 37.54 16.24 30.86
CA SER D 462 37.78 16.38 32.28
C SER D 462 37.76 15.00 32.96
N GLN D 463 36.77 14.17 32.62
CA GLN D 463 36.68 12.82 33.18
C GLN D 463 37.85 11.93 32.74
N LEU D 464 38.25 12.04 31.47
CA LEU D 464 39.30 11.19 30.88
C LEU D 464 40.67 11.48 31.47
N SER D 465 40.85 12.62 32.16
CA SER D 465 42.16 12.97 32.68
C SER D 465 42.25 12.64 34.18
N LEU D 466 41.23 11.95 34.72
CA LEU D 466 41.28 11.45 36.09
C LEU D 466 42.23 10.26 36.16
N THR D 467 42.85 10.07 37.33
CA THR D 467 43.64 8.88 37.63
C THR D 467 43.03 8.18 38.85
N ASN D 468 43.59 7.04 39.22
CA ASN D 468 43.10 6.28 40.36
C ASN D 468 43.24 7.07 41.65
N ASP D 469 44.12 8.10 41.66
CA ASP D 469 44.32 8.95 42.83
C ASP D 469 43.13 9.87 43.04
N ASP D 470 42.30 10.03 42.00
CA ASP D 470 41.16 10.92 42.06
C ASP D 470 39.89 10.17 42.53
N LEU D 471 40.02 8.89 42.90
CA LEU D 471 38.91 8.14 43.44
C LEU D 471 38.93 8.22 44.95
N ASN D 472 37.78 7.97 45.57
CA ASN D 472 37.67 7.92 47.02
C ASN D 472 38.45 6.72 47.51
N PRO D 473 39.31 6.88 48.56
CA PRO D 473 40.04 5.75 49.12
C PRO D 473 39.17 4.57 49.53
N ASN D 474 37.87 4.80 49.78
CA ASN D 474 37.02 3.74 50.32
C ASN D 474 36.62 2.73 49.26
N VAL D 475 37.02 2.90 47.99
CA VAL D 475 36.69 1.96 46.92
C VAL D 475 37.82 0.93 46.75
N ARG D 476 38.97 1.18 47.38
CA ARG D 476 40.07 0.23 47.39
C ARG D 476 39.88 -0.72 48.58
N ASP D 477 40.07 -2.02 48.33
CA ASP D 477 39.95 -3.08 49.32
C ASP D 477 38.86 -2.81 50.36
N PRO D 478 37.60 -2.53 49.95
CA PRO D 478 36.53 -2.35 50.91
C PRO D 478 36.07 -3.67 51.53
N ILE D 479 35.72 -3.64 52.81
CA ILE D 479 35.09 -4.77 53.47
C ILE D 479 33.62 -4.77 53.07
N VAL D 480 33.20 -5.75 52.27
CA VAL D 480 31.86 -5.80 51.70
C VAL D 480 31.07 -6.89 52.42
N LYS D 481 30.19 -6.47 53.33
CA LYS D 481 29.38 -7.37 54.16
C LYS D 481 28.44 -8.18 53.27
N GLN D 482 28.22 -9.46 53.62
CA GLN D 482 27.34 -10.34 52.88
C GLN D 482 25.89 -9.99 53.20
N LEU D 483 24.97 -10.43 52.33
CA LEU D 483 23.59 -9.94 52.33
C LEU D 483 22.64 -11.01 52.83
N GLU D 484 21.73 -10.59 53.71
CA GLU D 484 20.80 -11.52 54.34
C GLU D 484 19.84 -12.09 53.27
N VAL D 485 19.53 -11.29 52.23
CA VAL D 485 18.55 -11.63 51.22
C VAL D 485 19.06 -12.70 50.24
N SER D 486 20.39 -12.86 50.13
CA SER D 486 21.00 -13.93 49.36
C SER D 486 20.64 -15.30 49.93
N SER D 487 20.32 -15.36 51.24
CA SER D 487 20.02 -16.59 51.97
C SER D 487 18.55 -16.68 52.41
N GLY D 488 17.84 -15.54 52.38
CA GLY D 488 16.47 -15.46 52.89
C GLY D 488 16.42 -14.68 54.21
N ILE D 489 15.24 -14.14 54.57
CA ILE D 489 15.13 -13.15 55.62
C ILE D 489 14.27 -13.65 56.77
N LYS D 490 14.78 -13.49 58.00
CA LYS D 490 14.05 -13.83 59.21
C LYS D 490 13.04 -12.74 59.57
N GLN D 491 11.91 -13.18 60.14
CA GLN D 491 10.88 -12.31 60.71
C GLN D 491 9.68 -13.18 61.13
N SER E 12 12.79 -42.71 -17.78
CA SER E 12 12.68 -41.99 -16.48
C SER E 12 11.26 -41.45 -16.26
N GLY E 13 10.88 -40.35 -16.92
CA GLY E 13 9.55 -39.77 -16.78
C GLY E 13 8.49 -40.64 -17.46
N PHE E 14 7.23 -40.56 -17.00
CA PHE E 14 6.09 -41.18 -17.68
C PHE E 14 6.01 -40.68 -19.12
N ASP E 15 5.64 -41.55 -20.05
CA ASP E 15 5.52 -41.23 -21.47
C ASP E 15 4.13 -40.64 -21.76
N TYR E 16 3.98 -39.33 -21.58
CA TYR E 16 2.70 -38.64 -21.75
C TYR E 16 2.30 -38.60 -23.22
N GLU E 17 3.26 -38.44 -24.14
CA GLU E 17 2.97 -38.38 -25.56
C GLU E 17 2.40 -39.72 -26.05
N GLY E 18 2.99 -40.83 -25.59
CA GLY E 18 2.56 -42.17 -26.00
C GLY E 18 1.12 -42.49 -25.54
N LEU E 19 0.75 -42.01 -24.35
CA LEU E 19 -0.58 -42.22 -23.82
C LEU E 19 -1.60 -41.47 -24.68
N ILE E 20 -1.25 -40.24 -25.08
CA ILE E 20 -2.14 -39.41 -25.87
C ILE E 20 -2.26 -39.99 -27.28
N ASP E 21 -1.12 -40.43 -27.85
CA ASP E 21 -1.08 -41.04 -29.18
C ASP E 21 -2.07 -42.20 -29.29
N SER E 22 -2.06 -43.09 -28.30
CA SER E 22 -2.83 -44.32 -28.36
C SER E 22 -4.30 -44.06 -27.99
N GLU E 23 -4.56 -43.03 -27.17
CA GLU E 23 -5.93 -42.64 -26.86
C GLU E 23 -6.60 -42.06 -28.11
N LEU E 24 -5.84 -41.29 -28.89
CA LEU E 24 -6.33 -40.73 -30.15
C LEU E 24 -6.52 -41.86 -31.15
N GLN E 25 -5.52 -42.76 -31.25
CA GLN E 25 -5.55 -43.83 -32.24
C GLN E 25 -6.74 -44.75 -32.00
N LYS E 26 -7.20 -44.86 -30.75
CA LYS E 26 -8.36 -45.66 -30.41
C LYS E 26 -9.63 -45.08 -31.05
N LYS E 27 -9.73 -43.74 -31.04
CA LYS E 27 -10.90 -43.05 -31.59
C LYS E 27 -10.92 -43.17 -33.13
N ARG E 28 -9.73 -43.29 -33.75
CA ARG E 28 -9.61 -43.38 -35.19
C ARG E 28 -10.03 -44.76 -35.70
N LEU E 29 -9.61 -45.82 -34.98
CA LEU E 29 -9.85 -47.19 -35.41
C LEU E 29 -11.32 -47.53 -35.27
N ASP E 30 -11.97 -47.04 -34.20
CA ASP E 30 -13.40 -47.29 -34.01
C ASP E 30 -14.23 -46.24 -34.78
N LYS E 31 -13.55 -45.30 -35.45
CA LYS E 31 -14.16 -44.40 -36.44
C LYS E 31 -15.18 -43.46 -35.78
N SER E 32 -14.90 -43.06 -34.53
CA SER E 32 -15.67 -42.04 -33.84
C SER E 32 -14.88 -40.74 -33.76
N TYR E 33 -13.73 -40.69 -34.44
CA TYR E 33 -12.94 -39.47 -34.56
C TYR E 33 -13.67 -38.51 -35.50
N ARG E 34 -14.04 -37.33 -35.00
CA ARG E 34 -14.93 -36.41 -35.70
C ARG E 34 -14.12 -35.33 -36.42
N TYR E 35 -14.46 -35.09 -37.70
CA TYR E 35 -13.92 -33.97 -38.48
C TYR E 35 -14.95 -32.84 -38.52
N PHE E 36 -14.52 -31.61 -38.25
CA PHE E 36 -15.45 -30.48 -38.26
C PHE E 36 -15.51 -29.92 -39.68
N ASN E 37 -16.64 -29.28 -39.99
CA ASN E 37 -16.90 -28.64 -41.26
C ASN E 37 -16.89 -27.12 -41.10
N ASN E 38 -16.20 -26.44 -42.01
CA ASN E 38 -16.16 -24.99 -42.05
C ASN E 38 -17.47 -24.49 -42.66
N ILE E 39 -18.37 -23.98 -41.82
CA ILE E 39 -19.71 -23.59 -42.21
C ILE E 39 -19.99 -22.19 -41.66
N ASN E 40 -20.17 -21.24 -42.60
CA ASN E 40 -20.28 -19.83 -42.27
C ASN E 40 -21.67 -19.36 -42.64
N ARG E 41 -22.53 -19.24 -41.63
CA ARG E 41 -23.93 -18.93 -41.88
C ARG E 41 -24.06 -17.48 -42.30
N LEU E 42 -24.86 -17.22 -43.34
CA LEU E 42 -25.10 -15.89 -43.86
C LEU E 42 -26.41 -15.35 -43.29
N ALA E 43 -26.31 -14.24 -42.57
CA ALA E 43 -27.46 -13.61 -41.97
C ALA E 43 -28.36 -12.96 -43.03
N LYS E 44 -27.77 -12.66 -44.19
CA LYS E 44 -28.48 -12.00 -45.27
C LYS E 44 -29.12 -13.02 -46.21
N GLU E 45 -28.91 -14.31 -45.95
CA GLU E 45 -29.41 -15.33 -46.87
C GLU E 45 -29.73 -16.60 -46.09
N PHE E 46 -30.51 -16.49 -45.02
CA PHE E 46 -30.92 -17.66 -44.25
C PHE E 46 -31.72 -18.60 -45.16
N PRO E 47 -31.52 -19.95 -45.12
CA PRO E 47 -30.52 -20.62 -44.29
C PRO E 47 -29.32 -21.13 -45.07
N LEU E 48 -28.76 -20.26 -45.90
CA LEU E 48 -27.55 -20.58 -46.63
C LEU E 48 -26.34 -20.31 -45.75
N ALA E 49 -25.21 -20.88 -46.19
CA ALA E 49 -23.90 -20.68 -45.59
C ALA E 49 -22.84 -20.91 -46.66
N HIS E 50 -21.64 -20.38 -46.44
CA HIS E 50 -20.52 -20.67 -47.31
C HIS E 50 -19.49 -21.51 -46.57
N ARG E 51 -18.69 -22.27 -47.33
CA ARG E 51 -17.64 -23.11 -46.79
C ARG E 51 -16.35 -22.30 -46.69
N GLN E 52 -15.21 -22.92 -47.05
CA GLN E 52 -13.92 -22.26 -46.91
C GLN E 52 -13.96 -20.98 -47.74
N ARG E 53 -14.36 -21.08 -49.02
CA ARG E 53 -14.48 -19.95 -49.92
C ARG E 53 -15.91 -19.43 -49.89
N GLU E 54 -16.09 -18.11 -50.06
CA GLU E 54 -17.39 -17.47 -49.99
C GLU E 54 -18.26 -17.87 -51.18
N ALA E 55 -17.62 -18.33 -52.27
CA ALA E 55 -18.32 -18.75 -53.47
C ALA E 55 -19.05 -20.08 -53.26
N ASP E 56 -18.52 -21.00 -52.45
CA ASP E 56 -19.12 -22.31 -52.22
C ASP E 56 -20.22 -22.20 -51.17
N LYS E 57 -21.48 -22.11 -51.62
CA LYS E 57 -22.61 -21.97 -50.73
C LYS E 57 -23.36 -23.29 -50.65
N VAL E 58 -24.08 -23.47 -49.53
CA VAL E 58 -24.83 -24.67 -49.25
C VAL E 58 -26.03 -24.27 -48.40
N THR E 59 -27.06 -25.11 -48.43
CA THR E 59 -28.24 -24.92 -47.60
C THR E 59 -28.06 -25.74 -46.33
N VAL E 60 -28.28 -25.05 -45.20
CA VAL E 60 -28.06 -25.65 -43.91
C VAL E 60 -29.37 -26.25 -43.41
N TRP E 61 -29.34 -27.55 -43.13
CA TRP E 61 -30.52 -28.29 -42.74
C TRP E 61 -30.34 -28.98 -41.38
N CYS E 62 -29.31 -28.63 -40.62
CA CYS E 62 -29.04 -29.32 -39.37
C CYS E 62 -28.67 -28.34 -38.26
N SER E 63 -29.04 -27.07 -38.42
CA SER E 63 -28.70 -26.07 -37.43
C SER E 63 -29.76 -26.14 -36.33
N ASN E 64 -29.39 -25.70 -35.12
CA ASN E 64 -30.36 -25.65 -34.03
C ASN E 64 -30.86 -24.21 -33.84
N ASP E 65 -30.54 -23.32 -34.77
CA ASP E 65 -31.16 -22.01 -34.85
C ASP E 65 -32.58 -22.20 -35.38
N TYR E 66 -33.45 -22.74 -34.51
CA TYR E 66 -34.70 -23.40 -34.89
C TYR E 66 -35.72 -22.42 -35.48
N LEU E 67 -35.70 -21.16 -35.02
CA LEU E 67 -36.66 -20.15 -35.44
C LEU E 67 -35.99 -19.08 -36.32
N ALA E 68 -34.70 -19.29 -36.64
CA ALA E 68 -33.91 -18.38 -37.45
C ALA E 68 -33.80 -17.01 -36.80
N LEU E 69 -33.83 -16.97 -35.47
CA LEU E 69 -33.77 -15.70 -34.75
C LEU E 69 -32.33 -15.17 -34.63
N SER E 70 -31.33 -15.99 -34.96
CA SER E 70 -29.94 -15.55 -34.96
C SER E 70 -29.74 -14.37 -35.94
N LYS E 71 -30.58 -14.25 -36.97
CA LYS E 71 -30.42 -13.17 -37.96
C LYS E 71 -31.62 -12.22 -37.94
N HIS E 72 -32.47 -12.32 -36.91
CA HIS E 72 -33.68 -11.50 -36.83
C HIS E 72 -33.31 -10.03 -36.64
N PRO E 73 -33.95 -9.11 -37.38
CA PRO E 73 -33.69 -7.69 -37.23
C PRO E 73 -33.73 -7.16 -35.81
N GLU E 74 -34.67 -7.62 -34.97
CA GLU E 74 -34.77 -7.11 -33.62
C GLU E 74 -33.60 -7.59 -32.76
N VAL E 75 -33.04 -8.77 -33.09
CA VAL E 75 -31.90 -9.33 -32.40
C VAL E 75 -30.64 -8.54 -32.79
N LEU E 76 -30.43 -8.38 -34.10
CA LEU E 76 -29.26 -7.67 -34.63
C LEU E 76 -29.29 -6.21 -34.18
N ASP E 77 -30.47 -5.59 -34.14
CA ASP E 77 -30.59 -4.21 -33.73
C ASP E 77 -30.19 -4.03 -32.26
N ALA E 78 -30.67 -4.97 -31.43
CA ALA E 78 -30.38 -4.96 -30.00
C ALA E 78 -28.87 -5.10 -29.77
N MET E 79 -28.22 -5.97 -30.55
CA MET E 79 -26.78 -6.16 -30.46
C MET E 79 -26.04 -4.86 -30.84
N HIS E 80 -26.36 -4.34 -32.04
CA HIS E 80 -25.68 -3.16 -32.54
C HIS E 80 -25.80 -2.01 -31.54
N LYS E 81 -27.01 -1.78 -31.02
CA LYS E 81 -27.24 -0.65 -30.13
C LYS E 81 -26.60 -0.88 -28.77
N THR E 82 -26.55 -2.13 -28.31
CA THR E 82 -25.99 -2.46 -27.01
C THR E 82 -24.46 -2.31 -27.07
N ILE E 83 -23.86 -2.66 -28.22
CA ILE E 83 -22.42 -2.54 -28.40
C ILE E 83 -22.00 -1.07 -28.35
N ASP E 84 -22.79 -0.20 -28.99
CA ASP E 84 -22.46 1.21 -29.05
C ASP E 84 -22.39 1.82 -27.65
N LYS E 85 -23.23 1.33 -26.75
CA LYS E 85 -23.33 1.86 -25.40
C LYS E 85 -22.38 1.18 -24.43
N TYR E 86 -22.30 -0.16 -24.50
CA TYR E 86 -21.64 -0.96 -23.48
C TYR E 86 -20.28 -1.49 -23.93
N GLY E 87 -20.06 -1.59 -25.24
CA GLY E 87 -18.86 -2.19 -25.77
C GLY E 87 -19.07 -3.69 -25.96
N CYS E 88 -17.97 -4.43 -25.95
CA CYS E 88 -17.98 -5.87 -26.20
C CYS E 88 -18.15 -6.63 -24.88
N GLY E 89 -17.05 -6.79 -24.11
CA GLY E 89 -17.08 -7.55 -22.87
C GLY E 89 -17.83 -6.84 -21.73
N ALA E 90 -18.33 -7.63 -20.77
CA ALA E 90 -18.92 -7.09 -19.55
C ALA E 90 -17.83 -6.56 -18.64
N GLY E 91 -16.64 -7.14 -18.76
CA GLY E 91 -15.44 -6.68 -18.07
C GLY E 91 -15.48 -7.00 -16.57
N GLY E 92 -16.06 -8.15 -16.20
CA GLY E 92 -16.14 -8.53 -14.81
C GLY E 92 -17.09 -9.71 -14.60
N THR E 93 -17.18 -10.17 -13.35
CA THR E 93 -18.12 -11.22 -12.97
C THR E 93 -19.33 -10.54 -12.34
N ARG E 94 -20.34 -11.33 -11.97
CA ARG E 94 -21.55 -10.75 -11.42
C ARG E 94 -21.29 -10.10 -10.06
N ASN E 95 -20.27 -10.58 -9.34
CA ASN E 95 -19.90 -10.00 -8.06
C ASN E 95 -19.11 -8.70 -8.21
N ILE E 96 -18.30 -8.58 -9.26
CA ILE E 96 -17.40 -7.45 -9.43
C ILE E 96 -17.50 -6.91 -10.86
N ALA E 97 -18.22 -5.79 -11.02
CA ALA E 97 -18.18 -4.97 -12.22
C ALA E 97 -18.93 -5.59 -13.41
N GLY E 98 -19.52 -6.78 -13.23
CA GLY E 98 -20.17 -7.51 -14.33
C GLY E 98 -21.66 -7.76 -14.10
N HIS E 99 -22.27 -6.90 -13.26
CA HIS E 99 -23.72 -6.91 -13.04
C HIS E 99 -24.29 -5.60 -13.60
N ASN E 100 -25.37 -5.72 -14.38
CA ASN E 100 -25.81 -4.67 -15.29
C ASN E 100 -27.26 -4.89 -15.73
N ILE E 101 -27.80 -3.89 -16.42
CA ILE E 101 -29.20 -3.87 -16.80
C ILE E 101 -29.51 -4.94 -17.85
N PRO E 102 -28.70 -5.14 -18.92
CA PRO E 102 -28.96 -6.23 -19.86
C PRO E 102 -29.11 -7.59 -19.20
N THR E 103 -28.32 -7.83 -18.15
CA THR E 103 -28.44 -9.04 -17.34
C THR E 103 -29.79 -9.06 -16.64
N LEU E 104 -30.13 -7.96 -15.93
CA LEU E 104 -31.38 -7.91 -15.18
C LEU E 104 -32.58 -8.17 -16.09
N ASN E 105 -32.56 -7.61 -17.30
CA ASN E 105 -33.64 -7.74 -18.25
C ASN E 105 -33.74 -9.17 -18.79
N LEU E 106 -32.60 -9.81 -19.06
CA LEU E 106 -32.59 -11.15 -19.60
C LEU E 106 -33.16 -12.14 -18.59
N GLU E 107 -32.75 -12.03 -17.33
CA GLU E 107 -33.24 -12.92 -16.29
C GLU E 107 -34.74 -12.69 -16.05
N ALA E 108 -35.18 -11.44 -16.06
CA ALA E 108 -36.59 -11.15 -15.87
C ALA E 108 -37.41 -11.79 -17.00
N GLU E 109 -36.93 -11.70 -18.24
CA GLU E 109 -37.65 -12.25 -19.39
C GLU E 109 -37.80 -13.76 -19.28
N LEU E 110 -36.74 -14.43 -18.81
CA LEU E 110 -36.72 -15.87 -18.75
C LEU E 110 -37.68 -16.37 -17.67
N ALA E 111 -37.71 -15.64 -16.54
CA ALA E 111 -38.65 -15.93 -15.48
C ALA E 111 -40.09 -15.72 -15.93
N THR E 112 -40.34 -14.63 -16.68
CA THR E 112 -41.66 -14.34 -17.22
C THR E 112 -42.10 -15.46 -18.16
N LEU E 113 -41.19 -15.94 -19.01
CA LEU E 113 -41.50 -16.94 -20.02
C LEU E 113 -42.00 -18.23 -19.37
N HIS E 114 -41.30 -18.71 -18.33
CA HIS E 114 -41.69 -19.93 -17.64
C HIS E 114 -42.61 -19.65 -16.44
N LYS E 115 -43.05 -18.39 -16.31
CA LYS E 115 -43.93 -17.94 -15.24
C LYS E 115 -43.43 -18.42 -13.88
N LYS E 116 -42.11 -18.29 -13.67
CA LYS E 116 -41.49 -18.62 -12.40
C LYS E 116 -41.10 -17.34 -11.66
N GLU E 117 -40.77 -17.53 -10.38
CA GLU E 117 -40.42 -16.44 -9.48
C GLU E 117 -39.08 -15.82 -9.87
N GLY E 118 -38.19 -16.64 -10.49
CA GLY E 118 -36.87 -16.15 -10.84
C GLY E 118 -36.18 -17.02 -11.90
N ALA E 119 -35.08 -16.48 -12.44
CA ALA E 119 -34.23 -17.18 -13.38
C ALA E 119 -32.80 -16.70 -13.22
N LEU E 120 -31.85 -17.61 -13.52
CA LEU E 120 -30.45 -17.32 -13.33
C LEU E 120 -29.70 -17.71 -14.60
N VAL E 121 -28.87 -16.80 -15.09
CA VAL E 121 -28.18 -17.01 -16.36
C VAL E 121 -26.76 -17.48 -16.09
N PHE E 122 -26.33 -18.47 -16.88
CA PHE E 122 -25.01 -19.04 -16.85
C PHE E 122 -24.38 -18.91 -18.24
N SER E 123 -23.07 -19.21 -18.35
CA SER E 123 -22.34 -19.15 -19.60
C SER E 123 -23.03 -19.97 -20.68
N SER E 124 -23.65 -21.08 -20.29
CA SER E 124 -24.23 -22.05 -21.21
C SER E 124 -25.21 -22.93 -20.44
N CYS E 125 -26.06 -23.67 -21.15
CA CYS E 125 -26.92 -24.64 -20.49
C CYS E 125 -26.08 -25.81 -19.96
N TYR E 126 -25.00 -26.16 -20.66
CA TYR E 126 -24.09 -27.20 -20.17
C TYR E 126 -23.67 -26.87 -18.74
N VAL E 127 -23.24 -25.61 -18.56
CA VAL E 127 -22.80 -25.14 -17.26
C VAL E 127 -23.99 -25.09 -16.29
N ALA E 128 -25.15 -24.62 -16.77
CA ALA E 128 -26.32 -24.53 -15.91
C ALA E 128 -26.68 -25.89 -15.33
N ASN E 129 -26.71 -26.91 -16.19
CA ASN E 129 -27.06 -28.26 -15.79
C ASN E 129 -26.04 -28.78 -14.78
N ASP E 130 -24.75 -28.62 -15.07
CA ASP E 130 -23.68 -29.12 -14.24
C ASP E 130 -23.73 -28.44 -12.86
N ALA E 131 -24.07 -27.14 -12.85
CA ALA E 131 -24.04 -26.35 -11.63
C ALA E 131 -25.17 -26.76 -10.70
N VAL E 132 -26.39 -26.86 -11.26
CA VAL E 132 -27.57 -27.16 -10.47
C VAL E 132 -27.52 -28.60 -9.96
N LEU E 133 -27.19 -29.56 -10.82
CA LEU E 133 -27.11 -30.95 -10.42
C LEU E 133 -25.98 -31.16 -9.41
N SER E 134 -24.83 -30.53 -9.65
CA SER E 134 -23.70 -30.59 -8.72
C SER E 134 -24.12 -30.16 -7.33
N LEU E 135 -24.83 -29.03 -7.25
CA LEU E 135 -25.11 -28.39 -5.98
C LEU E 135 -26.13 -29.22 -5.19
N LEU E 136 -27.15 -29.72 -5.88
CA LEU E 136 -28.18 -30.53 -5.27
C LEU E 136 -27.57 -31.74 -4.58
N GLY E 137 -26.62 -32.41 -5.23
CA GLY E 137 -26.01 -33.62 -4.69
C GLY E 137 -24.97 -33.32 -3.60
N GLN E 138 -24.39 -32.12 -3.65
CA GLN E 138 -23.35 -31.78 -2.71
C GLN E 138 -23.97 -31.32 -1.40
N LYS E 139 -25.20 -30.79 -1.44
CA LYS E 139 -25.85 -30.25 -0.26
C LYS E 139 -26.90 -31.23 0.28
N MET E 140 -27.23 -32.27 -0.48
CA MET E 140 -28.04 -33.38 -0.01
C MET E 140 -27.35 -34.69 -0.36
N LYS E 141 -26.53 -35.20 0.56
CA LYS E 141 -25.67 -36.34 0.30
C LYS E 141 -26.52 -37.61 0.18
N ASP E 142 -27.73 -37.57 0.77
CA ASP E 142 -28.63 -38.71 0.83
C ASP E 142 -29.52 -38.78 -0.41
N LEU E 143 -29.40 -37.79 -1.30
CA LEU E 143 -30.24 -37.70 -2.48
C LEU E 143 -30.07 -38.92 -3.37
N VAL E 144 -31.19 -39.36 -3.95
CA VAL E 144 -31.17 -40.36 -5.00
C VAL E 144 -31.68 -39.70 -6.27
N ILE E 145 -30.86 -39.78 -7.34
CA ILE E 145 -31.22 -39.21 -8.64
C ILE E 145 -31.73 -40.32 -9.55
N PHE E 146 -32.89 -40.06 -10.15
CA PHE E 146 -33.47 -40.93 -11.16
C PHE E 146 -33.34 -40.21 -12.50
N SER E 147 -32.53 -40.80 -13.39
CA SER E 147 -32.10 -40.16 -14.61
C SER E 147 -32.54 -41.00 -15.79
N ASP E 148 -33.13 -40.36 -16.80
CA ASP E 148 -33.49 -41.02 -18.04
C ASP E 148 -32.22 -41.47 -18.77
N GLU E 149 -32.29 -42.70 -19.32
CA GLU E 149 -31.23 -43.32 -20.10
C GLU E 149 -30.60 -42.36 -21.09
N LEU E 150 -31.42 -41.58 -21.80
CA LEU E 150 -30.92 -40.82 -22.95
C LEU E 150 -30.60 -39.37 -22.60
N ASN E 151 -30.44 -39.05 -21.31
CA ASN E 151 -30.11 -37.69 -20.92
C ASN E 151 -28.79 -37.25 -21.57
N HIS E 152 -28.69 -35.92 -21.76
CA HIS E 152 -27.59 -35.24 -22.42
C HIS E 152 -26.29 -35.36 -21.61
N ALA E 153 -25.15 -35.21 -22.28
CA ALA E 153 -23.84 -35.36 -21.65
C ALA E 153 -23.73 -34.44 -20.43
N SER E 154 -24.27 -33.22 -20.54
CA SER E 154 -24.17 -32.24 -19.47
C SER E 154 -24.87 -32.74 -18.21
N MET E 155 -26.00 -33.41 -18.36
CA MET E 155 -26.74 -33.92 -17.21
C MET E 155 -26.00 -35.11 -16.61
N ILE E 156 -25.37 -35.94 -17.45
CA ILE E 156 -24.59 -37.09 -17.00
C ILE E 156 -23.42 -36.60 -16.14
N VAL E 157 -22.73 -35.56 -16.62
CA VAL E 157 -21.59 -35.01 -15.92
C VAL E 157 -22.05 -34.39 -14.60
N GLY E 158 -23.17 -33.64 -14.64
CA GLY E 158 -23.73 -33.00 -13.47
C GLY E 158 -24.15 -34.00 -12.40
N ILE E 159 -24.71 -35.13 -12.84
CA ILE E 159 -25.11 -36.20 -11.94
C ILE E 159 -23.87 -36.89 -11.37
N LYS E 160 -22.81 -37.06 -12.18
CA LYS E 160 -21.57 -37.66 -11.66
C LYS E 160 -21.01 -36.75 -10.58
N HIS E 161 -20.94 -35.44 -10.88
CA HIS E 161 -20.43 -34.43 -9.96
C HIS E 161 -21.29 -34.30 -8.72
N ALA E 162 -22.60 -34.55 -8.84
CA ALA E 162 -23.50 -34.56 -7.69
C ALA E 162 -22.98 -35.52 -6.62
N ASN E 163 -22.40 -36.62 -7.10
CA ASN E 163 -21.74 -37.59 -6.25
C ASN E 163 -22.71 -38.16 -5.22
N VAL E 164 -23.80 -38.76 -5.71
CA VAL E 164 -24.81 -39.39 -4.87
C VAL E 164 -25.27 -40.67 -5.55
N LYS E 165 -26.26 -41.35 -4.96
CA LYS E 165 -26.82 -42.54 -5.60
C LYS E 165 -27.64 -42.11 -6.82
N LYS E 166 -27.59 -42.93 -7.88
CA LYS E 166 -28.36 -42.70 -9.09
C LYS E 166 -28.99 -44.01 -9.59
N HIS E 167 -30.18 -43.90 -10.20
CA HIS E 167 -30.77 -44.97 -10.98
C HIS E 167 -31.06 -44.46 -12.39
N ILE E 168 -30.68 -45.24 -13.39
CA ILE E 168 -30.94 -44.92 -14.79
C ILE E 168 -32.14 -45.74 -15.24
N PHE E 169 -33.28 -45.09 -15.53
CA PHE E 169 -34.46 -45.79 -16.01
C PHE E 169 -34.44 -45.83 -17.53
N LYS E 170 -34.92 -46.94 -18.10
CA LYS E 170 -35.02 -47.09 -19.55
C LYS E 170 -35.81 -45.91 -20.14
N HIS E 171 -35.47 -45.53 -21.37
CA HIS E 171 -35.98 -44.33 -22.01
C HIS E 171 -37.50 -44.23 -21.92
N ASN E 172 -37.98 -43.20 -21.22
CA ASN E 172 -39.39 -42.87 -21.06
C ASN E 172 -40.21 -44.00 -20.41
N ASP E 173 -39.55 -44.95 -19.73
CA ASP E 173 -40.27 -46.05 -19.12
C ASP E 173 -40.69 -45.64 -17.70
N LEU E 174 -41.91 -45.11 -17.56
CA LEU E 174 -42.38 -44.56 -16.30
C LEU E 174 -42.93 -45.66 -15.39
N ASN E 175 -43.07 -46.89 -15.91
CA ASN E 175 -43.28 -48.06 -15.09
C ASN E 175 -42.02 -48.31 -14.26
N GLU E 176 -40.88 -48.44 -14.96
CA GLU E 176 -39.60 -48.67 -14.30
C GLU E 176 -39.31 -47.53 -13.34
N LEU E 177 -39.64 -46.28 -13.72
CA LEU E 177 -39.43 -45.14 -12.85
C LEU E 177 -40.24 -45.33 -11.57
N GLU E 178 -41.53 -45.70 -11.70
CA GLU E 178 -42.37 -45.82 -10.52
C GLU E 178 -41.83 -46.94 -9.62
N GLN E 179 -41.33 -48.03 -10.22
CA GLN E 179 -40.80 -49.16 -9.47
C GLN E 179 -39.55 -48.76 -8.68
N LEU E 180 -38.72 -47.89 -9.25
CA LEU E 180 -37.54 -47.41 -8.59
C LEU E 180 -37.96 -46.46 -7.46
N LEU E 181 -38.88 -45.54 -7.75
CA LEU E 181 -39.33 -44.55 -6.78
C LEU E 181 -39.96 -45.24 -5.57
N GLN E 182 -40.75 -46.30 -5.83
CA GLN E 182 -41.49 -47.00 -4.80
C GLN E 182 -40.57 -47.66 -3.78
N SER E 183 -39.36 -48.07 -4.22
CA SER E 183 -38.52 -48.93 -3.41
C SER E 183 -37.78 -48.14 -2.32
N TYR E 184 -37.95 -46.81 -2.31
CA TYR E 184 -37.46 -45.97 -1.23
C TYR E 184 -38.65 -45.46 -0.40
N PRO E 185 -38.49 -45.26 0.93
CA PRO E 185 -39.46 -44.49 1.68
C PRO E 185 -39.65 -43.11 1.08
N LYS E 186 -40.76 -42.45 1.44
CA LYS E 186 -41.07 -41.15 0.90
C LYS E 186 -40.08 -40.10 1.39
N SER E 187 -39.57 -40.27 2.63
CA SER E 187 -38.77 -39.25 3.29
C SER E 187 -37.38 -39.11 2.67
N VAL E 188 -36.92 -40.12 1.92
CA VAL E 188 -35.63 -40.04 1.25
C VAL E 188 -35.69 -38.93 0.21
N PRO E 189 -34.73 -37.98 0.18
CA PRO E 189 -34.74 -36.95 -0.85
C PRO E 189 -34.44 -37.55 -2.22
N LYS E 190 -35.13 -37.06 -3.25
CA LYS E 190 -35.03 -37.63 -4.58
C LYS E 190 -35.09 -36.55 -5.63
N LEU E 191 -34.45 -36.81 -6.78
CA LEU E 191 -34.52 -35.93 -7.92
C LEU E 191 -34.82 -36.76 -9.16
N ILE E 192 -35.82 -36.31 -9.93
CA ILE E 192 -36.06 -36.90 -11.24
C ILE E 192 -35.57 -35.90 -12.28
N ALA E 193 -34.60 -36.37 -13.09
CA ALA E 193 -33.90 -35.54 -14.05
C ALA E 193 -34.12 -36.11 -15.44
N PHE E 194 -34.70 -35.28 -16.33
CA PHE E 194 -35.11 -35.72 -17.66
C PHE E 194 -35.18 -34.51 -18.59
N GLU E 195 -35.31 -34.82 -19.89
CA GLU E 195 -35.48 -33.80 -20.92
C GLU E 195 -36.94 -33.80 -21.37
N SER E 196 -37.42 -32.66 -21.87
CA SER E 196 -38.75 -32.58 -22.47
C SER E 196 -38.70 -33.18 -23.86
N VAL E 197 -37.76 -32.69 -24.69
CA VAL E 197 -37.56 -33.22 -26.02
C VAL E 197 -36.14 -33.74 -26.15
N TYR E 198 -35.99 -34.98 -26.59
CA TYR E 198 -34.69 -35.59 -26.78
C TYR E 198 -34.30 -35.41 -28.25
N SER E 199 -33.08 -34.96 -28.51
CA SER E 199 -32.79 -34.36 -29.80
C SER E 199 -32.44 -35.41 -30.86
N MET E 200 -32.11 -36.65 -30.47
CA MET E 200 -31.48 -37.54 -31.43
C MET E 200 -32.51 -38.36 -32.19
N ALA E 201 -33.72 -38.49 -31.63
CA ALA E 201 -34.83 -39.02 -32.39
C ALA E 201 -36.13 -38.26 -32.11
N GLY E 202 -36.08 -37.23 -31.28
CA GLY E 202 -37.20 -36.33 -31.14
C GLY E 202 -38.32 -36.87 -30.24
N SER E 203 -38.01 -37.82 -29.37
CA SER E 203 -39.00 -38.33 -28.42
C SER E 203 -39.31 -37.25 -27.38
N VAL E 204 -40.42 -37.43 -26.68
CA VAL E 204 -40.94 -36.45 -25.75
C VAL E 204 -41.33 -37.12 -24.45
N ALA E 205 -41.11 -36.43 -23.33
CA ALA E 205 -41.42 -36.98 -22.03
C ALA E 205 -42.86 -36.63 -21.66
N ASP E 206 -43.49 -37.53 -20.90
CA ASP E 206 -44.79 -37.28 -20.32
C ASP E 206 -44.57 -36.54 -19.01
N ILE E 207 -44.42 -35.22 -19.12
CA ILE E 207 -44.04 -34.39 -18.00
C ILE E 207 -45.13 -34.44 -16.93
N GLU E 208 -46.39 -34.47 -17.34
CA GLU E 208 -47.50 -34.47 -16.41
C GLU E 208 -47.42 -35.70 -15.49
N LYS E 209 -47.18 -36.88 -16.08
CA LYS E 209 -47.15 -38.12 -15.33
C LYS E 209 -45.92 -38.16 -14.41
N ILE E 210 -44.82 -37.53 -14.84
CA ILE E 210 -43.60 -37.52 -14.04
C ILE E 210 -43.80 -36.62 -12.82
N CYS E 211 -44.49 -35.48 -13.01
CA CYS E 211 -44.83 -34.60 -11.88
C CYS E 211 -45.74 -35.32 -10.90
N ASP E 212 -46.66 -36.16 -11.42
CA ASP E 212 -47.54 -36.94 -10.56
C ASP E 212 -46.71 -37.91 -9.71
N LEU E 213 -45.76 -38.60 -10.34
CA LEU E 213 -44.87 -39.54 -9.65
C LEU E 213 -44.08 -38.79 -8.58
N ALA E 214 -43.58 -37.61 -8.95
CA ALA E 214 -42.78 -36.80 -8.05
C ALA E 214 -43.60 -36.39 -6.83
N ASP E 215 -44.87 -36.00 -7.02
CA ASP E 215 -45.74 -35.66 -5.90
C ASP E 215 -45.89 -36.87 -4.98
N LYS E 216 -46.05 -38.06 -5.57
CA LYS E 216 -46.42 -39.24 -4.81
C LYS E 216 -45.24 -39.73 -3.97
N TYR E 217 -44.03 -39.73 -4.54
CA TYR E 217 -42.86 -40.30 -3.89
C TYR E 217 -41.90 -39.22 -3.37
N GLY E 218 -42.35 -37.95 -3.38
CA GLY E 218 -41.69 -36.88 -2.66
C GLY E 218 -40.34 -36.47 -3.28
N ALA E 219 -40.35 -36.25 -4.60
CA ALA E 219 -39.14 -35.95 -5.35
C ALA E 219 -39.21 -34.53 -5.91
N LEU E 220 -38.04 -33.93 -6.15
CA LEU E 220 -37.91 -32.74 -6.96
C LEU E 220 -37.84 -33.14 -8.44
N THR E 221 -38.30 -32.23 -9.31
CA THR E 221 -38.17 -32.44 -10.74
C THR E 221 -37.17 -31.45 -11.32
N PHE E 222 -36.36 -31.98 -12.25
CA PHE E 222 -35.40 -31.22 -13.01
C PHE E 222 -35.64 -31.51 -14.49
N LEU E 223 -36.03 -30.47 -15.23
CA LEU E 223 -36.47 -30.59 -16.60
C LEU E 223 -35.61 -29.73 -17.52
N ASP E 224 -34.90 -30.38 -18.45
CA ASP E 224 -34.12 -29.74 -19.49
C ASP E 224 -35.02 -29.57 -20.73
N GLU E 225 -35.36 -28.30 -21.04
CA GLU E 225 -36.27 -27.97 -22.12
C GLU E 225 -35.49 -27.35 -23.28
N VAL E 226 -34.23 -27.77 -23.44
CA VAL E 226 -33.32 -27.12 -24.38
C VAL E 226 -33.87 -27.19 -25.80
N HIS E 227 -34.47 -28.32 -26.17
CA HIS E 227 -34.93 -28.53 -27.53
C HIS E 227 -36.40 -28.21 -27.64
N ALA E 228 -36.95 -27.46 -26.68
CA ALA E 228 -38.39 -27.20 -26.62
C ALA E 228 -38.67 -25.70 -26.53
N VAL E 229 -37.82 -24.94 -25.83
CA VAL E 229 -38.08 -23.53 -25.68
C VAL E 229 -37.99 -22.84 -27.04
N GLY E 230 -38.99 -22.01 -27.32
CA GLY E 230 -39.17 -21.40 -28.64
C GLY E 230 -40.20 -22.15 -29.48
N LEU E 231 -40.39 -23.45 -29.20
CA LEU E 231 -40.97 -24.37 -30.16
C LEU E 231 -42.32 -24.91 -29.69
N TYR E 232 -42.53 -25.03 -28.38
CA TYR E 232 -43.75 -25.64 -27.87
C TYR E 232 -44.43 -24.68 -26.90
N GLY E 233 -45.75 -24.79 -26.81
CA GLY E 233 -46.55 -23.85 -26.05
C GLY E 233 -46.91 -22.65 -26.90
N PRO E 234 -47.99 -21.91 -26.56
CA PRO E 234 -48.38 -20.74 -27.33
C PRO E 234 -47.30 -19.66 -27.36
N HIS E 235 -46.45 -19.61 -26.34
CA HIS E 235 -45.47 -18.55 -26.23
C HIS E 235 -44.04 -19.08 -26.35
N GLY E 236 -43.88 -20.37 -26.69
CA GLY E 236 -42.57 -20.98 -26.83
C GLY E 236 -41.88 -21.23 -25.49
N ALA E 237 -42.68 -21.42 -24.44
CA ALA E 237 -42.14 -21.61 -23.10
C ALA E 237 -41.76 -23.09 -22.89
N GLY E 238 -42.16 -23.97 -23.82
CA GLY E 238 -41.70 -25.34 -23.84
C GLY E 238 -42.86 -26.34 -23.77
N VAL E 239 -42.52 -27.63 -23.62
CA VAL E 239 -43.50 -28.70 -23.60
C VAL E 239 -44.32 -28.59 -22.31
N ALA E 240 -43.70 -28.11 -21.24
CA ALA E 240 -44.43 -27.92 -19.98
C ALA E 240 -45.56 -26.93 -20.19
N GLU E 241 -45.32 -25.89 -21.01
CA GLU E 241 -46.35 -24.91 -21.33
C GLU E 241 -47.41 -25.56 -22.21
N HIS E 242 -46.96 -26.38 -23.17
CA HIS E 242 -47.83 -27.00 -24.15
C HIS E 242 -48.85 -27.91 -23.45
N CYS E 243 -48.41 -28.53 -22.36
CA CYS E 243 -49.26 -29.42 -21.56
C CYS E 243 -50.51 -28.70 -21.08
N ASP E 244 -50.45 -27.37 -20.93
CA ASP E 244 -51.65 -26.61 -20.57
C ASP E 244 -51.82 -25.48 -21.57
N PHE E 245 -51.76 -25.84 -22.87
CA PHE E 245 -51.71 -24.89 -23.96
C PHE E 245 -52.81 -23.84 -23.84
N GLU E 246 -54.06 -24.29 -23.63
CA GLU E 246 -55.21 -23.39 -23.69
C GLU E 246 -55.22 -22.47 -22.47
N SER E 247 -54.89 -23.02 -21.29
CA SER E 247 -54.84 -22.23 -20.08
C SER E 247 -53.82 -21.10 -20.22
N HIS E 248 -52.65 -21.41 -20.80
CA HIS E 248 -51.57 -20.43 -20.93
C HIS E 248 -51.92 -19.41 -22.01
N ARG E 249 -52.50 -19.89 -23.12
CA ARG E 249 -52.87 -18.99 -24.20
C ARG E 249 -53.93 -18.01 -23.70
N ALA E 250 -54.89 -18.47 -22.91
CA ALA E 250 -55.94 -17.59 -22.39
C ALA E 250 -55.36 -16.52 -21.48
N SER E 251 -54.46 -16.89 -20.57
CA SER E 251 -53.93 -15.96 -19.59
C SER E 251 -52.75 -15.16 -20.13
N GLY E 252 -52.06 -15.69 -21.16
CA GLY E 252 -50.93 -15.00 -21.76
C GLY E 252 -49.73 -14.93 -20.82
N ILE E 253 -49.34 -13.69 -20.45
CA ILE E 253 -48.20 -13.43 -19.60
C ILE E 253 -48.49 -13.93 -18.18
N ALA E 254 -49.75 -13.84 -17.74
CA ALA E 254 -50.11 -14.07 -16.35
C ALA E 254 -50.19 -15.57 -16.05
N THR E 255 -50.14 -15.91 -14.75
CA THR E 255 -50.33 -17.30 -14.33
C THR E 255 -51.81 -17.66 -14.51
N PRO E 256 -52.14 -18.80 -15.14
CA PRO E 256 -53.54 -19.19 -15.32
C PRO E 256 -54.23 -19.45 -13.99
N LYS E 257 -55.54 -19.17 -13.92
CA LYS E 257 -56.29 -19.43 -12.70
C LYS E 257 -56.49 -20.95 -12.55
N THR E 258 -56.52 -21.69 -13.66
CA THR E 258 -56.61 -23.15 -13.62
C THR E 258 -55.78 -23.75 -14.76
N ASN E 259 -55.50 -25.05 -14.64
CA ASN E 259 -54.84 -25.79 -15.70
C ASN E 259 -55.91 -26.26 -16.69
N ASP E 260 -55.49 -27.06 -17.68
CA ASP E 260 -56.34 -27.48 -18.78
C ASP E 260 -57.36 -28.53 -18.34
N LYS E 261 -57.26 -29.04 -17.10
CA LYS E 261 -58.22 -29.98 -16.57
C LYS E 261 -59.05 -29.35 -15.44
N GLY E 262 -58.94 -28.02 -15.27
CA GLY E 262 -59.70 -27.32 -14.25
C GLY E 262 -59.05 -27.37 -12.86
N GLY E 263 -57.87 -28.00 -12.77
CA GLY E 263 -57.14 -28.11 -11.52
C GLY E 263 -56.43 -26.80 -11.16
N ALA E 264 -55.79 -26.78 -9.98
CA ALA E 264 -55.23 -25.57 -9.40
C ALA E 264 -53.92 -25.13 -10.08
N LYS E 265 -53.03 -26.07 -10.43
CA LYS E 265 -51.67 -25.74 -10.84
C LYS E 265 -51.35 -26.32 -12.21
N THR E 266 -50.61 -25.55 -13.03
CA THR E 266 -50.17 -26.01 -14.33
C THR E 266 -48.99 -26.96 -14.19
N VAL E 267 -48.67 -27.68 -15.26
CA VAL E 267 -47.52 -28.55 -15.28
C VAL E 267 -46.25 -27.72 -15.17
N MET E 268 -46.23 -26.55 -15.81
CA MET E 268 -45.06 -25.69 -15.77
C MET E 268 -44.85 -25.16 -14.36
N ASP E 269 -45.93 -24.86 -13.62
CA ASP E 269 -45.83 -24.40 -12.25
C ASP E 269 -45.24 -25.48 -11.35
N ARG E 270 -45.59 -26.75 -11.61
CA ARG E 270 -45.28 -27.86 -10.73
C ARG E 270 -43.82 -28.31 -10.87
N VAL E 271 -43.21 -28.09 -12.04
CA VAL E 271 -41.81 -28.45 -12.25
C VAL E 271 -40.94 -27.54 -11.40
N ASP E 272 -40.04 -28.12 -10.60
CA ASP E 272 -39.25 -27.37 -9.64
C ASP E 272 -38.19 -26.55 -10.34
N MET E 273 -37.51 -27.16 -11.31
CA MET E 273 -36.36 -26.54 -11.99
C MET E 273 -36.42 -26.82 -13.48
N ILE E 274 -36.45 -25.74 -14.30
CA ILE E 274 -36.39 -25.85 -15.74
C ILE E 274 -35.12 -25.19 -16.26
N THR E 275 -34.32 -25.94 -17.05
CA THR E 275 -33.15 -25.37 -17.70
C THR E 275 -33.42 -25.25 -19.19
N GLY E 276 -32.80 -24.22 -19.78
CA GLY E 276 -32.85 -23.97 -21.22
C GLY E 276 -31.55 -23.35 -21.72
N THR E 277 -31.44 -23.22 -23.03
CA THR E 277 -30.31 -22.58 -23.67
C THR E 277 -30.78 -21.29 -24.31
N LEU E 278 -29.85 -20.33 -24.42
CA LEU E 278 -30.04 -19.16 -25.25
C LEU E 278 -29.42 -19.38 -26.64
N GLY E 279 -28.82 -20.57 -26.88
CA GLY E 279 -27.96 -20.80 -28.03
C GLY E 279 -28.61 -21.55 -29.20
N LYS E 280 -29.93 -21.79 -29.10
CA LYS E 280 -30.65 -22.52 -30.14
C LYS E 280 -31.79 -21.64 -30.65
N SER E 281 -33.02 -21.86 -30.15
CA SER E 281 -34.16 -21.10 -30.62
C SER E 281 -33.97 -19.60 -30.42
N PHE E 282 -33.25 -19.21 -29.36
CA PHE E 282 -33.12 -17.80 -29.00
C PHE E 282 -31.91 -17.15 -29.66
N GLY E 283 -31.18 -17.89 -30.51
CA GLY E 283 -30.28 -17.32 -31.50
C GLY E 283 -29.10 -16.54 -30.90
N SER E 284 -28.57 -16.98 -29.76
CA SER E 284 -27.47 -16.29 -29.14
C SER E 284 -26.52 -17.31 -28.50
N VAL E 285 -26.23 -17.15 -27.20
CA VAL E 285 -25.43 -18.10 -26.45
C VAL E 285 -25.74 -17.87 -24.97
N GLY E 286 -25.62 -18.93 -24.17
CA GLY E 286 -25.90 -18.85 -22.75
C GLY E 286 -26.84 -19.98 -22.32
N GLY E 287 -27.04 -20.06 -21.00
CA GLY E 287 -27.96 -21.00 -20.42
C GLY E 287 -28.61 -20.43 -19.17
N TYR E 288 -29.65 -21.10 -18.69
CA TYR E 288 -30.39 -20.57 -17.57
C TYR E 288 -31.12 -21.70 -16.87
N VAL E 289 -31.51 -21.40 -15.62
CA VAL E 289 -32.50 -22.19 -14.92
C VAL E 289 -33.58 -21.23 -14.43
N ALA E 290 -34.83 -21.67 -14.51
CA ALA E 290 -35.94 -20.95 -13.93
C ALA E 290 -36.53 -21.77 -12.79
N ALA E 291 -36.87 -21.10 -11.68
CA ALA E 291 -37.32 -21.78 -10.49
C ALA E 291 -37.81 -20.76 -9.46
N SER E 292 -38.08 -21.24 -8.24
CA SER E 292 -38.50 -20.40 -7.13
C SER E 292 -37.40 -19.42 -6.75
N ARG E 293 -37.82 -18.31 -6.12
CA ARG E 293 -36.93 -17.29 -5.60
C ARG E 293 -35.83 -17.97 -4.77
N LYS E 294 -36.23 -18.90 -3.91
CA LYS E 294 -35.31 -19.53 -2.98
C LYS E 294 -34.27 -20.35 -3.73
N LEU E 295 -34.70 -21.20 -4.65
CA LEU E 295 -33.79 -22.03 -5.44
C LEU E 295 -32.79 -21.14 -6.19
N ILE E 296 -33.28 -20.05 -6.77
CA ILE E 296 -32.45 -19.19 -7.63
C ILE E 296 -31.38 -18.51 -6.77
N ASP E 297 -31.79 -18.00 -5.61
CA ASP E 297 -30.88 -17.32 -4.69
C ASP E 297 -29.82 -18.28 -4.18
N TRP E 298 -30.24 -19.55 -4.01
CA TRP E 298 -29.36 -20.64 -3.57
C TRP E 298 -28.26 -20.86 -4.60
N PHE E 299 -28.64 -21.10 -5.87
CA PHE E 299 -27.67 -21.34 -6.92
C PHE E 299 -26.74 -20.15 -7.04
N ARG E 300 -27.32 -18.94 -7.05
CA ARG E 300 -26.58 -17.70 -7.19
C ARG E 300 -25.50 -17.57 -6.10
N SER E 301 -25.84 -17.98 -4.87
CA SER E 301 -24.99 -17.76 -3.71
C SER E 301 -23.92 -18.85 -3.55
N PHE E 302 -24.08 -20.02 -4.17
CA PHE E 302 -23.22 -21.17 -3.90
C PHE E 302 -22.63 -21.82 -5.16
N ALA E 303 -23.16 -21.58 -6.35
CA ALA E 303 -22.71 -22.33 -7.53
C ALA E 303 -21.40 -21.76 -8.07
N PRO E 304 -20.26 -22.49 -7.96
CA PRO E 304 -18.98 -21.93 -8.40
C PRO E 304 -18.90 -21.61 -9.89
N GLY E 305 -19.63 -22.39 -10.71
CA GLY E 305 -19.67 -22.18 -12.15
C GLY E 305 -20.47 -20.95 -12.56
N PHE E 306 -21.23 -20.38 -11.60
CA PHE E 306 -21.92 -19.12 -11.76
C PHE E 306 -21.05 -17.96 -11.26
N ILE E 307 -20.43 -18.13 -10.09
CA ILE E 307 -19.79 -17.05 -9.34
C ILE E 307 -18.49 -16.60 -10.01
N PHE E 308 -17.64 -17.58 -10.39
CA PHE E 308 -16.24 -17.33 -10.67
C PHE E 308 -15.94 -17.33 -12.16
N THR E 309 -16.78 -16.64 -12.97
CA THR E 309 -16.56 -16.56 -14.41
C THR E 309 -17.08 -15.21 -14.92
N THR E 310 -16.45 -14.70 -15.97
CA THR E 310 -16.84 -13.44 -16.58
C THR E 310 -18.29 -13.54 -17.04
N THR E 311 -19.08 -12.49 -16.78
CA THR E 311 -20.46 -12.40 -17.24
C THR E 311 -20.49 -12.33 -18.76
N LEU E 312 -21.58 -12.84 -19.38
CA LEU E 312 -21.69 -12.82 -20.83
C LEU E 312 -21.72 -11.38 -21.31
N PRO E 313 -21.22 -11.10 -22.54
CA PRO E 313 -21.30 -9.76 -23.11
C PRO E 313 -22.72 -9.17 -23.02
N PRO E 314 -22.88 -7.89 -22.63
CA PRO E 314 -24.18 -7.25 -22.66
C PRO E 314 -24.93 -7.41 -23.99
N SER E 315 -24.21 -7.33 -25.10
CA SER E 315 -24.82 -7.37 -26.42
C SER E 315 -25.44 -8.73 -26.70
N VAL E 316 -24.81 -9.79 -26.19
CA VAL E 316 -25.29 -11.14 -26.42
C VAL E 316 -26.56 -11.38 -25.62
N MET E 317 -26.63 -10.76 -24.44
CA MET E 317 -27.80 -10.84 -23.58
C MET E 317 -28.95 -10.04 -24.21
N ALA E 318 -28.64 -8.86 -24.71
CA ALA E 318 -29.64 -8.02 -25.35
C ALA E 318 -30.23 -8.77 -26.54
N GLY E 319 -29.37 -9.47 -27.29
CA GLY E 319 -29.79 -10.24 -28.45
C GLY E 319 -30.81 -11.32 -28.06
N ALA E 320 -30.44 -12.10 -27.03
CA ALA E 320 -31.28 -13.17 -26.52
C ALA E 320 -32.60 -12.60 -26.02
N THR E 321 -32.54 -11.49 -25.26
CA THR E 321 -33.73 -10.88 -24.68
C THR E 321 -34.71 -10.49 -25.79
N ALA E 322 -34.20 -9.91 -26.88
CA ALA E 322 -35.03 -9.51 -28.01
C ALA E 322 -35.63 -10.75 -28.68
N ALA E 323 -34.83 -11.80 -28.82
CA ALA E 323 -35.31 -13.04 -29.42
C ALA E 323 -36.47 -13.60 -28.59
N ILE E 324 -36.31 -13.59 -27.26
CA ILE E 324 -37.33 -14.12 -26.35
C ILE E 324 -38.60 -13.29 -26.41
N ARG E 325 -38.48 -11.95 -26.37
CA ARG E 325 -39.64 -11.07 -26.36
C ARG E 325 -40.43 -11.25 -27.65
N TYR E 326 -39.71 -11.39 -28.77
CA TYR E 326 -40.32 -11.41 -30.10
C TYR E 326 -41.09 -12.72 -30.31
N GLN E 327 -40.44 -13.85 -30.04
CA GLN E 327 -41.05 -15.15 -30.26
C GLN E 327 -42.21 -15.36 -29.30
N ARG E 328 -42.18 -14.71 -28.12
CA ARG E 328 -43.25 -14.89 -27.15
C ARG E 328 -44.61 -14.57 -27.80
N CYS E 329 -44.65 -13.52 -28.62
CA CYS E 329 -45.91 -13.04 -29.18
C CYS E 329 -45.97 -13.28 -30.68
N HIS E 330 -45.17 -14.22 -31.20
CA HIS E 330 -45.14 -14.55 -32.62
C HIS E 330 -45.24 -16.05 -32.80
N ILE E 331 -46.45 -16.57 -32.54
CA ILE E 331 -46.75 -18.00 -32.67
C ILE E 331 -46.61 -18.46 -34.11
N ASP E 332 -46.59 -17.51 -35.06
CA ASP E 332 -46.36 -17.84 -36.46
C ASP E 332 -45.03 -18.56 -36.63
N LEU E 333 -44.06 -18.28 -35.76
CA LEU E 333 -42.77 -18.93 -35.86
C LEU E 333 -42.94 -20.44 -35.70
N ARG E 334 -43.76 -20.84 -34.72
CA ARG E 334 -43.95 -22.24 -34.36
C ARG E 334 -44.83 -22.96 -35.38
N THR E 335 -45.94 -22.34 -35.78
CA THR E 335 -46.85 -22.99 -36.70
C THR E 335 -46.11 -23.19 -38.03
N SER E 336 -45.34 -22.18 -38.40
CA SER E 336 -44.57 -22.19 -39.62
C SER E 336 -43.60 -23.37 -39.61
N GLN E 337 -42.82 -23.50 -38.53
CA GLN E 337 -41.82 -24.55 -38.41
C GLN E 337 -42.47 -25.93 -38.39
N GLN E 338 -43.55 -26.06 -37.61
CA GLN E 338 -44.27 -27.31 -37.55
C GLN E 338 -44.75 -27.73 -38.94
N LYS E 339 -45.27 -26.78 -39.73
CA LYS E 339 -45.77 -27.06 -41.06
C LYS E 339 -44.64 -27.49 -42.00
N HIS E 340 -43.48 -26.82 -41.87
CA HIS E 340 -42.35 -27.14 -42.73
C HIS E 340 -41.86 -28.55 -42.40
N THR E 341 -41.86 -28.90 -41.10
CA THR E 341 -41.43 -30.21 -40.66
C THR E 341 -42.38 -31.28 -41.22
N MET E 342 -43.70 -31.08 -40.98
CA MET E 342 -44.71 -32.04 -41.41
C MET E 342 -44.59 -32.28 -42.91
N TYR E 343 -44.32 -31.20 -43.64
CA TYR E 343 -44.19 -31.27 -45.09
C TYR E 343 -43.06 -32.22 -45.47
N VAL E 344 -41.89 -32.08 -44.82
CA VAL E 344 -40.76 -32.91 -45.19
C VAL E 344 -41.03 -34.35 -44.78
N LYS E 345 -41.55 -34.53 -43.56
CA LYS E 345 -41.86 -35.85 -43.06
C LYS E 345 -42.83 -36.59 -43.97
N LYS E 346 -43.87 -35.89 -44.43
CA LYS E 346 -44.90 -36.52 -45.22
C LYS E 346 -44.35 -36.91 -46.60
N ALA E 347 -43.46 -36.07 -47.14
CA ALA E 347 -42.86 -36.32 -48.44
C ALA E 347 -41.94 -37.55 -48.36
N PHE E 348 -41.17 -37.64 -47.26
CA PHE E 348 -40.30 -38.78 -47.05
C PHE E 348 -41.12 -40.04 -46.91
N HIS E 349 -42.26 -39.93 -46.21
CA HIS E 349 -43.09 -41.10 -45.97
C HIS E 349 -43.56 -41.64 -47.32
N GLU E 350 -43.92 -40.77 -48.26
CA GLU E 350 -44.42 -41.20 -49.56
C GLU E 350 -43.30 -41.77 -50.42
N LEU E 351 -42.05 -41.35 -50.21
CA LEU E 351 -40.94 -41.85 -51.01
C LEU E 351 -40.30 -43.06 -50.33
N GLY E 352 -40.83 -43.44 -49.17
CA GLY E 352 -40.29 -44.58 -48.44
C GLY E 352 -38.89 -44.28 -47.89
N ILE E 353 -38.61 -43.00 -47.61
CA ILE E 353 -37.40 -42.61 -46.93
C ILE E 353 -37.64 -42.73 -45.44
N PRO E 354 -36.89 -43.60 -44.74
CA PRO E 354 -37.24 -43.98 -43.37
C PRO E 354 -36.95 -42.90 -42.36
N VAL E 355 -38.01 -42.29 -41.83
CA VAL E 355 -37.90 -41.32 -40.77
C VAL E 355 -38.27 -41.97 -39.45
N ILE E 356 -37.43 -41.79 -38.43
CA ILE E 356 -37.74 -42.31 -37.12
C ILE E 356 -38.93 -41.52 -36.57
N PRO E 357 -40.10 -42.19 -36.37
CA PRO E 357 -41.30 -41.49 -35.94
C PRO E 357 -41.11 -40.75 -34.63
N ASN E 358 -41.72 -39.58 -34.52
CA ASN E 358 -41.62 -38.75 -33.33
C ASN E 358 -42.68 -37.67 -33.41
N PRO E 359 -43.17 -37.12 -32.28
CA PRO E 359 -44.18 -36.08 -32.30
C PRO E 359 -43.64 -34.65 -32.28
N SER E 360 -42.39 -34.45 -32.71
CA SER E 360 -41.72 -33.16 -32.52
C SER E 360 -41.25 -32.55 -33.85
N HIS E 361 -40.27 -31.66 -33.81
CA HIS E 361 -39.89 -30.86 -34.97
C HIS E 361 -38.67 -31.46 -35.69
N ILE E 362 -38.12 -32.56 -35.17
CA ILE E 362 -36.90 -33.15 -35.68
C ILE E 362 -37.26 -34.20 -36.72
N VAL E 363 -36.37 -34.36 -37.70
CA VAL E 363 -36.56 -35.32 -38.77
C VAL E 363 -35.32 -36.21 -38.86
N PRO E 364 -35.24 -37.28 -38.04
CA PRO E 364 -34.11 -38.20 -38.09
C PRO E 364 -34.28 -39.26 -39.17
N VAL E 365 -33.39 -39.28 -40.16
CA VAL E 365 -33.51 -40.20 -41.27
C VAL E 365 -32.60 -41.38 -40.99
N LEU E 366 -33.21 -42.57 -40.87
CA LEU E 366 -32.49 -43.78 -40.48
C LEU E 366 -31.66 -44.30 -41.67
N ILE E 367 -30.39 -44.63 -41.39
CA ILE E 367 -29.48 -45.19 -42.37
C ILE E 367 -29.07 -46.59 -41.92
N GLY E 368 -28.60 -46.70 -40.68
CA GLY E 368 -28.35 -47.98 -40.04
C GLY E 368 -26.91 -48.46 -40.22
N ASN E 369 -26.06 -47.62 -40.81
CA ASN E 369 -24.66 -47.97 -41.01
C ASN E 369 -23.83 -46.69 -40.90
N ALA E 370 -22.75 -46.74 -40.12
CA ALA E 370 -21.96 -45.55 -39.84
C ALA E 370 -21.33 -45.00 -41.12
N ASP E 371 -20.70 -45.87 -41.91
CA ASP E 371 -20.02 -45.50 -43.16
C ASP E 371 -20.99 -44.89 -44.17
N LEU E 372 -22.14 -45.55 -44.37
CA LEU E 372 -23.12 -45.11 -45.34
C LEU E 372 -23.73 -43.78 -44.92
N ALA E 373 -23.93 -43.55 -43.62
CA ALA E 373 -24.47 -42.27 -43.14
C ALA E 373 -23.48 -41.14 -43.38
N LYS E 374 -22.19 -41.38 -43.09
CA LYS E 374 -21.15 -40.39 -43.36
C LYS E 374 -21.06 -40.14 -44.87
N GLN E 375 -21.14 -41.22 -45.65
CA GLN E 375 -21.05 -41.14 -47.09
C GLN E 375 -22.22 -40.35 -47.66
N ALA E 376 -23.41 -40.57 -47.10
CA ALA E 376 -24.59 -39.81 -47.48
C ALA E 376 -24.38 -38.32 -47.18
N SER E 377 -23.98 -38.02 -45.95
CA SER E 377 -23.69 -36.67 -45.51
C SER E 377 -22.80 -35.94 -46.51
N ASP E 378 -21.75 -36.64 -46.99
CA ASP E 378 -20.75 -36.08 -47.88
C ASP E 378 -21.31 -35.81 -49.27
N ILE E 379 -22.03 -36.78 -49.84
CA ILE E 379 -22.60 -36.61 -51.16
C ILE E 379 -23.61 -35.46 -51.11
N LEU E 380 -24.33 -35.33 -50.00
CA LEU E 380 -25.35 -34.29 -49.91
C LEU E 380 -24.70 -32.90 -49.98
N ILE E 381 -23.57 -32.71 -49.30
CA ILE E 381 -22.97 -31.39 -49.24
C ILE E 381 -22.14 -31.11 -50.49
N ASN E 382 -21.45 -32.11 -51.04
CA ASN E 382 -20.55 -31.90 -52.16
C ASN E 382 -21.31 -31.91 -53.49
N LYS E 383 -22.20 -32.89 -53.67
CA LYS E 383 -22.98 -33.01 -54.90
C LYS E 383 -24.18 -32.05 -54.89
N HIS E 384 -24.89 -31.93 -53.76
CA HIS E 384 -26.19 -31.27 -53.76
C HIS E 384 -26.22 -29.99 -52.94
N GLN E 385 -25.12 -29.61 -52.28
CA GLN E 385 -25.07 -28.38 -51.49
C GLN E 385 -26.12 -28.37 -50.38
N ILE E 386 -26.30 -29.54 -49.76
CA ILE E 386 -27.16 -29.73 -48.61
C ILE E 386 -26.28 -30.14 -47.43
N TYR E 387 -26.34 -29.36 -46.34
CA TYR E 387 -25.56 -29.66 -45.15
C TYR E 387 -26.49 -30.30 -44.13
N VAL E 388 -26.30 -31.60 -43.97
CA VAL E 388 -26.98 -32.42 -42.97
C VAL E 388 -25.89 -33.20 -42.24
N GLN E 389 -26.01 -33.36 -40.91
CA GLN E 389 -24.95 -34.04 -40.18
C GLN E 389 -25.36 -35.49 -39.91
N ALA E 390 -24.38 -36.40 -40.10
CA ALA E 390 -24.54 -37.80 -39.76
C ALA E 390 -24.33 -37.97 -38.24
N ILE E 391 -25.21 -38.74 -37.60
CA ILE E 391 -25.11 -39.05 -36.18
C ILE E 391 -24.70 -40.52 -36.06
N ASN E 392 -23.58 -40.76 -35.36
CA ASN E 392 -22.98 -42.09 -35.23
C ASN E 392 -22.74 -42.41 -33.76
N PHE E 393 -22.26 -43.63 -33.52
CA PHE E 393 -21.76 -44.00 -32.20
C PHE E 393 -20.62 -43.06 -31.83
N PRO E 394 -20.54 -42.53 -30.58
CA PRO E 394 -21.37 -42.97 -29.46
C PRO E 394 -22.60 -42.13 -29.14
N THR E 395 -22.97 -41.18 -30.01
CA THR E 395 -24.14 -40.35 -29.74
C THR E 395 -25.39 -41.23 -29.77
N VAL E 396 -25.39 -42.21 -30.68
CA VAL E 396 -26.51 -43.11 -30.86
C VAL E 396 -26.00 -44.54 -30.96
N ALA E 397 -26.89 -45.50 -30.62
CA ALA E 397 -26.56 -46.91 -30.61
C ALA E 397 -26.11 -47.37 -31.99
N ARG E 398 -25.04 -48.18 -32.02
CA ARG E 398 -24.47 -48.66 -33.26
C ARG E 398 -25.52 -49.50 -34.00
N GLY E 399 -25.70 -49.23 -35.30
CA GLY E 399 -26.73 -49.87 -36.09
C GLY E 399 -27.95 -48.97 -36.27
N THR E 400 -27.99 -47.82 -35.58
CA THR E 400 -29.11 -46.90 -35.69
C THR E 400 -28.64 -45.52 -36.16
N GLU E 401 -27.57 -45.49 -36.96
CA GLU E 401 -26.99 -44.24 -37.39
C GLU E 401 -27.99 -43.52 -38.29
N ARG E 402 -27.88 -42.20 -38.38
CA ARG E 402 -28.94 -41.41 -39.00
C ARG E 402 -28.46 -40.03 -39.41
N LEU E 403 -29.22 -39.41 -40.32
CA LEU E 403 -29.05 -38.01 -40.69
C LEU E 403 -30.07 -37.17 -39.92
N ARG E 404 -29.60 -36.13 -39.22
CA ARG E 404 -30.48 -35.24 -38.48
C ARG E 404 -30.83 -34.04 -39.36
N ILE E 405 -32.14 -33.82 -39.54
CA ILE E 405 -32.68 -32.69 -40.29
C ILE E 405 -33.64 -31.91 -39.39
N THR E 406 -33.42 -30.59 -39.29
CA THR E 406 -34.16 -29.72 -38.38
C THR E 406 -34.68 -28.51 -39.14
N PRO E 407 -35.87 -28.60 -39.76
CA PRO E 407 -36.47 -27.46 -40.47
C PRO E 407 -36.82 -26.28 -39.57
N THR E 408 -36.91 -25.08 -40.17
CA THR E 408 -37.18 -23.84 -39.46
C THR E 408 -38.24 -23.05 -40.23
N PRO E 409 -38.73 -21.92 -39.71
CA PRO E 409 -39.64 -21.06 -40.49
C PRO E 409 -39.07 -20.61 -41.83
N GLY E 410 -37.73 -20.68 -41.97
CA GLY E 410 -37.07 -20.19 -43.17
C GLY E 410 -36.95 -21.26 -44.25
N HIS E 411 -37.20 -22.52 -43.89
CA HIS E 411 -37.17 -23.60 -44.87
C HIS E 411 -38.52 -23.69 -45.57
N THR E 412 -38.74 -22.78 -46.52
CA THR E 412 -39.96 -22.77 -47.33
C THR E 412 -39.98 -24.00 -48.24
N ASN E 413 -41.14 -24.26 -48.84
CA ASN E 413 -41.40 -25.53 -49.51
C ASN E 413 -40.49 -25.74 -50.73
N ASP E 414 -40.06 -24.64 -51.36
CA ASP E 414 -39.12 -24.73 -52.48
C ASP E 414 -37.82 -25.36 -52.00
N LEU E 415 -37.30 -24.92 -50.85
CA LEU E 415 -36.08 -25.46 -50.30
C LEU E 415 -36.30 -26.93 -49.89
N SER E 416 -37.44 -27.19 -49.25
CA SER E 416 -37.83 -28.54 -48.85
C SER E 416 -37.85 -29.47 -50.06
N ASP E 417 -38.38 -29.02 -51.19
CA ASP E 417 -38.47 -29.85 -52.38
C ASP E 417 -37.07 -30.26 -52.84
N ILE E 418 -36.11 -29.33 -52.79
CA ILE E 418 -34.75 -29.59 -53.24
C ILE E 418 -34.12 -30.65 -52.34
N LEU E 419 -34.35 -30.53 -51.01
CA LEU E 419 -33.87 -31.50 -50.03
C LEU E 419 -34.46 -32.88 -50.28
N ILE E 420 -35.79 -32.93 -50.46
CA ILE E 420 -36.49 -34.19 -50.62
C ILE E 420 -35.87 -34.93 -51.80
N ASN E 421 -35.73 -34.21 -52.91
CA ASN E 421 -35.21 -34.76 -54.15
C ASN E 421 -33.77 -35.20 -53.96
N ALA E 422 -32.98 -34.41 -53.22
CA ALA E 422 -31.59 -34.71 -53.01
C ALA E 422 -31.47 -35.99 -52.17
N VAL E 423 -32.21 -36.07 -51.06
CA VAL E 423 -32.14 -37.23 -50.18
C VAL E 423 -32.57 -38.48 -50.95
N ASP E 424 -33.62 -38.35 -51.77
CA ASP E 424 -34.08 -39.47 -52.58
C ASP E 424 -32.97 -39.92 -53.51
N ASP E 425 -32.27 -38.97 -54.13
CA ASP E 425 -31.22 -39.27 -55.11
C ASP E 425 -30.11 -40.06 -54.42
N VAL E 426 -29.77 -39.67 -53.19
CA VAL E 426 -28.66 -40.25 -52.47
C VAL E 426 -29.00 -41.66 -52.01
N PHE E 427 -30.25 -41.83 -51.54
CA PHE E 427 -30.75 -43.16 -51.20
C PHE E 427 -30.59 -44.09 -52.40
N ASN E 428 -30.91 -43.59 -53.60
CA ASN E 428 -30.74 -44.37 -54.82
C ASN E 428 -29.26 -44.62 -55.10
N GLU E 429 -28.42 -43.58 -54.99
CA GLU E 429 -27.02 -43.67 -55.38
C GLU E 429 -26.30 -44.74 -54.55
N LEU E 430 -26.61 -44.80 -53.24
CA LEU E 430 -25.92 -45.69 -52.31
C LEU E 430 -26.75 -46.94 -52.03
N GLN E 431 -27.92 -47.06 -52.69
CA GLN E 431 -28.80 -48.21 -52.52
C GLN E 431 -29.13 -48.40 -51.04
N LEU E 432 -29.48 -47.31 -50.36
CA LEU E 432 -29.80 -47.34 -48.94
C LEU E 432 -31.16 -48.00 -48.73
N PRO E 433 -31.39 -48.64 -47.57
CA PRO E 433 -32.69 -49.23 -47.27
C PRO E 433 -33.82 -48.19 -47.21
N ARG E 434 -34.95 -48.53 -47.84
CA ARG E 434 -36.20 -47.79 -47.74
C ARG E 434 -37.05 -48.40 -46.63
N VAL E 435 -38.20 -47.77 -46.35
CA VAL E 435 -39.07 -48.22 -45.27
C VAL E 435 -39.39 -49.71 -45.45
N ARG E 436 -39.66 -50.13 -46.68
CA ARG E 436 -40.10 -51.50 -46.94
C ARG E 436 -38.99 -52.49 -46.63
N ASP E 437 -37.73 -52.07 -46.78
CA ASP E 437 -36.59 -52.91 -46.49
C ASP E 437 -36.43 -53.11 -44.98
N TRP E 438 -36.84 -52.10 -44.20
CA TRP E 438 -36.81 -52.18 -42.75
C TRP E 438 -37.97 -53.04 -42.23
N GLU E 439 -39.14 -52.90 -42.87
CA GLU E 439 -40.30 -53.73 -42.56
C GLU E 439 -39.91 -55.21 -42.63
N SER E 440 -39.14 -55.58 -43.66
CA SER E 440 -38.79 -56.97 -43.93
C SER E 440 -37.76 -57.50 -42.91
N GLN E 441 -37.09 -56.61 -42.18
CA GLN E 441 -36.14 -57.03 -41.14
C GLN E 441 -36.78 -56.88 -39.77
N GLY E 442 -38.10 -56.68 -39.71
CA GLY E 442 -38.83 -56.71 -38.47
C GLY E 442 -39.02 -55.31 -37.87
N GLY E 443 -38.46 -54.29 -38.54
CA GLY E 443 -38.57 -52.92 -38.10
C GLY E 443 -37.41 -52.51 -37.19
N LEU E 444 -37.18 -51.19 -37.07
CA LEU E 444 -36.23 -50.64 -36.12
C LEU E 444 -36.67 -49.24 -35.69
N LEU E 445 -36.85 -49.09 -34.37
CA LEU E 445 -37.13 -47.82 -33.72
C LEU E 445 -38.41 -47.19 -34.25
N GLY E 446 -39.37 -48.02 -34.70
CA GLY E 446 -40.64 -47.52 -35.19
C GLY E 446 -40.76 -47.63 -36.71
N VAL E 447 -39.62 -47.60 -37.41
CA VAL E 447 -39.59 -47.68 -38.85
C VAL E 447 -39.88 -49.12 -39.28
N GLY E 448 -41.02 -49.34 -39.95
CA GLY E 448 -41.38 -50.62 -40.53
C GLY E 448 -41.68 -51.66 -39.45
N GLU E 449 -42.39 -51.25 -38.40
CA GLU E 449 -42.62 -52.08 -37.23
C GLU E 449 -44.11 -52.30 -37.06
N SER E 450 -44.58 -53.53 -37.35
CA SER E 450 -45.99 -53.86 -37.27
C SER E 450 -46.45 -53.68 -35.81
N GLY E 451 -47.60 -53.02 -35.65
CA GLY E 451 -48.19 -52.88 -34.34
C GLY E 451 -47.55 -51.77 -33.52
N PHE E 452 -46.59 -51.02 -34.10
CA PHE E 452 -46.08 -49.81 -33.47
C PHE E 452 -47.15 -48.72 -33.55
N VAL E 453 -47.48 -48.09 -32.40
CA VAL E 453 -48.46 -47.02 -32.38
C VAL E 453 -47.73 -45.69 -32.13
N GLU E 454 -47.60 -44.89 -33.18
CA GLU E 454 -46.86 -43.63 -33.14
C GLU E 454 -47.61 -42.67 -32.22
N GLU E 455 -46.87 -41.83 -31.50
CA GLU E 455 -47.47 -40.75 -30.72
C GLU E 455 -47.87 -39.64 -31.68
N SER E 456 -49.12 -39.16 -31.58
CA SER E 456 -49.58 -37.92 -32.20
C SER E 456 -48.64 -36.76 -31.94
N ASN E 457 -48.47 -35.90 -32.95
CA ASN E 457 -47.71 -34.66 -32.82
C ASN E 457 -48.21 -33.82 -31.64
N LEU E 458 -47.27 -33.17 -30.97
CA LEU E 458 -47.61 -32.27 -29.89
C LEU E 458 -48.54 -31.16 -30.41
N TRP E 459 -48.22 -30.65 -31.61
CA TRP E 459 -49.01 -29.60 -32.24
C TRP E 459 -50.18 -30.22 -32.99
N THR E 460 -51.40 -29.92 -32.51
CA THR E 460 -52.64 -30.37 -33.11
C THR E 460 -52.99 -29.44 -34.28
N SER E 461 -53.98 -29.84 -35.10
CA SER E 461 -54.33 -28.98 -36.23
C SER E 461 -55.05 -27.74 -35.71
N SER E 462 -55.81 -27.86 -34.62
CA SER E 462 -56.46 -26.70 -34.01
C SER E 462 -55.41 -25.68 -33.54
N GLN E 463 -54.35 -26.16 -32.90
CA GLN E 463 -53.26 -25.29 -32.44
C GLN E 463 -52.51 -24.66 -33.62
N LEU E 464 -52.26 -25.45 -34.69
CA LEU E 464 -51.49 -25.03 -35.84
C LEU E 464 -52.20 -23.94 -36.65
N SER E 465 -53.51 -23.75 -36.44
CA SER E 465 -54.25 -22.77 -37.23
C SER E 465 -54.44 -21.47 -36.46
N LEU E 466 -53.81 -21.36 -35.28
CA LEU E 466 -53.81 -20.13 -34.51
C LEU E 466 -52.91 -19.12 -35.20
N THR E 467 -53.25 -17.83 -35.05
CA THR E 467 -52.41 -16.75 -35.52
C THR E 467 -52.03 -15.88 -34.32
N ASN E 468 -51.18 -14.87 -34.56
CA ASN E 468 -50.74 -13.99 -33.50
C ASN E 468 -51.92 -13.23 -32.89
N ASP E 469 -53.02 -13.14 -33.63
CA ASP E 469 -54.21 -12.43 -33.17
C ASP E 469 -54.94 -13.25 -32.12
N ASP E 470 -54.62 -14.54 -32.00
CA ASP E 470 -55.26 -15.42 -31.04
C ASP E 470 -54.49 -15.46 -29.72
N LEU E 471 -53.42 -14.66 -29.59
CA LEU E 471 -52.69 -14.56 -28.33
C LEU E 471 -53.27 -13.41 -27.51
N ASN E 472 -53.03 -13.46 -26.20
CA ASN E 472 -53.45 -12.41 -25.29
C ASN E 472 -52.64 -11.15 -25.61
N PRO E 473 -53.30 -9.97 -25.73
CA PRO E 473 -52.57 -8.73 -25.99
C PRO E 473 -51.45 -8.44 -25.01
N ASN E 474 -51.50 -9.01 -23.81
CA ASN E 474 -50.53 -8.67 -22.77
C ASN E 474 -49.17 -9.31 -23.02
N VAL E 475 -49.00 -10.12 -24.07
CA VAL E 475 -47.71 -10.75 -24.38
C VAL E 475 -46.93 -9.89 -25.38
N ARG E 476 -47.57 -8.88 -25.96
CA ARG E 476 -46.92 -7.98 -26.89
C ARG E 476 -46.36 -6.80 -26.10
N ASP E 477 -45.10 -6.43 -26.37
CA ASP E 477 -44.39 -5.33 -25.72
C ASP E 477 -44.76 -5.19 -24.25
N PRO E 478 -44.68 -6.26 -23.42
CA PRO E 478 -44.97 -6.14 -22.00
C PRO E 478 -43.85 -5.44 -21.25
N ILE E 479 -44.22 -4.65 -20.25
CA ILE E 479 -43.25 -4.07 -19.32
C ILE E 479 -42.88 -5.17 -18.33
N VAL E 480 -41.63 -5.65 -18.41
CA VAL E 480 -41.18 -6.79 -17.62
C VAL E 480 -40.26 -6.28 -16.51
N LYS E 481 -40.80 -6.19 -15.29
CA LYS E 481 -40.11 -5.64 -14.13
C LYS E 481 -38.91 -6.51 -13.78
N GLN E 482 -37.82 -5.86 -13.34
CA GLN E 482 -36.59 -6.55 -12.97
C GLN E 482 -36.75 -7.23 -11.62
N LEU E 483 -35.87 -8.20 -11.35
CA LEU E 483 -36.05 -9.12 -10.23
C LEU E 483 -35.03 -8.82 -9.13
N GLU E 484 -35.54 -8.79 -7.89
CA GLU E 484 -34.70 -8.45 -6.75
C GLU E 484 -33.66 -9.54 -6.52
N VAL E 485 -33.99 -10.79 -6.87
CA VAL E 485 -33.17 -11.98 -6.61
C VAL E 485 -31.95 -12.04 -7.54
N SER E 486 -32.02 -11.37 -8.70
CA SER E 486 -30.89 -11.24 -9.61
C SER E 486 -29.74 -10.47 -8.96
N SER E 487 -30.06 -9.62 -7.95
CA SER E 487 -29.10 -8.77 -7.26
C SER E 487 -28.87 -9.18 -5.80
N GLY E 488 -29.77 -10.02 -5.24
CA GLY E 488 -29.77 -10.33 -3.82
C GLY E 488 -30.93 -9.64 -3.09
N ILE E 489 -31.38 -10.19 -1.94
CA ILE E 489 -32.64 -9.76 -1.35
C ILE E 489 -32.42 -9.18 0.04
N LYS E 490 -32.99 -7.98 0.27
CA LYS E 490 -32.99 -7.34 1.57
C LYS E 490 -34.06 -7.95 2.48
N GLN E 491 -33.73 -8.03 3.77
CA GLN E 491 -34.64 -8.46 4.83
C GLN E 491 -34.38 -7.61 6.10
N SER F 12 -2.42 7.42 42.85
CA SER F 12 -2.41 7.34 41.37
C SER F 12 -1.88 5.97 40.92
N GLY F 13 -0.55 5.76 40.93
CA GLY F 13 0.06 4.66 40.21
C GLY F 13 -0.13 3.32 40.93
N PHE F 14 -0.03 2.22 40.17
CA PHE F 14 -0.18 0.87 40.69
C PHE F 14 0.80 0.63 41.83
N ASP F 15 0.35 -0.09 42.87
CA ASP F 15 1.14 -0.39 44.05
C ASP F 15 1.97 -1.66 43.81
N TYR F 16 3.16 -1.50 43.23
CA TYR F 16 4.02 -2.62 42.86
C TYR F 16 4.60 -3.27 44.12
N GLU F 17 4.93 -2.45 45.13
CA GLU F 17 5.54 -2.95 46.35
C GLU F 17 4.55 -3.84 47.11
N GLY F 18 3.29 -3.42 47.18
CA GLY F 18 2.24 -4.16 47.88
C GLY F 18 1.96 -5.52 47.25
N LEU F 19 2.04 -5.62 45.92
CA LEU F 19 1.82 -6.87 45.24
C LEU F 19 2.95 -7.85 45.57
N ILE F 20 4.18 -7.33 45.62
CA ILE F 20 5.36 -8.15 45.89
C ILE F 20 5.32 -8.59 47.37
N ASP F 21 4.97 -7.67 48.27
CA ASP F 21 4.88 -7.93 49.69
C ASP F 21 3.96 -9.12 49.96
N SER F 22 2.78 -9.13 49.34
CA SER F 22 1.76 -10.12 49.64
C SER F 22 2.05 -11.43 48.91
N GLU F 23 2.76 -11.38 47.77
CA GLU F 23 3.19 -12.59 47.09
C GLU F 23 4.25 -13.32 47.90
N LEU F 24 5.14 -12.57 48.55
CA LEU F 24 6.14 -13.13 49.44
C LEU F 24 5.46 -13.66 50.69
N GLN F 25 4.56 -12.87 51.28
CA GLN F 25 3.90 -13.25 52.52
C GLN F 25 3.09 -14.54 52.33
N LYS F 26 2.63 -14.82 51.10
CA LYS F 26 1.91 -16.04 50.79
C LYS F 26 2.83 -17.26 50.94
N LYS F 27 4.09 -17.11 50.52
CA LYS F 27 5.06 -18.17 50.61
C LYS F 27 5.46 -18.44 52.06
N ARG F 28 5.37 -17.42 52.93
CA ARG F 28 5.74 -17.55 54.33
C ARG F 28 4.66 -18.27 55.12
N LEU F 29 3.38 -17.98 54.82
CA LEU F 29 2.26 -18.54 55.57
C LEU F 29 2.09 -20.02 55.23
N ASP F 30 2.32 -20.40 53.95
CA ASP F 30 2.26 -21.80 53.55
C ASP F 30 3.60 -22.50 53.82
N LYS F 31 4.60 -21.76 54.31
CA LYS F 31 5.83 -22.31 54.86
C LYS F 31 6.68 -22.98 53.77
N SER F 32 6.61 -22.45 52.54
CA SER F 32 7.45 -22.89 51.44
C SER F 32 8.54 -21.85 51.15
N TYR F 33 8.61 -20.82 52.00
CA TYR F 33 9.67 -19.82 51.91
C TYR F 33 10.98 -20.45 52.36
N ARG F 34 11.98 -20.48 51.46
CA ARG F 34 13.21 -21.23 51.67
C ARG F 34 14.30 -20.33 52.23
N TYR F 35 14.97 -20.79 53.31
CA TYR F 35 16.23 -20.22 53.79
C TYR F 35 17.37 -21.11 53.32
N PHE F 36 18.41 -20.51 52.73
CA PHE F 36 19.48 -21.29 52.14
C PHE F 36 20.52 -21.62 53.20
N ASN F 37 21.26 -22.70 52.94
CA ASN F 37 22.31 -23.19 53.83
C ASN F 37 23.68 -22.89 53.23
N ASN F 38 24.54 -22.27 54.03
CA ASN F 38 25.90 -21.96 53.64
C ASN F 38 26.73 -23.24 53.75
N ILE F 39 27.04 -23.83 52.59
CA ILE F 39 27.69 -25.12 52.50
C ILE F 39 28.86 -25.01 51.52
N ASN F 40 30.07 -25.19 52.07
CA ASN F 40 31.30 -24.96 51.35
C ASN F 40 32.03 -26.29 51.22
N ARG F 41 31.91 -26.92 50.06
CA ARG F 41 32.41 -28.27 49.87
C ARG F 41 33.94 -28.22 49.78
N LEU F 42 34.61 -29.12 50.50
CA LEU F 42 36.07 -29.19 50.52
C LEU F 42 36.55 -30.26 49.57
N ALA F 43 37.33 -29.86 48.57
CA ALA F 43 37.84 -30.76 47.55
C ALA F 43 38.90 -31.69 48.12
N LYS F 44 39.55 -31.29 49.22
CA LYS F 44 40.61 -32.10 49.80
C LYS F 44 40.05 -33.01 50.90
N GLU F 45 38.74 -32.98 51.12
CA GLU F 45 38.15 -33.77 52.18
C GLU F 45 36.73 -34.20 51.78
N PHE F 46 36.56 -34.72 50.56
CA PHE F 46 35.26 -35.20 50.12
C PHE F 46 34.79 -36.31 51.04
N PRO F 47 33.50 -36.39 51.47
CA PRO F 47 32.47 -35.41 51.16
C PRO F 47 32.12 -34.48 52.33
N LEU F 48 33.14 -33.93 52.96
CA LEU F 48 32.93 -32.92 53.99
C LEU F 48 32.74 -31.56 53.35
N ALA F 49 32.19 -30.64 54.16
CA ALA F 49 32.01 -29.25 53.83
C ALA F 49 32.00 -28.45 55.13
N HIS F 50 32.28 -27.14 55.04
CA HIS F 50 32.16 -26.28 56.20
C HIS F 50 31.00 -25.30 56.00
N ARG F 51 30.46 -24.83 57.12
CA ARG F 51 29.36 -23.87 57.13
C ARG F 51 29.95 -22.46 57.11
N GLN F 52 29.38 -21.55 57.92
CA GLN F 52 29.79 -20.15 57.89
C GLN F 52 31.28 -20.09 58.24
N ARG F 53 31.66 -20.73 59.36
CA ARG F 53 33.04 -20.78 59.82
C ARG F 53 33.68 -22.07 59.31
N GLU F 54 34.99 -22.02 59.03
CA GLU F 54 35.72 -23.15 58.45
C GLU F 54 35.83 -24.30 59.46
N ALA F 55 35.69 -23.98 60.75
CA ALA F 55 35.80 -24.97 61.82
C ALA F 55 34.55 -25.87 61.86
N ASP F 56 33.35 -25.35 61.52
CA ASP F 56 32.12 -26.14 61.58
C ASP F 56 31.99 -26.97 60.30
N LYS F 57 32.38 -28.25 60.38
CA LYS F 57 32.32 -29.14 59.25
C LYS F 57 31.13 -30.09 59.41
N VAL F 58 30.67 -30.60 58.27
CA VAL F 58 29.56 -31.52 58.21
C VAL F 58 29.83 -32.46 57.04
N THR F 59 29.19 -33.62 57.08
CA THR F 59 29.26 -34.58 55.99
C THR F 59 28.06 -34.35 55.07
N VAL F 60 28.35 -34.23 53.78
CA VAL F 60 27.34 -33.92 52.79
C VAL F 60 26.78 -35.21 52.22
N TRP F 61 25.46 -35.36 52.36
CA TRP F 61 24.78 -36.58 51.96
C TRP F 61 23.65 -36.31 50.97
N CYS F 62 23.59 -35.10 50.39
CA CYS F 62 22.51 -34.76 49.50
C CYS F 62 23.02 -34.02 48.27
N SER F 63 24.30 -34.18 47.96
CA SER F 63 24.87 -33.51 46.79
C SER F 63 24.54 -34.33 45.55
N ASN F 64 24.49 -33.69 44.39
CA ASN F 64 24.28 -34.41 43.15
C ASN F 64 25.61 -34.59 42.41
N ASP F 65 26.73 -34.25 43.08
CA ASP F 65 28.06 -34.62 42.61
C ASP F 65 28.23 -36.12 42.82
N TYR F 66 27.55 -36.90 41.99
CA TYR F 66 27.21 -38.31 42.27
C TYR F 66 28.45 -39.22 42.27
N LEU F 67 29.48 -38.87 41.48
CA LEU F 67 30.69 -39.66 41.34
C LEU F 67 31.89 -38.99 42.01
N ALA F 68 31.64 -37.83 42.65
CA ALA F 68 32.64 -37.03 43.33
C ALA F 68 33.71 -36.56 42.36
N LEU F 69 33.32 -36.34 41.10
CA LEU F 69 34.28 -35.91 40.07
C LEU F 69 34.55 -34.41 40.15
N SER F 70 33.76 -33.64 40.92
CA SER F 70 34.00 -32.22 41.10
C SER F 70 35.39 -31.98 41.71
N LYS F 71 35.94 -32.96 42.45
CA LYS F 71 37.23 -32.79 43.10
C LYS F 71 38.29 -33.72 42.51
N HIS F 72 37.99 -34.38 41.38
CA HIS F 72 38.88 -35.37 40.83
C HIS F 72 40.15 -34.69 40.29
N PRO F 73 41.34 -35.24 40.58
CA PRO F 73 42.59 -34.69 40.08
C PRO F 73 42.63 -34.39 38.60
N GLU F 74 42.05 -35.24 37.75
CA GLU F 74 42.11 -35.00 36.31
C GLU F 74 41.21 -33.84 35.91
N VAL F 75 40.15 -33.60 36.68
CA VAL F 75 39.24 -32.47 36.45
C VAL F 75 39.93 -31.18 36.88
N LEU F 76 40.49 -31.17 38.10
CA LEU F 76 41.16 -30.00 38.65
C LEU F 76 42.38 -29.64 37.80
N ASP F 77 43.10 -30.65 37.32
CA ASP F 77 44.28 -30.41 36.50
C ASP F 77 43.89 -29.74 35.18
N ALA F 78 42.82 -30.26 34.56
CA ALA F 78 42.32 -29.73 33.30
C ALA F 78 41.90 -28.27 33.46
N MET F 79 41.25 -27.94 34.59
CA MET F 79 40.88 -26.57 34.88
C MET F 79 42.10 -25.67 35.02
N HIS F 80 43.02 -26.08 35.90
CA HIS F 80 44.21 -25.29 36.17
C HIS F 80 44.97 -25.01 34.88
N LYS F 81 45.17 -26.05 34.06
CA LYS F 81 45.96 -25.91 32.83
C LYS F 81 45.23 -25.07 31.79
N THR F 82 43.89 -25.17 31.75
CA THR F 82 43.11 -24.44 30.77
C THR F 82 43.05 -22.96 31.15
N ILE F 83 43.03 -22.66 32.46
CA ILE F 83 43.03 -21.28 32.93
C ILE F 83 44.34 -20.59 32.54
N ASP F 84 45.46 -21.29 32.70
CA ASP F 84 46.78 -20.72 32.41
C ASP F 84 46.86 -20.28 30.96
N LYS F 85 46.20 -21.03 30.06
CA LYS F 85 46.27 -20.79 28.63
C LYS F 85 45.18 -19.83 28.16
N TYR F 86 43.94 -20.00 28.66
CA TYR F 86 42.77 -19.32 28.12
C TYR F 86 42.27 -18.19 29.01
N GLY F 87 42.60 -18.24 30.30
CA GLY F 87 42.06 -17.28 31.26
C GLY F 87 40.75 -17.79 31.84
N CYS F 88 39.92 -16.86 32.30
CA CYS F 88 38.64 -17.16 32.91
C CYS F 88 37.55 -17.23 31.84
N GLY F 89 37.03 -16.06 31.42
CA GLY F 89 35.90 -16.00 30.50
C GLY F 89 36.27 -16.39 29.06
N ALA F 90 35.28 -16.86 28.31
CA ALA F 90 35.46 -17.13 26.89
C ALA F 90 35.51 -15.81 26.13
N GLY F 91 34.83 -14.80 26.67
CA GLY F 91 34.87 -13.44 26.15
C GLY F 91 34.12 -13.29 24.84
N GLY F 92 32.99 -13.97 24.72
CA GLY F 92 32.11 -13.84 23.57
C GLY F 92 31.11 -15.00 23.51
N THR F 93 30.28 -14.97 22.47
CA THR F 93 29.31 -16.02 22.21
C THR F 93 29.89 -16.96 21.16
N ARG F 94 29.14 -18.00 20.81
CA ARG F 94 29.64 -18.98 19.85
C ARG F 94 29.78 -18.35 18.47
N ASN F 95 28.96 -17.31 18.18
CA ASN F 95 29.02 -16.62 16.89
C ASN F 95 30.18 -15.63 16.83
N ILE F 96 30.55 -15.02 17.97
CA ILE F 96 31.55 -13.97 17.99
C ILE F 96 32.55 -14.22 19.12
N ALA F 97 33.73 -14.70 18.76
CA ALA F 97 34.91 -14.76 19.61
C ALA F 97 34.82 -15.81 20.74
N GLY F 98 33.71 -16.57 20.81
CA GLY F 98 33.50 -17.52 21.89
C GLY F 98 33.36 -18.97 21.38
N HIS F 99 33.96 -19.26 20.22
CA HIS F 99 34.05 -20.61 19.68
C HIS F 99 35.52 -21.04 19.68
N ASN F 100 35.79 -22.25 20.20
CA ASN F 100 37.13 -22.64 20.64
C ASN F 100 37.27 -24.15 20.79
N ILE F 101 38.52 -24.59 21.03
CA ILE F 101 38.84 -26.00 21.05
C ILE F 101 38.19 -26.70 22.26
N PRO F 102 38.26 -26.15 23.51
CA PRO F 102 37.58 -26.78 24.64
C PRO F 102 36.10 -27.08 24.37
N THR F 103 35.43 -26.17 23.64
CA THR F 103 34.06 -26.38 23.23
C THR F 103 33.98 -27.57 22.27
N LEU F 104 34.82 -27.57 21.23
CA LEU F 104 34.78 -28.62 20.23
C LEU F 104 34.99 -30.00 20.87
N ASN F 105 35.90 -30.07 21.84
CA ASN F 105 36.23 -31.33 22.50
C ASN F 105 35.08 -31.79 23.40
N LEU F 106 34.43 -30.85 24.10
CA LEU F 106 33.35 -31.20 25.01
C LEU F 106 32.16 -31.76 24.22
N GLU F 107 31.80 -31.10 23.10
CA GLU F 107 30.68 -31.54 22.29
C GLU F 107 30.98 -32.91 21.67
N ALA F 108 32.22 -33.11 21.22
CA ALA F 108 32.58 -34.39 20.63
C ALA F 108 32.46 -35.50 21.66
N GLU F 109 32.89 -35.23 22.91
CA GLU F 109 32.85 -36.24 23.96
C GLU F 109 31.42 -36.66 24.26
N LEU F 110 30.51 -35.69 24.27
CA LEU F 110 29.13 -35.93 24.65
C LEU F 110 28.43 -36.74 23.57
N ALA F 111 28.74 -36.44 22.30
CA ALA F 111 28.24 -37.20 21.18
C ALA F 111 28.78 -38.64 21.22
N THR F 112 30.07 -38.82 21.53
CA THR F 112 30.68 -40.12 21.64
C THR F 112 30.01 -40.93 22.74
N LEU F 113 29.71 -40.30 23.88
CA LEU F 113 29.15 -40.97 25.04
C LEU F 113 27.79 -41.61 24.70
N HIS F 114 26.92 -40.84 24.04
CA HIS F 114 25.59 -41.32 23.67
C HIS F 114 25.58 -41.91 22.27
N LYS F 115 26.77 -42.07 21.66
CA LYS F 115 26.94 -42.64 20.33
C LYS F 115 25.96 -42.01 19.35
N LYS F 116 25.87 -40.67 19.42
CA LYS F 116 25.06 -39.89 18.49
C LYS F 116 25.98 -39.16 17.51
N GLU F 117 25.35 -38.64 16.44
CA GLU F 117 26.04 -37.92 15.39
C GLU F 117 26.58 -36.59 15.90
N GLY F 118 25.91 -36.00 16.89
CA GLY F 118 26.30 -34.68 17.37
C GLY F 118 25.75 -34.36 18.76
N ALA F 119 26.29 -33.28 19.33
CA ALA F 119 25.85 -32.77 20.62
C ALA F 119 26.06 -31.26 20.68
N LEU F 120 25.22 -30.58 21.45
CA LEU F 120 25.22 -29.14 21.52
C LEU F 120 25.21 -28.72 22.98
N VAL F 121 26.13 -27.81 23.35
CA VAL F 121 26.28 -27.44 24.74
C VAL F 121 25.59 -26.09 24.97
N PHE F 122 24.88 -26.01 26.09
CA PHE F 122 24.18 -24.81 26.53
C PHE F 122 24.68 -24.44 27.92
N SER F 123 24.28 -23.25 28.42
CA SER F 123 24.62 -22.77 29.75
C SER F 123 24.30 -23.81 30.82
N SER F 124 23.20 -24.54 30.64
CA SER F 124 22.67 -25.44 31.65
C SER F 124 21.72 -26.41 30.97
N CYS F 125 21.38 -27.51 31.65
CA CYS F 125 20.35 -28.40 31.13
C CYS F 125 18.98 -27.72 31.19
N TYR F 126 18.75 -26.86 32.19
CA TYR F 126 17.52 -26.08 32.25
C TYR F 126 17.31 -25.35 30.94
N VAL F 127 18.35 -24.65 30.49
CA VAL F 127 18.33 -23.92 29.24
C VAL F 127 18.20 -24.88 28.06
N ALA F 128 18.94 -26.00 28.09
CA ALA F 128 18.89 -26.95 27.01
C ALA F 128 17.45 -27.45 26.78
N ASN F 129 16.78 -27.83 27.88
CA ASN F 129 15.43 -28.36 27.83
C ASN F 129 14.48 -27.30 27.28
N ASP F 130 14.59 -26.08 27.81
CA ASP F 130 13.70 -24.99 27.43
C ASP F 130 13.87 -24.67 25.94
N ALA F 131 15.13 -24.74 25.46
CA ALA F 131 15.45 -24.35 24.10
C ALA F 131 14.88 -25.35 23.09
N VAL F 132 15.12 -26.63 23.36
CA VAL F 132 14.73 -27.69 22.46
C VAL F 132 13.20 -27.82 22.42
N LEU F 133 12.57 -27.85 23.60
CA LEU F 133 11.11 -27.97 23.69
C LEU F 133 10.43 -26.75 23.07
N SER F 134 10.96 -25.56 23.37
CA SER F 134 10.45 -24.31 22.79
C SER F 134 10.42 -24.39 21.26
N LEU F 135 11.54 -24.84 20.68
CA LEU F 135 11.72 -24.76 19.25
C LEU F 135 10.80 -25.77 18.54
N LEU F 136 10.70 -26.97 19.11
CA LEU F 136 9.86 -28.00 18.54
C LEU F 136 8.42 -27.51 18.41
N GLY F 137 7.90 -26.84 19.44
CA GLY F 137 6.52 -26.39 19.46
C GLY F 137 6.31 -25.13 18.61
N GLN F 138 7.39 -24.35 18.42
CA GLN F 138 7.26 -23.10 17.69
C GLN F 138 7.30 -23.38 16.19
N LYS F 139 7.96 -24.47 15.78
CA LYS F 139 8.12 -24.80 14.37
C LYS F 139 7.15 -25.88 13.93
N MET F 140 6.47 -26.54 14.88
CA MET F 140 5.37 -27.43 14.60
C MET F 140 4.19 -27.06 15.50
N LYS F 141 3.32 -26.17 14.99
CA LYS F 141 2.23 -25.63 15.79
C LYS F 141 1.18 -26.71 16.03
N ASP F 142 1.18 -27.75 15.19
CA ASP F 142 0.23 -28.85 15.28
C ASP F 142 0.68 -29.94 16.24
N LEU F 143 1.87 -29.79 16.81
CA LEU F 143 2.47 -30.80 17.66
C LEU F 143 1.60 -31.06 18.90
N VAL F 144 1.52 -32.32 19.29
CA VAL F 144 0.95 -32.68 20.57
C VAL F 144 2.06 -33.27 21.43
N ILE F 145 2.24 -32.70 22.63
CA ILE F 145 3.27 -33.17 23.56
C ILE F 145 2.61 -34.03 24.64
N PHE F 146 3.19 -35.21 24.85
CA PHE F 146 2.80 -36.11 25.93
C PHE F 146 3.92 -36.09 26.96
N SER F 147 3.58 -35.59 28.15
CA SER F 147 4.55 -35.29 29.20
C SER F 147 4.21 -36.10 30.43
N ASP F 148 5.23 -36.75 31.01
CA ASP F 148 5.07 -37.46 32.27
C ASP F 148 4.75 -36.47 33.39
N GLU F 149 3.80 -36.87 34.25
CA GLU F 149 3.35 -36.12 35.41
C GLU F 149 4.51 -35.50 36.18
N LEU F 150 5.59 -36.28 36.40
CA LEU F 150 6.61 -35.87 37.34
C LEU F 150 7.82 -35.23 36.66
N ASN F 151 7.66 -34.76 35.42
CA ASN F 151 8.76 -34.10 34.73
C ASN F 151 9.24 -32.87 35.50
N HIS F 152 10.52 -32.56 35.31
CA HIS F 152 11.24 -31.49 35.98
C HIS F 152 10.69 -30.12 35.55
N ALA F 153 10.92 -29.10 36.40
CA ALA F 153 10.42 -27.76 36.15
C ALA F 153 10.84 -27.26 34.77
N SER F 154 12.08 -27.55 34.38
CA SER F 154 12.64 -27.08 33.12
C SER F 154 11.84 -27.62 31.93
N MET F 155 11.41 -28.89 32.02
CA MET F 155 10.63 -29.48 30.95
C MET F 155 9.22 -28.89 30.89
N ILE F 156 8.65 -28.61 32.07
CA ILE F 156 7.33 -28.01 32.17
C ILE F 156 7.35 -26.63 31.52
N VAL F 157 8.40 -25.84 31.81
CA VAL F 157 8.53 -24.51 31.28
C VAL F 157 8.72 -24.59 29.77
N GLY F 158 9.57 -25.51 29.32
CA GLY F 158 9.83 -25.69 27.89
C GLY F 158 8.58 -26.10 27.11
N ILE F 159 7.75 -26.95 27.73
CA ILE F 159 6.51 -27.37 27.12
C ILE F 159 5.51 -26.22 27.10
N LYS F 160 5.48 -25.38 28.15
CA LYS F 160 4.59 -24.23 28.16
C LYS F 160 5.00 -23.28 27.02
N HIS F 161 6.31 -23.02 26.93
CA HIS F 161 6.88 -22.14 25.90
C HIS F 161 6.70 -22.70 24.50
N ALA F 162 6.66 -24.04 24.37
CA ALA F 162 6.38 -24.69 23.10
C ALA F 162 5.07 -24.16 22.53
N ASN F 163 4.12 -23.90 23.44
CA ASN F 163 2.86 -23.28 23.11
C ASN F 163 2.09 -24.13 22.09
N VAL F 164 1.82 -25.39 22.48
CA VAL F 164 1.07 -26.33 21.66
C VAL F 164 0.15 -27.13 22.58
N LYS F 165 -0.56 -28.10 22.01
CA LYS F 165 -1.40 -28.98 22.81
C LYS F 165 -0.51 -29.92 23.61
N LYS F 166 -0.92 -30.24 24.84
CA LYS F 166 -0.18 -31.13 25.72
C LYS F 166 -1.14 -32.06 26.47
N HIS F 167 -0.68 -33.29 26.75
CA HIS F 167 -1.35 -34.20 27.66
C HIS F 167 -0.34 -34.64 28.73
N ILE F 168 -0.77 -34.64 30.00
CA ILE F 168 0.04 -35.10 31.10
C ILE F 168 -0.43 -36.51 31.48
N PHE F 169 0.40 -37.54 31.25
CA PHE F 169 0.03 -38.91 31.62
C PHE F 169 0.53 -39.19 33.04
N LYS F 170 -0.27 -39.97 33.80
CA LYS F 170 0.10 -40.38 35.15
C LYS F 170 1.49 -41.03 35.12
N HIS F 171 2.22 -40.86 36.23
CA HIS F 171 3.63 -41.23 36.30
C HIS F 171 3.86 -42.67 35.84
N ASN F 172 4.65 -42.81 34.78
CA ASN F 172 5.04 -44.10 34.21
C ASN F 172 3.87 -44.97 33.77
N ASP F 173 2.68 -44.40 33.58
CA ASP F 173 1.52 -45.19 33.21
C ASP F 173 1.46 -45.24 31.68
N LEU F 174 2.04 -46.29 31.08
CA LEU F 174 2.17 -46.38 29.63
C LEU F 174 0.89 -46.92 28.99
N ASN F 175 -0.06 -47.39 29.81
CA ASN F 175 -1.41 -47.63 29.35
C ASN F 175 -2.07 -46.30 29.00
N GLU F 176 -2.07 -45.37 29.96
CA GLU F 176 -2.63 -44.04 29.75
C GLU F 176 -1.93 -43.36 28.57
N LEU F 177 -0.61 -43.53 28.47
CA LEU F 177 0.14 -42.96 27.36
C LEU F 177 -0.39 -43.51 26.04
N GLU F 178 -0.56 -44.84 25.96
CA GLU F 178 -0.99 -45.46 24.71
C GLU F 178 -2.40 -44.98 24.37
N GLN F 179 -3.26 -44.80 25.38
CA GLN F 179 -4.63 -44.36 25.16
C GLN F 179 -4.67 -42.93 24.60
N LEU F 180 -3.75 -42.09 25.06
CA LEU F 180 -3.67 -40.72 24.58
C LEU F 180 -3.11 -40.73 23.16
N LEU F 181 -2.05 -41.51 22.93
CA LEU F 181 -1.41 -41.58 21.62
C LEU F 181 -2.38 -42.09 20.57
N GLN F 182 -3.19 -43.08 20.94
CA GLN F 182 -4.12 -43.74 20.03
C GLN F 182 -5.17 -42.78 19.49
N SER F 183 -5.55 -41.77 20.30
CA SER F 183 -6.72 -40.96 20.02
C SER F 183 -6.42 -39.90 18.96
N TYR F 184 -5.16 -39.81 18.50
CA TYR F 184 -4.79 -38.97 17.37
C TYR F 184 -4.46 -39.85 16.17
N PRO F 185 -4.71 -39.40 14.93
CA PRO F 185 -4.17 -40.08 13.76
C PRO F 185 -2.66 -40.19 13.83
N LYS F 186 -2.08 -41.09 13.05
CA LYS F 186 -0.65 -41.32 13.10
C LYS F 186 0.10 -40.10 12.54
N SER F 187 -0.51 -39.43 11.55
CA SER F 187 0.18 -38.37 10.80
C SER F 187 0.37 -37.10 11.63
N VAL F 188 -0.38 -36.95 12.73
CA VAL F 188 -0.24 -35.80 13.61
C VAL F 188 1.16 -35.85 14.22
N PRO F 189 1.95 -34.75 14.19
CA PRO F 189 3.24 -34.74 14.87
C PRO F 189 3.08 -34.80 16.38
N LYS F 190 3.96 -35.56 17.03
CA LYS F 190 3.83 -35.81 18.46
C LYS F 190 5.21 -35.86 19.10
N LEU F 191 5.26 -35.51 20.39
CA LEU F 191 6.49 -35.61 21.17
C LEU F 191 6.18 -36.29 22.49
N ILE F 192 6.97 -37.31 22.83
CA ILE F 192 6.89 -37.89 24.15
C ILE F 192 8.13 -37.44 24.94
N ALA F 193 7.86 -36.74 26.05
CA ALA F 193 8.88 -36.09 26.85
C ALA F 193 8.85 -36.67 28.25
N PHE F 194 9.98 -37.24 28.68
CA PHE F 194 10.08 -37.96 29.93
C PHE F 194 11.54 -37.97 30.41
N GLU F 195 11.73 -38.39 31.66
CA GLU F 195 13.04 -38.56 32.27
C GLU F 195 13.35 -40.05 32.34
N SER F 196 14.64 -40.39 32.36
CA SER F 196 15.07 -41.76 32.57
C SER F 196 14.97 -42.11 34.04
N VAL F 197 15.59 -41.27 34.89
CA VAL F 197 15.51 -41.45 36.33
C VAL F 197 14.90 -40.20 36.96
N TYR F 198 13.87 -40.38 37.77
CA TYR F 198 13.21 -39.28 38.44
C TYR F 198 13.81 -39.17 39.82
N SER F 199 14.15 -37.95 40.23
CA SER F 199 15.11 -37.78 41.31
C SER F 199 14.43 -37.85 42.68
N MET F 200 13.10 -37.72 42.77
CA MET F 200 12.48 -37.46 44.05
C MET F 200 12.12 -38.75 44.77
N ALA F 201 12.00 -39.85 44.02
CA ALA F 201 11.92 -41.16 44.64
C ALA F 201 12.69 -42.21 43.85
N GLY F 202 13.37 -41.80 42.77
CA GLY F 202 14.31 -42.68 42.09
C GLY F 202 13.63 -43.69 41.18
N SER F 203 12.39 -43.40 40.73
CA SER F 203 11.72 -44.26 39.77
C SER F 203 12.40 -44.16 38.42
N VAL F 204 12.13 -45.14 37.55
CA VAL F 204 12.81 -45.26 36.28
C VAL F 204 11.80 -45.52 35.18
N ALA F 205 12.04 -44.95 34.00
CA ALA F 205 11.11 -45.08 32.89
C ALA F 205 11.48 -46.33 32.10
N ASP F 206 10.43 -46.94 31.52
CA ASP F 206 10.62 -48.03 30.60
C ASP F 206 10.86 -47.43 29.23
N ILE F 207 12.10 -47.06 28.95
CA ILE F 207 12.48 -46.33 27.73
C ILE F 207 12.18 -47.20 26.51
N GLU F 208 12.44 -48.51 26.62
CA GLU F 208 12.25 -49.40 25.48
C GLU F 208 10.78 -49.39 25.05
N LYS F 209 9.85 -49.49 26.01
CA LYS F 209 8.44 -49.55 25.71
C LYS F 209 7.93 -48.21 25.19
N ILE F 210 8.54 -47.11 25.64
CA ILE F 210 8.14 -45.78 25.19
C ILE F 210 8.57 -45.58 23.75
N CYS F 211 9.76 -46.08 23.39
CA CYS F 211 10.25 -46.02 22.03
C CYS F 211 9.37 -46.87 21.12
N ASP F 212 8.87 -48.00 21.63
CA ASP F 212 7.96 -48.85 20.86
C ASP F 212 6.67 -48.07 20.56
N LEU F 213 6.11 -47.41 21.58
CA LEU F 213 4.90 -46.62 21.43
C LEU F 213 5.15 -45.51 20.42
N ALA F 214 6.32 -44.87 20.51
CA ALA F 214 6.69 -43.78 19.62
C ALA F 214 6.76 -44.26 18.17
N ASP F 215 7.34 -45.45 17.94
CA ASP F 215 7.37 -46.03 16.60
C ASP F 215 5.94 -46.22 16.08
N LYS F 216 5.06 -46.71 16.95
CA LYS F 216 3.73 -47.12 16.52
C LYS F 216 2.85 -45.92 16.17
N TYR F 217 2.92 -44.85 16.98
CA TYR F 217 2.03 -43.70 16.85
C TYR F 217 2.77 -42.49 16.27
N GLY F 218 4.00 -42.70 15.76
CA GLY F 218 4.70 -41.75 14.92
C GLY F 218 5.15 -40.49 15.68
N ALA F 219 5.79 -40.69 16.83
CA ALA F 219 6.17 -39.62 17.72
C ALA F 219 7.69 -39.53 17.82
N LEU F 220 8.18 -38.33 18.14
CA LEU F 220 9.56 -38.12 18.52
C LEU F 220 9.69 -38.38 20.02
N THR F 221 10.88 -38.83 20.43
CA THR F 221 11.15 -39.02 21.85
C THR F 221 12.16 -37.99 22.34
N PHE F 222 11.88 -37.47 23.53
CA PHE F 222 12.73 -36.52 24.22
C PHE F 222 12.98 -37.05 25.62
N LEU F 223 14.26 -37.36 25.90
CA LEU F 223 14.66 -38.09 27.10
C LEU F 223 15.68 -37.27 27.88
N ASP F 224 15.30 -36.88 29.10
CA ASP F 224 16.17 -36.20 30.05
C ASP F 224 16.84 -37.25 30.92
N GLU F 225 18.17 -37.39 30.76
CA GLU F 225 18.94 -38.41 31.46
C GLU F 225 19.81 -37.75 32.53
N VAL F 226 19.33 -36.65 33.10
CA VAL F 226 20.12 -35.83 33.99
C VAL F 226 20.58 -36.64 35.21
N HIS F 227 19.71 -37.52 35.72
CA HIS F 227 20.01 -38.25 36.94
C HIS F 227 20.54 -39.65 36.60
N ALA F 228 20.99 -39.84 35.36
CA ALA F 228 21.41 -41.16 34.91
C ALA F 228 22.82 -41.12 34.30
N VAL F 229 23.19 -40.03 33.63
CA VAL F 229 24.48 -39.97 32.99
C VAL F 229 25.56 -39.99 34.07
N GLY F 230 26.57 -40.84 33.85
CA GLY F 230 27.58 -41.14 34.85
C GLY F 230 27.30 -42.44 35.60
N LEU F 231 26.02 -42.82 35.68
CA LEU F 231 25.55 -43.74 36.71
C LEU F 231 25.06 -45.06 36.13
N TYR F 232 24.53 -45.05 34.90
CA TYR F 232 23.94 -46.26 34.34
C TYR F 232 24.59 -46.56 32.99
N GLY F 233 24.61 -47.85 32.63
CA GLY F 233 25.33 -48.28 31.47
C GLY F 233 26.79 -48.55 31.81
N PRO F 234 27.50 -49.41 31.03
CA PRO F 234 28.90 -49.69 31.30
C PRO F 234 29.78 -48.44 31.27
N HIS F 235 29.38 -47.43 30.50
CA HIS F 235 30.22 -46.25 30.30
C HIS F 235 29.59 -45.00 30.90
N GLY F 236 28.48 -45.15 31.63
CA GLY F 236 27.79 -44.04 32.25
C GLY F 236 27.03 -43.17 31.24
N ALA F 237 26.59 -43.80 30.15
CA ALA F 237 25.88 -43.08 29.10
C ALA F 237 24.40 -42.94 29.45
N GLY F 238 23.95 -43.68 30.47
CA GLY F 238 22.62 -43.51 31.01
C GLY F 238 21.81 -44.81 30.95
N VAL F 239 20.52 -44.68 31.28
CA VAL F 239 19.64 -45.84 31.34
C VAL F 239 19.41 -46.35 29.92
N ALA F 240 19.43 -45.45 28.93
CA ALA F 240 19.28 -45.89 27.56
C ALA F 240 20.41 -46.84 27.18
N GLU F 241 21.62 -46.59 27.69
CA GLU F 241 22.76 -47.46 27.43
C GLU F 241 22.57 -48.76 28.19
N HIS F 242 22.07 -48.66 29.43
CA HIS F 242 21.91 -49.80 30.31
C HIS F 242 20.94 -50.81 29.70
N CYS F 243 19.94 -50.30 28.96
CA CYS F 243 18.96 -51.12 28.28
C CYS F 243 19.61 -52.10 27.32
N ASP F 244 20.80 -51.78 26.80
CA ASP F 244 21.52 -52.74 25.98
C ASP F 244 22.94 -52.89 26.54
N PHE F 245 23.01 -53.14 27.85
CA PHE F 245 24.25 -53.11 28.61
C PHE F 245 25.33 -53.94 27.92
N GLU F 246 25.00 -55.18 27.56
CA GLU F 246 26.00 -56.12 27.08
C GLU F 246 26.46 -55.76 25.68
N SER F 247 25.53 -55.32 24.82
CA SER F 247 25.86 -54.88 23.49
C SER F 247 26.84 -53.70 23.53
N HIS F 248 26.60 -52.74 24.43
CA HIS F 248 27.42 -51.55 24.53
C HIS F 248 28.77 -51.89 25.16
N ARG F 249 28.76 -52.75 26.18
CA ARG F 249 29.99 -53.15 26.83
C ARG F 249 30.90 -53.88 25.85
N ALA F 250 30.31 -54.76 25.01
CA ALA F 250 31.09 -55.51 24.04
C ALA F 250 31.75 -54.57 23.03
N SER F 251 30.98 -53.60 22.50
CA SER F 251 31.47 -52.73 21.44
C SER F 251 32.26 -51.55 21.99
N GLY F 252 32.00 -51.17 23.24
CA GLY F 252 32.72 -50.05 23.87
C GLY F 252 32.32 -48.70 23.26
N ILE F 253 33.31 -48.03 22.65
CA ILE F 253 33.14 -46.73 22.03
C ILE F 253 32.25 -46.85 20.80
N ALA F 254 32.35 -47.97 20.08
CA ALA F 254 31.74 -48.12 18.77
C ALA F 254 30.24 -48.40 18.88
N THR F 255 29.52 -48.23 17.77
CA THR F 255 28.13 -48.63 17.67
C THR F 255 28.04 -50.16 17.68
N PRO F 256 27.17 -50.77 18.52
CA PRO F 256 27.04 -52.22 18.52
C PRO F 256 26.54 -52.78 17.20
N LYS F 257 26.96 -54.00 16.86
CA LYS F 257 26.50 -54.67 15.65
C LYS F 257 25.03 -55.05 15.79
N THR F 258 24.60 -55.34 17.03
CA THR F 258 23.20 -55.64 17.34
C THR F 258 22.87 -55.16 18.75
N ASN F 259 21.57 -55.09 19.08
CA ASN F 259 21.12 -54.80 20.44
C ASN F 259 21.15 -56.09 21.25
N ASP F 260 20.65 -56.04 22.49
CA ASP F 260 20.75 -57.14 23.44
C ASP F 260 19.78 -58.27 23.06
N LYS F 261 18.88 -58.05 22.10
CA LYS F 261 17.97 -59.09 21.64
C LYS F 261 18.30 -59.52 20.22
N GLY F 262 19.45 -59.11 19.68
CA GLY F 262 19.86 -59.52 18.36
C GLY F 262 19.28 -58.63 17.26
N GLY F 263 18.52 -57.59 17.64
CA GLY F 263 17.90 -56.67 16.69
C GLY F 263 18.91 -55.66 16.15
N ALA F 264 18.46 -54.83 15.20
CA ALA F 264 19.34 -53.94 14.47
C ALA F 264 19.77 -52.71 15.29
N LYS F 265 18.87 -52.13 16.09
CA LYS F 265 19.12 -50.82 16.70
C LYS F 265 18.99 -50.87 18.22
N THR F 266 19.90 -50.16 18.91
CA THR F 266 19.86 -50.07 20.35
C THR F 266 18.77 -49.08 20.79
N VAL F 267 18.42 -49.12 22.08
CA VAL F 267 17.45 -48.17 22.62
C VAL F 267 18.05 -46.77 22.58
N MET F 268 19.34 -46.64 22.83
CA MET F 268 20.00 -45.34 22.83
C MET F 268 19.99 -44.77 21.40
N ASP F 269 20.15 -45.61 20.37
CA ASP F 269 20.12 -45.17 18.98
C ASP F 269 18.73 -44.64 18.62
N ARG F 270 17.68 -45.28 19.16
CA ARG F 270 16.30 -45.02 18.76
C ARG F 270 15.74 -43.74 19.39
N VAL F 271 16.27 -43.32 20.54
CA VAL F 271 15.81 -42.08 21.15
C VAL F 271 16.28 -40.90 20.30
N ASP F 272 15.36 -40.00 19.96
CA ASP F 272 15.66 -38.91 19.04
C ASP F 272 16.55 -37.87 19.71
N MET F 273 16.21 -37.50 20.94
CA MET F 273 16.87 -36.40 21.64
C MET F 273 17.11 -36.77 23.10
N ILE F 274 18.39 -36.72 23.52
CA ILE F 274 18.77 -36.96 24.90
C ILE F 274 19.43 -35.70 25.46
N THR F 275 18.90 -35.20 26.60
CA THR F 275 19.50 -34.08 27.30
C THR F 275 20.15 -34.59 28.58
N GLY F 276 21.22 -33.88 28.97
CA GLY F 276 21.93 -34.14 30.23
C GLY F 276 22.50 -32.86 30.81
N THR F 277 23.05 -32.97 32.02
CA THR F 277 23.72 -31.87 32.68
C THR F 277 25.21 -32.20 32.79
N LEU F 278 26.01 -31.14 32.81
CA LEU F 278 27.41 -31.25 33.19
C LEU F 278 27.58 -30.94 34.69
N GLY F 279 26.48 -30.62 35.40
CA GLY F 279 26.51 -30.03 36.74
C GLY F 279 26.26 -31.01 37.88
N1 LLP F 280 16.22 -31.78 34.72
C2 LLP F 280 16.34 -32.53 35.80
C2' LLP F 280 15.51 -33.77 35.91
C3 LLP F 280 17.24 -32.16 36.83
O3 LLP F 280 17.39 -32.89 37.98
C4 LLP F 280 17.99 -30.96 36.74
C4' LLP F 280 19.06 -30.72 37.75
C5 LLP F 280 17.86 -30.23 35.53
C6 LLP F 280 16.97 -30.67 34.60
C5' LLP F 280 18.57 -28.94 35.24
OP4 LLP F 280 19.98 -29.08 34.93
P LLP F 280 21.01 -27.87 35.34
OP1 LLP F 280 22.36 -28.25 34.71
OP2 LLP F 280 21.00 -27.89 36.88
OP3 LLP F 280 20.39 -26.60 34.73
N LLP F 280 26.16 -32.31 37.57
CA LLP F 280 25.91 -33.33 38.57
CB LLP F 280 24.46 -33.84 38.42
CG LLP F 280 23.43 -32.74 38.71
CD LLP F 280 21.92 -33.01 38.73
CE LLP F 280 21.12 -31.66 38.76
NZ LLP F 280 19.71 -31.73 38.35
C LLP F 280 27.05 -34.36 38.48
O LLP F 280 28.14 -34.11 39.03
N SER F 281 26.83 -35.50 37.81
CA SER F 281 27.84 -36.55 37.77
C SER F 281 29.17 -36.03 37.20
N PHE F 282 29.09 -35.08 36.26
CA PHE F 282 30.27 -34.63 35.54
C PHE F 282 30.96 -33.45 36.23
N GLY F 283 30.47 -33.05 37.40
CA GLY F 283 31.24 -32.27 38.36
C GLY F 283 31.61 -30.87 37.85
N SER F 284 30.76 -30.24 37.06
CA SER F 284 31.06 -28.92 36.53
C SER F 284 29.78 -28.09 36.48
N VAL F 285 29.46 -27.56 35.30
CA VAL F 285 28.24 -26.81 35.05
C VAL F 285 28.00 -26.82 33.54
N GLY F 286 26.72 -26.73 33.16
CA GLY F 286 26.38 -26.74 31.74
C GLY F 286 25.30 -27.77 31.45
N GLY F 287 24.81 -27.74 30.21
CA GLY F 287 23.84 -28.70 29.74
C GLY F 287 24.07 -28.99 28.26
N TYR F 288 23.40 -30.05 27.78
CA TYR F 288 23.61 -30.46 26.41
C TYR F 288 22.40 -31.24 25.92
N VAL F 289 22.32 -31.36 24.59
CA VAL F 289 21.47 -32.34 23.95
C VAL F 289 22.33 -33.10 22.95
N ALA F 290 22.09 -34.41 22.86
CA ALA F 290 22.73 -35.25 21.86
C ALA F 290 21.65 -35.78 20.93
N ALA F 291 21.94 -35.77 19.61
CA ALA F 291 20.97 -36.16 18.60
C ALA F 291 21.64 -36.24 17.24
N SER F 292 20.83 -36.37 16.18
CA SER F 292 21.31 -36.42 14.81
C SER F 292 21.96 -35.07 14.44
N ARG F 293 22.86 -35.13 13.44
CA ARG F 293 23.50 -33.95 12.88
C ARG F 293 22.45 -32.90 12.54
N LYS F 294 21.36 -33.33 11.94
CA LYS F 294 20.33 -32.43 11.45
C LYS F 294 19.66 -31.71 12.61
N LEU F 295 19.23 -32.48 13.64
CA LEU F 295 18.59 -31.89 14.80
C LEU F 295 19.52 -30.89 15.48
N ILE F 296 20.81 -31.25 15.60
CA ILE F 296 21.77 -30.43 16.32
C ILE F 296 21.96 -29.10 15.59
N ASP F 297 22.11 -29.18 14.27
CA ASP F 297 22.33 -28.01 13.44
C ASP F 297 21.11 -27.09 13.50
N TRP F 298 19.93 -27.71 13.60
CA TRP F 298 18.67 -27.02 13.71
C TRP F 298 18.63 -26.17 14.99
N PHE F 299 18.87 -26.82 16.15
CA PHE F 299 18.86 -26.14 17.43
C PHE F 299 19.88 -25.00 17.43
N ARG F 300 21.08 -25.33 16.95
CA ARG F 300 22.19 -24.39 16.91
C ARG F 300 21.84 -23.14 16.10
N SER F 301 21.10 -23.32 14.99
CA SER F 301 20.86 -22.25 14.04
C SER F 301 19.64 -21.39 14.43
N PHE F 302 18.77 -21.88 15.32
CA PHE F 302 17.52 -21.20 15.61
C PHE F 302 17.27 -20.94 17.11
N ALA F 303 17.96 -21.62 18.02
CA ALA F 303 17.60 -21.52 19.44
C ALA F 303 18.17 -20.25 20.05
N PRO F 304 17.35 -19.25 20.43
CA PRO F 304 17.88 -17.98 20.94
C PRO F 304 18.69 -18.14 22.23
N GLY F 305 18.32 -19.12 23.06
CA GLY F 305 18.99 -19.41 24.32
C GLY F 305 20.36 -20.05 24.13
N PHE F 306 20.65 -20.48 22.89
CA PHE F 306 21.96 -20.96 22.50
C PHE F 306 22.79 -19.83 21.90
N ILE F 307 22.17 -19.05 21.00
CA ILE F 307 22.86 -18.11 20.12
C ILE F 307 23.37 -16.89 20.90
N PHE F 308 22.49 -16.31 21.73
CA PHE F 308 22.66 -14.97 22.26
C PHE F 308 23.08 -15.00 23.72
N THR F 309 24.04 -15.87 24.07
CA THR F 309 24.57 -15.90 25.43
C THR F 309 26.06 -16.23 25.40
N THR F 310 26.80 -15.66 26.36
CA THR F 310 28.24 -15.87 26.46
C THR F 310 28.50 -17.36 26.61
N THR F 311 29.51 -17.86 25.88
CA THR F 311 29.95 -19.24 25.97
C THR F 311 30.50 -19.52 27.36
N LEU F 312 30.38 -20.78 27.80
CA LEU F 312 30.84 -21.13 29.13
C LEU F 312 32.36 -20.98 29.18
N PRO F 313 32.94 -20.69 30.37
CA PRO F 313 34.40 -20.62 30.51
C PRO F 313 35.11 -21.84 29.94
N PRO F 314 36.20 -21.67 29.16
CA PRO F 314 36.96 -22.81 28.67
C PRO F 314 37.34 -23.81 29.75
N SER F 315 37.70 -23.32 30.94
CA SER F 315 38.18 -24.16 32.02
C SER F 315 37.07 -25.07 32.54
N VAL F 316 35.83 -24.59 32.51
CA VAL F 316 34.75 -25.39 33.05
C VAL F 316 34.38 -26.47 32.06
N MET F 317 34.57 -26.21 30.77
CA MET F 317 34.35 -27.20 29.72
C MET F 317 35.46 -28.27 29.79
N ALA F 318 36.71 -27.81 29.97
CA ALA F 318 37.82 -28.74 30.07
C ALA F 318 37.60 -29.67 31.26
N GLY F 319 37.08 -29.11 32.37
CA GLY F 319 36.78 -29.87 33.57
C GLY F 319 35.78 -30.99 33.29
N ALA F 320 34.67 -30.62 32.67
CA ALA F 320 33.60 -31.53 32.32
C ALA F 320 34.14 -32.61 31.37
N THR F 321 34.91 -32.20 30.36
CA THR F 321 35.45 -33.12 29.36
C THR F 321 36.29 -34.20 30.03
N ALA F 322 37.13 -33.80 31.00
CA ALA F 322 37.96 -34.73 31.73
C ALA F 322 37.11 -35.66 32.59
N ALA F 323 36.06 -35.11 33.20
CA ALA F 323 35.15 -35.90 34.02
C ALA F 323 34.49 -36.97 33.16
N ILE F 324 34.05 -36.59 31.96
CA ILE F 324 33.37 -37.52 31.06
C ILE F 324 34.36 -38.59 30.56
N ARG F 325 35.58 -38.21 30.16
CA ARG F 325 36.54 -39.16 29.63
C ARG F 325 36.92 -40.19 30.70
N TYR F 326 37.05 -39.72 31.95
CA TYR F 326 37.53 -40.54 33.03
C TYR F 326 36.48 -41.58 33.43
N GLN F 327 35.24 -41.13 33.65
CA GLN F 327 34.17 -42.01 34.10
C GLN F 327 33.83 -43.01 32.99
N ARG F 328 34.05 -42.64 31.71
CA ARG F 328 33.69 -43.54 30.62
C ARG F 328 34.37 -44.89 30.80
N CYS F 329 35.63 -44.87 31.25
CA CYS F 329 36.43 -46.08 31.33
C CYS F 329 36.71 -46.48 32.77
N HIS F 330 35.90 -45.99 33.71
CA HIS F 330 36.05 -46.30 35.13
C HIS F 330 34.71 -46.76 35.68
N ILE F 331 34.30 -47.97 35.32
CA ILE F 331 33.05 -48.56 35.77
C ILE F 331 33.09 -48.80 37.28
N ASP F 332 34.30 -48.78 37.87
CA ASP F 332 34.42 -48.90 39.31
C ASP F 332 33.66 -47.78 40.02
N LEU F 333 33.52 -46.62 39.37
CA LEU F 333 32.76 -45.52 39.95
C LEU F 333 31.32 -45.94 40.19
N ARG F 334 30.73 -46.65 39.22
CA ARG F 334 29.34 -47.03 39.27
C ARG F 334 29.10 -48.19 40.22
N THR F 335 29.94 -49.22 40.15
CA THR F 335 29.77 -50.38 41.01
C THR F 335 29.93 -49.93 42.46
N SER F 336 30.91 -49.06 42.67
CA SER F 336 31.21 -48.52 43.97
C SER F 336 29.98 -47.81 44.54
N GLN F 337 29.41 -46.89 43.76
CA GLN F 337 28.28 -46.09 44.19
C GLN F 337 27.05 -46.97 44.44
N GLN F 338 26.80 -47.91 43.52
CA GLN F 338 25.69 -48.84 43.67
C GLN F 338 25.82 -49.62 44.98
N LYS F 339 27.04 -50.08 45.29
CA LYS F 339 27.28 -50.86 46.50
C LYS F 339 27.09 -50.00 47.74
N HIS F 340 27.53 -48.74 47.69
CA HIS F 340 27.38 -47.85 48.83
C HIS F 340 25.91 -47.59 49.08
N THR F 341 25.14 -47.44 48.00
CA THR F 341 23.71 -47.21 48.11
C THR F 341 23.04 -48.43 48.73
N MET F 342 23.31 -49.61 48.16
CA MET F 342 22.70 -50.85 48.63
C MET F 342 23.01 -51.05 50.11
N TYR F 343 24.22 -50.68 50.51
CA TYR F 343 24.65 -50.82 51.89
C TYR F 343 23.75 -49.97 52.80
N VAL F 344 23.49 -48.72 52.42
CA VAL F 344 22.69 -47.84 53.25
C VAL F 344 21.24 -48.34 53.26
N LYS F 345 20.73 -48.69 52.08
CA LYS F 345 19.37 -49.19 51.94
C LYS F 345 19.15 -50.40 52.84
N LYS F 346 20.10 -51.34 52.83
CA LYS F 346 19.92 -52.58 53.55
C LYS F 346 19.97 -52.31 55.06
N ALA F 347 20.81 -51.38 55.48
CA ALA F 347 20.93 -51.04 56.88
C ALA F 347 19.65 -50.38 57.39
N PHE F 348 19.09 -49.49 56.57
CA PHE F 348 17.84 -48.83 56.92
C PHE F 348 16.74 -49.87 57.01
N HIS F 349 16.75 -50.85 56.10
CA HIS F 349 15.70 -51.85 56.08
C HIS F 349 15.72 -52.61 57.40
N GLU F 350 16.90 -52.93 57.91
CA GLU F 350 17.03 -53.71 59.14
C GLU F 350 16.63 -52.87 60.36
N LEU F 351 16.77 -51.55 60.29
CA LEU F 351 16.41 -50.69 61.42
C LEU F 351 14.98 -50.20 61.28
N GLY F 352 14.30 -50.61 60.22
CA GLY F 352 12.93 -50.19 59.98
C GLY F 352 12.83 -48.70 59.66
N ILE F 353 13.89 -48.13 59.07
CA ILE F 353 13.86 -46.77 58.60
C ILE F 353 13.29 -46.78 57.19
N PRO F 354 12.13 -46.11 56.96
CA PRO F 354 11.35 -46.30 55.75
C PRO F 354 11.97 -45.64 54.54
N VAL F 355 12.49 -46.47 53.62
CA VAL F 355 13.04 -46.00 52.37
C VAL F 355 12.02 -46.25 51.27
N ILE F 356 11.73 -45.24 50.46
CA ILE F 356 10.85 -45.43 49.33
C ILE F 356 11.57 -46.33 48.32
N PRO F 357 11.05 -47.55 48.07
CA PRO F 357 11.72 -48.49 47.19
C PRO F 357 11.91 -47.95 45.78
N ASN F 358 13.05 -48.27 45.18
CA ASN F 358 13.40 -47.81 43.86
C ASN F 358 14.58 -48.62 43.37
N PRO F 359 14.75 -48.80 42.05
CA PRO F 359 15.84 -49.59 41.52
C PRO F 359 17.12 -48.80 41.21
N SER F 360 17.29 -47.62 41.81
CA SER F 360 18.32 -46.67 41.39
C SER F 360 19.26 -46.32 42.55
N HIS F 361 19.93 -45.16 42.46
CA HIS F 361 21.01 -44.83 43.38
C HIS F 361 20.54 -43.91 44.50
N ILE F 362 19.26 -43.52 44.49
CA ILE F 362 18.71 -42.54 45.41
C ILE F 362 18.16 -43.27 46.63
N VAL F 363 18.22 -42.61 47.79
CA VAL F 363 17.73 -43.17 49.03
C VAL F 363 16.76 -42.18 49.66
N PRO F 364 15.48 -42.18 49.25
CA PRO F 364 14.49 -41.27 49.82
C PRO F 364 13.88 -41.82 51.11
N VAL F 365 14.08 -41.11 52.22
CA VAL F 365 13.61 -41.57 53.50
C VAL F 365 12.28 -40.90 53.79
N LEU F 366 11.23 -41.71 53.92
CA LEU F 366 9.87 -41.20 54.08
C LEU F 366 9.66 -40.69 55.51
N ILE F 367 9.08 -39.48 55.62
CA ILE F 367 8.76 -38.88 56.92
C ILE F 367 7.25 -38.69 57.01
N GLY F 368 6.68 -38.03 56.00
CA GLY F 368 5.24 -37.93 55.86
C GLY F 368 4.66 -36.66 56.49
N ASN F 369 5.53 -35.77 56.96
CA ASN F 369 5.10 -34.51 57.55
C ASN F 369 6.16 -33.46 57.25
N ALA F 370 5.71 -32.28 56.78
CA ALA F 370 6.62 -31.24 56.33
C ALA F 370 7.49 -30.76 57.48
N ASP F 371 6.85 -30.42 58.62
CA ASP F 371 7.54 -29.92 59.81
C ASP F 371 8.57 -30.91 60.34
N LEU F 372 8.15 -32.18 60.48
CA LEU F 372 9.00 -33.21 61.04
C LEU F 372 10.19 -33.48 60.11
N ALA F 373 10.01 -33.41 58.79
CA ALA F 373 11.10 -33.60 57.86
C ALA F 373 12.11 -32.46 57.96
N LYS F 374 11.62 -31.22 58.05
CA LYS F 374 12.51 -30.07 58.24
C LYS F 374 13.23 -30.18 59.59
N GLN F 375 12.49 -30.60 60.62
CA GLN F 375 13.02 -30.75 61.97
C GLN F 375 14.09 -31.84 61.99
N ALA F 376 13.85 -32.93 61.26
CA ALA F 376 14.83 -33.99 61.14
C ALA F 376 16.10 -33.47 60.46
N SER F 377 15.93 -32.79 59.33
CA SER F 377 17.01 -32.18 58.58
C SER F 377 17.89 -31.34 59.52
N ASP F 378 17.26 -30.56 60.41
CA ASP F 378 17.95 -29.64 61.31
C ASP F 378 18.73 -30.38 62.39
N ILE F 379 18.11 -31.36 63.03
CA ILE F 379 18.77 -32.11 64.08
C ILE F 379 19.96 -32.85 63.46
N LEU F 380 19.82 -33.33 62.22
CA LEU F 380 20.88 -34.07 61.58
C LEU F 380 22.12 -33.19 61.39
N ILE F 381 21.93 -31.95 60.98
CA ILE F 381 23.08 -31.09 60.68
C ILE F 381 23.64 -30.46 61.96
N ASN F 382 22.79 -30.11 62.92
CA ASN F 382 23.23 -29.41 64.12
C ASN F 382 23.75 -30.37 65.17
N LYS F 383 23.03 -31.47 65.42
CA LYS F 383 23.44 -32.47 66.40
C LYS F 383 24.49 -33.41 65.81
N HIS F 384 24.33 -33.86 64.56
CA HIS F 384 25.12 -34.96 64.05
C HIS F 384 26.05 -34.58 62.90
N GLN F 385 26.04 -33.33 62.45
CA GLN F 385 26.90 -32.89 61.35
C GLN F 385 26.67 -33.72 60.07
N ILE F 386 25.41 -34.01 59.81
CA ILE F 386 24.96 -34.67 58.59
C ILE F 386 24.08 -33.69 57.83
N TYR F 387 24.45 -33.39 56.58
CA TYR F 387 23.67 -32.48 55.75
C TYR F 387 22.85 -33.33 54.78
N VAL F 388 21.54 -33.38 55.07
CA VAL F 388 20.55 -34.00 54.21
C VAL F 388 19.44 -32.99 54.00
N GLN F 389 18.85 -32.92 52.80
CA GLN F 389 17.82 -31.94 52.54
C GLN F 389 16.44 -32.56 52.65
N ALA F 390 15.53 -31.84 53.33
CA ALA F 390 14.12 -32.22 53.37
C ALA F 390 13.41 -31.77 52.09
N ILE F 391 12.61 -32.67 51.50
CA ILE F 391 11.83 -32.39 50.30
C ILE F 391 10.37 -32.28 50.69
N ASN F 392 9.75 -31.14 50.35
CA ASN F 392 8.39 -30.79 50.75
C ASN F 392 7.57 -30.40 49.52
N PHE F 393 6.29 -30.14 49.75
CA PHE F 393 5.45 -29.52 48.74
C PHE F 393 6.05 -28.17 48.37
N PRO F 394 6.13 -27.79 47.07
CA PRO F 394 5.46 -28.50 45.97
C PRO F 394 6.31 -29.48 45.17
N THR F 395 7.53 -29.79 45.60
CA THR F 395 8.36 -30.71 44.86
C THR F 395 7.74 -32.10 44.89
N VAL F 396 7.11 -32.44 46.03
CA VAL F 396 6.47 -33.73 46.21
C VAL F 396 5.10 -33.52 46.86
N ALA F 397 4.21 -34.51 46.66
CA ALA F 397 2.85 -34.45 47.17
C ALA F 397 2.85 -34.30 48.71
N ARG F 398 1.97 -33.42 49.20
CA ARG F 398 1.82 -33.18 50.62
C ARG F 398 1.42 -34.48 51.32
N GLY F 399 2.12 -34.82 52.42
CA GLY F 399 1.91 -36.08 53.11
C GLY F 399 2.98 -37.10 52.75
N THR F 400 3.83 -36.80 51.75
CA THR F 400 4.88 -37.73 51.32
C THR F 400 6.25 -37.07 51.45
N GLU F 401 6.41 -36.17 52.42
CA GLU F 401 7.65 -35.43 52.56
C GLU F 401 8.75 -36.41 52.97
N ARG F 402 10.01 -36.07 52.66
CA ARG F 402 11.09 -37.04 52.77
C ARG F 402 12.46 -36.36 52.84
N LEU F 403 13.44 -37.14 53.33
CA LEU F 403 14.85 -36.76 53.30
C LEU F 403 15.50 -37.45 52.10
N ARG F 404 16.18 -36.66 51.26
CA ARG F 404 16.88 -37.22 50.10
C ARG F 404 18.34 -37.47 50.48
N ILE F 405 18.78 -38.71 50.29
CA ILE F 405 20.15 -39.13 50.52
C ILE F 405 20.71 -39.75 49.24
N THR F 406 21.88 -39.25 48.81
CA THR F 406 22.49 -39.64 47.55
C THR F 406 23.93 -40.04 47.80
N PRO F 407 24.20 -41.33 48.10
CA PRO F 407 25.56 -41.83 48.23
C PRO F 407 26.39 -41.76 46.93
N THR F 408 27.71 -41.72 47.11
CA THR F 408 28.66 -41.62 46.00
C THR F 408 29.79 -42.62 46.24
N PRO F 409 30.73 -42.77 45.29
CA PRO F 409 31.90 -43.62 45.53
C PRO F 409 32.72 -43.20 46.76
N GLY F 410 32.55 -41.95 47.22
CA GLY F 410 33.32 -41.42 48.33
C GLY F 410 32.67 -41.71 49.68
N HIS F 411 31.40 -42.12 49.68
CA HIS F 411 30.73 -42.46 50.93
C HIS F 411 31.02 -43.92 51.29
N THR F 412 32.23 -44.14 51.82
CA THR F 412 32.66 -45.46 52.28
C THR F 412 31.82 -45.83 53.51
N ASN F 413 31.94 -47.10 53.90
CA ASN F 413 31.06 -47.71 54.87
C ASN F 413 31.18 -47.06 56.25
N ASP F 414 32.37 -46.52 56.57
CA ASP F 414 32.56 -45.81 57.83
C ASP F 414 31.61 -44.61 57.90
N LEU F 415 31.54 -43.85 56.82
CA LEU F 415 30.68 -42.68 56.76
C LEU F 415 29.22 -43.11 56.78
N SER F 416 28.91 -44.17 56.02
CA SER F 416 27.57 -44.75 55.96
C SER F 416 27.10 -45.17 57.36
N ASP F 417 28.00 -45.79 58.14
CA ASP F 417 27.64 -46.23 59.47
C ASP F 417 27.23 -45.05 60.34
N ILE F 418 27.95 -43.92 60.23
CA ILE F 418 27.68 -42.75 61.04
C ILE F 418 26.31 -42.19 60.67
N LEU F 419 26.00 -42.17 59.37
CA LEU F 419 24.71 -41.72 58.86
C LEU F 419 23.58 -42.60 59.38
N ILE F 420 23.76 -43.92 59.27
CA ILE F 420 22.74 -44.88 59.65
C ILE F 420 22.39 -44.63 61.10
N ASN F 421 23.42 -44.52 61.95
CA ASN F 421 23.26 -44.35 63.37
C ASN F 421 22.57 -43.02 63.66
N ALA F 422 22.96 -41.99 62.91
CA ALA F 422 22.42 -40.66 63.11
C ALA F 422 20.93 -40.66 62.77
N VAL F 423 20.58 -41.21 61.60
CA VAL F 423 19.20 -41.22 61.15
C VAL F 423 18.36 -42.02 62.15
N ASP F 424 18.88 -43.14 62.64
CA ASP F 424 18.18 -43.95 63.62
C ASP F 424 17.92 -43.11 64.87
N ASP F 425 18.92 -42.34 65.31
CA ASP F 425 18.81 -41.57 66.53
C ASP F 425 17.70 -40.53 66.40
N VAL F 426 17.63 -39.91 65.22
CA VAL F 426 16.69 -38.82 64.97
C VAL F 426 15.27 -39.37 64.87
N PHE F 427 15.11 -40.52 64.19
CA PHE F 427 13.83 -41.20 64.14
C PHE F 427 13.33 -41.44 65.56
N ASN F 428 14.23 -41.86 66.46
CA ASN F 428 13.87 -42.08 67.84
C ASN F 428 13.51 -40.77 68.53
N GLU F 429 14.34 -39.74 68.33
CA GLU F 429 14.19 -38.47 69.02
C GLU F 429 12.82 -37.84 68.74
N LEU F 430 12.39 -37.92 67.48
CA LEU F 430 11.16 -37.27 67.03
C LEU F 430 10.01 -38.26 66.93
N GLN F 431 10.26 -39.54 67.29
CA GLN F 431 9.25 -40.57 67.24
C GLN F 431 8.63 -40.63 65.86
N LEU F 432 9.50 -40.65 64.84
CA LEU F 432 9.05 -40.73 63.45
C LEU F 432 8.56 -42.13 63.17
N PRO F 433 7.59 -42.32 62.24
CA PRO F 433 7.12 -43.64 61.89
C PRO F 433 8.20 -44.50 61.25
N ARG F 434 8.27 -45.77 61.69
CA ARG F 434 9.13 -46.79 61.11
C ARG F 434 8.31 -47.57 60.08
N VAL F 435 8.97 -48.50 59.38
CA VAL F 435 8.32 -49.25 58.31
C VAL F 435 7.04 -49.90 58.85
N ARG F 436 7.11 -50.46 60.06
CA ARG F 436 6.00 -51.24 60.60
C ARG F 436 4.80 -50.32 60.89
N ASP F 437 5.06 -49.05 61.19
CA ASP F 437 3.99 -48.09 61.43
C ASP F 437 3.28 -47.72 60.13
N TRP F 438 4.02 -47.75 59.01
CA TRP F 438 3.45 -47.50 57.69
C TRP F 438 2.64 -48.71 57.21
N GLU F 439 3.16 -49.92 57.50
CA GLU F 439 2.46 -51.16 57.20
C GLU F 439 1.06 -51.12 57.80
N SER F 440 0.94 -50.64 59.04
CA SER F 440 -0.32 -50.66 59.77
C SER F 440 -1.31 -49.61 59.23
N GLN F 441 -0.84 -48.64 58.44
CA GLN F 441 -1.72 -47.67 57.81
C GLN F 441 -1.96 -48.02 56.35
N GLY F 442 -1.56 -49.23 55.94
CA GLY F 442 -1.88 -49.74 54.61
C GLY F 442 -0.76 -49.49 53.60
N GLY F 443 0.31 -48.84 54.06
CA GLY F 443 1.48 -48.56 53.23
C GLY F 443 1.37 -47.20 52.54
N LEU F 444 2.51 -46.72 52.03
CA LEU F 444 2.56 -45.50 51.23
C LEU F 444 3.77 -45.55 50.31
N LEU F 445 3.51 -45.45 48.99
CA LEU F 445 4.52 -45.37 47.95
C LEU F 445 5.47 -46.57 47.98
N GLY F 446 4.98 -47.73 48.41
CA GLY F 446 5.78 -48.95 48.44
C GLY F 446 6.21 -49.33 49.86
N VAL F 447 6.30 -48.33 50.75
CA VAL F 447 6.73 -48.55 52.11
C VAL F 447 5.59 -49.22 52.88
N GLY F 448 5.81 -50.46 53.32
CA GLY F 448 4.86 -51.18 54.16
C GLY F 448 3.57 -51.52 53.41
N GLU F 449 3.72 -51.98 52.16
CA GLU F 449 2.59 -52.24 51.29
C GLU F 449 2.56 -53.71 50.94
N SER F 450 1.55 -54.45 51.42
CA SER F 450 1.57 -55.90 51.37
C SER F 450 1.65 -56.44 49.93
N GLY F 451 0.93 -55.87 48.96
CA GLY F 451 0.91 -56.41 47.62
C GLY F 451 2.10 -55.96 46.77
N PHE F 452 3.11 -55.30 47.36
CA PHE F 452 4.15 -54.61 46.61
C PHE F 452 5.12 -55.65 46.09
N VAL F 453 5.41 -55.65 44.78
CA VAL F 453 6.56 -56.37 44.25
C VAL F 453 7.55 -55.30 43.77
N GLU F 454 8.62 -55.08 44.54
CA GLU F 454 9.58 -54.02 44.25
C GLU F 454 10.29 -54.36 42.93
N GLU F 455 10.60 -53.33 42.13
CA GLU F 455 11.25 -53.51 40.86
C GLU F 455 12.73 -53.77 41.11
N SER F 456 13.28 -54.82 40.47
CA SER F 456 14.69 -55.16 40.54
C SER F 456 15.59 -53.97 40.20
N ASN F 457 16.71 -53.86 40.91
CA ASN F 457 17.71 -52.84 40.67
C ASN F 457 18.16 -52.90 39.21
N LEU F 458 18.43 -51.72 38.64
CA LEU F 458 18.95 -51.64 37.29
C LEU F 458 20.26 -52.39 37.23
N TRP F 459 21.10 -52.20 38.25
CA TRP F 459 22.37 -52.88 38.34
C TRP F 459 22.18 -54.28 38.95
N THR F 460 22.41 -55.31 38.13
CA THR F 460 22.32 -56.70 38.53
C THR F 460 23.59 -57.11 39.25
N SER F 461 23.57 -58.30 39.87
CA SER F 461 24.74 -58.85 40.53
C SER F 461 25.86 -59.05 39.53
N SER F 462 25.50 -59.62 38.36
CA SER F 462 26.45 -59.88 37.30
C SER F 462 27.14 -58.58 36.86
N GLN F 463 26.36 -57.52 36.67
CA GLN F 463 26.90 -56.23 36.26
C GLN F 463 27.78 -55.61 37.34
N LEU F 464 27.36 -55.72 38.61
CA LEU F 464 28.06 -55.12 39.74
C LEU F 464 29.42 -55.76 40.00
N SER F 465 29.68 -56.95 39.44
CA SER F 465 30.94 -57.62 39.68
C SER F 465 31.92 -57.43 38.53
N LEU F 466 31.57 -56.54 37.58
CA LEU F 466 32.47 -56.14 36.52
C LEU F 466 33.55 -55.21 37.11
N THR F 467 34.74 -55.22 36.51
CA THR F 467 35.81 -54.29 36.82
C THR F 467 36.18 -53.56 35.53
N ASN F 468 37.12 -52.61 35.63
CA ASN F 468 37.57 -51.85 34.47
C ASN F 468 38.20 -52.77 33.43
N ASP F 469 38.65 -53.96 33.83
CA ASP F 469 39.24 -54.93 32.91
C ASP F 469 38.19 -55.55 32.00
N ASP F 470 36.92 -55.41 32.38
CA ASP F 470 35.81 -55.98 31.62
C ASP F 470 35.27 -55.00 30.59
N LEU F 471 35.90 -53.82 30.44
CA LEU F 471 35.51 -52.84 29.43
C LEU F 471 36.37 -53.05 28.19
N ASN F 472 35.87 -52.54 27.06
CA ASN F 472 36.60 -52.61 25.80
C ASN F 472 37.81 -51.68 25.91
N PRO F 473 39.03 -52.14 25.50
CA PRO F 473 40.20 -51.27 25.49
C PRO F 473 40.01 -49.94 24.78
N ASN F 474 39.06 -49.86 23.85
CA ASN F 474 38.93 -48.67 23.01
C ASN F 474 38.27 -47.51 23.75
N VAL F 475 37.84 -47.70 25.02
CA VAL F 475 37.22 -46.62 25.79
C VAL F 475 38.26 -45.90 26.64
N ARG F 476 39.48 -46.44 26.70
CA ARG F 476 40.59 -45.80 27.38
C ARG F 476 41.30 -44.89 26.39
N ASP F 477 41.61 -43.66 26.83
CA ASP F 477 42.31 -42.63 26.06
C ASP F 477 41.94 -42.67 24.58
N PRO F 478 40.63 -42.64 24.20
CA PRO F 478 40.26 -42.62 22.79
C PRO F 478 40.52 -41.27 22.15
N ILE F 479 40.97 -41.30 20.88
CA ILE F 479 41.06 -40.12 20.05
C ILE F 479 39.63 -39.79 19.58
N VAL F 480 39.08 -38.68 20.09
CA VAL F 480 37.70 -38.30 19.81
C VAL F 480 37.71 -37.10 18.87
N LYS F 481 37.45 -37.36 17.58
CA LYS F 481 37.51 -36.36 16.52
C LYS F 481 36.45 -35.29 16.74
N GLN F 482 36.79 -34.03 16.44
CA GLN F 482 35.89 -32.89 16.61
C GLN F 482 34.86 -32.89 15.49
N LEU F 483 33.74 -32.17 15.70
CA LEU F 483 32.54 -32.32 14.88
C LEU F 483 32.32 -31.09 14.00
N GLU F 484 32.00 -31.35 12.72
CA GLU F 484 31.79 -30.30 11.74
C GLU F 484 30.57 -29.45 12.13
N VAL F 485 29.57 -30.09 12.76
CA VAL F 485 28.27 -29.47 13.05
C VAL F 485 28.38 -28.48 14.23
N SER F 486 29.40 -28.64 15.08
CA SER F 486 29.68 -27.70 16.16
C SER F 486 30.06 -26.32 15.60
N SER F 487 30.55 -26.28 14.35
CA SER F 487 31.03 -25.07 13.67
C SER F 487 30.12 -24.65 12.50
N GLY F 488 29.27 -25.56 12.04
CA GLY F 488 28.40 -25.34 10.89
C GLY F 488 28.86 -26.18 9.70
N ILE F 489 27.91 -26.42 8.77
CA ILE F 489 28.12 -27.23 7.58
C ILE F 489 27.86 -26.35 6.35
N1 PLP G . -10.48 52.41 -16.99
C2 PLP G . -11.76 52.66 -16.72
C2A PLP G . -12.39 53.77 -17.46
C3 PLP G . -12.47 51.88 -15.78
O3 PLP G . -13.80 52.07 -15.44
C4 PLP G . -11.81 50.81 -15.13
C4A PLP G . -12.54 50.00 -14.14
O4A PLP G . -13.66 50.23 -13.74
C5 PLP G . -10.46 50.58 -15.43
C6 PLP G . -9.85 51.40 -16.35
C5A PLP G . -9.67 49.46 -14.80
O4P PLP G . -9.96 48.14 -15.38
P PLP G . -9.78 46.69 -14.63
O1P PLP G . -8.59 46.80 -13.66
O2P PLP G . -11.08 46.41 -13.90
O3P PLP G . -9.53 45.68 -15.75
C8 SCA H . -6.75 64.84 -10.45
N9 SCA H . -5.41 64.60 -10.65
C4 SCA H . -5.24 64.30 -11.97
C5 SCA H . -6.50 64.41 -12.54
N7 SCA H . -7.43 64.76 -11.57
N3 SCA H . -4.09 64.00 -12.60
C2 SCA H . -4.30 63.77 -13.89
N1 SCA H . -5.45 63.83 -14.58
C6 SCA H . -6.60 64.15 -13.92
N6 SCA H . -7.74 64.21 -14.60
C1' SCA H . -4.33 64.61 -9.68
C2' SCA H . -3.99 65.95 -9.04
O2' SCA H . -3.26 66.76 -9.93
C3' SCA H . -3.16 65.45 -7.85
O3' SCA H . -1.82 65.34 -8.32
C4' SCA H . -3.69 64.04 -7.56
O4' SCA H . -4.68 63.80 -8.59
C5' SCA H . -4.32 63.77 -6.20
O5' SCA H . -4.44 64.99 -5.45
P1 SCA H . -5.82 65.81 -5.54
O11 SCA H . -6.41 65.64 -6.90
O12 SCA H . -5.58 67.20 -5.02
O6 SCA H . -6.70 64.96 -4.51
P2 SCA H . -7.83 65.30 -3.42
O21 SCA H . -7.24 65.14 -2.04
O22 SCA H . -8.45 66.63 -3.77
O7 SCA H . -8.90 64.13 -3.64
CPB SCA H . -9.59 63.99 -4.92
CPA SCA H . -11.03 64.47 -4.80
CP7 SCA H . -11.94 63.73 -5.79
CP9 SCA H . -11.10 65.99 -5.05
CP8 SCA H . -11.52 64.21 -3.37
OP3 SCA H . -13.12 64.50 -6.00
CP6 SCA H . -11.37 63.32 -7.15
OP2 SCA H . -11.61 62.19 -7.57
NP2 SCA H . -10.67 64.21 -7.86
CP5 SCA H . -10.02 63.92 -9.13
CP4 SCA H . -10.79 64.45 -10.33
CP3 SCA H . -11.96 63.59 -10.82
OP1 SCA H . -13.04 64.11 -11.08
NP1 SCA H . -11.76 62.28 -11.00
CP2 SCA H . -12.81 61.36 -11.43
CP1 SCA H . -13.17 60.35 -10.36
P3 SCA H . -0.82 66.38 -7.62
O31 SCA H . -0.71 65.78 -6.22
O32 SCA H . -1.41 67.79 -7.63
O33 SCA H . 0.48 66.30 -8.42
S SCA H . -14.15 59.03 -11.11
CS1 SCA H . -13.57 57.40 -11.56
OS1 SCA H . -12.60 56.81 -11.11
CS2 SCA H . -14.35 56.93 -12.76
CS3 SCA H . -13.98 57.68 -14.05
CS4 SCA H . -14.47 57.11 -15.39
OS4 SCA H . -14.67 55.88 -15.50
OS5 SCA H . -14.63 57.92 -16.32
N1 PLP I . 7.14 38.63 -4.48
C2 PLP I . 8.16 37.87 -4.88
C2A PLP I . 9.24 37.57 -3.91
C3 PLP I . 8.18 37.34 -6.19
O3 PLP I . 9.18 36.51 -6.66
C4 PLP I . 7.10 37.60 -7.06
C4A PLP I . 7.21 37.12 -8.45
O4A PLP I . 8.27 36.94 -9.07
C5 PLP I . 6.05 38.45 -6.60
C6 PLP I . 6.11 38.92 -5.31
C5A PLP I . 4.87 38.84 -7.45
O4P PLP I . 3.67 38.07 -7.11
P PLP I . 2.41 37.79 -8.13
O1P PLP I . 2.11 39.15 -8.82
O2P PLP I . 2.89 36.71 -9.09
O3P PLP I . 1.30 37.28 -7.22
MG MG J . 9.50 28.40 -28.01
N1 PLP K . -8.49 -18.48 -13.79
C2 PLP K . -8.26 -17.39 -13.07
C2A PLP K . -6.96 -17.27 -12.34
C3 PLP K . -9.26 -16.38 -12.96
O3 PLP K . -9.06 -15.24 -12.21
C4 PLP K . -10.47 -16.53 -13.67
C4A PLP K . -11.51 -15.51 -13.54
O4A PLP K . -11.52 -14.60 -12.75
C5 PLP K . -10.66 -17.70 -14.42
C6 PLP K . -9.65 -18.63 -14.44
C5A PLP K . -11.93 -17.94 -15.20
O4P PLP K . -11.97 -17.14 -16.42
P PLP K . -13.34 -16.84 -17.26
O1P PLP K . -14.19 -18.12 -17.08
O2P PLP K . -14.06 -15.63 -16.66
O3P PLP K . -12.85 -16.60 -18.66
C8 SCA L . -8.25 -26.18 -1.36
N9 SCA L . -8.54 -27.28 -2.16
C4 SCA L . -7.68 -27.24 -3.22
C5 SCA L . -6.91 -26.09 -3.04
N7 SCA L . -7.28 -25.44 -1.86
N3 SCA L . -7.60 -28.12 -4.23
C2 SCA L . -6.65 -27.76 -5.10
N1 SCA L . -5.83 -26.70 -5.07
C6 SCA L . -5.93 -25.82 -4.03
N6 SCA L . -5.10 -24.78 -4.00
C1' SCA L . -9.54 -28.33 -1.93
C2' SCA L . -9.54 -28.91 -0.51
O2' SCA L . -8.50 -29.83 -0.29
C3' SCA L . -10.94 -29.52 -0.48
O3' SCA L . -10.93 -30.77 -1.19
C4' SCA L . -11.77 -28.49 -1.25
O4' SCA L . -10.83 -27.79 -2.12
C5' SCA L . -12.54 -27.48 -0.40
O5' SCA L . -12.13 -27.56 1.00
P1 SCA L . -11.45 -26.35 1.85
O11 SCA L . -9.96 -26.57 1.90
O12 SCA L . -12.15 -26.22 3.16
O6 SCA L . -11.72 -25.03 0.96
P2 SCA L . -11.22 -23.49 0.88
O21 SCA L . -12.30 -22.58 1.39
O22 SCA L . -10.66 -23.18 -0.47
O7 SCA L . -9.97 -23.47 1.89
CPB SCA L . -10.11 -22.85 3.21
CPA SCA L . -9.32 -21.54 3.24
CP7 SCA L . -10.15 -20.37 2.66
CP9 SCA L . -8.94 -21.25 4.71
CP8 SCA L . -8.02 -21.70 2.44
OP3 SCA L . -11.21 -20.02 3.53
CP6 SCA L . -9.31 -19.14 2.31
OP2 SCA L . -9.09 -18.25 3.13
NP2 SCA L . -8.96 -19.06 1.03
CP5 SCA L . -7.79 -18.37 0.49
CP4 SCA L . -7.76 -18.49 -1.03
CP3 SCA L . -7.73 -19.91 -1.58
OP1 SCA L . -7.27 -20.81 -0.87
NP1 SCA L . -8.22 -20.20 -2.81
CP2 SCA L . -9.11 -19.41 -3.65
CP1 SCA L . -8.70 -17.96 -3.80
P3 SCA L . -11.33 -32.06 -0.29
O31 SCA L . -12.07 -32.93 -1.31
O32 SCA L . -12.25 -31.57 0.84
O33 SCA L . -10.08 -32.71 0.26
S SCA L . -8.85 -17.23 -5.47
CS1 SCA L . -10.33 -16.82 -6.45
OS1 SCA L . -11.37 -17.46 -6.48
CS2 SCA L . -10.10 -15.43 -7.04
CS3 SCA L . -10.86 -14.96 -8.31
CS4 SCA L . -10.02 -14.38 -9.47
OS4 SCA L . -10.56 -13.60 -10.30
OS5 SCA L . -8.81 -14.72 -9.56
N1 PLP M . 21.96 -8.32 27.23
C2 PLP M . 22.63 -7.74 26.24
C2A PLP M . 22.34 -6.32 25.93
C3 PLP M . 23.58 -8.47 25.51
O3 PLP M . 24.34 -7.99 24.48
C4 PLP M . 23.85 -9.80 25.83
C4A PLP M . 24.84 -10.54 25.03
O4A PLP M . 25.44 -10.12 24.05
C5 PLP M . 23.12 -10.38 26.90
C6 PLP M . 22.20 -9.61 27.55
C5A PLP M . 23.33 -11.81 27.33
O4P PLP M . 24.23 -11.91 28.47
P PLP M . 24.98 -13.25 28.75
O1P PLP M . 26.04 -13.24 27.64
O2P PLP M . 25.50 -13.12 30.17
O3P PLP M . 23.97 -14.36 28.63
C8 SCA N . 10.48 -7.50 17.98
N9 SCA N . 9.62 -8.02 18.94
C4 SCA N . 9.84 -7.29 20.08
C5 SCA N . 10.83 -6.37 19.78
N7 SCA N . 11.22 -6.51 18.44
N3 SCA N . 9.21 -7.44 21.26
C2 SCA N . 9.67 -6.56 22.15
N1 SCA N . 10.62 -5.62 22.01
C6 SCA N . 11.23 -5.49 20.80
N6 SCA N . 12.16 -4.56 20.64
C1' SCA N . 8.63 -9.09 18.79
C2' SCA N . 7.98 -9.12 17.42
O2' SCA N . 6.95 -8.17 17.34
C3' SCA N . 7.47 -10.55 17.44
O3' SCA N . 6.37 -10.53 18.35
C4' SCA N . 8.67 -11.29 18.01
O4' SCA N . 9.25 -10.35 18.96
C5' SCA N . 9.73 -11.69 17.01
O5' SCA N . 9.44 -13.03 16.50
P1 SCA N . 10.02 -13.61 15.09
O11 SCA N . 9.25 -14.83 14.70
O12 SCA N . 11.50 -13.82 15.18
O6 SCA N . 9.72 -12.35 14.10
P2 SCA N . 10.13 -10.81 13.78
O21 SCA N . 9.14 -9.88 14.43
O22 SCA N . 10.35 -10.67 12.31
O7 SCA N . 11.56 -10.66 14.51
CPB SCA N . 12.79 -10.50 13.72
CPA SCA N . 13.74 -9.53 14.43
CP7 SCA N . 13.01 -8.67 15.47
CP9 SCA N . 14.39 -8.63 13.38
CP8 SCA N . 14.85 -10.33 15.13
OP3 SCA N . 12.88 -9.43 16.68
CP6 SCA N . 13.67 -7.32 15.77
OP2 SCA N . 13.37 -6.34 15.10
NP2 SCA N . 14.53 -7.27 16.78
CP5 SCA N . 15.28 -6.07 17.15
CP4 SCA N . 16.58 -5.97 16.40
CP3 SCA N . 17.72 -6.63 17.14
OP1 SCA N . 18.48 -5.96 17.84
NP1 SCA N . 17.86 -7.96 16.99
CP2 SCA N . 18.96 -8.77 17.51
CP1 SCA N . 19.21 -8.58 18.99
P3 SCA N . 5.25 -11.68 18.18
O31 SCA N . 5.44 -12.32 16.80
O32 SCA N . 3.92 -10.93 18.33
O33 SCA N . 5.46 -12.71 19.30
S SCA N . 20.67 -9.49 19.57
CS1 SCA N . 22.32 -8.77 19.85
OS1 SCA N . 23.26 -9.52 20.03
CS2 SCA N . 22.46 -7.26 19.85
CS3 SCA N . 21.55 -6.44 20.83
CS4 SCA N . 22.14 -5.21 21.53
OS4 SCA N . 23.25 -5.30 22.12
OS5 SCA N . 21.45 -4.16 21.53
N1 PLP O . -29.26 -29.92 -22.97
C2 PLP O . -29.47 -30.44 -24.18
C2A PLP O . -30.59 -31.40 -24.33
C3 PLP O . -28.65 -30.05 -25.27
O3 PLP O . -28.81 -30.49 -26.57
C4 PLP O . -27.62 -29.11 -25.06
C4A PLP O . -26.73 -28.75 -26.17
O4A PLP O . -26.70 -29.28 -27.25
C5 PLP O . -27.41 -28.61 -23.76
C6 PLP O . -28.25 -29.04 -22.76
C5A PLP O . -26.33 -27.62 -23.47
O4P PLP O . -26.69 -26.35 -24.11
P PLP O . -25.67 -25.15 -24.44
O1P PLP O . -25.38 -25.24 -25.93
O2P PLP O . -26.38 -23.90 -24.07
O3P PLP O . -24.46 -25.37 -23.54
C8 SCA P . -24.93 -43.30 -18.58
N9 SCA P . -24.56 -42.83 -17.33
C4 SCA P . -25.61 -42.07 -16.88
C5 SCA P . -26.55 -42.09 -17.89
N7 SCA P . -26.11 -42.87 -18.96
N3 SCA P . -25.68 -41.42 -15.71
C2 SCA P . -26.84 -40.78 -15.60
N1 SCA P . -27.86 -40.69 -16.49
C6 SCA P . -27.73 -41.35 -17.67
N6 SCA P . -28.73 -41.27 -18.55
C1' SCA P . -23.35 -43.11 -16.55
C2' SCA P . -22.61 -44.40 -16.88
O2' SCA P . -23.33 -45.56 -16.50
C3' SCA P . -21.34 -44.08 -16.08
O3' SCA P . -21.53 -44.08 -14.64
C4' SCA P . -21.07 -42.67 -16.59
O4' SCA P . -22.39 -42.08 -16.73
C5' SCA P . -20.37 -42.58 -17.93
O5' SCA P . -19.00 -43.10 -17.83
P1 SCA P . -18.52 -44.52 -18.42
O11 SCA P . -18.33 -45.49 -17.29
O12 SCA P . -17.33 -44.30 -19.30
O6 SCA P . -19.80 -44.99 -19.31
P2 SCA P . -20.38 -44.89 -20.82
O21 SCA P . -20.83 -43.49 -21.07
O22 SCA P . -19.42 -45.50 -21.80
O7 SCA P . -21.70 -45.82 -20.67
CPB SCA P . -22.15 -46.63 -21.80
CPA SCA P . -23.68 -46.85 -21.74
CP7 SCA P . -24.41 -45.84 -22.66
CP9 SCA P . -24.14 -46.71 -20.28
CP8 SCA P . -23.97 -48.30 -22.17
OP3 SCA P . -24.04 -46.11 -24.01
CP6 SCA P . -25.94 -45.77 -22.59
OP2 SCA P . -26.56 -46.77 -22.24
NP2 SCA P . -26.59 -44.64 -22.94
CP5 SCA P . -26.04 -43.39 -23.47
CP4 SCA P . -27.16 -42.34 -23.65
CP3 SCA P . -26.90 -41.03 -24.39
OP1 SCA P . -27.45 -40.77 -25.45
NP1 SCA P . -26.10 -40.14 -23.78
CP2 SCA P . -25.72 -38.85 -24.33
CP1 SCA P . -24.47 -38.92 -25.20
P3 SCA P . -20.22 -44.30 -13.67
O31 SCA P . -20.71 -45.00 -12.38
O32 SCA P . -19.64 -42.89 -13.37
O33 SCA P . -19.22 -45.20 -14.43
S SCA P . -24.47 -37.64 -26.47
CS1 SCA P . -25.30 -36.11 -26.03
OS1 SCA P . -25.58 -35.88 -24.88
CS2 SCA P . -25.67 -35.22 -27.18
CS3 SCA P . -27.19 -35.02 -27.37
CS4 SCA P . -27.68 -33.63 -27.77
OS4 SCA P . -26.85 -32.80 -28.24
OS5 SCA P . -28.90 -33.34 -27.59
C8 SCA Q . 2.15 -29.62 35.44
N9 SCA Q . 2.19 -28.71 34.41
C4 SCA Q . 2.79 -29.35 33.35
C5 SCA Q . 3.11 -30.61 33.79
N7 SCA Q . 2.70 -30.78 35.11
N3 SCA Q . 3.03 -28.83 32.12
C2 SCA Q . 3.63 -29.72 31.33
N1 SCA Q . 4.01 -30.97 31.62
C6 SCA Q . 3.76 -31.47 32.87
N6 SCA Q . 4.13 -32.72 33.15
C1' SCA Q . 1.67 -27.33 34.38
C2' SCA Q . 0.17 -27.17 34.18
O2' SCA Q . -0.25 -27.63 32.92
C3' SCA Q . 0.10 -25.65 34.40
O3' SCA Q . 0.64 -24.90 33.31
C4' SCA Q . 1.00 -25.49 35.63
O4' SCA Q . 1.88 -26.65 35.60
C5' SCA Q . 0.30 -25.39 36.96
O5' SCA Q . 1.19 -24.78 37.93
P1 SCA Q . 1.07 -25.06 39.51
O11 SCA Q . 0.09 -26.17 39.71
O12 SCA Q . 0.78 -23.77 40.21
O6 SCA Q . 2.56 -25.56 39.94
P2 SCA Q . 3.75 -25.12 40.96
O21 SCA Q . 3.14 -24.71 42.26
O22 SCA Q . 4.67 -24.14 40.29
O7 SCA Q . 4.63 -26.45 41.27
CPB SCA Q . 5.72 -26.91 40.38
CPA SCA Q . 7.09 -26.38 40.81
CP7 SCA Q . 8.11 -27.45 41.28
CP9 SCA Q . 7.70 -25.62 39.63
CP8 SCA Q . 6.93 -25.37 41.95
OP3 SCA Q . 7.65 -28.08 42.46
CP6 SCA Q . 8.62 -28.53 40.32
OP2 SCA Q . 7.94 -28.94 39.38
NP2 SCA Q . 9.84 -29.00 40.60
CP5 SCA Q . 10.60 -29.85 39.71
CP4 SCA Q . 12.11 -29.70 39.90
CP3 SCA Q . 12.68 -30.14 41.24
OP1 SCA Q . 12.72 -31.33 41.53
NP1 SCA Q . 13.21 -29.19 42.04
CP2 SCA Q . 13.50 -29.33 43.46
CP1 SCA Q . 14.21 -28.12 44.07
P3 SCA Q . -0.25 -24.42 32.03
O31 SCA Q . 0.26 -25.20 30.82
O32 SCA Q . 0.06 -22.92 31.88
O33 SCA Q . -1.72 -24.72 32.30
S SCA Q . 16.02 -28.10 43.82
CS1 SCA Q . 16.89 -29.67 43.65
OS1 SCA Q . 16.34 -30.74 43.80
CS2 SCA Q . 18.33 -29.54 43.30
CS3 SCA Q . 19.19 -30.78 43.58
CS4 SCA Q . 20.70 -30.56 43.62
OS4 SCA Q . 21.32 -30.35 42.54
OS5 SCA Q . 21.27 -30.63 44.73
#